data_8RDX
#
_entry.id   8RDX
#
_cell.length_a   270.891
_cell.length_b   269.263
_cell.length_c   185.248
_cell.angle_alpha   90.00
_cell.angle_beta   131.77
_cell.angle_gamma   90.00
#
_symmetry.space_group_name_H-M   'C 1 2 1'
#
loop_
_entity.id
_entity.type
_entity.pdbx_description
1 polymer 'Protein farnesyltransferase/geranylgeranyltransferase type-1 subunit alpha'
2 polymer 'Geranylgeranyl transferase type-1 subunit beta'
3 non-polymer 'ZINC ION'
4 non-polymer 'CHLORIDE ION'
5 non-polymer DIPHOSPHATE
6 non-polymer (5~{R})-5-(2-methoxyphenyl)-9-[(2~{R})-3,3,3-tris(fluoranyl)-2-methoxy-2-phenyl-propanoyl]-3,9-diazaspiro[5.5]undecan-2-one
7 water water
#
loop_
_entity_poly.entity_id
_entity_poly.type
_entity_poly.pdbx_seq_one_letter_code
_entity_poly.pdbx_strand_id
1 'polypeptide(L)'
;FLSLDSPTYVLYRDRAEWADIDPVPQNDGPSPVVQIIYSEKFRDVYDYFRAVLQRDERSERAFKLTRDAIELNAANYTVW
HFRRVLLRSLQKDLQEEMNYIIAIIEEQPKNYQVWHHRRVLVEWLKDPSQELEFIADILNQDAKNYHAWQHRQWVIQEFR
LWDNELQYVDQLLKEDVRNNSVWNQRHFVISNTTGYSDRAVLEREVQYTLEMIKLVPHNESAWNYLKGILQDRGLSRYPN
LLNQLLDLQPSHSSPYLIAFLVDIYEDMLENQCDNKEDILNKALELCEILAKEKDTIRKEYWRYIGRSLQSKHS
;
A,C,E,G,I,K
2 'polypeptide(L)'
;LDFLRDRHVRFFQRCLQVLPERYSSLETSRLTIAFFALSGLDMLDSLDVVNKDDIIEWIYSLQVLPTEDRSNLDRCGFRG
SSYLGIPFNPSKNPGTAHPYDSGHIAMTYTGLSCLIILGDDLSRVDKEACLAGLRALQLEDGSFCAVPEGSENDMRFVYC
ASCICYMLNNWSGMDMKKAISYIRRSMSYDNGLAQGAGLESHGGSTFCGIASLCLMGKLEEVFSEKELNRIKRWCIMRQQ
NGYHGRPNKPVDTCYSFWVGATLKLLKIFQYTNFEKNRNYILSTQDRLVGGFAKWPDSHPDALHAYFGICGLSLMEESGI
CKVHPALNVSTRTSERLRDLHQSWKT
;
B,D,F,H,J,L
#
# COMPACT_ATOMS: atom_id res chain seq x y z
N PHE A 1 -6.70 -42.89 -51.43
CA PHE A 1 -6.09 -43.72 -50.37
C PHE A 1 -5.61 -42.86 -49.17
N LEU A 2 -4.92 -41.72 -49.39
CA LEU A 2 -4.37 -40.88 -48.28
C LEU A 2 -5.43 -39.89 -47.76
N SER A 3 -6.06 -40.23 -46.63
CA SER A 3 -7.22 -39.49 -46.07
C SER A 3 -6.80 -38.05 -45.77
N LEU A 4 -7.66 -37.07 -46.08
CA LEU A 4 -7.34 -35.62 -45.98
C LEU A 4 -6.97 -35.25 -44.54
N ASP A 5 -7.32 -36.10 -43.56
CA ASP A 5 -7.06 -35.80 -42.11
C ASP A 5 -6.34 -36.98 -41.44
N SER A 6 -5.57 -37.80 -42.19
CA SER A 6 -4.53 -38.72 -41.64
C SER A 6 -3.43 -37.87 -41.02
N PRO A 7 -2.85 -38.28 -39.87
CA PRO A 7 -1.64 -37.64 -39.35
C PRO A 7 -0.57 -37.46 -40.44
N THR A 8 -0.38 -38.56 -41.19
CA THR A 8 0.63 -38.70 -42.26
C THR A 8 0.08 -38.13 -43.58
N TYR A 9 -1.05 -37.40 -43.57
CA TYR A 9 -1.42 -36.64 -44.80
C TYR A 9 -0.20 -35.79 -45.10
N VAL A 10 0.04 -35.64 -46.40
CA VAL A 10 1.11 -34.85 -47.04
C VAL A 10 0.50 -34.02 -48.16
N LEU A 11 0.97 -32.79 -48.32
CA LEU A 11 0.47 -31.93 -49.42
C LEU A 11 0.86 -32.60 -50.74
N TYR A 12 0.11 -32.32 -51.81
CA TYR A 12 0.44 -32.85 -53.16
C TYR A 12 1.80 -32.26 -53.53
N ARG A 13 2.07 -31.04 -53.05
CA ARG A 13 3.27 -30.29 -53.49
C ARG A 13 4.55 -30.93 -52.90
N ASP A 14 4.43 -31.71 -51.82
CA ASP A 14 5.55 -32.46 -51.20
C ASP A 14 5.33 -33.97 -51.41
N ARG A 15 4.56 -34.37 -52.43
CA ARG A 15 4.30 -35.80 -52.77
C ARG A 15 5.20 -36.18 -53.95
N ALA A 16 5.89 -37.32 -53.83
CA ALA A 16 6.90 -37.83 -54.79
C ALA A 16 6.26 -38.05 -56.17
N GLU A 17 5.22 -38.88 -56.21
CA GLU A 17 4.41 -39.24 -57.40
C GLU A 17 3.88 -38.01 -58.15
N TRP A 18 3.96 -36.81 -57.59
CA TRP A 18 3.32 -35.60 -58.14
C TRP A 18 4.37 -34.53 -58.47
N ALA A 19 5.64 -34.91 -58.33
CA ALA A 19 6.81 -34.03 -58.46
C ALA A 19 6.79 -33.35 -59.83
N ASP A 20 6.40 -34.13 -60.84
CA ASP A 20 6.56 -33.84 -62.27
C ASP A 20 5.48 -32.89 -62.78
N ILE A 21 4.36 -32.76 -62.06
CA ILE A 21 3.27 -31.81 -62.44
C ILE A 21 3.55 -30.48 -61.76
N ASP A 22 3.51 -29.40 -62.54
CA ASP A 22 3.52 -28.00 -62.03
C ASP A 22 2.07 -27.65 -61.67
N PRO A 23 1.77 -27.29 -60.40
CA PRO A 23 0.41 -26.93 -60.01
C PRO A 23 -0.01 -25.63 -60.71
N VAL A 24 -1.33 -25.36 -60.82
CA VAL A 24 -1.88 -24.12 -61.45
C VAL A 24 -2.63 -23.34 -60.39
N PRO A 25 -2.26 -22.07 -60.14
CA PRO A 25 -2.97 -21.26 -59.17
C PRO A 25 -4.17 -20.63 -59.89
N GLN A 26 -5.18 -20.27 -59.11
CA GLN A 26 -6.33 -19.43 -59.50
C GLN A 26 -5.92 -17.96 -59.30
N ASN A 27 -6.20 -17.04 -60.22
CA ASN A 27 -5.97 -15.58 -59.92
C ASN A 27 -7.12 -14.75 -60.50
N ASP A 28 -7.82 -14.02 -59.63
CA ASP A 28 -8.95 -13.10 -59.94
C ASP A 28 -8.38 -11.72 -60.31
N GLY A 29 -7.05 -11.58 -60.27
CA GLY A 29 -6.33 -10.34 -60.64
C GLY A 29 -6.69 -9.17 -59.73
N PRO A 30 -6.53 -7.92 -60.18
CA PRO A 30 -6.22 -6.82 -59.27
C PRO A 30 -7.32 -6.62 -58.20
N SER A 31 -8.56 -6.33 -58.61
CA SER A 31 -9.78 -6.35 -57.75
C SER A 31 -10.37 -7.75 -57.88
N PRO A 32 -10.51 -8.49 -56.76
CA PRO A 32 -11.35 -9.67 -56.76
C PRO A 32 -12.72 -9.18 -56.25
N VAL A 33 -13.70 -10.09 -56.32
CA VAL A 33 -15.13 -9.87 -55.96
C VAL A 33 -15.63 -11.19 -55.40
N VAL A 34 -16.42 -11.16 -54.32
CA VAL A 34 -16.88 -12.38 -53.60
C VAL A 34 -15.68 -13.34 -53.56
N GLN A 35 -14.53 -12.85 -53.14
CA GLN A 35 -13.35 -13.71 -52.93
C GLN A 35 -13.62 -14.66 -51.77
N ILE A 36 -13.36 -15.93 -52.01
CA ILE A 36 -13.23 -16.92 -50.93
C ILE A 36 -11.74 -17.04 -50.66
N ILE A 37 -11.37 -16.94 -49.40
CA ILE A 37 -10.03 -17.36 -48.91
C ILE A 37 -10.06 -18.88 -48.74
N TYR A 38 -8.93 -19.52 -49.00
CA TYR A 38 -8.80 -20.99 -49.06
C TYR A 38 -7.59 -21.40 -48.20
N SER A 39 -7.73 -22.46 -47.40
CA SER A 39 -6.65 -23.02 -46.55
C SER A 39 -5.45 -23.44 -47.41
N GLU A 40 -4.28 -23.54 -46.78
CA GLU A 40 -3.08 -24.25 -47.30
C GLU A 40 -3.53 -25.50 -48.07
N LYS A 41 -4.11 -26.44 -47.31
CA LYS A 41 -4.35 -27.86 -47.67
C LYS A 41 -5.32 -27.97 -48.86
N PHE A 42 -6.36 -27.12 -48.84
CA PHE A 42 -7.37 -26.88 -49.90
C PHE A 42 -6.67 -26.35 -51.16
N ARG A 43 -6.16 -25.11 -51.16
CA ARG A 43 -5.58 -24.47 -52.38
C ARG A 43 -4.60 -25.46 -53.02
N ASP A 44 -3.74 -26.09 -52.22
CA ASP A 44 -2.89 -27.23 -52.68
C ASP A 44 -3.74 -28.15 -53.56
N VAL A 45 -4.71 -28.88 -53.01
CA VAL A 45 -5.52 -29.89 -53.75
C VAL A 45 -6.03 -29.26 -55.05
N TYR A 46 -6.62 -28.08 -54.99
CA TYR A 46 -7.26 -27.45 -56.18
C TYR A 46 -6.21 -26.84 -57.14
N ASP A 47 -4.99 -26.51 -56.65
CA ASP A 47 -3.88 -26.05 -57.53
C ASP A 47 -3.49 -27.25 -58.41
N TYR A 48 -3.39 -28.45 -57.84
CA TYR A 48 -3.07 -29.70 -58.58
C TYR A 48 -4.28 -30.15 -59.41
N PHE A 49 -5.49 -29.98 -58.92
CA PHE A 49 -6.71 -30.33 -59.71
C PHE A 49 -6.72 -29.54 -61.02
N ARG A 50 -6.49 -28.23 -60.96
CA ARG A 50 -6.49 -27.37 -62.17
C ARG A 50 -5.43 -27.87 -63.15
N ALA A 51 -4.26 -28.24 -62.64
CA ALA A 51 -3.12 -28.73 -63.45
C ALA A 51 -3.55 -29.94 -64.27
N VAL A 52 -3.87 -31.04 -63.60
CA VAL A 52 -4.46 -32.28 -64.16
C VAL A 52 -5.64 -31.99 -65.12
N LEU A 53 -6.43 -30.92 -64.91
CA LEU A 53 -7.49 -30.52 -65.88
C LEU A 53 -6.84 -29.92 -67.13
N GLN A 54 -6.23 -28.74 -66.98
CA GLN A 54 -5.45 -28.06 -68.06
C GLN A 54 -4.97 -29.11 -69.06
N ARG A 55 -4.45 -30.25 -68.58
CA ARG A 55 -3.61 -31.22 -69.34
C ARG A 55 -4.40 -32.49 -69.64
N ASP A 56 -5.72 -32.39 -69.71
CA ASP A 56 -6.70 -33.51 -69.88
C ASP A 56 -6.16 -34.87 -69.43
N GLU A 57 -5.48 -34.97 -68.30
CA GLU A 57 -4.70 -36.19 -67.93
C GLU A 57 -5.63 -37.29 -67.43
N ARG A 58 -5.69 -38.41 -68.13
CA ARG A 58 -6.61 -39.52 -67.78
C ARG A 58 -5.89 -40.53 -66.87
N SER A 59 -5.26 -40.07 -65.80
CA SER A 59 -4.49 -40.93 -64.87
C SER A 59 -5.43 -41.53 -63.83
N GLU A 60 -4.95 -42.51 -63.07
CA GLU A 60 -5.54 -42.95 -61.78
C GLU A 60 -5.33 -41.85 -60.76
N ARG A 61 -4.07 -41.47 -60.55
CA ARG A 61 -3.70 -40.44 -59.55
C ARG A 61 -4.68 -39.29 -59.63
N ALA A 62 -5.11 -38.89 -60.85
CA ALA A 62 -6.09 -37.81 -61.10
C ALA A 62 -7.43 -38.24 -60.50
N PHE A 63 -7.90 -39.44 -60.84
CA PHE A 63 -9.18 -40.00 -60.35
C PHE A 63 -9.24 -39.90 -58.83
N LYS A 64 -8.15 -40.26 -58.16
CA LYS A 64 -8.05 -40.13 -56.68
C LYS A 64 -8.07 -38.63 -56.32
N LEU A 65 -7.33 -37.80 -57.05
CA LEU A 65 -7.28 -36.34 -56.79
C LEU A 65 -8.71 -35.80 -56.82
N THR A 66 -9.60 -36.35 -57.65
CA THR A 66 -11.01 -35.87 -57.73
C THR A 66 -11.68 -36.11 -56.37
N ARG A 67 -11.56 -37.31 -55.80
CA ARG A 67 -12.32 -37.62 -54.56
C ARG A 67 -11.97 -36.55 -53.51
N ASP A 68 -10.67 -36.18 -53.45
CA ASP A 68 -10.14 -35.21 -52.47
C ASP A 68 -10.75 -33.84 -52.78
N ALA A 69 -10.90 -33.47 -54.05
CA ALA A 69 -11.47 -32.15 -54.46
C ALA A 69 -12.97 -32.14 -54.27
N ILE A 70 -13.63 -33.29 -54.39
CA ILE A 70 -15.10 -33.42 -54.15
C ILE A 70 -15.33 -33.24 -52.65
N GLU A 71 -14.47 -33.87 -51.84
CA GLU A 71 -14.53 -33.74 -50.36
C GLU A 71 -14.57 -32.24 -50.01
N LEU A 72 -13.63 -31.46 -50.53
CA LEU A 72 -13.53 -30.00 -50.23
C LEU A 72 -14.74 -29.22 -50.81
N ASN A 73 -15.28 -29.61 -51.97
CA ASN A 73 -16.41 -28.89 -52.60
C ASN A 73 -17.17 -29.76 -53.60
N ALA A 74 -18.17 -30.51 -53.16
CA ALA A 74 -19.02 -31.35 -54.03
C ALA A 74 -19.95 -30.51 -54.92
N ALA A 75 -19.77 -29.19 -54.99
CA ALA A 75 -20.65 -28.25 -55.74
C ALA A 75 -20.00 -27.89 -57.07
N ASN A 76 -18.72 -28.23 -57.18
CA ASN A 76 -17.87 -27.97 -58.36
C ASN A 76 -18.28 -28.93 -59.49
N TYR A 77 -19.15 -28.46 -60.40
CA TYR A 77 -19.68 -29.25 -61.54
C TYR A 77 -18.51 -29.81 -62.32
N THR A 78 -17.55 -28.96 -62.66
CA THR A 78 -16.32 -29.33 -63.40
C THR A 78 -15.67 -30.56 -62.76
N VAL A 79 -15.42 -30.55 -61.45
CA VAL A 79 -14.77 -31.71 -60.77
C VAL A 79 -15.56 -32.99 -61.05
N TRP A 80 -16.88 -32.96 -60.86
CA TRP A 80 -17.74 -34.15 -61.11
C TRP A 80 -17.60 -34.62 -62.56
N HIS A 81 -17.71 -33.70 -63.53
CA HIS A 81 -17.62 -34.00 -64.98
C HIS A 81 -16.31 -34.72 -65.27
N PHE A 82 -15.21 -34.17 -64.77
CA PHE A 82 -13.86 -34.73 -65.02
C PHE A 82 -13.75 -36.10 -64.35
N ARG A 83 -14.40 -36.29 -63.20
CA ARG A 83 -14.40 -37.61 -62.52
C ARG A 83 -15.13 -38.60 -63.44
N ARG A 84 -16.25 -38.16 -64.02
CA ARG A 84 -17.07 -38.97 -64.94
C ARG A 84 -16.24 -39.34 -66.18
N VAL A 85 -15.31 -38.47 -66.62
CA VAL A 85 -14.45 -38.74 -67.80
C VAL A 85 -13.48 -39.86 -67.43
N LEU A 86 -12.92 -39.80 -66.22
CA LEU A 86 -11.93 -40.80 -65.75
C LEU A 86 -12.66 -42.11 -65.49
N LEU A 87 -13.91 -42.06 -65.03
CA LEU A 87 -14.73 -43.28 -64.89
C LEU A 87 -14.78 -43.97 -66.25
N ARG A 88 -15.05 -43.22 -67.33
CA ARG A 88 -15.07 -43.72 -68.73
C ARG A 88 -13.65 -44.20 -69.06
N SER A 89 -12.71 -43.27 -69.30
CA SER A 89 -11.27 -43.59 -69.61
C SER A 89 -10.78 -44.83 -68.86
N LEU A 90 -10.66 -44.79 -67.53
CA LEU A 90 -9.99 -45.84 -66.72
C LEU A 90 -10.90 -47.07 -66.62
N GLN A 91 -12.10 -47.02 -67.18
CA GLN A 91 -13.01 -48.18 -67.25
C GLN A 91 -13.25 -48.70 -65.82
N LYS A 92 -13.79 -47.84 -64.95
CA LYS A 92 -13.85 -48.07 -63.49
C LYS A 92 -15.14 -48.84 -63.23
N ASP A 93 -15.10 -49.73 -62.23
CA ASP A 93 -16.29 -50.54 -61.85
C ASP A 93 -17.35 -49.55 -61.39
N LEU A 94 -18.39 -49.36 -62.21
CA LEU A 94 -19.39 -48.29 -62.00
C LEU A 94 -20.18 -48.59 -60.71
N GLN A 95 -20.20 -49.84 -60.28
CA GLN A 95 -20.91 -50.23 -59.05
C GLN A 95 -20.16 -49.65 -57.85
N GLU A 96 -18.82 -49.57 -57.89
CA GLU A 96 -17.99 -49.04 -56.77
C GLU A 96 -18.41 -47.57 -56.61
N GLU A 97 -18.53 -46.83 -57.72
CA GLU A 97 -19.05 -45.44 -57.78
C GLU A 97 -20.49 -45.37 -57.23
N MET A 98 -21.39 -46.19 -57.76
CA MET A 98 -22.82 -46.15 -57.35
C MET A 98 -22.96 -46.31 -55.84
N ASN A 99 -21.86 -46.56 -55.12
CA ASN A 99 -21.84 -46.75 -53.64
C ASN A 99 -21.21 -45.50 -53.04
N TYR A 100 -20.09 -45.07 -53.63
CA TYR A 100 -19.36 -43.82 -53.30
C TYR A 100 -20.32 -42.64 -53.25
N ILE A 101 -21.20 -42.53 -54.25
CA ILE A 101 -22.21 -41.44 -54.36
C ILE A 101 -23.27 -41.62 -53.27
N ILE A 102 -23.79 -42.84 -53.04
CA ILE A 102 -24.92 -43.11 -52.08
C ILE A 102 -24.62 -42.38 -50.77
N ALA A 103 -23.36 -42.39 -50.36
CA ALA A 103 -22.86 -41.77 -49.12
C ALA A 103 -22.99 -40.24 -49.18
N ILE A 104 -22.53 -39.64 -50.27
CA ILE A 104 -22.42 -38.16 -50.45
C ILE A 104 -23.81 -37.55 -50.56
N ILE A 105 -24.70 -38.18 -51.32
CA ILE A 105 -26.12 -37.73 -51.51
C ILE A 105 -26.77 -37.64 -50.13
N GLU A 106 -26.58 -38.64 -49.25
CA GLU A 106 -27.11 -38.61 -47.86
C GLU A 106 -26.63 -37.32 -47.16
N GLU A 107 -25.31 -37.04 -47.14
CA GLU A 107 -24.68 -35.85 -46.49
C GLU A 107 -25.21 -34.58 -47.17
N GLN A 108 -25.62 -34.60 -48.45
CA GLN A 108 -25.86 -33.35 -49.24
C GLN A 108 -27.04 -33.49 -50.19
N PRO A 109 -28.25 -33.86 -49.74
CA PRO A 109 -29.28 -34.33 -50.64
C PRO A 109 -30.05 -33.18 -51.31
N LYS A 110 -29.57 -31.94 -51.19
CA LYS A 110 -30.13 -30.83 -51.98
C LYS A 110 -29.15 -30.43 -53.08
N ASN A 111 -27.99 -31.10 -53.16
CA ASN A 111 -26.87 -30.80 -54.10
C ASN A 111 -27.22 -31.32 -55.49
N TYR A 112 -27.43 -30.42 -56.46
CA TYR A 112 -27.79 -30.79 -57.87
C TYR A 112 -26.74 -31.73 -58.48
N GLN A 113 -25.45 -31.48 -58.25
CA GLN A 113 -24.34 -32.15 -58.97
C GLN A 113 -24.31 -33.63 -58.61
N VAL A 114 -24.66 -34.02 -57.38
CA VAL A 114 -24.58 -35.46 -56.99
C VAL A 114 -25.82 -36.17 -57.50
N TRP A 115 -26.99 -35.52 -57.47
CA TRP A 115 -28.19 -36.20 -58.02
C TRP A 115 -27.93 -36.48 -59.50
N HIS A 116 -27.31 -35.55 -60.20
CA HIS A 116 -26.97 -35.72 -61.63
C HIS A 116 -26.03 -36.90 -61.85
N HIS A 117 -24.91 -36.90 -61.11
CA HIS A 117 -23.88 -37.96 -61.17
C HIS A 117 -24.53 -39.31 -60.89
N ARG A 118 -25.49 -39.41 -59.97
CA ARG A 118 -26.17 -40.71 -59.76
C ARG A 118 -27.01 -41.02 -61.00
N ARG A 119 -27.64 -40.03 -61.60
CA ARG A 119 -28.53 -40.33 -62.75
C ARG A 119 -27.70 -40.92 -63.87
N VAL A 120 -26.65 -40.19 -64.25
CA VAL A 120 -25.69 -40.58 -65.31
C VAL A 120 -25.28 -42.03 -65.11
N LEU A 121 -24.88 -42.39 -63.88
CA LEU A 121 -24.41 -43.76 -63.53
C LEU A 121 -25.50 -44.78 -63.84
N VAL A 122 -26.77 -44.40 -63.73
CA VAL A 122 -27.87 -45.37 -63.96
C VAL A 122 -28.13 -45.47 -65.47
N GLU A 123 -28.22 -44.34 -66.21
CA GLU A 123 -28.19 -44.27 -67.71
C GLU A 123 -27.06 -45.16 -68.27
N TRP A 124 -25.87 -45.18 -67.64
CA TRP A 124 -24.73 -46.02 -68.08
C TRP A 124 -25.03 -47.51 -67.80
N LEU A 125 -25.20 -47.86 -66.53
CA LEU A 125 -25.42 -49.25 -66.08
C LEU A 125 -26.75 -49.80 -66.58
N LYS A 126 -27.62 -48.96 -67.15
CA LYS A 126 -29.06 -49.27 -67.36
C LYS A 126 -29.54 -50.25 -66.28
N ASP A 127 -29.25 -49.98 -65.00
CA ASP A 127 -29.66 -50.87 -63.89
C ASP A 127 -30.37 -50.05 -62.83
N PRO A 128 -31.71 -49.95 -62.86
CA PRO A 128 -32.43 -49.28 -61.78
C PRO A 128 -32.63 -50.16 -60.54
N SER A 129 -32.01 -51.33 -60.46
CA SER A 129 -32.37 -52.31 -59.39
C SER A 129 -32.22 -51.63 -58.02
N GLN A 130 -31.22 -50.77 -57.84
CA GLN A 130 -30.92 -50.12 -56.54
C GLN A 130 -31.91 -48.96 -56.27
N GLU A 131 -32.41 -48.27 -57.29
CA GLU A 131 -32.85 -46.85 -57.19
C GLU A 131 -34.06 -46.64 -56.29
N LEU A 132 -35.16 -47.37 -56.44
CA LEU A 132 -36.41 -46.96 -55.74
C LEU A 132 -36.22 -47.06 -54.23
N GLU A 133 -35.49 -48.08 -53.78
CA GLU A 133 -35.23 -48.35 -52.35
C GLU A 133 -34.37 -47.22 -51.75
N PHE A 134 -33.33 -46.79 -52.46
CA PHE A 134 -32.41 -45.70 -52.05
C PHE A 134 -33.16 -44.38 -51.97
N ILE A 135 -34.05 -44.10 -52.92
CA ILE A 135 -34.77 -42.79 -52.99
C ILE A 135 -35.74 -42.76 -51.80
N ALA A 136 -36.35 -43.89 -51.46
CA ALA A 136 -37.27 -43.92 -50.31
C ALA A 136 -36.45 -43.72 -49.03
N ASP A 137 -35.16 -44.03 -49.04
CA ASP A 137 -34.32 -43.79 -47.83
C ASP A 137 -34.06 -42.30 -47.69
N ILE A 138 -33.78 -41.62 -48.79
CA ILE A 138 -33.59 -40.15 -48.78
C ILE A 138 -34.92 -39.52 -48.40
N LEU A 139 -36.03 -39.98 -49.00
CA LEU A 139 -37.41 -39.45 -48.73
C LEU A 139 -37.79 -39.72 -47.26
N ASN A 140 -37.14 -40.67 -46.60
CA ASN A 140 -37.47 -40.99 -45.19
C ASN A 140 -36.90 -39.89 -44.32
N GLN A 141 -35.79 -39.26 -44.75
CA GLN A 141 -35.15 -38.13 -44.05
C GLN A 141 -35.88 -36.82 -44.42
N ASP A 142 -36.25 -36.59 -45.69
CA ASP A 142 -37.06 -35.42 -46.18
C ASP A 142 -38.08 -35.94 -47.20
N ALA A 143 -39.33 -36.11 -46.81
CA ALA A 143 -40.35 -36.72 -47.70
C ALA A 143 -40.87 -35.68 -48.69
N LYS A 144 -40.16 -34.56 -48.86
CA LYS A 144 -40.52 -33.46 -49.80
C LYS A 144 -39.25 -32.96 -50.53
N ASN A 145 -38.20 -33.77 -50.56
CA ASN A 145 -36.89 -33.46 -51.19
C ASN A 145 -37.11 -33.48 -52.69
N TYR A 146 -37.12 -32.32 -53.30
CA TYR A 146 -37.53 -32.21 -54.72
C TYR A 146 -36.60 -33.05 -55.59
N HIS A 147 -35.31 -33.06 -55.26
CA HIS A 147 -34.28 -33.80 -56.05
C HIS A 147 -34.66 -35.29 -56.07
N ALA A 148 -35.01 -35.83 -54.91
CA ALA A 148 -35.33 -37.26 -54.71
C ALA A 148 -36.55 -37.58 -55.56
N TRP A 149 -37.64 -36.85 -55.43
CA TRP A 149 -38.84 -37.14 -56.26
C TRP A 149 -38.48 -37.03 -57.75
N GLN A 150 -37.68 -36.03 -58.18
CA GLN A 150 -37.32 -35.82 -59.61
C GLN A 150 -36.72 -37.14 -60.09
N HIS A 151 -35.71 -37.61 -59.36
CA HIS A 151 -34.94 -38.85 -59.64
C HIS A 151 -35.91 -40.01 -59.74
N ARG A 152 -36.76 -40.19 -58.73
CA ARG A 152 -37.74 -41.31 -58.64
C ARG A 152 -38.67 -41.31 -59.88
N GLN A 153 -39.23 -40.14 -60.23
CA GLN A 153 -40.08 -39.96 -61.43
C GLN A 153 -39.29 -40.33 -62.68
N TRP A 154 -38.02 -39.93 -62.77
CA TRP A 154 -37.17 -40.24 -63.94
C TRP A 154 -36.89 -41.73 -64.01
N VAL A 155 -36.56 -42.37 -62.90
CA VAL A 155 -36.31 -43.84 -62.90
C VAL A 155 -37.61 -44.48 -63.36
N ILE A 156 -38.70 -44.26 -62.63
CA ILE A 156 -39.99 -44.96 -62.95
C ILE A 156 -40.34 -44.75 -64.42
N GLN A 157 -40.14 -43.57 -65.01
CA GLN A 157 -40.42 -43.36 -66.45
C GLN A 157 -39.47 -44.23 -67.26
N GLU A 158 -38.17 -43.98 -67.12
CA GLU A 158 -37.08 -44.51 -67.99
C GLU A 158 -37.06 -46.04 -68.00
N PHE A 159 -37.49 -46.73 -66.95
CA PHE A 159 -37.46 -48.21 -66.91
C PHE A 159 -38.84 -48.74 -66.54
N ARG A 160 -39.89 -48.08 -67.02
CA ARG A 160 -41.31 -48.32 -66.68
C ARG A 160 -41.45 -49.28 -65.48
N LEU A 161 -41.13 -48.77 -64.28
CA LEU A 161 -41.23 -49.46 -62.96
C LEU A 161 -42.50 -49.04 -62.19
N TRP A 162 -43.63 -48.90 -62.87
CA TRP A 162 -44.88 -48.33 -62.31
C TRP A 162 -45.56 -49.26 -61.31
N ASP A 163 -45.29 -50.56 -61.38
CA ASP A 163 -46.11 -51.63 -60.74
C ASP A 163 -46.34 -51.38 -59.24
N ASN A 164 -45.41 -50.77 -58.50
CA ASN A 164 -45.54 -50.75 -57.02
C ASN A 164 -45.70 -49.34 -56.45
N GLU A 165 -45.58 -48.33 -57.32
CA GLU A 165 -45.44 -46.92 -56.89
C GLU A 165 -46.79 -46.40 -56.41
N LEU A 166 -47.92 -46.93 -56.91
CA LEU A 166 -49.21 -46.49 -56.33
C LEU A 166 -49.29 -46.97 -54.88
N GLN A 167 -48.87 -48.19 -54.59
CA GLN A 167 -48.88 -48.69 -53.20
C GLN A 167 -48.04 -47.74 -52.35
N TYR A 168 -46.82 -47.42 -52.79
CA TYR A 168 -45.87 -46.49 -52.11
C TYR A 168 -46.50 -45.14 -51.80
N VAL A 169 -47.21 -44.55 -52.77
CA VAL A 169 -48.01 -43.31 -52.59
C VAL A 169 -49.02 -43.57 -51.45
N ASP A 170 -49.90 -44.57 -51.59
CA ASP A 170 -50.95 -44.90 -50.60
C ASP A 170 -50.33 -44.98 -49.21
N GLN A 171 -49.08 -45.44 -49.10
CA GLN A 171 -48.36 -45.60 -47.81
C GLN A 171 -47.97 -44.22 -47.26
N LEU A 172 -47.38 -43.35 -48.08
CA LEU A 172 -46.84 -42.04 -47.63
C LEU A 172 -47.97 -41.03 -47.41
N LEU A 173 -49.20 -41.34 -47.80
CA LEU A 173 -50.38 -40.49 -47.53
C LEU A 173 -50.98 -40.93 -46.19
N LYS A 174 -50.99 -42.23 -45.92
CA LYS A 174 -51.15 -42.79 -44.54
C LYS A 174 -50.10 -42.06 -43.67
N GLU A 175 -48.91 -41.70 -44.18
CA GLU A 175 -47.82 -41.16 -43.32
C GLU A 175 -48.04 -39.67 -43.01
N ASP A 176 -48.42 -38.88 -44.02
CA ASP A 176 -48.66 -37.42 -43.95
C ASP A 176 -49.63 -37.09 -45.07
N VAL A 177 -50.92 -37.00 -44.79
CA VAL A 177 -51.93 -36.84 -45.87
C VAL A 177 -51.83 -35.42 -46.43
N ARG A 178 -50.96 -34.59 -45.91
CA ARG A 178 -50.85 -33.17 -46.34
C ARG A 178 -49.62 -32.97 -47.25
N ASN A 179 -48.93 -34.02 -47.67
CA ASN A 179 -47.66 -33.95 -48.44
C ASN A 179 -47.94 -33.63 -49.92
N ASN A 180 -47.72 -32.38 -50.41
CA ASN A 180 -48.07 -32.03 -51.82
C ASN A 180 -47.24 -32.94 -52.75
N SER A 181 -46.02 -33.30 -52.33
CA SER A 181 -45.06 -34.09 -53.13
C SER A 181 -45.62 -35.49 -53.45
N VAL A 182 -46.46 -36.03 -52.57
CA VAL A 182 -46.96 -37.43 -52.68
C VAL A 182 -48.27 -37.43 -53.48
N TRP A 183 -49.19 -36.51 -53.20
CA TRP A 183 -50.38 -36.32 -54.09
C TRP A 183 -49.92 -36.13 -55.55
N ASN A 184 -48.77 -35.49 -55.79
CA ASN A 184 -48.20 -35.37 -57.16
C ASN A 184 -47.87 -36.78 -57.64
N GLN A 185 -46.90 -37.42 -57.01
CA GLN A 185 -46.55 -38.81 -57.38
C GLN A 185 -47.80 -39.64 -57.70
N ARG A 186 -48.89 -39.55 -56.94
CA ARG A 186 -50.12 -40.34 -57.22
C ARG A 186 -50.60 -40.05 -58.65
N HIS A 187 -50.90 -38.82 -58.97
CA HIS A 187 -51.39 -38.44 -60.32
C HIS A 187 -50.34 -38.81 -61.37
N PHE A 188 -49.03 -38.61 -61.09
CA PHE A 188 -47.92 -39.04 -61.99
C PHE A 188 -48.09 -40.53 -62.32
N VAL A 189 -48.25 -41.37 -61.31
CA VAL A 189 -48.36 -42.84 -61.50
C VAL A 189 -49.61 -43.10 -62.33
N ILE A 190 -50.79 -42.70 -61.85
CA ILE A 190 -52.08 -43.00 -62.53
C ILE A 190 -52.05 -42.42 -63.94
N SER A 191 -51.61 -41.18 -64.10
CA SER A 191 -51.76 -40.43 -65.37
C SER A 191 -50.91 -41.12 -66.43
N ASN A 192 -49.88 -41.85 -66.03
CA ASN A 192 -48.93 -42.60 -66.92
C ASN A 192 -49.22 -44.12 -66.93
N THR A 193 -50.40 -44.58 -66.47
CA THR A 193 -50.74 -46.03 -66.33
C THR A 193 -52.20 -46.18 -66.75
N THR A 194 -53.11 -46.55 -65.84
CA THR A 194 -54.60 -46.57 -66.03
C THR A 194 -55.04 -45.36 -66.88
N GLY A 195 -54.55 -44.15 -66.59
CA GLY A 195 -55.20 -42.91 -67.03
C GLY A 195 -56.56 -42.76 -66.36
N TYR A 196 -57.09 -41.54 -66.31
CA TYR A 196 -58.29 -41.20 -65.49
C TYR A 196 -59.60 -41.45 -66.26
N SER A 197 -59.54 -41.60 -67.60
CA SER A 197 -60.74 -41.63 -68.49
C SER A 197 -61.49 -42.93 -68.29
N ASP A 198 -60.90 -43.99 -67.74
CA ASP A 198 -61.71 -45.12 -67.23
C ASP A 198 -62.63 -44.66 -66.07
N ARG A 199 -63.95 -44.65 -66.32
CA ARG A 199 -65.00 -44.21 -65.36
C ARG A 199 -64.83 -44.82 -63.96
N ALA A 200 -64.17 -45.96 -63.91
CA ALA A 200 -64.10 -46.85 -62.74
C ALA A 200 -62.94 -46.40 -61.88
N VAL A 201 -61.87 -46.00 -62.57
CA VAL A 201 -60.62 -45.48 -61.95
C VAL A 201 -61.02 -44.12 -61.39
N LEU A 202 -61.79 -43.36 -62.16
CA LEU A 202 -62.24 -42.03 -61.68
C LEU A 202 -63.07 -42.24 -60.40
N GLU A 203 -64.13 -43.08 -60.40
CA GLU A 203 -64.88 -43.44 -59.15
C GLU A 203 -63.79 -43.74 -58.09
N ARG A 204 -62.86 -44.67 -58.33
CA ARG A 204 -61.85 -45.08 -57.31
C ARG A 204 -61.23 -43.84 -56.68
N GLU A 205 -60.80 -42.89 -57.52
CA GLU A 205 -59.83 -41.82 -57.15
C GLU A 205 -60.56 -40.72 -56.41
N VAL A 206 -61.64 -40.21 -57.01
CA VAL A 206 -62.56 -39.24 -56.35
C VAL A 206 -63.03 -39.81 -55.00
N GLN A 207 -63.36 -41.09 -54.91
CA GLN A 207 -63.82 -41.64 -53.60
C GLN A 207 -62.66 -41.52 -52.61
N TYR A 208 -61.53 -42.15 -52.92
CA TYR A 208 -60.25 -42.09 -52.14
C TYR A 208 -59.93 -40.67 -51.69
N THR A 209 -60.04 -39.69 -52.58
CA THR A 209 -59.71 -38.28 -52.28
C THR A 209 -60.67 -37.78 -51.20
N LEU A 210 -62.00 -37.95 -51.39
CA LEU A 210 -63.03 -37.47 -50.44
C LEU A 210 -62.76 -38.12 -49.08
N GLU A 211 -62.52 -39.42 -48.99
CA GLU A 211 -62.18 -40.13 -47.71
C GLU A 211 -61.13 -39.34 -46.93
N MET A 212 -60.13 -38.80 -47.64
CA MET A 212 -58.89 -38.16 -47.12
C MET A 212 -59.13 -36.67 -46.82
N ILE A 213 -60.31 -36.20 -47.19
CA ILE A 213 -60.85 -34.88 -46.79
C ILE A 213 -61.67 -35.12 -45.49
N LYS A 214 -62.67 -36.02 -45.51
CA LYS A 214 -63.38 -36.46 -44.27
C LYS A 214 -62.28 -36.64 -43.20
N LEU A 215 -61.16 -37.28 -43.53
CA LEU A 215 -60.04 -37.49 -42.56
C LEU A 215 -59.40 -36.18 -42.11
N VAL A 216 -59.10 -35.25 -43.01
CA VAL A 216 -58.34 -33.99 -42.71
C VAL A 216 -58.66 -32.95 -43.76
N PRO A 217 -59.70 -32.14 -43.54
CA PRO A 217 -60.34 -31.40 -44.62
C PRO A 217 -59.63 -30.09 -44.92
N HIS A 218 -58.78 -29.63 -44.00
CA HIS A 218 -57.96 -28.42 -44.27
C HIS A 218 -56.65 -28.92 -44.85
N ASN A 219 -56.69 -29.26 -46.14
CA ASN A 219 -55.56 -29.92 -46.84
C ASN A 219 -55.66 -29.50 -48.30
N GLU A 220 -54.96 -28.42 -48.67
CA GLU A 220 -55.02 -27.91 -50.06
C GLU A 220 -54.77 -29.09 -51.01
N SER A 221 -53.84 -29.98 -50.66
CA SER A 221 -53.15 -30.88 -51.62
C SER A 221 -54.13 -31.91 -52.18
N ALA A 222 -55.03 -32.39 -51.32
CA ALA A 222 -56.11 -33.34 -51.65
C ALA A 222 -57.14 -32.63 -52.51
N TRP A 223 -57.56 -31.42 -52.15
CA TRP A 223 -58.59 -30.70 -52.94
C TRP A 223 -57.99 -30.36 -54.30
N ASN A 224 -56.74 -29.92 -54.33
CA ASN A 224 -56.05 -29.60 -55.61
C ASN A 224 -56.25 -30.76 -56.58
N TYR A 225 -56.06 -31.98 -56.08
CA TYR A 225 -56.07 -33.28 -56.81
C TYR A 225 -57.49 -33.57 -57.25
N LEU A 226 -58.45 -33.52 -56.33
CA LEU A 226 -59.87 -33.72 -56.66
C LEU A 226 -60.20 -32.81 -57.84
N LYS A 227 -59.97 -31.49 -57.72
CA LYS A 227 -60.21 -30.54 -58.85
C LYS A 227 -59.38 -31.01 -60.04
N GLY A 228 -58.10 -31.26 -59.84
CA GLY A 228 -57.19 -31.69 -60.91
C GLY A 228 -57.80 -32.74 -61.83
N ILE A 229 -58.22 -33.88 -61.27
CA ILE A 229 -58.65 -35.12 -62.01
C ILE A 229 -60.07 -34.97 -62.54
N LEU A 230 -60.69 -33.80 -62.37
CA LEU A 230 -62.10 -33.56 -62.75
C LEU A 230 -62.25 -32.28 -63.57
N GLN A 231 -61.34 -31.32 -63.49
CA GLN A 231 -61.66 -29.96 -63.98
C GLN A 231 -61.79 -30.02 -65.49
N ASP A 232 -61.06 -30.92 -66.13
CA ASP A 232 -61.04 -30.98 -67.61
C ASP A 232 -62.25 -31.76 -68.11
N ARG A 233 -62.87 -32.58 -67.27
CA ARG A 233 -64.12 -33.30 -67.63
C ARG A 233 -65.30 -32.33 -67.53
N GLY A 234 -65.22 -31.34 -66.65
CA GLY A 234 -66.30 -30.38 -66.39
C GLY A 234 -66.86 -30.58 -64.99
N LEU A 235 -66.51 -29.70 -64.06
CA LEU A 235 -67.01 -29.85 -62.68
C LEU A 235 -68.55 -29.93 -62.71
N SER A 236 -69.22 -29.20 -63.60
CA SER A 236 -70.71 -29.20 -63.66
C SER A 236 -71.19 -30.65 -63.78
N ARG A 237 -70.56 -31.44 -64.64
CA ARG A 237 -71.13 -32.70 -65.20
C ARG A 237 -71.36 -33.79 -64.15
N TYR A 238 -70.82 -33.65 -62.93
CA TYR A 238 -70.96 -34.60 -61.78
C TYR A 238 -71.84 -34.01 -60.67
N PRO A 239 -73.18 -34.13 -60.76
CA PRO A 239 -74.07 -33.46 -59.81
C PRO A 239 -74.15 -34.21 -58.47
N ASN A 240 -73.70 -35.45 -58.44
CA ASN A 240 -73.62 -36.15 -57.13
C ASN A 240 -72.50 -35.54 -56.27
N LEU A 241 -71.52 -34.85 -56.88
CA LEU A 241 -70.33 -34.32 -56.17
C LEU A 241 -70.71 -32.98 -55.52
N LEU A 242 -71.34 -32.12 -56.30
CA LEU A 242 -71.93 -30.84 -55.82
C LEU A 242 -72.76 -31.11 -54.58
N ASN A 243 -73.69 -32.06 -54.64
CA ASN A 243 -74.63 -32.33 -53.50
C ASN A 243 -73.85 -32.96 -52.33
N GLN A 244 -72.76 -33.68 -52.58
CA GLN A 244 -72.00 -34.35 -51.49
C GLN A 244 -71.28 -33.28 -50.67
N LEU A 245 -70.68 -32.31 -51.38
CA LEU A 245 -69.86 -31.24 -50.78
C LEU A 245 -70.78 -30.29 -49.99
N LEU A 246 -71.98 -30.00 -50.47
CA LEU A 246 -72.94 -29.12 -49.78
C LEU A 246 -73.25 -29.71 -48.40
N ASP A 247 -73.18 -31.04 -48.25
CA ASP A 247 -73.44 -31.77 -46.97
C ASP A 247 -72.20 -31.81 -46.07
N LEU A 248 -70.99 -31.58 -46.60
CA LEU A 248 -69.79 -31.33 -45.76
C LEU A 248 -69.80 -29.90 -45.16
N GLN A 249 -70.35 -28.93 -45.90
CA GLN A 249 -70.43 -27.47 -45.56
C GLN A 249 -70.58 -27.26 -44.05
N PRO A 250 -71.55 -27.90 -43.36
CA PRO A 250 -71.65 -27.79 -41.92
C PRO A 250 -70.43 -28.26 -41.12
N SER A 251 -69.89 -29.46 -41.37
CA SER A 251 -68.81 -29.91 -40.45
C SER A 251 -67.39 -29.87 -41.06
N HIS A 252 -67.20 -30.02 -42.38
CA HIS A 252 -65.86 -30.17 -43.02
C HIS A 252 -65.49 -28.94 -43.88
N SER A 253 -66.16 -27.80 -43.65
CA SER A 253 -65.95 -26.55 -44.42
C SER A 253 -64.53 -26.03 -44.22
N SER A 254 -63.92 -25.58 -45.31
CA SER A 254 -62.55 -24.99 -45.44
C SER A 254 -62.64 -24.00 -46.59
N PRO A 255 -61.70 -23.06 -46.76
CA PRO A 255 -61.73 -22.18 -47.91
C PRO A 255 -61.68 -23.01 -49.20
N TYR A 256 -61.06 -24.19 -49.10
CA TYR A 256 -60.78 -25.13 -50.20
C TYR A 256 -62.08 -25.70 -50.74
N LEU A 257 -63.03 -25.93 -49.85
CA LEU A 257 -64.35 -26.46 -50.23
C LEU A 257 -65.18 -25.36 -50.89
N ILE A 258 -65.35 -24.24 -50.19
CA ILE A 258 -66.18 -23.09 -50.67
C ILE A 258 -65.68 -22.73 -52.07
N ALA A 259 -64.36 -22.60 -52.21
CA ALA A 259 -63.72 -22.37 -53.52
C ALA A 259 -64.29 -23.40 -54.50
N PHE A 260 -63.96 -24.68 -54.30
CA PHE A 260 -64.41 -25.80 -55.18
C PHE A 260 -65.80 -25.47 -55.70
N LEU A 261 -66.72 -25.11 -54.79
CA LEU A 261 -68.16 -24.89 -55.15
C LEU A 261 -68.25 -23.73 -56.16
N VAL A 262 -67.66 -22.57 -55.85
CA VAL A 262 -67.58 -21.43 -56.82
C VAL A 262 -67.21 -22.00 -58.19
N ASP A 263 -66.21 -22.88 -58.24
CA ASP A 263 -65.57 -23.39 -59.49
C ASP A 263 -66.52 -24.32 -60.23
N ILE A 264 -67.39 -25.01 -59.48
CA ILE A 264 -68.54 -25.79 -60.01
C ILE A 264 -69.52 -24.77 -60.61
N TYR A 265 -70.02 -23.83 -59.81
CA TYR A 265 -71.01 -22.84 -60.28
C TYR A 265 -70.42 -22.09 -61.49
N GLU A 266 -69.10 -21.82 -61.55
CA GLU A 266 -68.48 -21.14 -62.73
C GLU A 266 -68.65 -22.08 -63.92
N ASP A 267 -68.32 -23.36 -63.78
CA ASP A 267 -68.38 -24.32 -64.92
C ASP A 267 -69.84 -24.44 -65.38
N MET A 268 -70.77 -24.48 -64.44
CA MET A 268 -72.22 -24.52 -64.74
C MET A 268 -72.54 -23.32 -65.63
N LEU A 269 -72.25 -22.09 -65.18
CA LEU A 269 -72.44 -20.87 -65.99
C LEU A 269 -71.81 -21.06 -67.38
N GLU A 270 -70.61 -21.66 -67.49
CA GLU A 270 -69.85 -21.77 -68.78
C GLU A 270 -70.63 -22.75 -69.68
N ASN A 271 -71.20 -23.84 -69.13
CA ASN A 271 -71.99 -24.87 -69.88
C ASN A 271 -73.47 -24.46 -69.92
N GLN A 272 -73.78 -23.37 -70.67
CA GLN A 272 -75.03 -22.54 -70.60
C GLN A 272 -76.12 -23.34 -69.89
N CYS A 273 -76.11 -23.31 -68.54
CA CYS A 273 -76.89 -24.19 -67.60
C CYS A 273 -78.26 -23.60 -67.30
N ASP A 274 -79.07 -24.28 -66.48
CA ASP A 274 -80.44 -23.83 -66.15
C ASP A 274 -80.38 -22.92 -64.90
N ASN A 275 -80.60 -21.62 -65.11
CA ASN A 275 -80.79 -20.57 -64.07
C ASN A 275 -79.50 -19.76 -63.86
N LYS A 276 -78.89 -19.32 -64.94
CA LYS A 276 -77.84 -18.28 -64.89
C LYS A 276 -78.18 -17.31 -63.74
N GLU A 277 -79.28 -16.54 -63.84
CA GLU A 277 -79.62 -15.47 -62.86
C GLU A 277 -79.40 -16.01 -61.45
N ASP A 278 -79.78 -17.28 -61.20
CA ASP A 278 -79.84 -17.88 -59.84
C ASP A 278 -78.46 -18.41 -59.41
N ILE A 279 -77.88 -19.34 -60.19
CA ILE A 279 -76.54 -19.96 -59.94
C ILE A 279 -75.53 -18.86 -59.62
N LEU A 280 -75.43 -17.87 -60.50
CA LEU A 280 -74.50 -16.73 -60.33
C LEU A 280 -74.60 -16.29 -58.86
N ASN A 281 -75.80 -15.97 -58.40
CA ASN A 281 -75.99 -15.47 -57.00
C ASN A 281 -75.47 -16.52 -56.02
N LYS A 282 -75.63 -17.83 -56.29
CA LYS A 282 -75.16 -18.92 -55.38
C LYS A 282 -73.64 -18.84 -55.24
N ALA A 283 -72.98 -18.48 -56.35
CA ALA A 283 -71.51 -18.30 -56.53
C ALA A 283 -71.05 -17.01 -55.86
N LEU A 284 -71.87 -15.96 -55.96
CA LEU A 284 -71.57 -14.65 -55.35
C LEU A 284 -71.80 -14.74 -53.83
N GLU A 285 -72.84 -15.44 -53.33
CA GLU A 285 -73.05 -15.71 -51.87
C GLU A 285 -71.66 -16.16 -51.37
N LEU A 286 -70.97 -17.01 -52.16
CA LEU A 286 -69.75 -17.76 -51.73
C LEU A 286 -68.51 -16.88 -51.86
N CYS A 287 -68.32 -16.22 -52.99
CA CYS A 287 -67.22 -15.26 -53.19
C CYS A 287 -67.20 -14.27 -52.02
N GLU A 288 -68.38 -13.80 -51.59
CA GLU A 288 -68.56 -12.82 -50.49
C GLU A 288 -68.20 -13.52 -49.18
N ILE A 289 -68.72 -14.73 -48.93
CA ILE A 289 -68.43 -15.51 -47.69
C ILE A 289 -66.90 -15.63 -47.56
N LEU A 290 -66.24 -16.10 -48.62
CA LEU A 290 -64.75 -16.21 -48.68
C LEU A 290 -64.13 -14.88 -48.19
N ALA A 291 -64.39 -13.78 -48.89
CA ALA A 291 -63.84 -12.43 -48.59
C ALA A 291 -64.17 -11.98 -47.17
N LYS A 292 -65.45 -12.12 -46.80
CA LYS A 292 -66.03 -11.70 -45.51
C LYS A 292 -65.46 -12.53 -44.35
N GLU A 293 -65.70 -13.85 -44.32
CA GLU A 293 -65.17 -14.58 -43.14
C GLU A 293 -64.45 -15.91 -43.38
N LYS A 294 -64.40 -16.47 -44.59
CA LYS A 294 -63.75 -17.80 -44.68
C LYS A 294 -62.27 -17.72 -45.08
N ASP A 295 -61.98 -17.09 -46.21
CA ASP A 295 -60.60 -16.99 -46.75
C ASP A 295 -60.17 -15.53 -46.82
N THR A 296 -59.97 -14.88 -45.67
CA THR A 296 -59.83 -13.39 -45.55
C THR A 296 -58.52 -12.90 -46.14
N ILE A 297 -57.45 -13.66 -45.99
CA ILE A 297 -56.13 -13.24 -46.54
C ILE A 297 -56.22 -13.08 -48.06
N ARG A 298 -57.24 -13.63 -48.70
CA ARG A 298 -57.55 -13.32 -50.12
C ARG A 298 -58.77 -12.38 -50.21
N LYS A 299 -59.02 -11.58 -49.15
CA LYS A 299 -60.16 -10.60 -49.08
C LYS A 299 -60.37 -10.18 -50.54
N GLU A 300 -59.35 -9.63 -51.19
CA GLU A 300 -59.58 -8.83 -52.41
C GLU A 300 -59.54 -9.70 -53.66
N TYR A 301 -58.87 -10.85 -53.59
CA TYR A 301 -58.84 -11.79 -54.73
C TYR A 301 -60.26 -12.26 -54.89
N TRP A 302 -60.86 -12.74 -53.80
CA TRP A 302 -62.23 -13.32 -53.88
C TRP A 302 -63.24 -12.24 -54.27
N ARG A 303 -63.07 -11.00 -53.79
CA ARG A 303 -63.88 -9.82 -54.20
C ARG A 303 -63.84 -9.73 -55.73
N TYR A 304 -62.63 -9.87 -56.28
CA TYR A 304 -62.32 -9.63 -57.72
C TYR A 304 -63.01 -10.69 -58.56
N ILE A 305 -63.15 -11.91 -58.05
CA ILE A 305 -63.88 -13.02 -58.73
C ILE A 305 -65.36 -12.66 -58.74
N GLY A 306 -65.87 -12.18 -57.63
CA GLY A 306 -67.23 -11.61 -57.52
C GLY A 306 -67.53 -10.66 -58.67
N ARG A 307 -66.59 -9.78 -58.98
CA ARG A 307 -66.76 -8.76 -60.04
C ARG A 307 -66.66 -9.50 -61.38
N SER A 308 -65.68 -10.39 -61.52
CA SER A 308 -65.36 -11.16 -62.75
C SER A 308 -66.55 -12.06 -63.13
N LEU A 309 -67.25 -12.63 -62.15
CA LEU A 309 -68.39 -13.54 -62.40
C LEU A 309 -69.56 -12.72 -62.92
N GLN A 310 -69.81 -11.56 -62.32
CA GLN A 310 -70.98 -10.72 -62.67
C GLN A 310 -70.79 -10.19 -64.10
N SER A 311 -69.57 -9.82 -64.47
CA SER A 311 -69.32 -9.22 -65.80
C SER A 311 -69.37 -10.30 -66.88
N LYS A 312 -69.11 -11.58 -66.56
CA LYS A 312 -69.21 -12.65 -67.60
C LYS A 312 -70.71 -12.97 -67.81
N HIS A 313 -71.60 -12.75 -66.83
CA HIS A 313 -72.92 -13.43 -66.79
C HIS A 313 -74.11 -12.54 -66.33
N SER A 314 -74.46 -11.43 -67.01
CA SER A 314 -75.59 -10.55 -66.62
C SER A 314 -76.27 -9.90 -67.84
N LEU B 1 -41.43 -4.74 -38.29
CA LEU B 1 -41.45 -3.31 -37.81
C LEU B 1 -41.28 -2.35 -39.02
N ASP B 2 -40.05 -2.15 -39.52
CA ASP B 2 -39.59 -1.06 -40.45
C ASP B 2 -38.24 -1.46 -41.11
N PHE B 3 -37.90 -0.86 -42.24
CA PHE B 3 -36.92 -1.42 -43.24
C PHE B 3 -35.55 -0.79 -43.00
N LEU B 4 -34.47 -1.57 -42.92
CA LEU B 4 -33.16 -1.07 -42.42
C LEU B 4 -32.24 -0.71 -43.57
N ARG B 5 -32.75 0.09 -44.50
CA ARG B 5 -32.09 0.43 -45.78
C ARG B 5 -30.58 0.58 -45.59
N ASP B 6 -30.15 1.32 -44.57
CA ASP B 6 -28.72 1.68 -44.40
C ASP B 6 -27.91 0.39 -44.17
N ARG B 7 -28.44 -0.51 -43.34
CA ARG B 7 -27.77 -1.77 -42.91
C ARG B 7 -27.78 -2.76 -44.07
N HIS B 8 -28.86 -2.76 -44.84
CA HIS B 8 -28.99 -3.64 -46.01
C HIS B 8 -27.92 -3.27 -47.03
N VAL B 9 -27.47 -2.01 -47.03
CA VAL B 9 -26.33 -1.60 -47.89
C VAL B 9 -25.07 -2.22 -47.30
N ARG B 10 -24.78 -1.87 -46.06
CA ARG B 10 -23.58 -2.36 -45.34
C ARG B 10 -23.46 -3.86 -45.55
N PHE B 11 -24.62 -4.53 -45.59
CA PHE B 11 -24.73 -5.98 -45.84
C PHE B 11 -24.13 -6.26 -47.23
N PHE B 12 -24.84 -5.85 -48.30
CA PHE B 12 -24.44 -6.13 -49.71
C PHE B 12 -22.98 -5.72 -49.96
N GLN B 13 -22.54 -4.56 -49.45
CA GLN B 13 -21.09 -4.19 -49.40
C GLN B 13 -20.24 -5.41 -49.06
N ARG B 14 -20.58 -6.10 -47.96
CA ARG B 14 -19.81 -7.20 -47.33
C ARG B 14 -19.78 -8.40 -48.28
N CYS B 15 -20.94 -8.72 -48.89
CA CYS B 15 -21.06 -9.89 -49.78
C CYS B 15 -19.95 -9.80 -50.84
N LEU B 16 -19.95 -8.69 -51.60
CA LEU B 16 -18.96 -8.34 -52.66
C LEU B 16 -17.51 -8.49 -52.17
N GLN B 17 -17.24 -8.25 -50.87
CA GLN B 17 -15.85 -8.22 -50.31
C GLN B 17 -15.35 -9.65 -50.18
N VAL B 18 -15.08 -10.10 -48.98
CA VAL B 18 -14.43 -11.43 -48.81
C VAL B 18 -15.29 -12.29 -47.91
N LEU B 19 -15.12 -13.61 -48.06
CA LEU B 19 -15.72 -14.62 -47.18
C LEU B 19 -14.67 -15.68 -46.88
N PRO B 20 -14.83 -16.35 -45.73
CA PRO B 20 -13.97 -17.47 -45.32
C PRO B 20 -14.17 -18.78 -46.09
N GLU B 21 -13.27 -19.73 -45.88
CA GLU B 21 -13.32 -21.08 -46.51
C GLU B 21 -14.60 -21.81 -46.07
N ARG B 22 -15.41 -21.23 -45.17
CA ARG B 22 -16.74 -21.80 -44.82
C ARG B 22 -17.63 -21.73 -46.07
N TYR B 23 -17.33 -20.85 -47.02
CA TYR B 23 -18.24 -20.60 -48.17
C TYR B 23 -17.68 -21.24 -49.44
N SER B 24 -16.61 -22.04 -49.30
CA SER B 24 -15.99 -22.82 -50.40
C SER B 24 -17.05 -23.08 -51.47
N SER B 25 -18.23 -23.49 -51.03
CA SER B 25 -19.23 -24.11 -51.93
C SER B 25 -19.80 -23.08 -52.91
N LEU B 26 -19.57 -21.78 -52.72
CA LEU B 26 -20.03 -20.74 -53.68
C LEU B 26 -19.03 -20.51 -54.83
N GLU B 27 -17.86 -21.14 -54.79
CA GLU B 27 -16.72 -20.79 -55.67
C GLU B 27 -17.23 -20.76 -57.11
N THR B 28 -17.93 -21.83 -57.50
CA THR B 28 -18.33 -22.17 -58.88
C THR B 28 -19.54 -21.34 -59.35
N SER B 29 -19.83 -20.22 -58.69
CA SER B 29 -21.06 -19.41 -58.89
C SER B 29 -21.01 -18.07 -58.11
N ARG B 30 -19.79 -17.56 -57.87
CA ARG B 30 -19.58 -16.25 -57.20
C ARG B 30 -20.40 -15.17 -57.94
N LEU B 31 -20.40 -15.19 -59.27
CA LEU B 31 -21.04 -14.15 -60.12
C LEU B 31 -22.52 -14.01 -59.74
N THR B 32 -23.23 -15.09 -59.38
CA THR B 32 -24.65 -15.01 -58.96
C THR B 32 -24.77 -14.23 -57.66
N ILE B 33 -23.87 -14.50 -56.71
CA ILE B 33 -23.72 -13.69 -55.46
C ILE B 33 -23.53 -12.24 -55.88
N ALA B 34 -22.47 -11.98 -56.65
CA ALA B 34 -22.14 -10.62 -57.13
C ALA B 34 -23.43 -9.92 -57.56
N PHE B 35 -24.21 -10.59 -58.39
CA PHE B 35 -25.51 -10.08 -58.93
C PHE B 35 -26.43 -9.69 -57.76
N PHE B 36 -26.65 -10.62 -56.83
CA PHE B 36 -27.59 -10.41 -55.69
C PHE B 36 -27.14 -9.15 -54.94
N ALA B 37 -25.86 -9.04 -54.64
CA ALA B 37 -25.29 -7.85 -53.97
C ALA B 37 -25.55 -6.61 -54.83
N LEU B 38 -25.08 -6.63 -56.09
CA LEU B 38 -24.96 -5.45 -56.98
C LEU B 38 -26.35 -4.95 -57.40
N SER B 39 -27.25 -5.83 -57.83
CA SER B 39 -28.66 -5.46 -58.10
C SER B 39 -29.26 -5.04 -56.76
N GLY B 40 -28.88 -5.75 -55.70
CA GLY B 40 -29.22 -5.38 -54.32
C GLY B 40 -29.03 -3.89 -54.08
N LEU B 41 -27.81 -3.42 -54.32
CA LEU B 41 -27.42 -2.01 -54.12
C LEU B 41 -28.16 -1.14 -55.14
N ASP B 42 -28.09 -1.50 -56.42
CA ASP B 42 -28.83 -0.84 -57.53
C ASP B 42 -30.27 -0.59 -57.10
N MET B 43 -30.86 -1.56 -56.40
CA MET B 43 -32.28 -1.52 -55.95
C MET B 43 -32.43 -0.54 -54.77
N LEU B 44 -31.39 -0.39 -53.95
CA LEU B 44 -31.34 0.61 -52.85
C LEU B 44 -30.68 1.90 -53.32
N ASP B 45 -30.41 2.00 -54.61
CA ASP B 45 -29.73 3.16 -55.22
C ASP B 45 -28.41 3.45 -54.49
N SER B 46 -27.68 2.45 -54.06
CA SER B 46 -26.40 2.69 -53.35
C SER B 46 -25.28 2.02 -54.11
N LEU B 47 -25.40 1.90 -55.43
CA LEU B 47 -24.34 1.31 -56.29
C LEU B 47 -23.03 2.11 -56.16
N ASP B 48 -23.13 3.44 -56.10
CA ASP B 48 -21.99 4.38 -55.88
C ASP B 48 -20.97 3.78 -54.87
N VAL B 49 -21.39 3.02 -53.85
CA VAL B 49 -20.49 2.50 -52.76
C VAL B 49 -19.48 1.48 -53.29
N VAL B 50 -19.60 1.01 -54.53
CA VAL B 50 -18.67 0.00 -55.12
C VAL B 50 -17.76 0.69 -56.12
N ASN B 51 -16.78 -0.07 -56.60
CA ASN B 51 -15.84 0.37 -57.65
C ASN B 51 -16.33 -0.16 -59.00
N LYS B 52 -17.46 0.36 -59.48
CA LYS B 52 -18.08 -0.17 -60.72
C LYS B 52 -16.98 -0.65 -61.67
N ASP B 53 -16.12 0.26 -62.10
CA ASP B 53 -15.15 0.09 -63.22
C ASP B 53 -14.34 -1.18 -63.01
N ASP B 54 -13.93 -1.46 -61.76
CA ASP B 54 -13.07 -2.59 -61.34
C ASP B 54 -13.83 -3.91 -61.26
N ILE B 55 -15.11 -3.83 -60.92
CA ILE B 55 -16.04 -4.99 -60.97
C ILE B 55 -16.30 -5.34 -62.44
N ILE B 56 -16.56 -4.33 -63.29
CA ILE B 56 -16.83 -4.53 -64.74
C ILE B 56 -15.64 -5.29 -65.35
N GLU B 57 -14.42 -5.02 -64.86
CA GLU B 57 -13.21 -5.79 -65.26
C GLU B 57 -13.34 -7.24 -64.79
N TRP B 58 -13.60 -7.45 -63.51
CA TRP B 58 -13.76 -8.82 -62.96
C TRP B 58 -14.78 -9.58 -63.81
N ILE B 59 -15.94 -8.98 -64.06
CA ILE B 59 -17.04 -9.67 -64.81
C ILE B 59 -16.49 -10.11 -66.16
N TYR B 60 -15.82 -9.20 -66.86
CA TYR B 60 -15.38 -9.44 -68.26
C TYR B 60 -14.28 -10.52 -68.26
N SER B 61 -13.51 -10.59 -67.16
CA SER B 61 -12.45 -11.60 -66.95
C SER B 61 -13.09 -12.99 -67.02
N LEU B 62 -14.39 -13.07 -66.71
CA LEU B 62 -15.14 -14.35 -66.61
C LEU B 62 -15.76 -14.78 -67.95
N GLN B 63 -15.91 -13.88 -68.94
CA GLN B 63 -16.41 -14.23 -70.30
C GLN B 63 -15.48 -15.26 -70.97
N VAL B 64 -16.01 -16.42 -71.34
CA VAL B 64 -15.35 -17.40 -72.25
C VAL B 64 -15.52 -16.91 -73.68
N LEU B 65 -14.36 -16.78 -74.35
CA LEU B 65 -14.25 -16.15 -75.69
C LEU B 65 -13.96 -17.21 -76.73
N PRO B 66 -14.30 -16.92 -78.00
CA PRO B 66 -13.93 -17.83 -79.06
C PRO B 66 -12.41 -17.78 -79.21
N THR B 67 -11.81 -18.91 -79.57
CA THR B 67 -10.34 -19.11 -79.79
C THR B 67 -9.87 -18.37 -81.06
N GLU B 68 -8.57 -18.39 -81.38
CA GLU B 68 -8.05 -17.95 -82.72
C GLU B 68 -9.01 -18.53 -83.77
N ASP B 69 -9.18 -19.85 -83.70
CA ASP B 69 -9.79 -20.72 -84.76
C ASP B 69 -11.30 -20.95 -84.55
N ARG B 70 -11.94 -20.31 -83.58
CA ARG B 70 -13.41 -20.35 -83.33
C ARG B 70 -13.98 -21.78 -83.30
N SER B 71 -13.20 -22.79 -82.89
CA SER B 71 -13.66 -24.20 -82.73
C SER B 71 -14.66 -24.32 -81.58
N ASN B 72 -14.53 -23.44 -80.58
CA ASN B 72 -15.16 -23.59 -79.25
C ASN B 72 -16.38 -22.65 -79.16
N LEU B 73 -17.06 -22.37 -80.27
CA LEU B 73 -18.23 -21.44 -80.22
C LEU B 73 -19.32 -21.97 -79.29
N ASP B 74 -19.51 -23.29 -79.23
CA ASP B 74 -20.56 -23.99 -78.44
C ASP B 74 -20.35 -23.85 -76.93
N ARG B 75 -19.16 -23.43 -76.52
CA ARG B 75 -18.73 -23.46 -75.11
C ARG B 75 -18.62 -22.02 -74.56
N CYS B 76 -19.04 -21.02 -75.33
CA CYS B 76 -18.94 -19.58 -74.95
C CYS B 76 -20.13 -19.08 -74.12
N GLY B 77 -19.90 -17.98 -73.42
CA GLY B 77 -20.77 -17.44 -72.36
C GLY B 77 -19.90 -16.87 -71.26
N PHE B 78 -20.34 -16.90 -69.99
CA PHE B 78 -19.49 -16.55 -68.84
C PHE B 78 -19.24 -17.76 -67.91
N ARG B 79 -18.13 -17.69 -67.17
CA ARG B 79 -17.78 -18.58 -66.05
C ARG B 79 -18.36 -18.04 -64.72
N GLY B 80 -18.69 -18.92 -63.76
CA GLY B 80 -19.03 -18.55 -62.37
C GLY B 80 -17.96 -17.67 -61.72
N SER B 81 -16.68 -17.97 -62.00
CA SER B 81 -15.46 -17.46 -61.32
C SER B 81 -14.20 -17.92 -62.07
N SER B 82 -13.02 -17.60 -61.57
CA SER B 82 -11.74 -17.93 -62.24
C SER B 82 -11.27 -19.34 -61.86
N TYR B 83 -12.03 -20.08 -61.03
CA TYR B 83 -11.62 -21.35 -60.37
C TYR B 83 -10.97 -22.36 -61.33
N LEU B 84 -11.08 -22.20 -62.65
CA LEU B 84 -10.45 -23.15 -63.58
C LEU B 84 -8.94 -22.89 -63.69
N GLY B 85 -8.47 -21.69 -63.36
CA GLY B 85 -7.03 -21.34 -63.41
C GLY B 85 -6.62 -20.84 -64.77
N ILE B 86 -7.44 -20.00 -65.37
CA ILE B 86 -7.09 -19.34 -66.65
C ILE B 86 -6.41 -18.01 -66.34
N PRO B 87 -5.34 -17.63 -67.07
CA PRO B 87 -4.80 -16.29 -66.93
C PRO B 87 -5.86 -15.17 -67.01
N PHE B 88 -5.89 -14.27 -66.00
CA PHE B 88 -6.82 -13.10 -65.92
C PHE B 88 -6.73 -12.28 -67.20
N ASN B 89 -7.84 -12.11 -67.90
CA ASN B 89 -7.91 -11.54 -69.27
C ASN B 89 -9.24 -10.82 -69.39
N PRO B 90 -9.36 -9.51 -69.05
CA PRO B 90 -10.66 -8.84 -69.05
C PRO B 90 -11.17 -8.62 -70.49
N SER B 91 -11.43 -9.74 -71.19
CA SER B 91 -11.88 -9.84 -72.61
C SER B 91 -10.93 -9.08 -73.53
N LYS B 92 -9.69 -8.78 -73.10
CA LYS B 92 -8.65 -8.10 -73.93
C LYS B 92 -8.19 -9.09 -75.00
N ASN B 93 -7.11 -9.87 -74.75
CA ASN B 93 -6.62 -10.95 -75.66
C ASN B 93 -7.78 -11.86 -76.09
N PRO B 94 -7.59 -12.72 -77.12
CA PRO B 94 -8.67 -13.59 -77.59
C PRO B 94 -8.77 -14.81 -76.67
N GLY B 95 -9.58 -15.78 -77.10
CA GLY B 95 -9.74 -17.08 -76.41
C GLY B 95 -8.40 -17.71 -76.08
N THR B 96 -8.34 -18.44 -74.97
CA THR B 96 -7.15 -19.20 -74.49
C THR B 96 -7.64 -20.64 -74.18
N ALA B 97 -7.54 -21.54 -75.18
CA ALA B 97 -8.22 -22.86 -75.24
C ALA B 97 -7.73 -23.78 -74.12
N HIS B 98 -8.59 -24.74 -73.77
CA HIS B 98 -8.61 -25.47 -72.49
C HIS B 98 -9.70 -26.50 -72.62
N PRO B 99 -9.42 -27.81 -72.45
CA PRO B 99 -10.43 -28.83 -72.73
C PRO B 99 -11.75 -28.51 -72.03
N TYR B 100 -11.68 -28.17 -70.76
CA TYR B 100 -12.84 -28.20 -69.85
C TYR B 100 -13.41 -26.79 -69.69
N ASP B 101 -12.70 -25.70 -70.05
CA ASP B 101 -13.23 -24.32 -69.83
C ASP B 101 -14.34 -23.96 -70.81
N SER B 102 -15.48 -23.51 -70.27
CA SER B 102 -16.73 -23.24 -70.99
C SER B 102 -17.70 -22.49 -70.06
N GLY B 103 -18.66 -21.82 -70.65
CA GLY B 103 -19.58 -20.97 -69.89
C GLY B 103 -20.65 -21.79 -69.20
N HIS B 104 -21.53 -21.07 -68.51
CA HIS B 104 -22.61 -21.63 -67.67
C HIS B 104 -23.81 -20.69 -67.78
N ILE B 105 -24.97 -21.23 -68.16
CA ILE B 105 -26.17 -20.43 -68.52
C ILE B 105 -26.50 -19.44 -67.40
N ALA B 106 -26.38 -19.85 -66.15
CA ALA B 106 -26.76 -19.02 -64.99
C ALA B 106 -25.78 -17.85 -64.89
N MET B 107 -24.56 -18.08 -65.33
CA MET B 107 -23.47 -17.08 -65.20
C MET B 107 -23.52 -16.13 -66.39
N THR B 108 -23.65 -16.67 -67.61
CA THR B 108 -24.00 -15.86 -68.80
C THR B 108 -25.11 -14.88 -68.40
N TYR B 109 -26.22 -15.37 -67.81
CA TYR B 109 -27.36 -14.56 -67.29
C TYR B 109 -26.88 -13.54 -66.24
N THR B 110 -26.36 -13.98 -65.09
CA THR B 110 -25.99 -13.08 -63.96
C THR B 110 -24.86 -12.14 -64.40
N GLY B 111 -23.95 -12.59 -65.27
CA GLY B 111 -22.85 -11.76 -65.82
C GLY B 111 -23.38 -10.58 -66.60
N LEU B 112 -24.10 -10.84 -67.68
CA LEU B 112 -24.80 -9.79 -68.48
C LEU B 112 -25.65 -8.90 -67.55
N SER B 113 -26.52 -9.47 -66.73
CA SER B 113 -27.43 -8.67 -65.87
C SER B 113 -26.56 -7.70 -65.05
N CYS B 114 -25.48 -8.18 -64.44
CA CYS B 114 -24.52 -7.34 -63.67
C CYS B 114 -24.00 -6.20 -64.54
N LEU B 115 -23.35 -6.53 -65.67
CA LEU B 115 -22.76 -5.50 -66.56
C LEU B 115 -23.75 -4.38 -66.85
N ILE B 116 -25.00 -4.70 -67.18
CA ILE B 116 -26.00 -3.67 -67.60
C ILE B 116 -26.18 -2.72 -66.42
N ILE B 117 -26.50 -3.30 -65.25
CA ILE B 117 -26.65 -2.62 -63.92
C ILE B 117 -25.49 -1.67 -63.67
N LEU B 118 -24.25 -2.13 -63.92
CA LEU B 118 -23.00 -1.42 -63.53
C LEU B 118 -22.80 -0.21 -64.43
N GLY B 119 -23.34 -0.24 -65.65
CA GLY B 119 -23.28 0.90 -66.57
C GLY B 119 -22.75 0.46 -67.91
N ASP B 120 -21.69 -0.34 -67.92
CA ASP B 120 -21.12 -0.93 -69.17
C ASP B 120 -22.25 -1.11 -70.20
N ASP B 121 -21.84 -1.14 -71.48
CA ASP B 121 -22.72 -1.10 -72.68
C ASP B 121 -22.70 -2.46 -73.43
N LEU B 122 -22.06 -3.49 -72.87
CA LEU B 122 -21.99 -4.85 -73.44
C LEU B 122 -21.15 -4.84 -74.73
N SER B 123 -20.36 -3.79 -74.98
CA SER B 123 -19.52 -3.68 -76.19
C SER B 123 -18.54 -4.84 -76.23
N ARG B 124 -18.05 -5.29 -75.07
CA ARG B 124 -16.95 -6.28 -74.98
C ARG B 124 -17.53 -7.69 -74.90
N VAL B 125 -18.84 -7.80 -74.87
CA VAL B 125 -19.56 -9.10 -74.95
C VAL B 125 -19.57 -9.50 -76.42
N ASP B 126 -18.93 -10.61 -76.76
CA ASP B 126 -19.10 -11.23 -78.09
C ASP B 126 -20.46 -11.91 -78.09
N LYS B 127 -21.49 -11.22 -78.57
CA LYS B 127 -22.89 -11.68 -78.49
C LYS B 127 -23.04 -12.97 -79.32
N GLU B 128 -22.56 -12.99 -80.56
CA GLU B 128 -22.81 -14.16 -81.45
C GLU B 128 -22.33 -15.42 -80.74
N ALA B 129 -21.26 -15.32 -79.95
CA ALA B 129 -20.65 -16.45 -79.22
C ALA B 129 -21.60 -16.93 -78.12
N CYS B 130 -21.95 -16.04 -77.19
CA CYS B 130 -22.86 -16.31 -76.03
C CYS B 130 -24.12 -17.00 -76.52
N LEU B 131 -24.75 -16.41 -77.56
CA LEU B 131 -25.96 -16.93 -78.23
C LEU B 131 -25.69 -18.32 -78.82
N ALA B 132 -24.54 -18.51 -79.43
CA ALA B 132 -24.14 -19.81 -80.04
C ALA B 132 -24.10 -20.88 -78.97
N GLY B 133 -23.41 -20.56 -77.87
CA GLY B 133 -23.32 -21.43 -76.69
C GLY B 133 -24.71 -21.67 -76.13
N LEU B 134 -25.52 -20.61 -76.08
CA LEU B 134 -26.85 -20.67 -75.44
C LEU B 134 -27.61 -21.77 -76.14
N ARG B 135 -27.76 -21.64 -77.46
CA ARG B 135 -28.46 -22.57 -78.38
C ARG B 135 -28.03 -24.01 -78.12
N ALA B 136 -26.72 -24.20 -78.03
CA ALA B 136 -26.07 -25.51 -77.87
C ALA B 136 -26.51 -26.18 -76.56
N LEU B 137 -27.05 -25.41 -75.61
CA LEU B 137 -27.53 -25.91 -74.29
C LEU B 137 -28.97 -26.47 -74.34
N GLN B 138 -29.79 -26.04 -75.29
CA GLN B 138 -31.21 -26.47 -75.37
C GLN B 138 -31.29 -27.95 -75.80
N LEU B 139 -32.23 -28.72 -75.23
CA LEU B 139 -32.36 -30.20 -75.44
C LEU B 139 -33.56 -30.44 -76.36
N GLU B 140 -33.76 -31.70 -76.79
CA GLU B 140 -34.91 -32.09 -77.66
C GLU B 140 -36.14 -31.43 -77.04
N ASP B 141 -36.29 -31.63 -75.73
CA ASP B 141 -37.56 -31.38 -74.98
C ASP B 141 -37.84 -29.87 -74.84
N GLY B 142 -36.88 -28.98 -75.14
CA GLY B 142 -37.04 -27.51 -75.17
C GLY B 142 -36.39 -26.80 -73.98
N SER B 143 -36.18 -27.54 -72.89
CA SER B 143 -35.43 -27.11 -71.68
C SER B 143 -33.94 -27.01 -72.01
N PHE B 144 -33.14 -26.45 -71.10
CA PHE B 144 -31.69 -26.19 -71.29
C PHE B 144 -30.89 -26.87 -70.17
N CYS B 145 -29.68 -27.30 -70.50
CA CYS B 145 -28.62 -27.59 -69.51
C CYS B 145 -28.01 -26.25 -69.12
N ALA B 146 -27.05 -26.26 -68.21
CA ALA B 146 -26.35 -25.04 -67.77
C ALA B 146 -24.96 -25.00 -68.41
N VAL B 147 -24.51 -26.15 -68.89
CA VAL B 147 -23.13 -26.32 -69.43
C VAL B 147 -23.18 -27.37 -70.53
N PRO B 148 -22.37 -27.23 -71.61
CA PRO B 148 -22.35 -28.22 -72.66
C PRO B 148 -21.92 -29.59 -72.11
N GLU B 149 -21.09 -29.62 -71.07
CA GLU B 149 -20.50 -30.89 -70.53
C GLU B 149 -21.60 -31.84 -70.02
N GLY B 150 -22.86 -31.39 -69.97
CA GLY B 150 -24.01 -32.09 -69.36
C GLY B 150 -24.30 -31.57 -67.97
N SER B 151 -25.56 -31.68 -67.53
CA SER B 151 -26.01 -31.21 -66.19
C SER B 151 -27.52 -31.44 -66.06
N GLU B 152 -28.07 -31.21 -64.88
CA GLU B 152 -29.53 -31.07 -64.71
C GLU B 152 -30.04 -30.12 -65.82
N ASN B 153 -31.25 -30.36 -66.31
CA ASN B 153 -32.07 -29.40 -67.11
C ASN B 153 -33.38 -29.18 -66.36
N ASP B 154 -34.09 -28.07 -66.64
CA ASP B 154 -35.34 -27.61 -65.98
C ASP B 154 -35.60 -26.11 -66.17
N MET B 155 -36.79 -25.68 -65.74
CA MET B 155 -37.37 -24.34 -66.00
C MET B 155 -36.39 -23.21 -65.64
N ARG B 156 -35.53 -23.39 -64.64
CA ARG B 156 -34.60 -22.32 -64.20
C ARG B 156 -33.87 -21.78 -65.43
N PHE B 157 -33.32 -22.68 -66.23
CA PHE B 157 -32.38 -22.36 -67.33
C PHE B 157 -33.18 -21.88 -68.54
N VAL B 158 -34.42 -22.36 -68.67
CA VAL B 158 -35.37 -21.84 -69.70
C VAL B 158 -35.49 -20.32 -69.48
N TYR B 159 -35.60 -19.92 -68.23
CA TYR B 159 -35.61 -18.49 -67.82
C TYR B 159 -34.27 -17.84 -68.16
N CYS B 160 -33.17 -18.49 -67.80
CA CYS B 160 -31.80 -17.97 -67.99
C CYS B 160 -31.63 -17.67 -69.49
N ALA B 161 -32.10 -18.57 -70.35
CA ALA B 161 -32.02 -18.45 -71.82
C ALA B 161 -32.85 -17.22 -72.21
N SER B 162 -34.13 -17.29 -71.86
CA SER B 162 -35.12 -16.21 -72.04
C SER B 162 -34.45 -14.87 -71.68
N CYS B 163 -33.80 -14.76 -70.53
CA CYS B 163 -33.19 -13.50 -70.05
C CYS B 163 -31.98 -13.12 -70.92
N ILE B 164 -31.11 -14.06 -71.29
CA ILE B 164 -29.92 -13.74 -72.12
C ILE B 164 -30.41 -13.20 -73.46
N CYS B 165 -31.12 -14.05 -74.23
CA CYS B 165 -31.89 -13.66 -75.47
C CYS B 165 -32.55 -12.28 -75.31
N TYR B 166 -33.18 -11.97 -74.19
CA TYR B 166 -33.87 -10.66 -73.98
C TYR B 166 -32.86 -9.50 -73.92
N MET B 167 -31.76 -9.71 -73.23
CA MET B 167 -30.76 -8.65 -72.91
C MET B 167 -29.90 -8.37 -74.15
N LEU B 168 -29.44 -9.43 -74.81
CA LEU B 168 -28.71 -9.36 -76.10
C LEU B 168 -29.68 -8.94 -77.19
N ASN B 169 -30.98 -8.93 -76.88
CA ASN B 169 -32.03 -8.38 -77.76
C ASN B 169 -32.06 -9.19 -79.07
N ASN B 170 -31.78 -10.49 -78.99
CA ASN B 170 -31.58 -11.45 -80.11
C ASN B 170 -32.00 -12.85 -79.64
N TRP B 171 -33.19 -13.30 -80.00
CA TRP B 171 -33.68 -14.65 -79.63
C TRP B 171 -33.11 -15.79 -80.50
N SER B 172 -31.99 -15.57 -81.18
CA SER B 172 -31.35 -16.59 -82.05
C SER B 172 -30.79 -17.68 -81.14
N GLY B 173 -30.64 -17.37 -79.85
CA GLY B 173 -30.01 -18.23 -78.84
C GLY B 173 -30.90 -19.37 -78.38
N MET B 174 -32.13 -19.48 -78.90
CA MET B 174 -33.07 -20.56 -78.47
C MET B 174 -34.05 -20.90 -79.58
N ASP B 175 -34.67 -22.08 -79.46
CA ASP B 175 -35.82 -22.57 -80.28
C ASP B 175 -37.09 -22.30 -79.46
N MET B 176 -37.63 -21.09 -79.61
CA MET B 176 -38.72 -20.56 -78.77
C MET B 176 -39.91 -21.52 -78.79
N LYS B 177 -40.20 -22.12 -79.94
CA LYS B 177 -41.38 -23.01 -80.09
C LYS B 177 -41.21 -24.13 -79.07
N LYS B 178 -40.00 -24.69 -78.99
CA LYS B 178 -39.67 -25.87 -78.15
C LYS B 178 -39.58 -25.44 -76.69
N ALA B 179 -38.88 -24.34 -76.42
CA ALA B 179 -38.88 -23.66 -75.12
C ALA B 179 -40.33 -23.52 -74.64
N ILE B 180 -41.19 -22.93 -75.46
CA ILE B 180 -42.63 -22.74 -75.13
C ILE B 180 -43.31 -24.09 -74.91
N SER B 181 -43.11 -25.10 -75.77
CA SER B 181 -43.58 -26.47 -75.42
C SER B 181 -43.21 -26.75 -73.96
N TYR B 182 -41.92 -26.74 -73.62
CA TYR B 182 -41.45 -27.22 -72.29
C TYR B 182 -42.23 -26.53 -71.17
N ILE B 183 -42.44 -25.21 -71.32
CA ILE B 183 -43.22 -24.34 -70.38
C ILE B 183 -44.65 -24.89 -70.28
N ARG B 184 -45.34 -25.08 -71.41
CA ARG B 184 -46.74 -25.58 -71.44
C ARG B 184 -46.81 -26.99 -70.87
N ARG B 185 -45.88 -27.87 -71.31
CA ARG B 185 -45.78 -29.33 -71.02
C ARG B 185 -45.76 -29.42 -69.48
N SER B 186 -45.14 -28.42 -68.84
CA SER B 186 -44.76 -28.42 -67.41
C SER B 186 -45.90 -27.96 -66.48
N MET B 187 -47.05 -27.51 -66.98
CA MET B 187 -48.21 -27.20 -66.10
C MET B 187 -48.65 -28.51 -65.39
N SER B 188 -49.12 -28.40 -64.16
CA SER B 188 -49.46 -29.55 -63.27
C SER B 188 -50.98 -29.73 -63.25
N TYR B 189 -51.42 -30.83 -62.62
CA TYR B 189 -52.82 -31.13 -62.28
C TYR B 189 -53.33 -30.02 -61.36
N ASP B 190 -52.47 -29.26 -60.67
CA ASP B 190 -52.99 -28.18 -59.79
C ASP B 190 -52.77 -26.84 -60.47
N ASN B 191 -52.49 -26.82 -61.77
CA ASN B 191 -52.42 -25.57 -62.59
C ASN B 191 -51.22 -24.67 -62.23
N GLY B 192 -50.41 -25.05 -61.22
CA GLY B 192 -49.05 -24.51 -61.02
C GLY B 192 -48.09 -25.10 -62.05
N LEU B 193 -46.98 -24.41 -62.33
CA LEU B 193 -45.89 -24.91 -63.21
C LEU B 193 -44.80 -25.56 -62.34
N ALA B 194 -44.11 -26.54 -62.92
CA ALA B 194 -43.12 -27.39 -62.24
C ALA B 194 -41.79 -27.29 -62.97
N GLN B 195 -40.75 -27.88 -62.39
CA GLN B 195 -39.39 -27.83 -62.96
C GLN B 195 -39.42 -28.36 -64.39
N GLY B 196 -40.31 -29.32 -64.63
CA GLY B 196 -40.54 -29.90 -65.95
C GLY B 196 -41.71 -30.85 -65.89
N ALA B 197 -42.41 -31.02 -67.01
CA ALA B 197 -43.60 -31.90 -67.08
C ALA B 197 -43.40 -33.10 -66.16
N GLY B 198 -44.43 -33.42 -65.37
CA GLY B 198 -44.43 -34.50 -64.35
C GLY B 198 -44.45 -33.98 -62.91
N LEU B 199 -43.47 -33.13 -62.61
CA LEU B 199 -43.05 -32.83 -61.23
C LEU B 199 -44.09 -31.98 -60.48
N GLU B 200 -43.79 -31.77 -59.20
CA GLU B 200 -44.51 -30.87 -58.27
C GLU B 200 -44.51 -29.48 -58.89
N SER B 201 -45.69 -28.88 -59.02
CA SER B 201 -45.92 -27.41 -59.15
C SER B 201 -44.99 -26.70 -58.15
N HIS B 202 -44.48 -25.52 -58.46
CA HIS B 202 -43.53 -24.82 -57.55
C HIS B 202 -43.38 -23.35 -57.97
N GLY B 203 -43.42 -22.45 -56.98
CA GLY B 203 -43.50 -21.01 -57.19
C GLY B 203 -42.35 -20.46 -57.99
N GLY B 204 -41.15 -21.03 -57.76
CA GLY B 204 -39.91 -20.73 -58.51
C GLY B 204 -40.02 -21.11 -59.98
N SER B 205 -40.23 -22.40 -60.23
CA SER B 205 -40.62 -22.90 -61.58
C SER B 205 -41.69 -21.97 -62.17
N THR B 206 -42.84 -21.87 -61.50
CA THR B 206 -44.02 -21.11 -61.99
C THR B 206 -43.58 -19.72 -62.45
N PHE B 207 -42.82 -18.98 -61.65
CA PHE B 207 -42.24 -17.68 -62.06
C PHE B 207 -41.52 -17.86 -63.39
N CYS B 208 -40.49 -18.71 -63.36
CA CYS B 208 -39.51 -18.86 -64.47
C CYS B 208 -40.30 -19.04 -65.77
N GLY B 209 -41.22 -20.00 -65.80
CA GLY B 209 -42.10 -20.27 -66.95
C GLY B 209 -42.82 -19.01 -67.40
N ILE B 210 -43.56 -18.39 -66.48
CA ILE B 210 -44.44 -17.23 -66.79
C ILE B 210 -43.57 -16.08 -67.27
N ALA B 211 -42.55 -15.72 -66.52
CA ALA B 211 -41.65 -14.60 -66.86
C ALA B 211 -40.98 -14.89 -68.22
N SER B 212 -40.59 -16.14 -68.47
CA SER B 212 -39.91 -16.54 -69.72
C SER B 212 -40.82 -16.17 -70.89
N LEU B 213 -42.08 -16.61 -70.85
CA LEU B 213 -43.12 -16.26 -71.86
C LEU B 213 -43.28 -14.74 -71.90
N CYS B 214 -43.48 -14.08 -70.76
CA CYS B 214 -43.62 -12.61 -70.68
C CYS B 214 -42.43 -11.94 -71.40
N LEU B 215 -41.20 -12.38 -71.16
CA LEU B 215 -40.00 -11.89 -71.90
C LEU B 215 -40.19 -12.16 -73.39
N MET B 216 -40.50 -13.39 -73.82
CA MET B 216 -40.82 -13.73 -75.24
C MET B 216 -42.04 -12.92 -75.69
N GLY B 217 -42.93 -12.51 -74.79
CA GLY B 217 -44.16 -11.76 -75.12
C GLY B 217 -45.21 -12.65 -75.79
N LYS B 218 -45.60 -13.71 -75.11
CA LYS B 218 -46.38 -14.83 -75.69
C LYS B 218 -47.27 -15.40 -74.60
N LEU B 219 -47.28 -14.74 -73.44
CA LEU B 219 -47.97 -15.25 -72.24
C LEU B 219 -49.41 -15.48 -72.68
N GLU B 220 -49.95 -14.46 -73.36
CA GLU B 220 -51.36 -14.37 -73.83
C GLU B 220 -51.61 -15.50 -74.83
N GLU B 221 -50.66 -15.75 -75.73
CA GLU B 221 -50.80 -16.71 -76.84
C GLU B 221 -50.65 -18.15 -76.32
N VAL B 222 -49.82 -18.35 -75.31
CA VAL B 222 -49.32 -19.70 -74.94
C VAL B 222 -50.34 -20.33 -73.98
N PHE B 223 -51.04 -19.55 -73.17
CA PHE B 223 -52.06 -20.03 -72.21
C PHE B 223 -53.43 -19.38 -72.49
N SER B 224 -54.52 -20.17 -72.47
CA SER B 224 -55.92 -19.69 -72.62
C SER B 224 -56.29 -18.83 -71.42
N GLU B 225 -57.36 -18.03 -71.48
CA GLU B 225 -57.81 -17.21 -70.33
C GLU B 225 -58.10 -18.16 -69.17
N LYS B 226 -58.79 -19.28 -69.45
CA LYS B 226 -59.17 -20.34 -68.46
C LYS B 226 -57.87 -20.76 -67.78
N GLU B 227 -56.83 -21.01 -68.57
CA GLU B 227 -55.51 -21.43 -68.05
C GLU B 227 -54.95 -20.34 -67.13
N LEU B 228 -54.75 -19.15 -67.66
CA LEU B 228 -54.13 -18.06 -66.86
C LEU B 228 -54.94 -17.93 -65.58
N ASN B 229 -56.27 -18.07 -65.67
CA ASN B 229 -57.18 -17.95 -64.49
C ASN B 229 -56.81 -19.01 -63.45
N ARG B 230 -56.70 -20.28 -63.86
CA ARG B 230 -56.29 -21.40 -62.97
C ARG B 230 -54.87 -21.18 -62.42
N ILE B 231 -54.00 -20.56 -63.23
CA ILE B 231 -52.57 -20.33 -62.84
C ILE B 231 -52.62 -19.27 -61.75
N LYS B 232 -53.45 -18.26 -61.93
CA LYS B 232 -53.48 -17.12 -60.98
C LYS B 232 -53.91 -17.65 -59.61
N ARG B 233 -54.98 -18.45 -59.60
CA ARG B 233 -55.46 -19.10 -58.36
C ARG B 233 -54.29 -19.82 -57.70
N TRP B 234 -53.60 -20.68 -58.42
CA TRP B 234 -52.49 -21.48 -57.82
C TRP B 234 -51.56 -20.53 -57.07
N CYS B 235 -51.14 -19.46 -57.75
CA CYS B 235 -50.15 -18.50 -57.24
C CYS B 235 -50.70 -17.83 -56.00
N ILE B 236 -51.88 -17.21 -56.10
CA ILE B 236 -52.43 -16.40 -54.97
C ILE B 236 -52.77 -17.31 -53.79
N MET B 237 -53.03 -18.59 -54.04
CA MET B 237 -53.24 -19.57 -52.95
C MET B 237 -51.92 -19.88 -52.25
N ARG B 238 -50.80 -19.28 -52.68
CA ARG B 238 -49.49 -19.54 -52.03
C ARG B 238 -49.35 -18.62 -50.83
N GLN B 239 -50.16 -17.57 -50.70
CA GLN B 239 -49.98 -16.64 -49.58
C GLN B 239 -50.67 -17.21 -48.33
N GLN B 240 -49.91 -17.37 -47.24
CA GLN B 240 -50.45 -17.82 -45.93
C GLN B 240 -50.33 -16.63 -44.97
N ASN B 241 -49.19 -15.92 -45.08
CA ASN B 241 -48.79 -14.69 -44.33
C ASN B 241 -47.67 -14.11 -45.20
N GLY B 242 -46.70 -14.98 -45.47
CA GLY B 242 -45.58 -14.82 -46.44
C GLY B 242 -45.81 -15.87 -47.52
N TYR B 243 -45.25 -15.73 -48.74
CA TYR B 243 -45.68 -16.77 -49.69
C TYR B 243 -44.74 -17.94 -49.44
N HIS B 244 -45.22 -19.17 -49.65
CA HIS B 244 -44.43 -20.44 -49.66
C HIS B 244 -44.21 -20.88 -51.12
N GLY B 245 -43.23 -21.79 -51.30
CA GLY B 245 -42.79 -22.24 -52.64
C GLY B 245 -43.77 -23.22 -53.28
N ARG B 246 -44.41 -24.04 -52.45
CA ARG B 246 -45.37 -25.04 -52.94
C ARG B 246 -46.32 -25.45 -51.82
N PRO B 247 -47.53 -25.90 -52.17
CA PRO B 247 -48.60 -25.97 -51.17
C PRO B 247 -48.18 -26.86 -49.98
N ASN B 248 -48.73 -26.55 -48.81
CA ASN B 248 -48.48 -27.30 -47.55
C ASN B 248 -46.98 -27.24 -47.23
N LYS B 249 -46.31 -26.16 -47.64
CA LYS B 249 -44.92 -25.89 -47.20
C LYS B 249 -44.88 -24.53 -46.52
N PRO B 250 -43.97 -24.38 -45.55
CA PRO B 250 -43.88 -23.15 -44.78
C PRO B 250 -43.24 -22.04 -45.61
N VAL B 251 -43.71 -20.83 -45.35
CA VAL B 251 -43.31 -19.62 -46.10
C VAL B 251 -41.80 -19.49 -46.06
N ASP B 252 -41.35 -18.59 -46.92
CA ASP B 252 -39.94 -18.22 -47.19
C ASP B 252 -40.06 -16.84 -47.84
N THR B 253 -39.19 -15.95 -47.42
CA THR B 253 -39.08 -14.58 -47.96
C THR B 253 -38.94 -14.69 -49.48
N CYS B 254 -38.14 -15.65 -50.00
CA CYS B 254 -37.73 -15.58 -51.42
C CYS B 254 -39.01 -15.60 -52.28
N TYR B 255 -40.05 -16.33 -51.88
CA TYR B 255 -41.29 -16.51 -52.69
C TYR B 255 -42.18 -15.27 -52.64
N SER B 256 -41.90 -14.38 -51.70
CA SER B 256 -42.58 -13.06 -51.59
C SER B 256 -42.26 -12.26 -52.86
N PHE B 257 -41.24 -12.73 -53.62
CA PHE B 257 -40.90 -12.30 -55.00
C PHE B 257 -41.32 -13.33 -56.04
N TRP B 258 -40.83 -14.58 -55.95
CA TRP B 258 -41.04 -15.60 -57.01
C TRP B 258 -42.52 -15.64 -57.36
N VAL B 259 -43.38 -15.70 -56.33
CA VAL B 259 -44.85 -15.77 -56.53
C VAL B 259 -45.39 -14.37 -56.73
N GLY B 260 -44.96 -13.42 -55.91
CA GLY B 260 -45.28 -11.98 -56.09
C GLY B 260 -45.18 -11.56 -57.56
N ALA B 261 -43.96 -11.59 -58.09
CA ALA B 261 -43.65 -11.24 -59.49
C ALA B 261 -44.57 -12.01 -60.45
N THR B 262 -44.75 -13.32 -60.23
CA THR B 262 -45.65 -14.15 -61.06
C THR B 262 -47.03 -13.46 -61.10
N LEU B 263 -47.59 -13.12 -59.93
CA LEU B 263 -48.92 -12.47 -59.81
C LEU B 263 -48.88 -11.07 -60.44
N LYS B 264 -47.75 -10.37 -60.35
CA LYS B 264 -47.62 -8.99 -60.89
C LYS B 264 -47.61 -9.06 -62.42
N LEU B 265 -47.03 -10.11 -63.00
CA LEU B 265 -47.03 -10.33 -64.48
C LEU B 265 -48.45 -10.76 -64.89
N LEU B 266 -49.17 -11.49 -64.04
CA LEU B 266 -50.57 -11.88 -64.33
C LEU B 266 -51.53 -10.77 -63.87
N LYS B 267 -51.01 -9.60 -63.49
CA LYS B 267 -51.80 -8.34 -63.39
C LYS B 267 -52.83 -8.44 -62.27
N ILE B 268 -52.51 -9.11 -61.17
CA ILE B 268 -53.46 -9.27 -60.03
C ILE B 268 -52.70 -9.18 -58.72
N PHE B 269 -51.50 -8.57 -58.73
CA PHE B 269 -50.68 -8.58 -57.49
C PHE B 269 -51.43 -7.77 -56.44
N GLN B 270 -52.09 -6.72 -56.93
CA GLN B 270 -52.99 -5.82 -56.16
C GLN B 270 -54.00 -6.56 -55.27
N TYR B 271 -54.39 -7.78 -55.62
CA TYR B 271 -55.47 -8.45 -54.85
C TYR B 271 -54.84 -9.30 -53.73
N THR B 272 -53.51 -9.28 -53.59
CA THR B 272 -52.83 -9.92 -52.43
C THR B 272 -53.00 -9.07 -51.18
N ASN B 273 -52.73 -9.69 -50.04
CA ASN B 273 -52.50 -9.01 -48.75
C ASN B 273 -51.08 -8.44 -48.77
N PHE B 274 -51.00 -7.12 -48.61
CA PHE B 274 -49.72 -6.37 -48.62
C PHE B 274 -49.20 -6.27 -47.19
N GLU B 275 -50.10 -6.17 -46.21
CA GLU B 275 -49.66 -5.94 -44.81
C GLU B 275 -48.96 -7.19 -44.32
N LYS B 276 -49.50 -8.38 -44.59
CA LYS B 276 -48.93 -9.63 -44.01
C LYS B 276 -47.64 -10.00 -44.76
N ASN B 277 -47.58 -9.85 -46.12
CA ASN B 277 -46.35 -10.01 -46.95
C ASN B 277 -45.29 -9.11 -46.32
N ARG B 278 -45.58 -7.83 -46.11
CA ARG B 278 -44.59 -6.85 -45.59
C ARG B 278 -44.11 -7.25 -44.19
N ASN B 279 -45.03 -7.53 -43.26
CA ASN B 279 -44.66 -8.01 -41.90
C ASN B 279 -43.72 -9.18 -42.08
N TYR B 280 -44.20 -10.27 -42.69
CA TYR B 280 -43.39 -11.51 -42.82
C TYR B 280 -42.01 -11.16 -43.38
N ILE B 281 -41.93 -10.38 -44.45
CA ILE B 281 -40.60 -10.12 -45.09
C ILE B 281 -39.71 -9.51 -44.00
N LEU B 282 -40.15 -8.37 -43.47
CA LEU B 282 -39.43 -7.60 -42.43
C LEU B 282 -39.20 -8.52 -41.24
N SER B 283 -40.13 -9.44 -40.99
CA SER B 283 -40.06 -10.45 -39.90
C SER B 283 -38.73 -11.20 -39.96
N THR B 284 -38.11 -11.28 -41.15
CA THR B 284 -36.86 -12.06 -41.40
C THR B 284 -35.62 -11.16 -41.36
N GLN B 285 -35.74 -9.91 -41.83
CA GLN B 285 -34.70 -8.84 -41.71
C GLN B 285 -33.80 -9.14 -40.52
N ASP B 286 -32.47 -9.28 -40.71
CA ASP B 286 -31.51 -9.50 -39.60
C ASP B 286 -30.98 -8.13 -39.16
N ARG B 287 -31.39 -7.69 -37.96
CA ARG B 287 -31.15 -6.32 -37.44
C ARG B 287 -29.67 -6.10 -37.04
N LEU B 288 -28.86 -7.15 -36.85
CA LEU B 288 -27.42 -7.00 -36.50
C LEU B 288 -26.56 -6.98 -37.78
N VAL B 289 -26.73 -7.97 -38.69
CA VAL B 289 -25.81 -8.13 -39.85
C VAL B 289 -26.49 -7.57 -41.11
N GLY B 290 -27.79 -7.29 -41.04
CA GLY B 290 -28.53 -6.84 -42.24
C GLY B 290 -28.90 -7.99 -43.15
N GLY B 291 -29.40 -7.68 -44.34
CA GLY B 291 -30.09 -8.64 -45.24
C GLY B 291 -31.30 -9.30 -44.59
N PHE B 292 -31.75 -10.41 -45.20
CA PHE B 292 -32.98 -11.15 -44.86
C PHE B 292 -32.68 -12.64 -44.98
N ALA B 293 -33.38 -13.47 -44.22
CA ALA B 293 -33.35 -14.93 -44.43
C ALA B 293 -34.74 -15.41 -44.84
N LYS B 294 -34.80 -16.66 -45.27
CA LYS B 294 -36.05 -17.36 -45.67
C LYS B 294 -37.03 -17.21 -44.51
N TRP B 295 -36.54 -17.40 -43.29
CA TRP B 295 -37.35 -17.43 -42.06
C TRP B 295 -36.79 -16.44 -41.05
N PRO B 296 -37.55 -16.07 -40.01
CA PRO B 296 -37.05 -15.15 -38.99
C PRO B 296 -36.13 -15.83 -37.96
N ASP B 297 -35.47 -15.01 -37.12
CA ASP B 297 -34.46 -15.39 -36.09
C ASP B 297 -33.57 -16.51 -36.71
N SER B 298 -33.03 -16.27 -37.92
CA SER B 298 -32.48 -17.31 -38.84
C SER B 298 -31.46 -16.70 -39.84
N HIS B 299 -30.36 -17.39 -40.20
CA HIS B 299 -29.12 -16.74 -40.72
C HIS B 299 -29.38 -16.18 -42.11
N PRO B 300 -29.09 -14.88 -42.41
CA PRO B 300 -29.43 -14.26 -43.70
C PRO B 300 -28.38 -14.51 -44.80
N ASP B 301 -28.75 -14.47 -46.08
CA ASP B 301 -27.82 -14.73 -47.21
C ASP B 301 -28.06 -13.70 -48.31
N ALA B 302 -27.18 -13.65 -49.30
CA ALA B 302 -27.26 -12.64 -50.37
C ALA B 302 -28.59 -12.80 -51.08
N LEU B 303 -28.95 -14.01 -51.47
CA LEU B 303 -30.19 -14.27 -52.26
C LEU B 303 -31.41 -13.74 -51.52
N HIS B 304 -31.64 -14.21 -50.29
CA HIS B 304 -32.85 -13.92 -49.50
C HIS B 304 -32.92 -12.42 -49.18
N ALA B 305 -31.79 -11.75 -49.06
CA ALA B 305 -31.71 -10.27 -48.94
C ALA B 305 -32.25 -9.63 -50.22
N TYR B 306 -31.63 -9.94 -51.38
CA TYR B 306 -32.04 -9.42 -52.70
C TYR B 306 -33.55 -9.62 -52.88
N PHE B 307 -34.00 -10.87 -52.70
CA PHE B 307 -35.39 -11.28 -53.04
C PHE B 307 -36.33 -10.63 -52.04
N GLY B 308 -36.01 -10.66 -50.75
CA GLY B 308 -36.79 -9.90 -49.74
C GLY B 308 -37.02 -8.47 -50.19
N ILE B 309 -35.94 -7.76 -50.48
CA ILE B 309 -35.93 -6.33 -50.89
C ILE B 309 -36.75 -6.16 -52.16
N CYS B 310 -36.51 -6.99 -53.18
CA CYS B 310 -37.27 -7.02 -54.47
C CYS B 310 -38.77 -7.27 -54.19
N GLY B 311 -39.07 -8.07 -53.18
CA GLY B 311 -40.46 -8.49 -52.96
C GLY B 311 -41.25 -7.41 -52.25
N LEU B 312 -40.47 -6.59 -51.53
CA LEU B 312 -40.91 -5.33 -50.88
C LEU B 312 -41.16 -4.33 -52.02
N SER B 313 -40.20 -4.18 -52.94
CA SER B 313 -40.21 -3.24 -54.10
C SER B 313 -41.48 -3.41 -54.96
N LEU B 314 -41.98 -4.64 -55.00
CA LEU B 314 -43.24 -5.06 -55.67
C LEU B 314 -44.45 -4.37 -55.03
N MET B 315 -44.32 -3.94 -53.76
CA MET B 315 -45.41 -3.29 -52.98
C MET B 315 -45.10 -1.78 -52.85
N GLU B 316 -44.24 -1.26 -53.73
CA GLU B 316 -43.75 0.14 -53.71
C GLU B 316 -43.38 0.50 -52.26
N GLU B 317 -42.62 -0.40 -51.64
CA GLU B 317 -41.95 -0.16 -50.34
C GLU B 317 -41.02 1.04 -50.51
N SER B 318 -40.96 1.89 -49.48
CA SER B 318 -40.31 3.21 -49.49
C SER B 318 -38.79 3.05 -49.42
N GLY B 319 -38.05 3.57 -50.40
CA GLY B 319 -36.57 3.63 -50.37
C GLY B 319 -35.89 2.63 -51.30
N ILE B 320 -36.69 1.98 -52.15
CA ILE B 320 -36.32 0.80 -53.00
C ILE B 320 -36.95 1.02 -54.37
N CYS B 321 -36.17 1.07 -55.47
CA CYS B 321 -36.69 1.33 -56.85
C CYS B 321 -37.70 0.24 -57.26
N LYS B 322 -38.70 0.55 -58.11
CA LYS B 322 -39.68 -0.45 -58.66
C LYS B 322 -38.79 -1.52 -59.29
N VAL B 323 -39.04 -2.79 -59.00
CA VAL B 323 -38.30 -3.90 -59.65
C VAL B 323 -39.05 -4.23 -60.93
N HIS B 324 -38.33 -4.60 -61.98
CA HIS B 324 -38.94 -5.08 -63.24
C HIS B 324 -39.15 -6.59 -63.12
N PRO B 325 -40.40 -7.02 -62.88
CA PRO B 325 -40.70 -8.36 -62.37
C PRO B 325 -40.37 -9.54 -63.28
N ALA B 326 -40.39 -9.35 -64.60
CA ALA B 326 -40.06 -10.46 -65.53
C ALA B 326 -38.55 -10.57 -65.69
N LEU B 327 -37.83 -9.45 -65.65
CA LEU B 327 -36.41 -9.37 -66.05
C LEU B 327 -35.48 -9.33 -64.81
N ASN B 328 -36.03 -9.09 -63.61
CA ASN B 328 -35.32 -9.29 -62.31
C ASN B 328 -34.07 -8.41 -62.31
N VAL B 329 -34.28 -7.10 -62.44
CA VAL B 329 -33.31 -5.96 -62.33
C VAL B 329 -34.14 -4.72 -62.00
N SER B 330 -33.53 -3.65 -61.49
CA SER B 330 -34.30 -2.43 -61.14
C SER B 330 -35.02 -1.98 -62.40
N THR B 331 -36.10 -1.22 -62.28
CA THR B 331 -36.79 -0.61 -63.43
C THR B 331 -35.80 0.35 -64.10
N ARG B 332 -35.00 1.09 -63.31
CA ARG B 332 -33.90 1.97 -63.83
C ARG B 332 -33.07 1.21 -64.86
N THR B 333 -32.56 0.05 -64.45
CA THR B 333 -31.67 -0.80 -65.26
C THR B 333 -32.43 -1.28 -66.49
N SER B 334 -33.72 -1.57 -66.35
CA SER B 334 -34.56 -2.05 -67.48
C SER B 334 -34.67 -0.93 -68.51
N GLU B 335 -34.96 0.29 -68.04
CA GLU B 335 -34.98 1.57 -68.83
C GLU B 335 -33.58 1.70 -69.46
N ARG B 336 -32.51 1.49 -68.68
CA ARG B 336 -31.10 1.63 -69.12
C ARG B 336 -30.86 0.68 -70.31
N LEU B 337 -31.50 -0.48 -70.33
CA LEU B 337 -31.36 -1.47 -71.43
C LEU B 337 -32.13 -0.98 -72.66
N ARG B 338 -33.37 -0.48 -72.50
CA ARG B 338 -34.24 0.03 -73.61
C ARG B 338 -33.34 0.86 -74.52
N ASP B 339 -32.60 1.79 -73.90
CA ASP B 339 -31.68 2.75 -74.57
C ASP B 339 -30.59 1.97 -75.29
N LEU B 340 -29.83 1.18 -74.53
CA LEU B 340 -28.74 0.32 -75.05
C LEU B 340 -29.19 -0.43 -76.32
N HIS B 341 -30.47 -0.74 -76.46
CA HIS B 341 -31.08 -1.42 -77.63
C HIS B 341 -31.40 -0.39 -78.73
N GLN B 342 -32.24 0.64 -78.43
CA GLN B 342 -32.60 1.73 -79.38
C GLN B 342 -31.29 2.20 -80.03
N SER B 343 -30.15 2.07 -79.32
CA SER B 343 -28.79 2.44 -79.81
C SER B 343 -28.32 1.48 -80.91
N TRP B 344 -28.29 0.17 -80.65
CA TRP B 344 -27.84 -0.86 -81.64
C TRP B 344 -28.73 -0.80 -82.90
N LYS B 345 -30.06 -0.66 -82.73
CA LYS B 345 -31.02 -0.51 -83.86
C LYS B 345 -30.76 0.86 -84.50
N THR B 346 -29.81 0.94 -85.46
CA THR B 346 -29.51 2.14 -86.30
C THR B 346 -29.08 1.67 -87.71
N PHE C 1 12.99 13.73 -0.25
CA PHE C 1 14.46 13.94 -0.26
C PHE C 1 15.20 12.77 -0.93
N LEU C 2 14.66 11.54 -0.92
CA LEU C 2 15.31 10.28 -1.43
C LEU C 2 14.76 9.85 -2.80
N SER C 3 15.55 10.04 -3.88
CA SER C 3 15.06 10.01 -5.28
C SER C 3 14.52 8.62 -5.61
N LEU C 4 13.44 8.54 -6.36
CA LEU C 4 12.78 7.24 -6.64
C LEU C 4 13.77 6.30 -7.33
N ASP C 5 14.84 6.87 -7.90
CA ASP C 5 15.85 6.08 -8.63
C ASP C 5 17.25 6.54 -8.20
N SER C 6 17.49 6.63 -6.89
CA SER C 6 18.85 6.56 -6.29
C SER C 6 19.21 5.08 -6.24
N PRO C 7 20.52 4.74 -6.28
CA PRO C 7 20.94 3.36 -6.01
C PRO C 7 20.55 2.94 -4.58
N THR C 8 20.73 3.90 -3.66
CA THR C 8 20.44 3.76 -2.21
C THR C 8 18.95 3.98 -1.91
N TYR C 9 18.05 4.13 -2.91
CA TYR C 9 16.60 4.17 -2.59
C TYR C 9 16.32 2.89 -1.80
N VAL C 10 15.51 3.08 -0.75
CA VAL C 10 14.97 2.04 0.16
C VAL C 10 13.45 2.15 0.20
N LEU C 11 12.77 1.01 0.18
CA LEU C 11 11.30 0.94 0.29
C LEU C 11 10.85 1.66 1.57
N TYR C 12 9.62 2.16 1.59
CA TYR C 12 8.97 2.72 2.81
C TYR C 12 8.83 1.61 3.84
N ARG C 13 8.71 0.36 3.38
CA ARG C 13 8.51 -0.78 4.31
C ARG C 13 9.79 -1.00 5.12
N ASP C 14 10.95 -0.56 4.61
CA ASP C 14 12.29 -0.76 5.24
C ASP C 14 12.86 0.58 5.71
N ARG C 15 12.12 1.69 5.56
CA ARG C 15 12.53 3.01 6.11
C ARG C 15 12.18 2.97 7.61
N ALA C 16 13.12 3.41 8.45
CA ALA C 16 13.03 3.46 9.93
C ALA C 16 12.01 4.52 10.38
N GLU C 17 12.02 5.73 9.78
CA GLU C 17 11.07 6.85 10.05
C GLU C 17 9.61 6.46 9.71
N TRP C 18 9.36 5.25 9.21
CA TRP C 18 8.03 4.82 8.67
C TRP C 18 7.60 3.51 9.35
N ALA C 19 8.27 3.14 10.44
CA ALA C 19 8.11 1.81 11.07
C ALA C 19 6.78 1.75 11.82
N ASP C 20 6.44 2.85 12.49
CA ASP C 20 5.19 3.06 13.28
C ASP C 20 3.91 2.88 12.45
N ILE C 21 3.97 3.03 11.11
CA ILE C 21 2.79 2.90 10.20
C ILE C 21 2.67 1.45 9.72
N ASP C 22 1.42 0.94 9.70
CA ASP C 22 1.00 -0.29 8.97
C ASP C 22 0.61 0.13 7.55
N PRO C 23 1.27 -0.37 6.47
CA PRO C 23 0.82 -0.05 5.12
C PRO C 23 -0.62 -0.55 4.95
N VAL C 24 -1.28 -0.08 3.90
CA VAL C 24 -2.72 -0.36 3.62
C VAL C 24 -2.84 -0.80 2.18
N PRO C 25 -2.94 -2.12 1.89
CA PRO C 25 -2.80 -2.59 0.52
C PRO C 25 -4.15 -2.34 -0.15
N GLN C 26 -4.15 -2.24 -1.48
CA GLN C 26 -5.37 -2.25 -2.35
C GLN C 26 -5.99 -3.64 -2.20
N ASN C 27 -7.30 -3.83 -2.39
CA ASN C 27 -7.85 -5.20 -2.63
C ASN C 27 -9.13 -5.11 -3.46
N ASP C 28 -9.10 -5.73 -4.64
CA ASP C 28 -10.18 -5.72 -5.65
C ASP C 28 -11.05 -6.96 -5.45
N GLY C 29 -10.70 -7.82 -4.48
CA GLY C 29 -11.48 -9.03 -4.15
C GLY C 29 -11.67 -9.98 -5.34
N PRO C 30 -12.60 -10.96 -5.22
CA PRO C 30 -12.52 -12.23 -5.94
C PRO C 30 -12.04 -12.14 -7.40
N SER C 31 -12.88 -11.67 -8.31
CA SER C 31 -12.55 -11.41 -9.73
C SER C 31 -12.44 -9.91 -9.91
N PRO C 32 -11.20 -9.40 -10.10
CA PRO C 32 -11.00 -7.98 -10.34
C PRO C 32 -11.10 -7.75 -11.85
N VAL C 33 -11.18 -6.48 -12.24
CA VAL C 33 -11.52 -6.00 -13.61
C VAL C 33 -10.56 -4.89 -13.97
N VAL C 34 -10.22 -4.77 -15.24
CA VAL C 34 -9.18 -3.81 -15.71
C VAL C 34 -8.10 -3.68 -14.64
N GLN C 35 -7.52 -4.81 -14.23
CA GLN C 35 -6.55 -4.86 -13.11
C GLN C 35 -5.15 -4.48 -13.60
N ILE C 36 -4.47 -3.58 -12.89
CA ILE C 36 -3.09 -3.15 -13.24
C ILE C 36 -2.12 -3.75 -12.24
N ILE C 37 -1.30 -4.70 -12.70
CA ILE C 37 -0.10 -5.22 -11.98
C ILE C 37 0.84 -4.06 -11.70
N TYR C 38 1.44 -4.01 -10.50
CA TYR C 38 2.25 -2.87 -9.98
C TYR C 38 3.65 -3.34 -9.54
N SER C 39 4.69 -2.60 -9.92
CA SER C 39 6.10 -2.91 -9.56
C SER C 39 6.28 -2.88 -8.04
N GLU C 40 7.18 -3.72 -7.55
CA GLU C 40 7.57 -3.80 -6.11
C GLU C 40 7.54 -2.39 -5.51
N LYS C 41 8.27 -1.46 -6.15
CA LYS C 41 8.66 -0.13 -5.59
C LYS C 41 7.43 0.77 -5.42
N PHE C 42 6.58 0.69 -6.45
CA PHE C 42 5.31 1.43 -6.67
C PHE C 42 4.26 0.99 -5.63
N ARG C 43 3.92 -0.30 -5.57
CA ARG C 43 2.90 -0.81 -4.62
C ARG C 43 3.29 -0.36 -3.21
N ASP C 44 4.58 -0.46 -2.88
CA ASP C 44 5.14 0.06 -1.61
C ASP C 44 4.75 1.53 -1.44
N VAL C 45 5.13 2.44 -2.36
CA VAL C 45 4.80 3.90 -2.22
C VAL C 45 3.31 4.09 -1.91
N TYR C 46 2.41 3.47 -2.67
CA TYR C 46 0.95 3.72 -2.56
C TYR C 46 0.38 2.99 -1.34
N ASP C 47 0.93 1.82 -0.97
CA ASP C 47 0.54 1.12 0.29
C ASP C 47 0.65 2.15 1.45
N TYR C 48 1.73 2.95 1.47
CA TYR C 48 2.02 3.93 2.55
C TYR C 48 1.19 5.19 2.30
N PHE C 49 0.99 5.56 1.04
CA PHE C 49 0.08 6.68 0.69
C PHE C 49 -1.29 6.44 1.33
N ARG C 50 -1.88 5.28 1.03
CA ARG C 50 -3.20 4.81 1.54
C ARG C 50 -3.25 4.85 3.07
N ALA C 51 -2.17 4.41 3.72
CA ALA C 51 -2.03 4.44 5.20
C ALA C 51 -2.15 5.88 5.69
N VAL C 52 -1.37 6.78 5.14
CA VAL C 52 -1.40 8.19 5.57
C VAL C 52 -2.80 8.80 5.31
N LEU C 53 -3.43 8.54 4.17
CA LEU C 53 -4.79 9.06 3.80
C LEU C 53 -5.79 8.59 4.84
N GLN C 54 -6.00 7.28 4.95
CA GLN C 54 -6.88 6.69 6.00
C GLN C 54 -6.86 7.60 7.25
N ARG C 55 -5.66 7.86 7.79
CA ARG C 55 -5.46 8.43 9.15
C ARG C 55 -5.32 9.95 9.04
N ASP C 56 -5.60 10.50 7.87
CA ASP C 56 -5.51 11.96 7.54
C ASP C 56 -4.28 12.60 8.19
N GLU C 57 -3.15 11.91 8.16
CA GLU C 57 -1.91 12.40 8.82
C GLU C 57 -1.45 13.69 8.12
N ARG C 58 -1.43 14.83 8.83
CA ARG C 58 -0.86 16.09 8.25
C ARG C 58 0.62 16.18 8.60
N SER C 59 1.40 15.15 8.28
CA SER C 59 2.85 15.12 8.58
C SER C 59 3.66 15.77 7.46
N GLU C 60 4.90 16.11 7.80
CA GLU C 60 5.97 16.49 6.84
C GLU C 60 6.36 15.28 6.02
N ARG C 61 6.37 14.09 6.64
CA ARG C 61 6.85 12.84 6.00
C ARG C 61 5.90 12.47 4.87
N ALA C 62 4.60 12.78 5.07
CA ALA C 62 3.47 12.55 4.14
C ALA C 62 3.57 13.54 2.99
N PHE C 63 3.91 14.79 3.27
CA PHE C 63 4.05 15.81 2.21
C PHE C 63 5.11 15.32 1.19
N LYS C 64 6.21 14.71 1.67
CA LYS C 64 7.26 14.14 0.78
C LYS C 64 6.71 12.91 0.07
N LEU C 65 5.94 12.07 0.74
CA LEU C 65 5.33 10.87 0.13
C LEU C 65 4.50 11.27 -1.10
N THR C 66 3.86 12.44 -1.10
CA THR C 66 2.97 12.80 -2.23
C THR C 66 3.79 13.05 -3.50
N ARG C 67 5.01 13.58 -3.37
CA ARG C 67 5.89 13.79 -4.56
C ARG C 67 6.19 12.43 -5.17
N ASP C 68 6.48 11.43 -4.34
CA ASP C 68 6.79 10.05 -4.79
C ASP C 68 5.53 9.49 -5.48
N ALA C 69 4.33 9.70 -4.93
CA ALA C 69 3.06 9.19 -5.51
C ALA C 69 2.72 9.96 -6.79
N ILE C 70 3.02 11.25 -6.84
CA ILE C 70 2.81 12.07 -8.08
C ILE C 70 3.82 11.57 -9.13
N GLU C 71 5.10 11.54 -8.79
CA GLU C 71 6.14 10.99 -9.69
C GLU C 71 5.61 9.68 -10.28
N LEU C 72 5.10 8.76 -9.47
CA LEU C 72 4.68 7.42 -9.96
C LEU C 72 3.40 7.51 -10.82
N ASN C 73 2.47 8.44 -10.53
CA ASN C 73 1.19 8.60 -11.25
C ASN C 73 0.55 9.97 -10.99
N ALA C 74 0.87 10.99 -11.82
CA ALA C 74 0.42 12.39 -11.63
C ALA C 74 -1.04 12.58 -12.05
N ALA C 75 -1.72 11.48 -12.36
CA ALA C 75 -3.13 11.50 -12.81
C ALA C 75 -4.04 11.29 -11.62
N ASN C 76 -3.49 10.81 -10.51
CA ASN C 76 -4.26 10.45 -9.29
C ASN C 76 -4.71 11.73 -8.57
N TYR C 77 -5.98 12.11 -8.74
CA TYR C 77 -6.53 13.43 -8.31
C TYR C 77 -6.50 13.54 -6.79
N THR C 78 -6.80 12.44 -6.13
CA THR C 78 -6.73 12.24 -4.66
C THR C 78 -5.35 12.68 -4.15
N VAL C 79 -4.28 12.13 -4.72
CA VAL C 79 -2.92 12.48 -4.25
C VAL C 79 -2.77 14.01 -4.31
N TRP C 80 -3.08 14.63 -5.44
CA TRP C 80 -3.06 16.11 -5.58
C TRP C 80 -3.87 16.75 -4.45
N HIS C 81 -5.13 16.39 -4.28
CA HIS C 81 -5.99 17.03 -3.23
C HIS C 81 -5.24 16.98 -1.91
N PHE C 82 -4.80 15.78 -1.53
CA PHE C 82 -4.14 15.52 -0.23
C PHE C 82 -2.84 16.32 -0.10
N ARG C 83 -2.17 16.57 -1.23
CA ARG C 83 -0.96 17.42 -1.22
C ARG C 83 -1.40 18.83 -0.83
N ARG C 84 -2.48 19.31 -1.45
CA ARG C 84 -2.98 20.69 -1.22
C ARG C 84 -3.45 20.81 0.25
N VAL C 85 -4.03 19.74 0.81
CA VAL C 85 -4.40 19.70 2.25
C VAL C 85 -3.14 20.01 3.06
N LEU C 86 -2.09 19.24 2.81
CA LEU C 86 -0.79 19.34 3.50
C LEU C 86 -0.19 20.69 3.14
N LEU C 87 -0.28 21.11 1.88
CA LEU C 87 0.30 22.42 1.52
C LEU C 87 -0.26 23.46 2.50
N ARG C 88 -1.56 23.38 2.84
CA ARG C 88 -2.21 24.37 3.75
C ARG C 88 -1.85 23.99 5.18
N SER C 89 -2.23 22.82 5.73
CA SER C 89 -1.86 22.43 7.12
C SER C 89 -0.41 22.86 7.41
N LEU C 90 0.57 22.34 6.67
CA LEU C 90 2.02 22.53 6.95
C LEU C 90 2.41 23.97 6.58
N GLN C 91 1.52 24.75 5.98
CA GLN C 91 1.79 26.18 5.66
C GLN C 91 3.07 26.30 4.82
N LYS C 92 3.24 25.43 3.83
CA LYS C 92 4.49 25.37 3.02
C LYS C 92 4.51 26.61 2.14
N ASP C 93 5.71 27.08 1.80
CA ASP C 93 5.93 28.18 0.83
C ASP C 93 5.24 27.76 -0.46
N LEU C 94 4.32 28.59 -0.98
CA LEU C 94 3.55 28.23 -2.20
C LEU C 94 4.38 28.57 -3.44
N GLN C 95 5.41 29.39 -3.28
CA GLN C 95 6.28 29.78 -4.42
C GLN C 95 7.16 28.56 -4.75
N GLU C 96 7.55 27.77 -3.74
CA GLU C 96 8.34 26.51 -3.91
C GLU C 96 7.46 25.60 -4.79
N GLU C 97 6.18 25.44 -4.40
CA GLU C 97 5.16 24.62 -5.12
C GLU C 97 4.92 25.17 -6.52
N MET C 98 4.77 26.49 -6.70
CA MET C 98 4.53 27.11 -8.04
C MET C 98 5.67 26.77 -9.01
N ASN C 99 6.78 26.17 -8.54
CA ASN C 99 7.96 25.83 -9.38
C ASN C 99 7.94 24.32 -9.62
N TYR C 100 7.86 23.53 -8.55
CA TYR C 100 7.50 22.09 -8.60
C TYR C 100 6.57 21.80 -9.78
N ILE C 101 5.40 22.45 -9.80
CA ILE C 101 4.29 22.22 -10.77
C ILE C 101 4.79 22.56 -12.19
N ILE C 102 5.56 23.64 -12.37
CA ILE C 102 6.00 24.13 -13.72
C ILE C 102 6.71 22.97 -14.46
N ALA C 103 7.53 22.22 -13.74
CA ALA C 103 8.24 21.02 -14.24
C ALA C 103 7.22 19.94 -14.66
N ILE C 104 6.33 19.54 -13.75
CA ILE C 104 5.37 18.41 -13.93
C ILE C 104 4.45 18.68 -15.12
N ILE C 105 4.00 19.93 -15.30
CA ILE C 105 3.07 20.35 -16.40
C ILE C 105 3.81 20.20 -17.72
N GLU C 106 5.05 20.70 -17.79
CA GLU C 106 5.92 20.52 -18.98
C GLU C 106 5.94 19.04 -19.37
N GLU C 107 6.40 18.13 -18.48
CA GLU C 107 6.39 16.65 -18.73
C GLU C 107 4.99 16.27 -19.23
N GLN C 108 3.90 16.72 -18.59
CA GLN C 108 2.54 16.16 -18.78
C GLN C 108 1.53 17.28 -19.05
N PRO C 109 1.60 17.99 -20.17
CA PRO C 109 0.85 19.23 -20.33
C PRO C 109 -0.57 18.97 -20.81
N LYS C 110 -1.04 17.74 -20.84
CA LYS C 110 -2.45 17.49 -21.20
C LYS C 110 -3.21 17.05 -19.95
N ASN C 111 -2.53 16.98 -18.81
CA ASN C 111 -3.04 16.34 -17.57
C ASN C 111 -3.91 17.33 -16.80
N TYR C 112 -5.22 17.09 -16.71
CA TYR C 112 -6.22 18.00 -16.08
C TYR C 112 -5.80 18.35 -14.65
N GLN C 113 -5.18 17.41 -13.91
CA GLN C 113 -4.95 17.48 -12.44
C GLN C 113 -3.90 18.56 -12.16
N VAL C 114 -2.86 18.61 -12.98
CA VAL C 114 -1.69 19.51 -12.77
C VAL C 114 -2.12 20.90 -13.19
N TRP C 115 -2.93 20.98 -14.24
CA TRP C 115 -3.44 22.30 -14.72
C TRP C 115 -4.34 22.92 -13.65
N HIS C 116 -5.14 22.10 -12.99
CA HIS C 116 -6.00 22.50 -11.85
C HIS C 116 -5.10 22.97 -10.72
N HIS C 117 -4.13 22.13 -10.37
CA HIS C 117 -3.32 22.32 -9.14
C HIS C 117 -2.61 23.66 -9.22
N ARG C 118 -2.31 24.14 -10.44
CA ARG C 118 -1.79 25.52 -10.66
C ARG C 118 -2.89 26.54 -10.36
N ARG C 119 -3.98 26.49 -11.10
CA ARG C 119 -5.11 27.43 -10.93
C ARG C 119 -5.45 27.59 -9.46
N VAL C 120 -5.35 26.52 -8.68
CA VAL C 120 -5.60 26.60 -7.21
C VAL C 120 -4.56 27.53 -6.60
N LEU C 121 -3.28 27.25 -6.86
CA LEU C 121 -2.12 27.94 -6.26
C LEU C 121 -2.18 29.42 -6.62
N VAL C 122 -2.78 29.75 -7.75
CA VAL C 122 -2.94 31.18 -8.14
C VAL C 122 -4.10 31.77 -7.34
N GLU C 123 -5.34 31.29 -7.44
CA GLU C 123 -6.44 31.73 -6.54
C GLU C 123 -5.97 31.84 -5.09
N TRP C 124 -4.95 31.07 -4.68
CA TRP C 124 -4.38 31.09 -3.30
C TRP C 124 -3.50 32.32 -3.17
N LEU C 125 -2.49 32.45 -4.04
CA LEU C 125 -1.46 33.52 -4.01
C LEU C 125 -2.06 34.83 -4.54
N LYS C 126 -3.28 34.83 -5.05
CA LYS C 126 -3.87 36.01 -5.75
C LYS C 126 -2.75 36.77 -6.50
N ASP C 127 -1.95 36.04 -7.28
CA ASP C 127 -0.73 36.54 -7.95
C ASP C 127 -0.62 35.88 -9.32
N PRO C 128 -0.84 36.59 -10.45
CA PRO C 128 -0.61 35.99 -11.77
C PRO C 128 0.65 36.53 -12.47
N SER C 129 1.64 37.01 -11.70
CA SER C 129 2.83 37.70 -12.28
C SER C 129 3.52 36.73 -13.24
N GLN C 130 3.58 35.45 -12.87
CA GLN C 130 4.36 34.43 -13.61
C GLN C 130 3.57 33.87 -14.81
N GLU C 131 2.23 33.98 -14.84
CA GLU C 131 1.33 33.08 -15.64
C GLU C 131 1.42 33.33 -17.14
N LEU C 132 1.06 34.53 -17.62
CA LEU C 132 0.90 34.77 -19.08
C LEU C 132 2.16 34.30 -19.82
N GLU C 133 3.33 34.41 -19.19
CA GLU C 133 4.63 33.96 -19.73
C GLU C 133 4.67 32.43 -19.81
N PHE C 134 4.55 31.74 -18.68
CA PHE C 134 4.68 30.27 -18.54
C PHE C 134 3.68 29.52 -19.40
N ILE C 135 2.49 30.10 -19.62
CA ILE C 135 1.46 29.62 -20.57
C ILE C 135 2.03 29.71 -21.99
N ALA C 136 2.56 30.87 -22.36
CA ALA C 136 3.09 31.14 -23.73
C ALA C 136 4.30 30.26 -24.03
N ASP C 137 4.94 29.66 -23.00
CA ASP C 137 6.12 28.76 -23.10
C ASP C 137 5.67 27.30 -23.23
N ILE C 138 4.45 27.02 -22.79
CA ILE C 138 3.78 25.70 -22.98
C ILE C 138 3.09 25.72 -24.34
N LEU C 139 2.40 26.82 -24.65
CA LEU C 139 1.81 27.09 -25.99
C LEU C 139 2.93 26.97 -27.04
N ASN C 140 4.15 27.38 -26.71
CA ASN C 140 5.29 27.31 -27.66
C ASN C 140 5.49 25.87 -28.15
N GLN C 141 5.26 24.88 -27.28
CA GLN C 141 5.47 23.43 -27.55
C GLN C 141 4.23 22.80 -28.17
N ASP C 142 3.05 23.41 -28.01
CA ASP C 142 1.78 22.97 -28.67
C ASP C 142 0.83 24.15 -28.68
N ALA C 143 0.79 24.96 -29.73
CA ALA C 143 0.05 26.24 -29.71
C ALA C 143 -1.45 25.99 -29.94
N LYS C 144 -1.93 24.77 -29.69
CA LYS C 144 -3.37 24.41 -29.69
C LYS C 144 -3.76 23.72 -28.37
N ASN C 145 -2.80 23.58 -27.44
CA ASN C 145 -3.00 22.90 -26.14
C ASN C 145 -4.17 23.54 -25.42
N TYR C 146 -5.32 22.89 -25.47
CA TYR C 146 -6.59 23.49 -24.99
C TYR C 146 -6.52 23.82 -23.50
N HIS C 147 -5.80 23.03 -22.70
CA HIS C 147 -5.65 23.24 -21.23
C HIS C 147 -5.03 24.59 -20.95
N ALA C 148 -4.03 24.93 -21.75
CA ALA C 148 -3.23 26.17 -21.62
C ALA C 148 -4.09 27.35 -22.10
N TRP C 149 -4.73 27.25 -23.25
CA TRP C 149 -5.67 28.33 -23.65
C TRP C 149 -6.73 28.56 -22.53
N GLN C 150 -7.16 27.50 -21.84
CA GLN C 150 -8.21 27.63 -20.79
C GLN C 150 -7.65 28.54 -19.71
N HIS C 151 -6.50 28.11 -19.18
CA HIS C 151 -5.78 28.74 -18.03
C HIS C 151 -5.50 30.19 -18.36
N ARG C 152 -5.14 30.46 -19.61
CA ARG C 152 -4.79 31.82 -20.10
C ARG C 152 -6.02 32.71 -19.98
N GLN C 153 -7.14 32.27 -20.54
CA GLN C 153 -8.44 32.98 -20.43
C GLN C 153 -8.82 33.11 -18.94
N TRP C 154 -8.57 32.07 -18.14
CA TRP C 154 -8.91 32.12 -16.70
C TRP C 154 -8.13 33.24 -16.02
N VAL C 155 -6.81 33.24 -16.16
CA VAL C 155 -5.92 34.27 -15.58
C VAL C 155 -6.33 35.64 -16.16
N ILE C 156 -6.32 35.82 -17.48
CA ILE C 156 -6.71 37.12 -18.09
C ILE C 156 -7.99 37.65 -17.43
N GLN C 157 -9.05 36.86 -17.39
CA GLN C 157 -10.37 37.27 -16.82
C GLN C 157 -10.24 37.73 -15.35
N GLU C 158 -9.62 36.88 -14.52
CA GLU C 158 -9.68 36.88 -13.02
C GLU C 158 -8.66 37.85 -12.44
N PHE C 159 -7.79 38.45 -13.26
CA PHE C 159 -6.82 39.47 -12.82
C PHE C 159 -6.84 40.64 -13.82
N ARG C 160 -7.94 40.76 -14.59
CA ARG C 160 -8.11 41.62 -15.79
C ARG C 160 -6.74 42.06 -16.37
N LEU C 161 -6.12 41.16 -17.13
CA LEU C 161 -4.79 41.31 -17.77
C LEU C 161 -4.98 41.42 -19.30
N TRP C 162 -6.02 42.11 -19.74
CA TRP C 162 -6.41 42.19 -21.17
C TRP C 162 -5.35 42.99 -21.94
N ASP C 163 -4.81 44.04 -21.32
CA ASP C 163 -3.75 44.92 -21.88
C ASP C 163 -3.01 44.25 -23.06
N ASN C 164 -2.19 43.24 -22.83
CA ASN C 164 -1.22 42.78 -23.87
C ASN C 164 -1.77 41.70 -24.78
N GLU C 165 -2.86 41.03 -24.42
CA GLU C 165 -3.31 39.81 -25.11
C GLU C 165 -3.56 40.10 -26.58
N LEU C 166 -4.14 41.25 -26.93
CA LEU C 166 -4.49 41.51 -28.36
C LEU C 166 -3.21 41.46 -29.20
N GLN C 167 -2.11 41.98 -28.66
CA GLN C 167 -0.77 41.86 -29.27
C GLN C 167 -0.39 40.39 -29.44
N TYR C 168 -0.55 39.56 -28.38
CA TYR C 168 -0.14 38.12 -28.31
C TYR C 168 -0.79 37.34 -29.45
N VAL C 169 -2.08 37.59 -29.65
CA VAL C 169 -2.87 37.09 -30.81
C VAL C 169 -2.13 37.51 -32.09
N ASP C 170 -2.00 38.81 -32.34
CA ASP C 170 -1.49 39.35 -33.62
C ASP C 170 -0.14 38.72 -33.98
N GLN C 171 0.58 38.21 -32.97
CA GLN C 171 1.95 37.64 -33.10
C GLN C 171 1.83 36.15 -33.45
N LEU C 172 0.85 35.46 -32.89
CA LEU C 172 0.67 33.99 -33.07
C LEU C 172 -0.14 33.71 -34.35
N LEU C 173 -0.73 34.75 -34.94
CA LEU C 173 -1.43 34.67 -36.24
C LEU C 173 -0.41 34.90 -37.35
N LYS C 174 0.54 35.81 -37.12
CA LYS C 174 1.76 35.95 -37.97
C LYS C 174 2.50 34.59 -37.93
N GLU C 175 2.35 33.78 -36.86
CA GLU C 175 3.13 32.52 -36.71
C GLU C 175 2.45 31.38 -37.49
N ASP C 176 1.12 31.33 -37.44
CA ASP C 176 0.21 30.30 -38.02
C ASP C 176 -1.20 30.92 -38.07
N VAL C 177 -1.60 31.47 -39.21
CA VAL C 177 -2.92 32.15 -39.40
C VAL C 177 -4.02 31.09 -39.30
N ARG C 178 -3.63 29.82 -39.32
CA ARG C 178 -4.55 28.66 -39.44
C ARG C 178 -4.96 28.15 -38.05
N ASN C 179 -4.35 28.65 -36.98
CA ASN C 179 -4.64 28.29 -35.56
C ASN C 179 -6.08 28.73 -35.17
N ASN C 180 -7.04 27.79 -35.01
CA ASN C 180 -8.44 28.13 -34.60
C ASN C 180 -8.36 28.60 -33.14
N SER C 181 -7.38 28.10 -32.38
CA SER C 181 -7.17 28.44 -30.94
C SER C 181 -6.92 29.95 -30.77
N VAL C 182 -6.18 30.56 -31.69
CA VAL C 182 -5.78 31.99 -31.61
C VAL C 182 -6.86 32.92 -32.21
N TRP C 183 -7.53 32.51 -33.28
CA TRP C 183 -8.69 33.28 -33.85
C TRP C 183 -9.80 33.37 -32.79
N ASN C 184 -9.89 32.37 -31.91
CA ASN C 184 -10.83 32.39 -30.76
C ASN C 184 -10.27 33.40 -29.76
N GLN C 185 -9.08 33.15 -29.22
CA GLN C 185 -8.46 34.07 -28.24
C GLN C 185 -8.71 35.52 -28.68
N ARG C 186 -8.63 35.82 -29.97
CA ARG C 186 -8.92 37.19 -30.46
C ARG C 186 -10.33 37.59 -30.00
N HIS C 187 -11.34 36.83 -30.40
CA HIS C 187 -12.76 37.19 -30.15
C HIS C 187 -13.03 37.12 -28.65
N PHE C 188 -12.26 36.36 -27.89
CA PHE C 188 -12.27 36.43 -26.41
C PHE C 188 -11.95 37.86 -25.96
N VAL C 189 -10.75 38.32 -26.28
CA VAL C 189 -10.19 39.63 -25.83
C VAL C 189 -11.11 40.77 -26.24
N ILE C 190 -11.43 40.84 -27.53
CA ILE C 190 -12.16 41.99 -28.13
C ILE C 190 -13.57 42.01 -27.56
N SER C 191 -14.13 40.82 -27.30
CA SER C 191 -15.56 40.69 -26.92
C SER C 191 -15.70 41.09 -25.46
N ASN C 192 -14.60 41.05 -24.70
CA ASN C 192 -14.52 41.34 -23.24
C ASN C 192 -13.80 42.67 -22.99
N THR C 193 -13.64 43.56 -23.98
CA THR C 193 -12.90 44.85 -23.86
C THR C 193 -13.59 45.91 -24.73
N THR C 194 -12.96 46.30 -25.85
CA THR C 194 -13.58 47.19 -26.88
C THR C 194 -15.09 46.92 -26.88
N GLY C 195 -15.51 45.67 -27.11
CA GLY C 195 -16.84 45.35 -27.65
C GLY C 195 -16.79 45.54 -29.14
N TYR C 196 -17.74 45.00 -29.91
CA TYR C 196 -17.67 45.08 -31.38
C TYR C 196 -18.57 46.21 -31.90
N SER C 197 -19.53 46.71 -31.12
CA SER C 197 -20.62 47.57 -31.65
C SER C 197 -20.04 48.93 -32.06
N ASP C 198 -18.88 49.31 -31.50
CA ASP C 198 -18.05 50.45 -31.98
C ASP C 198 -17.72 50.26 -33.46
N ARG C 199 -18.45 50.95 -34.35
CA ARG C 199 -18.40 50.76 -35.84
C ARG C 199 -16.95 50.77 -36.35
N ALA C 200 -16.05 51.38 -35.57
CA ALA C 200 -14.63 51.62 -35.88
C ALA C 200 -13.80 50.41 -35.50
N VAL C 201 -14.18 49.74 -34.42
CA VAL C 201 -13.54 48.46 -34.00
C VAL C 201 -13.94 47.39 -35.01
N LEU C 202 -15.24 47.28 -35.30
CA LEU C 202 -15.79 46.29 -36.26
C LEU C 202 -15.02 46.47 -37.58
N GLU C 203 -15.02 47.69 -38.14
CA GLU C 203 -14.21 48.06 -39.35
C GLU C 203 -12.80 47.45 -39.19
N ARG C 204 -12.09 47.74 -38.09
CA ARG C 204 -10.67 47.31 -37.90
C ARG C 204 -10.59 45.80 -38.10
N GLU C 205 -11.58 45.11 -37.54
CA GLU C 205 -11.57 43.63 -37.31
C GLU C 205 -11.93 42.91 -38.61
N VAL C 206 -13.04 43.33 -39.23
CA VAL C 206 -13.40 42.88 -40.60
C VAL C 206 -12.19 43.06 -41.51
N GLN C 207 -11.65 44.28 -41.58
CA GLN C 207 -10.48 44.61 -42.44
C GLN C 207 -9.36 43.63 -42.14
N TYR C 208 -8.91 43.55 -40.88
CA TYR C 208 -7.85 42.63 -40.42
C TYR C 208 -8.07 41.20 -40.94
N THR C 209 -9.32 40.74 -40.82
CA THR C 209 -9.75 39.36 -41.16
C THR C 209 -9.55 39.18 -42.68
N LEU C 210 -10.16 40.06 -43.49
CA LEU C 210 -10.04 40.04 -44.96
C LEU C 210 -8.55 39.98 -45.33
N GLU C 211 -7.72 40.93 -44.89
CA GLU C 211 -6.24 40.94 -45.11
C GLU C 211 -5.63 39.54 -44.97
N MET C 212 -6.14 38.78 -44.01
CA MET C 212 -5.58 37.50 -43.51
C MET C 212 -6.16 36.30 -44.30
N ILE C 213 -7.31 36.51 -44.93
CA ILE C 213 -7.89 35.61 -45.96
C ILE C 213 -7.07 35.83 -47.23
N LYS C 214 -7.02 37.08 -47.72
CA LYS C 214 -6.26 37.48 -48.93
C LYS C 214 -4.90 36.77 -48.82
N LEU C 215 -4.32 36.66 -47.62
CA LEU C 215 -2.99 35.99 -47.38
C LEU C 215 -3.10 34.47 -47.52
N VAL C 216 -4.09 33.85 -46.90
CA VAL C 216 -4.32 32.37 -46.93
C VAL C 216 -5.83 32.20 -46.94
N PRO C 217 -6.41 31.95 -48.12
CA PRO C 217 -7.87 32.08 -48.28
C PRO C 217 -8.63 30.78 -48.02
N HIS C 218 -7.93 29.65 -47.88
CA HIS C 218 -8.52 28.32 -47.54
C HIS C 218 -8.15 28.01 -46.08
N ASN C 219 -8.70 28.82 -45.17
CA ASN C 219 -8.42 28.80 -43.71
C ASN C 219 -9.77 29.05 -43.03
N GLU C 220 -10.47 27.98 -42.68
CA GLU C 220 -11.85 28.09 -42.15
C GLU C 220 -11.88 29.18 -41.07
N SER C 221 -10.84 29.23 -40.22
CA SER C 221 -10.84 29.87 -38.89
C SER C 221 -11.13 31.37 -39.00
N ALA C 222 -10.50 32.02 -39.99
CA ALA C 222 -10.62 33.46 -40.29
C ALA C 222 -12.01 33.73 -40.85
N TRP C 223 -12.45 32.87 -41.76
CA TRP C 223 -13.79 32.97 -42.38
C TRP C 223 -14.87 32.86 -41.29
N ASN C 224 -14.66 31.96 -40.33
CA ASN C 224 -15.57 31.75 -39.17
C ASN C 224 -15.72 33.07 -38.41
N TYR C 225 -14.57 33.68 -38.11
CA TYR C 225 -14.43 34.93 -37.32
C TYR C 225 -15.22 36.03 -38.03
N LEU C 226 -14.97 36.19 -39.33
CA LEU C 226 -15.70 37.19 -40.14
C LEU C 226 -17.21 36.92 -39.97
N LYS C 227 -17.69 35.70 -40.27
CA LYS C 227 -19.14 35.35 -40.11
C LYS C 227 -19.53 35.64 -38.66
N GLY C 228 -18.71 35.21 -37.68
CA GLY C 228 -18.97 35.43 -36.25
C GLY C 228 -19.37 36.88 -35.97
N ILE C 229 -18.48 37.83 -36.30
CA ILE C 229 -18.55 39.23 -35.80
C ILE C 229 -19.58 40.04 -36.61
N LEU C 230 -20.20 39.44 -37.62
CA LEU C 230 -21.18 40.15 -38.47
C LEU C 230 -22.54 39.47 -38.43
N GLN C 231 -22.58 38.17 -38.11
CA GLN C 231 -23.76 37.34 -38.49
C GLN C 231 -24.95 37.85 -37.69
N ASP C 232 -24.70 38.34 -36.48
CA ASP C 232 -25.78 38.71 -35.53
C ASP C 232 -26.30 40.11 -35.89
N ARG C 233 -25.43 40.99 -36.42
CA ARG C 233 -25.78 42.38 -36.76
C ARG C 233 -26.60 42.40 -38.06
N GLY C 234 -26.51 41.36 -38.88
CA GLY C 234 -27.29 41.26 -40.13
C GLY C 234 -26.39 41.41 -41.35
N LEU C 235 -25.77 40.32 -41.80
CA LEU C 235 -24.95 40.26 -43.05
C LEU C 235 -25.60 41.13 -44.15
N SER C 236 -26.92 41.06 -44.33
CA SER C 236 -27.67 41.81 -45.35
C SER C 236 -27.41 43.32 -45.30
N ARG C 237 -26.99 43.89 -44.17
CA ARG C 237 -27.06 45.37 -43.93
C ARG C 237 -25.73 46.05 -44.26
N TYR C 238 -24.82 45.37 -44.96
CA TYR C 238 -23.40 45.78 -45.20
C TYR C 238 -23.05 45.77 -46.68
N PRO C 239 -23.74 46.58 -47.53
CA PRO C 239 -23.66 46.46 -48.98
C PRO C 239 -22.28 46.27 -49.63
N ASN C 240 -21.26 46.97 -49.14
CA ASN C 240 -19.88 46.88 -49.70
C ASN C 240 -19.36 45.43 -49.65
N LEU C 241 -19.59 44.74 -48.55
CA LEU C 241 -18.98 43.41 -48.27
C LEU C 241 -19.33 42.48 -49.43
N LEU C 242 -20.63 42.31 -49.70
CA LEU C 242 -21.07 41.39 -50.79
C LEU C 242 -20.13 41.62 -51.98
N ASN C 243 -20.07 42.87 -52.46
CA ASN C 243 -19.32 43.30 -53.67
C ASN C 243 -17.82 43.01 -53.48
N GLN C 244 -17.27 43.30 -52.30
CA GLN C 244 -15.82 43.12 -52.02
C GLN C 244 -15.46 41.63 -52.08
N LEU C 245 -16.37 40.79 -51.59
CA LEU C 245 -16.19 39.31 -51.51
C LEU C 245 -16.29 38.74 -52.93
N LEU C 246 -17.27 39.21 -53.69
CA LEU C 246 -17.56 38.74 -55.07
C LEU C 246 -16.31 38.95 -55.95
N ASP C 247 -15.49 39.99 -55.68
CA ASP C 247 -14.27 40.37 -56.45
C ASP C 247 -13.00 39.74 -55.89
N LEU C 248 -13.12 38.98 -54.80
CA LEU C 248 -12.12 37.95 -54.43
C LEU C 248 -12.37 36.69 -55.28
N GLN C 249 -13.65 36.33 -55.53
CA GLN C 249 -14.11 35.03 -56.13
C GLN C 249 -13.30 34.71 -57.39
N PRO C 250 -12.85 35.70 -58.21
CA PRO C 250 -11.71 35.52 -59.10
C PRO C 250 -10.67 34.47 -58.67
N SER C 251 -9.59 34.81 -57.96
CA SER C 251 -8.51 33.83 -57.63
C SER C 251 -8.26 33.69 -56.12
N HIS C 252 -9.21 34.13 -55.27
CA HIS C 252 -9.20 33.90 -53.80
C HIS C 252 -10.41 33.06 -53.38
N SER C 253 -11.08 32.42 -54.35
CA SER C 253 -12.24 31.50 -54.17
C SER C 253 -11.81 30.29 -53.34
N SER C 254 -12.76 29.70 -52.65
CA SER C 254 -12.59 28.65 -51.63
C SER C 254 -13.98 28.35 -51.13
N PRO C 255 -14.27 27.12 -50.71
CA PRO C 255 -15.62 26.77 -50.28
C PRO C 255 -16.18 27.75 -49.21
N TYR C 256 -15.30 28.32 -48.38
CA TYR C 256 -15.67 29.15 -47.21
C TYR C 256 -16.23 30.48 -47.70
N LEU C 257 -15.75 30.96 -48.84
CA LEU C 257 -16.28 32.17 -49.51
C LEU C 257 -17.70 31.88 -50.00
N ILE C 258 -17.83 30.89 -50.88
CA ILE C 258 -19.10 30.54 -51.58
C ILE C 258 -20.18 30.42 -50.51
N ALA C 259 -19.88 29.61 -49.49
CA ALA C 259 -20.74 29.41 -48.30
C ALA C 259 -21.14 30.80 -47.80
N PHE C 260 -20.14 31.61 -47.40
CA PHE C 260 -20.30 32.97 -46.80
C PHE C 260 -21.34 33.76 -47.59
N LEU C 261 -21.28 33.68 -48.91
CA LEU C 261 -22.22 34.38 -49.82
C LEU C 261 -23.63 33.80 -49.59
N VAL C 262 -23.75 32.46 -49.64
CA VAL C 262 -25.06 31.78 -49.50
C VAL C 262 -25.74 32.38 -48.27
N ASP C 263 -24.97 32.63 -47.22
CA ASP C 263 -25.39 33.17 -45.89
C ASP C 263 -25.85 34.63 -46.06
N ILE C 264 -25.11 35.40 -46.87
CA ILE C 264 -25.46 36.82 -47.22
C ILE C 264 -26.80 36.82 -47.96
N TYR C 265 -26.99 35.87 -48.86
CA TYR C 265 -28.25 35.73 -49.62
C TYR C 265 -29.34 35.22 -48.64
N GLU C 266 -29.01 34.24 -47.78
CA GLU C 266 -30.02 33.67 -46.83
C GLU C 266 -30.46 34.83 -45.94
N ASP C 267 -29.54 35.76 -45.61
CA ASP C 267 -29.84 36.91 -44.71
C ASP C 267 -30.67 37.91 -45.51
N MET C 268 -30.24 38.28 -46.72
CA MET C 268 -31.03 39.18 -47.60
C MET C 268 -32.46 38.66 -47.62
N LEU C 269 -32.65 37.43 -48.07
CA LEU C 269 -34.01 36.84 -48.23
C LEU C 269 -34.81 37.05 -46.93
N GLU C 270 -34.26 36.68 -45.76
CA GLU C 270 -34.98 36.72 -44.45
C GLU C 270 -35.49 38.17 -44.24
N ASN C 271 -34.84 39.19 -44.84
CA ASN C 271 -35.10 40.64 -44.58
C ASN C 271 -35.81 41.32 -45.76
N GLN C 272 -36.96 40.78 -46.20
CA GLN C 272 -37.84 41.40 -47.22
C GLN C 272 -36.98 42.18 -48.24
N CYS C 273 -35.89 41.58 -48.76
CA CYS C 273 -34.83 42.21 -49.62
C CYS C 273 -35.35 42.52 -51.03
N ASP C 274 -34.46 43.02 -51.90
CA ASP C 274 -34.74 43.52 -53.27
C ASP C 274 -34.60 42.40 -54.30
N ASN C 275 -35.74 41.94 -54.86
CA ASN C 275 -35.81 40.87 -55.89
C ASN C 275 -35.59 39.51 -55.23
N LYS C 276 -36.61 39.03 -54.53
CA LYS C 276 -36.68 37.66 -53.96
C LYS C 276 -36.28 36.68 -55.07
N GLU C 277 -37.22 36.26 -55.92
CA GLU C 277 -37.08 35.14 -56.90
C GLU C 277 -35.71 35.23 -57.59
N ASP C 278 -35.11 36.42 -57.69
CA ASP C 278 -33.80 36.62 -58.37
C ASP C 278 -32.65 36.14 -57.46
N ILE C 279 -32.55 36.71 -56.25
CA ILE C 279 -31.47 36.42 -55.24
C ILE C 279 -31.37 34.91 -55.00
N LEU C 280 -32.52 34.32 -54.65
CA LEU C 280 -32.70 32.88 -54.34
C LEU C 280 -31.85 32.03 -55.29
N ASN C 281 -31.73 32.44 -56.55
CA ASN C 281 -31.00 31.67 -57.60
C ASN C 281 -29.49 31.80 -57.43
N LYS C 282 -28.94 33.00 -57.18
CA LYS C 282 -27.48 33.14 -56.92
C LYS C 282 -27.14 32.15 -55.80
N ALA C 283 -27.96 32.16 -54.75
CA ALA C 283 -27.89 31.29 -53.56
C ALA C 283 -27.91 29.82 -53.99
N LEU C 284 -28.96 29.42 -54.70
CA LEU C 284 -29.17 28.03 -55.16
C LEU C 284 -28.06 27.61 -56.15
N GLU C 285 -27.73 28.47 -57.13
CA GLU C 285 -26.61 28.23 -58.11
C GLU C 285 -25.37 27.92 -57.28
N LEU C 286 -25.13 28.72 -56.22
CA LEU C 286 -23.95 28.58 -55.33
C LEU C 286 -24.03 27.25 -54.55
N CYS C 287 -25.08 27.05 -53.74
CA CYS C 287 -25.36 25.75 -53.07
C CYS C 287 -24.88 24.59 -53.96
N GLU C 288 -25.39 24.59 -55.19
CA GLU C 288 -25.14 23.52 -56.18
C GLU C 288 -23.65 23.50 -56.58
N ILE C 289 -23.00 24.66 -56.78
CA ILE C 289 -21.55 24.71 -57.13
C ILE C 289 -20.76 24.07 -55.99
N LEU C 290 -21.13 24.41 -54.75
CA LEU C 290 -20.57 23.84 -53.49
C LEU C 290 -20.71 22.32 -53.53
N ALA C 291 -21.90 21.82 -53.89
CA ALA C 291 -22.19 20.37 -54.00
C ALA C 291 -21.42 19.79 -55.21
N LYS C 292 -21.82 20.18 -56.44
CA LYS C 292 -21.30 19.62 -57.74
C LYS C 292 -19.76 19.76 -57.81
N GLU C 293 -19.16 20.94 -57.58
CA GLU C 293 -17.73 21.25 -57.90
C GLU C 293 -16.89 21.48 -56.62
N LYS C 294 -17.18 22.47 -55.77
CA LYS C 294 -16.20 23.11 -54.83
C LYS C 294 -16.00 22.36 -53.49
N ASP C 295 -17.07 22.02 -52.76
CA ASP C 295 -17.03 21.36 -51.42
C ASP C 295 -17.75 20.01 -51.47
N THR C 296 -17.15 19.01 -52.14
CA THR C 296 -17.89 17.86 -52.73
C THR C 296 -18.43 16.95 -51.62
N ILE C 297 -17.65 16.78 -50.55
CA ILE C 297 -17.96 15.88 -49.42
C ILE C 297 -19.19 16.38 -48.63
N ARG C 298 -19.79 17.51 -48.98
CA ARG C 298 -21.09 17.95 -48.40
C ARG C 298 -22.15 17.98 -49.50
N LYS C 299 -21.88 17.34 -50.64
CA LYS C 299 -22.83 17.16 -51.79
C LYS C 299 -24.22 17.04 -51.16
N GLU C 300 -24.46 16.01 -50.33
CA GLU C 300 -25.81 15.60 -49.85
C GLU C 300 -26.32 16.75 -48.95
N TYR C 301 -25.42 17.39 -48.19
CA TYR C 301 -25.75 18.50 -47.23
C TYR C 301 -26.17 19.73 -48.02
N TRP C 302 -25.25 20.24 -48.84
CA TRP C 302 -25.43 21.54 -49.52
C TRP C 302 -26.72 21.52 -50.34
N ARG C 303 -27.07 20.37 -50.94
CA ARG C 303 -28.35 20.19 -51.66
C ARG C 303 -29.51 20.30 -50.66
N TYR C 304 -29.38 19.66 -49.50
CA TYR C 304 -30.35 19.80 -48.38
C TYR C 304 -30.57 21.30 -48.12
N ILE C 305 -29.49 22.10 -48.09
CA ILE C 305 -29.56 23.57 -47.81
C ILE C 305 -30.36 24.22 -48.96
N GLY C 306 -29.94 24.00 -50.21
CA GLY C 306 -30.70 24.42 -51.40
C GLY C 306 -32.17 24.05 -51.30
N ARG C 307 -32.48 22.76 -51.37
CA ARG C 307 -33.87 22.23 -51.31
C ARG C 307 -34.63 22.93 -50.16
N SER C 308 -33.94 23.25 -49.06
CA SER C 308 -34.49 23.93 -47.85
C SER C 308 -34.78 25.40 -48.13
N LEU C 309 -33.84 26.07 -48.82
CA LEU C 309 -33.97 27.48 -49.27
C LEU C 309 -35.20 27.63 -50.18
N GLN C 310 -35.46 26.66 -51.08
CA GLN C 310 -36.62 26.71 -52.01
C GLN C 310 -37.93 26.75 -51.23
N SER C 311 -38.09 25.92 -50.21
CA SER C 311 -39.39 25.79 -49.51
C SER C 311 -39.55 26.90 -48.47
N LYS C 312 -38.47 27.63 -48.12
CA LYS C 312 -38.56 28.80 -47.17
C LYS C 312 -38.75 30.10 -47.96
N HIS C 313 -38.73 30.07 -49.30
CA HIS C 313 -38.87 31.28 -50.18
C HIS C 313 -39.68 30.93 -51.44
N SER C 314 -40.93 30.52 -51.23
CA SER C 314 -42.02 30.24 -52.21
C SER C 314 -43.20 29.61 -51.46
N LEU D 1 -11.17 -1.68 -46.39
CA LEU D 1 -11.25 -3.17 -46.35
C LEU D 1 -12.48 -3.59 -45.49
N ASP D 2 -12.27 -4.50 -44.52
CA ASP D 2 -13.31 -5.15 -43.68
C ASP D 2 -13.06 -4.78 -42.21
N PHE D 3 -13.95 -5.23 -41.33
CA PHE D 3 -14.04 -4.80 -39.92
C PHE D 3 -13.86 -6.03 -39.05
N LEU D 4 -12.75 -6.19 -38.31
CA LEU D 4 -12.26 -7.49 -37.77
C LEU D 4 -12.97 -7.85 -36.45
N ARG D 5 -14.29 -7.90 -36.49
CA ARG D 5 -15.22 -8.00 -35.33
C ARG D 5 -14.67 -8.92 -34.26
N ASP D 6 -14.12 -10.07 -34.64
CA ASP D 6 -13.64 -11.07 -33.68
C ASP D 6 -12.43 -10.49 -32.94
N ARG D 7 -11.49 -9.94 -33.69
CA ARG D 7 -10.24 -9.37 -33.15
C ARG D 7 -10.56 -8.35 -32.07
N HIS D 8 -11.53 -7.49 -32.40
CA HIS D 8 -12.06 -6.41 -31.54
C HIS D 8 -12.76 -6.99 -30.32
N VAL D 9 -13.31 -8.19 -30.40
CA VAL D 9 -13.95 -8.81 -29.20
C VAL D 9 -12.84 -9.29 -28.27
N ARG D 10 -11.89 -10.06 -28.79
CA ARG D 10 -10.71 -10.45 -27.99
C ARG D 10 -10.10 -9.18 -27.42
N PHE D 11 -9.99 -8.13 -28.24
CA PHE D 11 -9.37 -6.85 -27.79
C PHE D 11 -10.07 -6.36 -26.51
N PHE D 12 -11.39 -6.19 -26.54
CA PHE D 12 -12.17 -5.67 -25.39
C PHE D 12 -12.04 -6.65 -24.23
N GLN D 13 -11.90 -7.96 -24.52
CA GLN D 13 -11.69 -8.98 -23.45
C GLN D 13 -10.41 -8.64 -22.70
N ARG D 14 -9.32 -8.38 -23.43
CA ARG D 14 -7.98 -8.13 -22.82
C ARG D 14 -7.99 -6.82 -22.01
N CYS D 15 -8.79 -5.83 -22.42
CA CYS D 15 -8.96 -4.58 -21.64
C CYS D 15 -9.51 -4.90 -20.26
N LEU D 16 -10.42 -5.87 -20.17
CA LEU D 16 -11.15 -6.17 -18.91
C LEU D 16 -10.25 -6.97 -17.98
N GLN D 17 -9.18 -7.56 -18.52
CA GLN D 17 -8.27 -8.48 -17.77
C GLN D 17 -7.21 -7.66 -17.05
N VAL D 18 -5.94 -7.81 -17.46
CA VAL D 18 -4.79 -7.44 -16.58
C VAL D 18 -3.81 -6.64 -17.42
N LEU D 19 -3.30 -5.51 -16.93
CA LEU D 19 -2.57 -4.54 -17.78
C LEU D 19 -1.18 -4.31 -17.21
N PRO D 20 -0.19 -4.00 -18.09
CA PRO D 20 1.18 -3.72 -17.66
C PRO D 20 1.28 -2.42 -16.87
N GLU D 21 2.20 -2.37 -15.90
CA GLU D 21 2.39 -1.20 -15.01
C GLU D 21 2.53 0.08 -15.85
N ARG D 22 2.65 -0.02 -17.19
CA ARG D 22 2.66 1.14 -18.13
C ARG D 22 1.37 1.94 -17.98
N TYR D 23 0.25 1.30 -17.64
CA TYR D 23 -1.11 1.92 -17.59
C TYR D 23 -1.44 2.39 -16.16
N SER D 24 -0.45 2.40 -15.28
CA SER D 24 -0.50 3.00 -13.91
C SER D 24 -1.48 4.17 -13.87
N SER D 25 -1.45 5.03 -14.90
CA SER D 25 -2.20 6.32 -14.98
C SER D 25 -3.73 6.12 -15.07
N LEU D 26 -4.18 4.94 -15.47
CA LEU D 26 -5.63 4.64 -15.59
C LEU D 26 -6.22 4.14 -14.27
N GLU D 27 -5.42 4.00 -13.22
CA GLU D 27 -5.84 3.36 -11.95
C GLU D 27 -7.09 4.10 -11.41
N THR D 28 -7.06 5.44 -11.37
CA THR D 28 -8.09 6.30 -10.73
C THR D 28 -9.33 6.42 -11.62
N SER D 29 -9.34 5.76 -12.77
CA SER D 29 -10.46 5.79 -13.76
C SER D 29 -10.54 4.46 -14.52
N ARG D 30 -10.27 3.35 -13.84
CA ARG D 30 -10.44 1.98 -14.40
C ARG D 30 -11.90 1.83 -14.89
N LEU D 31 -12.88 2.27 -14.11
CA LEU D 31 -14.31 2.03 -14.42
C LEU D 31 -14.63 2.58 -15.81
N THR D 32 -13.96 3.63 -16.29
CA THR D 32 -14.20 4.16 -17.66
C THR D 32 -13.70 3.12 -18.67
N ILE D 33 -12.56 2.47 -18.43
CA ILE D 33 -12.04 1.38 -19.31
C ILE D 33 -13.09 0.23 -19.32
N ALA D 34 -13.45 -0.24 -18.13
CA ALA D 34 -14.51 -1.27 -17.96
C ALA D 34 -15.68 -0.95 -18.89
N PHE D 35 -16.12 0.30 -18.92
CA PHE D 35 -17.27 0.76 -19.75
C PHE D 35 -16.94 0.62 -21.24
N PHE D 36 -15.83 1.23 -21.68
CA PHE D 36 -15.43 1.23 -23.10
C PHE D 36 -15.42 -0.21 -23.59
N ALA D 37 -14.90 -1.08 -22.73
CA ALA D 37 -14.67 -2.51 -23.03
C ALA D 37 -16.01 -3.23 -23.10
N LEU D 38 -16.80 -3.13 -22.02
CA LEU D 38 -18.12 -3.79 -21.89
C LEU D 38 -19.08 -3.23 -22.93
N SER D 39 -19.33 -1.91 -22.97
CA SER D 39 -20.25 -1.37 -24.00
C SER D 39 -19.71 -1.77 -25.37
N GLY D 40 -18.40 -1.64 -25.58
CA GLY D 40 -17.74 -2.13 -26.80
C GLY D 40 -18.20 -3.53 -27.22
N LEU D 41 -18.28 -4.45 -26.26
CA LEU D 41 -18.73 -5.85 -26.49
C LEU D 41 -20.23 -5.85 -26.75
N ASP D 42 -21.03 -5.38 -25.79
CA ASP D 42 -22.48 -5.06 -25.96
C ASP D 42 -22.76 -4.58 -27.38
N MET D 43 -21.89 -3.75 -27.94
CA MET D 43 -22.10 -3.17 -29.28
C MET D 43 -21.77 -4.21 -30.36
N LEU D 44 -20.89 -5.17 -30.08
CA LEU D 44 -20.59 -6.28 -31.02
C LEU D 44 -21.39 -7.53 -30.63
N ASP D 45 -22.34 -7.40 -29.70
CA ASP D 45 -23.28 -8.48 -29.30
C ASP D 45 -22.47 -9.68 -28.78
N SER D 46 -21.43 -9.41 -27.99
CA SER D 46 -20.48 -10.43 -27.48
C SER D 46 -20.36 -10.33 -25.95
N LEU D 47 -21.41 -9.87 -25.27
CA LEU D 47 -21.33 -9.68 -23.80
C LEU D 47 -21.26 -11.04 -23.07
N ASP D 48 -21.70 -12.11 -23.73
CA ASP D 48 -21.57 -13.52 -23.24
C ASP D 48 -20.13 -13.86 -22.83
N VAL D 49 -19.12 -13.30 -23.51
CA VAL D 49 -17.68 -13.70 -23.33
C VAL D 49 -17.17 -13.24 -21.96
N VAL D 50 -17.93 -12.44 -21.21
CA VAL D 50 -17.55 -12.04 -19.83
C VAL D 50 -18.46 -12.72 -18.83
N ASN D 51 -18.06 -12.65 -17.57
CA ASN D 51 -18.89 -13.10 -16.43
C ASN D 51 -19.67 -11.89 -15.91
N LYS D 52 -20.85 -11.62 -16.47
CA LYS D 52 -21.65 -10.42 -16.08
C LYS D 52 -21.72 -10.32 -14.55
N ASP D 53 -22.08 -11.42 -13.88
CA ASP D 53 -22.42 -11.47 -12.43
C ASP D 53 -21.21 -11.09 -11.59
N ASP D 54 -20.03 -11.60 -11.94
CA ASP D 54 -18.74 -11.23 -11.28
C ASP D 54 -18.54 -9.72 -11.38
N ILE D 55 -18.49 -9.21 -12.62
CA ILE D 55 -18.21 -7.79 -12.93
C ILE D 55 -19.17 -6.92 -12.12
N ILE D 56 -20.47 -7.20 -12.19
CA ILE D 56 -21.51 -6.44 -11.44
C ILE D 56 -21.14 -6.32 -9.95
N GLU D 57 -20.56 -7.37 -9.35
CA GLU D 57 -20.07 -7.34 -7.95
C GLU D 57 -18.89 -6.37 -7.84
N TRP D 58 -17.95 -6.41 -8.78
CA TRP D 58 -16.79 -5.48 -8.77
C TRP D 58 -17.33 -4.07 -8.81
N ILE D 59 -18.21 -3.81 -9.77
CA ILE D 59 -18.82 -2.48 -10.00
C ILE D 59 -19.47 -2.02 -8.69
N TYR D 60 -20.24 -2.89 -8.05
CA TYR D 60 -21.00 -2.46 -6.85
C TYR D 60 -20.05 -2.27 -5.68
N SER D 61 -18.87 -2.92 -5.70
CA SER D 61 -17.83 -2.75 -4.66
C SER D 61 -17.36 -1.30 -4.70
N LEU D 62 -17.51 -0.67 -5.88
CA LEU D 62 -16.96 0.67 -6.22
C LEU D 62 -17.93 1.79 -5.84
N GLN D 63 -19.17 1.45 -5.47
CA GLN D 63 -20.16 2.44 -4.96
C GLN D 63 -19.77 2.94 -3.56
N VAL D 64 -19.71 4.27 -3.42
CA VAL D 64 -19.69 5.01 -2.14
C VAL D 64 -21.11 5.06 -1.60
N LEU D 65 -21.30 4.46 -0.43
CA LEU D 65 -22.62 4.37 0.24
C LEU D 65 -22.67 5.32 1.42
N PRO D 66 -23.87 5.78 1.80
CA PRO D 66 -23.99 6.62 2.97
C PRO D 66 -23.56 5.80 4.19
N THR D 67 -22.85 6.45 5.12
CA THR D 67 -22.43 5.88 6.42
C THR D 67 -23.65 5.78 7.34
N GLU D 68 -23.60 4.92 8.37
CA GLU D 68 -24.69 4.72 9.36
C GLU D 68 -25.44 6.06 9.49
N ASP D 69 -24.72 7.12 9.88
CA ASP D 69 -25.24 8.47 10.24
C ASP D 69 -25.72 9.30 9.03
N ARG D 70 -25.21 9.04 7.83
CA ARG D 70 -25.66 9.68 6.56
C ARG D 70 -25.29 11.17 6.56
N SER D 71 -24.07 11.49 7.02
CA SER D 71 -23.38 12.79 6.77
C SER D 71 -22.95 12.88 5.32
N ASN D 72 -22.24 11.83 4.89
CA ASN D 72 -21.42 11.78 3.65
C ASN D 72 -22.33 11.64 2.42
N LEU D 73 -23.50 12.28 2.43
CA LEU D 73 -24.39 12.23 1.26
C LEU D 73 -23.75 13.03 0.12
N ASP D 74 -22.99 14.07 0.47
CA ASP D 74 -22.42 15.01 -0.51
C ASP D 74 -21.32 14.31 -1.29
N ARG D 75 -20.90 13.13 -0.82
CA ARG D 75 -19.71 12.42 -1.35
C ARG D 75 -20.11 11.09 -1.97
N CYS D 76 -21.37 10.66 -1.87
CA CYS D 76 -21.78 9.37 -2.47
C CYS D 76 -21.75 9.43 -3.99
N GLY D 77 -21.55 8.28 -4.61
CA GLY D 77 -21.51 8.08 -6.07
C GLY D 77 -20.81 6.78 -6.34
N PHE D 78 -19.99 6.69 -7.38
CA PHE D 78 -19.07 5.55 -7.55
C PHE D 78 -17.60 6.02 -7.61
N ARG D 79 -16.70 5.22 -7.04
CA ARG D 79 -15.23 5.34 -7.21
C ARG D 79 -14.79 4.81 -8.58
N GLY D 80 -13.62 5.26 -9.07
CA GLY D 80 -12.96 4.76 -10.29
C GLY D 80 -12.34 3.39 -10.09
N SER D 81 -11.91 3.09 -8.86
CA SER D 81 -11.32 1.80 -8.45
C SER D 81 -11.24 1.71 -6.93
N SER D 82 -10.59 0.65 -6.43
CA SER D 82 -10.36 0.39 -5.00
C SER D 82 -9.03 1.02 -4.53
N TYR D 83 -8.51 2.00 -5.28
CA TYR D 83 -7.18 2.62 -5.07
C TYR D 83 -7.05 3.29 -3.69
N LEU D 84 -8.14 3.52 -2.98
CA LEU D 84 -8.10 4.21 -1.65
C LEU D 84 -7.79 3.21 -0.54
N GLY D 85 -7.81 1.91 -0.86
CA GLY D 85 -7.60 0.79 0.07
C GLY D 85 -8.78 0.56 1.00
N ILE D 86 -10.01 0.77 0.53
CA ILE D 86 -11.21 0.47 1.34
C ILE D 86 -11.60 -0.97 1.05
N PRO D 87 -11.81 -1.79 2.09
CA PRO D 87 -11.98 -3.23 1.88
C PRO D 87 -13.22 -3.52 1.01
N PHE D 88 -13.15 -4.58 0.18
CA PHE D 88 -14.21 -5.05 -0.78
C PHE D 88 -15.57 -5.11 -0.07
N ASN D 89 -16.67 -4.68 -0.71
CA ASN D 89 -17.99 -4.57 -0.03
C ASN D 89 -19.08 -4.31 -1.06
N PRO D 90 -19.38 -5.27 -1.96
CA PRO D 90 -20.31 -5.04 -3.06
C PRO D 90 -21.66 -4.54 -2.50
N SER D 91 -21.76 -3.22 -2.31
CA SER D 91 -22.91 -2.52 -1.71
C SER D 91 -23.68 -3.47 -0.78
N LYS D 92 -22.97 -4.10 0.17
CA LYS D 92 -23.53 -5.02 1.20
C LYS D 92 -23.82 -4.20 2.47
N ASN D 93 -23.02 -4.35 3.54
CA ASN D 93 -23.06 -3.52 4.78
C ASN D 93 -23.16 -2.05 4.41
N PRO D 94 -23.50 -1.13 5.36
CA PRO D 94 -23.47 0.31 5.10
C PRO D 94 -22.06 0.76 4.71
N GLY D 95 -21.85 2.06 4.57
CA GLY D 95 -20.56 2.63 4.17
C GLY D 95 -19.57 2.62 5.32
N THR D 96 -18.26 2.62 5.02
CA THR D 96 -17.16 2.84 5.99
C THR D 96 -16.60 4.25 5.75
N ALA D 97 -16.73 5.13 6.74
CA ALA D 97 -16.19 6.50 6.73
C ALA D 97 -14.68 6.41 6.54
N HIS D 98 -14.13 7.42 5.89
CA HIS D 98 -12.73 7.56 5.40
C HIS D 98 -12.63 8.99 4.92
N PRO D 99 -11.66 9.78 5.36
CA PRO D 99 -11.78 11.22 5.18
C PRO D 99 -11.83 11.65 3.71
N TYR D 100 -11.35 10.81 2.80
CA TYR D 100 -11.08 11.25 1.41
C TYR D 100 -11.81 10.40 0.38
N ASP D 101 -12.45 9.31 0.78
CA ASP D 101 -13.28 8.48 -0.15
C ASP D 101 -14.55 9.24 -0.54
N SER D 102 -14.78 9.38 -1.84
CA SER D 102 -15.98 10.02 -2.42
C SER D 102 -16.05 9.68 -3.90
N GLY D 103 -17.26 9.60 -4.43
CA GLY D 103 -17.47 9.31 -5.85
C GLY D 103 -17.00 10.45 -6.74
N HIS D 104 -16.90 10.13 -8.03
CA HIS D 104 -16.42 10.98 -9.14
C HIS D 104 -17.45 10.87 -10.27
N ILE D 105 -17.98 12.01 -10.73
CA ILE D 105 -19.14 12.11 -11.65
C ILE D 105 -18.95 11.21 -12.88
N ALA D 106 -17.77 11.14 -13.46
CA ALA D 106 -17.51 10.26 -14.64
C ALA D 106 -17.65 8.79 -14.25
N MET D 107 -17.41 8.45 -12.98
CA MET D 107 -17.44 7.05 -12.51
C MET D 107 -18.86 6.65 -12.14
N THR D 108 -19.58 7.53 -11.45
CA THR D 108 -21.05 7.40 -11.29
C THR D 108 -21.70 7.12 -12.67
N TYR D 109 -21.36 7.93 -13.69
CA TYR D 109 -21.90 7.83 -15.08
C TYR D 109 -21.56 6.44 -15.65
N THR D 110 -20.28 6.14 -15.80
CA THR D 110 -19.80 4.86 -16.41
C THR D 110 -20.17 3.67 -15.52
N GLY D 111 -20.33 3.90 -14.21
CA GLY D 111 -20.76 2.85 -13.27
C GLY D 111 -22.14 2.36 -13.64
N LEU D 112 -23.15 3.19 -13.39
CA LEU D 112 -24.55 2.93 -13.82
C LEU D 112 -24.53 2.46 -15.29
N SER D 113 -23.98 3.24 -16.21
CA SER D 113 -23.96 2.90 -17.65
C SER D 113 -23.50 1.44 -17.81
N CYS D 114 -22.51 0.97 -17.04
CA CYS D 114 -22.03 -0.45 -17.07
C CYS D 114 -23.09 -1.39 -16.51
N LEU D 115 -23.56 -1.11 -15.29
CA LEU D 115 -24.57 -1.96 -14.61
C LEU D 115 -25.69 -2.27 -15.61
N ILE D 116 -26.29 -1.25 -16.22
CA ILE D 116 -27.50 -1.38 -17.09
C ILE D 116 -27.18 -2.33 -18.24
N ILE D 117 -26.03 -2.09 -18.90
CA ILE D 117 -25.47 -2.89 -20.03
C ILE D 117 -25.46 -4.36 -19.64
N LEU D 118 -24.90 -4.68 -18.46
CA LEU D 118 -24.69 -6.05 -17.91
C LEU D 118 -26.02 -6.62 -17.40
N GLY D 119 -27.09 -5.82 -17.42
CA GLY D 119 -28.47 -6.24 -17.12
C GLY D 119 -28.69 -6.38 -15.65
N ASP D 120 -27.96 -5.63 -14.83
CA ASP D 120 -28.36 -5.35 -13.43
C ASP D 120 -29.61 -4.47 -13.53
N ASP D 121 -30.29 -4.29 -12.39
CA ASP D 121 -31.56 -3.53 -12.26
C ASP D 121 -31.38 -2.33 -11.32
N LEU D 122 -30.15 -2.03 -10.92
CA LEU D 122 -29.80 -0.82 -10.11
C LEU D 122 -30.52 -0.86 -8.75
N SER D 123 -30.81 -2.05 -8.22
CA SER D 123 -31.47 -2.21 -6.89
C SER D 123 -30.54 -1.63 -5.83
N ARG D 124 -29.25 -2.04 -5.90
CA ARG D 124 -28.26 -1.90 -4.81
C ARG D 124 -27.59 -0.53 -4.88
N VAL D 125 -28.02 0.29 -5.84
CA VAL D 125 -27.62 1.71 -6.00
C VAL D 125 -28.50 2.55 -5.09
N ASP D 126 -27.90 3.41 -4.28
CA ASP D 126 -28.64 4.36 -3.42
C ASP D 126 -28.93 5.59 -4.28
N LYS D 127 -29.91 5.45 -5.17
CA LYS D 127 -30.42 6.53 -6.05
C LYS D 127 -30.41 7.87 -5.29
N GLU D 128 -31.17 7.96 -4.19
CA GLU D 128 -31.30 9.23 -3.46
C GLU D 128 -29.92 9.82 -3.20
N ALA D 129 -28.96 8.95 -2.84
CA ALA D 129 -27.60 9.34 -2.38
C ALA D 129 -26.78 9.79 -3.58
N CYS D 130 -26.67 8.96 -4.61
CA CYS D 130 -25.92 9.25 -5.86
C CYS D 130 -26.34 10.61 -6.35
N LEU D 131 -27.67 10.81 -6.42
CA LEU D 131 -28.35 12.08 -6.82
C LEU D 131 -28.00 13.21 -5.85
N ALA D 132 -27.97 12.91 -4.56
CA ALA D 132 -27.53 13.88 -3.53
C ALA D 132 -26.14 14.40 -3.91
N GLY D 133 -25.17 13.49 -3.99
CA GLY D 133 -23.78 13.79 -4.35
C GLY D 133 -23.69 14.52 -5.67
N LEU D 134 -24.45 14.05 -6.66
CA LEU D 134 -24.44 14.68 -8.01
C LEU D 134 -24.72 16.18 -7.85
N ARG D 135 -25.82 16.55 -7.17
CA ARG D 135 -26.25 17.97 -6.99
C ARG D 135 -25.12 18.77 -6.35
N ALA D 136 -24.45 18.17 -5.38
CA ALA D 136 -23.34 18.80 -4.62
C ALA D 136 -22.25 19.27 -5.59
N LEU D 137 -22.10 18.56 -6.71
CA LEU D 137 -21.00 18.79 -7.68
C LEU D 137 -21.24 20.03 -8.57
N GLN D 138 -22.47 20.55 -8.66
CA GLN D 138 -22.81 21.67 -9.59
C GLN D 138 -22.35 23.01 -8.97
N LEU D 139 -21.92 23.97 -9.81
CA LEU D 139 -21.36 25.28 -9.39
C LEU D 139 -22.38 26.38 -9.71
N GLU D 140 -22.24 27.60 -9.17
CA GLU D 140 -23.29 28.67 -9.25
C GLU D 140 -23.55 28.85 -10.76
N ASP D 141 -22.61 28.38 -11.59
CA ASP D 141 -22.46 28.67 -13.04
C ASP D 141 -23.23 27.62 -13.88
N GLY D 142 -23.68 26.51 -13.30
CA GLY D 142 -24.49 25.50 -14.04
C GLY D 142 -23.69 24.24 -14.39
N SER D 143 -22.38 24.37 -14.59
CA SER D 143 -21.46 23.24 -14.88
C SER D 143 -21.25 22.42 -13.60
N PHE D 144 -20.52 21.33 -13.72
CA PHE D 144 -20.20 20.38 -12.62
C PHE D 144 -18.70 20.17 -12.50
N CYS D 145 -18.23 19.99 -11.25
CA CYS D 145 -16.95 19.31 -10.90
C CYS D 145 -17.14 17.80 -10.94
N ALA D 146 -16.06 17.05 -10.78
CA ALA D 146 -16.09 15.58 -10.79
C ALA D 146 -16.13 15.02 -9.36
N VAL D 147 -15.20 15.45 -8.52
CA VAL D 147 -15.23 15.11 -7.06
C VAL D 147 -15.60 16.37 -6.27
N PRO D 148 -16.20 16.17 -5.07
CA PRO D 148 -16.60 17.28 -4.22
C PRO D 148 -15.43 18.03 -3.60
N GLU D 149 -14.25 17.41 -3.60
CA GLU D 149 -12.95 17.95 -3.11
C GLU D 149 -12.48 19.13 -3.97
N GLY D 150 -13.17 19.46 -5.07
CA GLY D 150 -12.66 20.37 -6.12
C GLY D 150 -11.99 19.61 -7.26
N SER D 151 -11.98 20.21 -8.44
CA SER D 151 -11.51 19.61 -9.70
C SER D 151 -11.79 20.58 -10.83
N GLU D 152 -11.23 20.36 -12.02
CA GLU D 152 -11.72 21.01 -13.25
C GLU D 152 -13.26 20.98 -13.24
N ASN D 153 -13.89 21.90 -13.95
CA ASN D 153 -15.34 21.84 -14.27
C ASN D 153 -15.46 22.17 -15.75
N ASP D 154 -16.46 21.61 -16.43
CA ASP D 154 -16.66 21.78 -17.90
C ASP D 154 -17.72 20.84 -18.43
N MET D 155 -18.14 21.10 -19.67
CA MET D 155 -19.25 20.47 -20.40
C MET D 155 -19.22 18.93 -20.31
N ARG D 156 -18.04 18.33 -20.13
CA ARG D 156 -17.91 16.85 -20.05
C ARG D 156 -18.66 16.29 -18.83
N PHE D 157 -18.80 17.08 -17.76
CA PHE D 157 -19.47 16.67 -16.51
C PHE D 157 -20.93 17.09 -16.53
N VAL D 158 -21.28 18.10 -17.34
CA VAL D 158 -22.71 18.44 -17.59
C VAL D 158 -23.40 17.23 -18.21
N TYR D 159 -22.67 16.48 -19.03
CA TYR D 159 -23.19 15.27 -19.72
C TYR D 159 -23.26 14.14 -18.70
N CYS D 160 -22.19 13.91 -17.96
CA CYS D 160 -22.14 12.83 -16.95
C CYS D 160 -23.38 13.00 -16.06
N ALA D 161 -23.58 14.23 -15.58
CA ALA D 161 -24.76 14.66 -14.80
C ALA D 161 -26.06 14.33 -15.56
N SER D 162 -26.20 14.87 -16.76
CA SER D 162 -27.39 14.64 -17.61
C SER D 162 -27.67 13.14 -17.64
N CYS D 163 -26.65 12.32 -17.91
CA CYS D 163 -26.76 10.84 -18.04
C CYS D 163 -27.23 10.22 -16.71
N ILE D 164 -26.52 10.49 -15.62
CA ILE D 164 -26.87 9.90 -14.30
C ILE D 164 -28.34 10.18 -14.00
N CYS D 165 -28.76 11.46 -14.05
CA CYS D 165 -30.19 11.87 -13.96
C CYS D 165 -31.07 11.03 -14.89
N TYR D 166 -30.81 11.02 -16.20
CA TYR D 166 -31.60 10.25 -17.20
C TYR D 166 -31.72 8.76 -16.82
N MET D 167 -30.62 8.12 -16.40
CA MET D 167 -30.55 6.66 -16.12
C MET D 167 -31.29 6.38 -14.81
N LEU D 168 -31.22 7.29 -13.84
CA LEU D 168 -31.91 7.16 -12.54
C LEU D 168 -33.34 7.66 -12.66
N ASN D 169 -33.76 7.91 -13.91
CA ASN D 169 -35.06 8.50 -14.31
C ASN D 169 -35.52 9.58 -13.31
N ASN D 170 -34.61 10.46 -12.91
CA ASN D 170 -34.80 11.44 -11.81
C ASN D 170 -33.83 12.60 -12.02
N TRP D 171 -34.33 13.78 -12.37
CA TRP D 171 -33.50 15.00 -12.54
C TRP D 171 -33.43 15.82 -11.24
N SER D 172 -33.59 15.17 -10.09
CA SER D 172 -33.36 15.82 -8.78
C SER D 172 -31.87 16.10 -8.63
N GLY D 173 -31.03 15.37 -9.39
CA GLY D 173 -29.55 15.40 -9.31
C GLY D 173 -28.95 16.69 -9.82
N MET D 174 -29.71 17.51 -10.55
CA MET D 174 -29.20 18.82 -11.05
C MET D 174 -30.26 19.91 -10.95
N ASP D 175 -29.76 21.14 -11.13
CA ASP D 175 -30.52 22.39 -11.40
C ASP D 175 -30.45 22.61 -12.90
N MET D 176 -31.49 22.21 -13.61
CA MET D 176 -31.48 22.16 -15.09
C MET D 176 -31.43 23.59 -15.65
N LYS D 177 -32.12 24.54 -15.03
CA LYS D 177 -32.17 25.92 -15.57
C LYS D 177 -30.71 26.38 -15.66
N LYS D 178 -29.92 26.09 -14.64
CA LYS D 178 -28.52 26.57 -14.52
C LYS D 178 -27.65 25.78 -15.50
N ALA D 179 -27.69 24.45 -15.47
CA ALA D 179 -26.96 23.61 -16.46
C ALA D 179 -27.32 24.07 -17.88
N ILE D 180 -28.60 24.32 -18.15
CA ILE D 180 -29.07 24.71 -19.52
C ILE D 180 -28.47 26.05 -19.90
N SER D 181 -28.50 27.05 -19.01
CA SER D 181 -27.68 28.27 -19.19
C SER D 181 -26.28 27.83 -19.61
N TYR D 182 -25.55 27.14 -18.72
CA TYR D 182 -24.08 26.91 -18.89
C TYR D 182 -23.81 26.43 -20.33
N ILE D 183 -24.70 25.57 -20.82
CA ILE D 183 -24.67 25.01 -22.20
C ILE D 183 -24.85 26.11 -23.24
N ARG D 184 -25.89 26.96 -23.09
CA ARG D 184 -26.13 28.14 -23.97
C ARG D 184 -24.93 29.07 -23.92
N ARG D 185 -24.50 29.41 -22.68
CA ARG D 185 -23.39 30.37 -22.38
C ARG D 185 -22.20 29.93 -23.24
N SER D 186 -22.01 28.62 -23.43
CA SER D 186 -20.81 27.99 -24.06
C SER D 186 -20.78 28.08 -25.61
N MET D 187 -21.81 28.60 -26.28
CA MET D 187 -21.78 28.71 -27.76
C MET D 187 -20.65 29.69 -28.12
N SER D 188 -19.84 29.34 -29.13
CA SER D 188 -18.69 30.14 -29.66
C SER D 188 -19.24 31.15 -30.67
N TYR D 189 -18.39 32.10 -31.09
CA TYR D 189 -18.57 33.00 -32.27
C TYR D 189 -18.85 32.10 -33.49
N ASP D 190 -18.22 30.92 -33.58
CA ASP D 190 -18.33 30.05 -34.78
C ASP D 190 -19.47 29.08 -34.60
N ASN D 191 -20.35 29.29 -33.62
CA ASN D 191 -21.62 28.52 -33.49
C ASN D 191 -21.40 27.06 -33.03
N GLY D 192 -20.15 26.59 -32.90
CA GLY D 192 -19.81 25.39 -32.09
C GLY D 192 -20.01 25.65 -30.61
N LEU D 193 -20.28 24.61 -29.83
CA LEU D 193 -20.25 24.67 -28.35
C LEU D 193 -18.82 24.36 -27.92
N ALA D 194 -18.39 24.88 -26.77
CA ALA D 194 -17.05 24.68 -26.20
C ALA D 194 -17.16 24.18 -24.75
N GLN D 195 -16.02 23.83 -24.14
CA GLN D 195 -15.95 23.32 -22.75
C GLN D 195 -16.65 24.27 -21.78
N GLY D 196 -16.60 25.57 -22.06
CA GLY D 196 -17.27 26.61 -21.26
C GLY D 196 -17.29 27.89 -22.04
N ALA D 197 -18.16 28.84 -21.69
CA ALA D 197 -18.23 30.15 -22.37
C ALA D 197 -16.82 30.76 -22.40
N GLY D 198 -16.46 31.43 -23.49
CA GLY D 198 -15.09 31.93 -23.70
C GLY D 198 -14.29 31.02 -24.64
N LEU D 199 -14.20 29.74 -24.31
CA LEU D 199 -13.22 28.83 -24.96
C LEU D 199 -13.54 28.59 -26.44
N GLU D 200 -12.65 27.80 -27.07
CA GLU D 200 -12.69 27.27 -28.45
C GLU D 200 -13.80 26.21 -28.55
N SER D 201 -14.75 26.40 -29.49
CA SER D 201 -15.75 25.38 -29.92
C SER D 201 -14.98 24.08 -30.12
N HIS D 202 -15.57 22.94 -29.76
CA HIS D 202 -14.89 21.61 -29.81
C HIS D 202 -15.95 20.52 -30.01
N GLY D 203 -15.57 19.46 -30.71
CA GLY D 203 -16.54 18.43 -31.17
C GLY D 203 -17.16 17.67 -30.03
N GLY D 204 -16.32 17.24 -29.08
CA GLY D 204 -16.68 16.52 -27.84
C GLY D 204 -17.56 17.39 -26.98
N SER D 205 -17.12 18.61 -26.74
CA SER D 205 -17.92 19.62 -26.02
C SER D 205 -19.30 19.76 -26.69
N THR D 206 -19.29 19.97 -27.99
CA THR D 206 -20.50 20.25 -28.79
C THR D 206 -21.47 19.09 -28.61
N PHE D 207 -20.97 17.86 -28.65
CA PHE D 207 -21.76 16.64 -28.37
C PHE D 207 -22.41 16.80 -27.00
N CYS D 208 -21.59 16.84 -25.95
CA CYS D 208 -22.05 16.85 -24.54
C CYS D 208 -23.23 17.81 -24.36
N GLY D 209 -23.05 19.06 -24.80
CA GLY D 209 -24.08 20.11 -24.71
C GLY D 209 -25.35 19.72 -25.44
N ILE D 210 -25.25 19.35 -26.71
CA ILE D 210 -26.44 18.94 -27.49
C ILE D 210 -27.07 17.68 -26.88
N ALA D 211 -26.29 16.66 -26.59
CA ALA D 211 -26.78 15.38 -26.07
C ALA D 211 -27.41 15.59 -24.68
N SER D 212 -26.83 16.47 -23.85
CA SER D 212 -27.37 16.82 -22.52
C SER D 212 -28.81 17.33 -22.73
N LEU D 213 -28.95 18.36 -23.56
CA LEU D 213 -30.27 18.95 -23.85
C LEU D 213 -31.17 17.83 -24.34
N CYS D 214 -30.76 17.07 -25.35
CA CYS D 214 -31.57 15.96 -25.91
C CYS D 214 -32.05 15.05 -24.77
N LEU D 215 -31.16 14.63 -23.86
CA LEU D 215 -31.52 13.80 -22.68
C LEU D 215 -32.58 14.50 -21.81
N MET D 216 -32.45 15.82 -21.60
CA MET D 216 -33.43 16.66 -20.83
C MET D 216 -34.70 16.89 -21.66
N GLY D 217 -34.69 16.51 -22.95
CA GLY D 217 -35.77 16.77 -23.91
C GLY D 217 -36.10 18.26 -24.02
N LYS D 218 -35.13 19.03 -24.51
CA LYS D 218 -35.17 20.50 -24.40
C LYS D 218 -34.30 21.14 -25.47
N LEU D 219 -33.87 20.39 -26.48
CA LEU D 219 -33.03 20.95 -27.58
C LEU D 219 -33.88 22.02 -28.25
N GLU D 220 -35.12 21.67 -28.60
CA GLU D 220 -36.05 22.56 -29.32
C GLU D 220 -36.29 23.84 -28.48
N GLU D 221 -36.43 23.67 -27.16
CA GLU D 221 -36.76 24.76 -26.22
C GLU D 221 -35.55 25.69 -26.07
N VAL D 222 -34.32 25.19 -26.14
CA VAL D 222 -33.10 25.91 -25.67
C VAL D 222 -32.44 26.67 -26.82
N PHE D 223 -32.34 26.09 -28.03
CA PHE D 223 -31.84 26.80 -29.25
C PHE D 223 -32.94 27.07 -30.31
N SER D 224 -32.85 28.26 -30.91
CA SER D 224 -33.70 28.72 -32.02
C SER D 224 -33.48 27.80 -33.22
N GLU D 225 -34.34 27.90 -34.23
CA GLU D 225 -34.14 27.24 -35.55
C GLU D 225 -32.83 27.77 -36.15
N LYS D 226 -32.63 29.10 -36.21
CA LYS D 226 -31.39 29.73 -36.77
C LYS D 226 -30.21 29.08 -36.03
N GLU D 227 -30.26 29.06 -34.70
CA GLU D 227 -29.16 28.58 -33.83
C GLU D 227 -28.81 27.15 -34.26
N LEU D 228 -29.80 26.25 -34.23
CA LEU D 228 -29.64 24.81 -34.57
C LEU D 228 -29.06 24.66 -35.98
N ASN D 229 -29.53 25.49 -36.93
CA ASN D 229 -29.02 25.52 -38.32
C ASN D 229 -27.54 25.88 -38.30
N ARG D 230 -27.18 26.88 -37.51
CA ARG D 230 -25.78 27.39 -37.37
C ARG D 230 -24.90 26.33 -36.72
N ILE D 231 -25.47 25.60 -35.76
CA ILE D 231 -24.75 24.54 -34.98
C ILE D 231 -24.51 23.37 -35.93
N LYS D 232 -25.52 23.07 -36.76
CA LYS D 232 -25.43 21.99 -37.78
C LYS D 232 -24.23 22.29 -38.67
N ARG D 233 -24.19 23.48 -39.25
CA ARG D 233 -23.09 23.91 -40.14
C ARG D 233 -21.77 23.61 -39.41
N TRP D 234 -21.63 24.04 -38.16
CA TRP D 234 -20.33 23.90 -37.46
C TRP D 234 -19.95 22.42 -37.41
N CYS D 235 -20.94 21.55 -37.19
CA CYS D 235 -20.76 20.09 -37.01
C CYS D 235 -20.36 19.44 -38.34
N ILE D 236 -21.23 19.53 -39.35
CA ILE D 236 -20.99 18.93 -40.70
C ILE D 236 -19.67 19.47 -41.28
N MET D 237 -19.31 20.72 -41.01
CA MET D 237 -18.01 21.29 -41.45
C MET D 237 -16.83 20.58 -40.77
N ARG D 238 -17.07 19.70 -39.79
CA ARG D 238 -15.97 18.96 -39.12
C ARG D 238 -15.53 17.78 -39.98
N GLN D 239 -16.31 17.38 -40.97
CA GLN D 239 -15.93 16.19 -41.77
C GLN D 239 -14.85 16.62 -42.78
N GLN D 240 -13.76 15.86 -42.80
CA GLN D 240 -12.68 15.98 -43.82
C GLN D 240 -12.63 14.62 -44.53
N ASN D 241 -11.80 13.65 -44.11
CA ASN D 241 -11.94 12.22 -44.46
C ASN D 241 -12.88 11.63 -43.40
N GLY D 242 -12.29 11.29 -42.25
CA GLY D 242 -12.97 11.17 -40.94
C GLY D 242 -13.39 12.54 -40.46
N TYR D 243 -13.67 12.68 -39.17
CA TYR D 243 -14.05 13.98 -38.58
C TYR D 243 -12.89 14.35 -37.67
N HIS D 244 -12.65 15.66 -37.48
CA HIS D 244 -11.67 16.24 -36.51
C HIS D 244 -12.39 16.93 -35.34
N GLY D 245 -11.68 17.14 -34.23
CA GLY D 245 -12.22 17.77 -33.00
C GLY D 245 -12.61 19.23 -33.19
N ARG D 246 -11.80 20.01 -33.92
CA ARG D 246 -11.92 21.48 -34.01
C ARG D 246 -11.39 21.95 -35.37
N PRO D 247 -11.85 23.10 -35.91
CA PRO D 247 -11.46 23.47 -37.27
C PRO D 247 -9.92 23.54 -37.38
N ASN D 248 -9.41 23.25 -38.58
CA ASN D 248 -7.95 23.31 -38.91
C ASN D 248 -7.14 22.38 -38.00
N LYS D 249 -7.68 21.20 -37.66
CA LYS D 249 -6.99 20.16 -36.87
C LYS D 249 -7.01 18.83 -37.63
N PRO D 250 -6.05 17.91 -37.39
CA PRO D 250 -6.11 16.55 -37.90
C PRO D 250 -7.40 15.81 -37.53
N VAL D 251 -7.76 14.79 -38.29
CA VAL D 251 -8.98 14.00 -37.95
C VAL D 251 -8.56 12.99 -36.88
N ASP D 252 -9.54 12.55 -36.09
CA ASP D 252 -9.51 11.44 -35.11
C ASP D 252 -10.75 10.58 -35.37
N THR D 253 -10.56 9.26 -35.33
CA THR D 253 -11.64 8.26 -35.22
C THR D 253 -12.70 8.79 -34.25
N CYS D 254 -12.34 9.22 -33.03
CA CYS D 254 -13.35 9.40 -31.95
C CYS D 254 -14.45 10.34 -32.46
N TYR D 255 -14.10 11.37 -33.23
CA TYR D 255 -15.07 12.42 -33.66
C TYR D 255 -16.10 11.86 -34.64
N SER D 256 -15.80 10.77 -35.33
CA SER D 256 -16.73 10.07 -36.26
C SER D 256 -17.94 9.56 -35.46
N PHE D 257 -17.76 9.57 -34.11
CA PHE D 257 -18.85 9.51 -33.09
C PHE D 257 -19.24 10.89 -32.58
N TRP D 258 -18.36 11.58 -31.87
CA TRP D 258 -18.73 12.83 -31.14
C TRP D 258 -19.51 13.77 -32.07
N VAL D 259 -18.98 14.03 -33.27
CA VAL D 259 -19.64 14.90 -34.27
C VAL D 259 -20.74 14.08 -34.95
N GLY D 260 -20.46 12.84 -35.30
CA GLY D 260 -21.49 11.95 -35.89
C GLY D 260 -22.76 11.98 -35.04
N ALA D 261 -22.62 11.68 -33.77
CA ALA D 261 -23.73 11.57 -32.80
C ALA D 261 -24.49 12.89 -32.74
N THR D 262 -23.74 14.00 -32.65
CA THR D 262 -24.27 15.38 -32.60
C THR D 262 -25.16 15.56 -33.84
N LEU D 263 -24.65 15.21 -35.02
CA LEU D 263 -25.39 15.44 -36.30
C LEU D 263 -26.63 14.55 -36.29
N LYS D 264 -26.45 13.31 -35.85
CA LYS D 264 -27.55 12.31 -35.83
C LYS D 264 -28.67 12.83 -34.95
N LEU D 265 -28.34 13.56 -33.87
CA LEU D 265 -29.35 14.14 -32.95
C LEU D 265 -29.98 15.36 -33.60
N LEU D 266 -29.22 16.13 -34.40
CA LEU D 266 -29.74 17.34 -35.11
C LEU D 266 -30.36 16.94 -36.45
N LYS D 267 -30.27 15.65 -36.81
CA LYS D 267 -31.12 14.95 -37.81
C LYS D 267 -30.58 15.12 -39.23
N ILE D 268 -29.29 15.33 -39.38
CA ILE D 268 -28.71 15.58 -40.73
C ILE D 268 -27.54 14.62 -40.88
N PHE D 269 -27.50 13.55 -40.07
CA PHE D 269 -26.29 12.70 -40.15
C PHE D 269 -26.32 12.06 -41.54
N GLN D 270 -27.53 11.87 -42.06
CA GLN D 270 -27.75 11.24 -43.39
C GLN D 270 -27.05 12.02 -44.53
N TYR D 271 -26.89 13.33 -44.37
CA TYR D 271 -26.32 14.22 -45.40
C TYR D 271 -24.78 14.23 -45.31
N THR D 272 -24.22 13.55 -44.31
CA THR D 272 -22.75 13.34 -44.25
C THR D 272 -22.38 12.43 -45.41
N ASN D 273 -21.08 12.51 -45.78
CA ASN D 273 -20.40 11.43 -46.50
C ASN D 273 -20.20 10.27 -45.51
N PHE D 274 -20.52 9.07 -45.97
CA PHE D 274 -20.51 7.83 -45.16
C PHE D 274 -19.20 7.08 -45.39
N GLU D 275 -18.89 6.93 -46.68
CA GLU D 275 -17.81 6.03 -47.13
C GLU D 275 -16.48 6.64 -46.66
N LYS D 276 -16.29 7.93 -46.81
CA LYS D 276 -15.00 8.53 -46.38
C LYS D 276 -14.86 8.40 -44.85
N ASN D 277 -15.89 8.80 -44.07
CA ASN D 277 -16.03 8.57 -42.60
C ASN D 277 -15.61 7.10 -42.33
N ARG D 278 -16.22 6.12 -43.02
CA ARG D 278 -15.99 4.68 -42.72
C ARG D 278 -14.58 4.23 -43.09
N ASN D 279 -14.07 4.70 -44.21
CA ASN D 279 -12.78 4.22 -44.74
C ASN D 279 -11.71 4.70 -43.77
N TYR D 280 -11.82 5.98 -43.37
CA TYR D 280 -10.91 6.55 -42.35
C TYR D 280 -10.98 5.61 -41.13
N ILE D 281 -12.16 5.47 -40.54
CA ILE D 281 -12.33 4.70 -39.28
C ILE D 281 -11.60 3.37 -39.42
N LEU D 282 -11.80 2.65 -40.52
CA LEU D 282 -11.22 1.30 -40.73
C LEU D 282 -9.71 1.42 -40.94
N SER D 283 -9.25 2.52 -41.55
CA SER D 283 -7.81 2.83 -41.74
C SER D 283 -7.07 2.87 -40.39
N THR D 284 -7.78 3.26 -39.32
CA THR D 284 -7.20 3.37 -37.95
C THR D 284 -7.28 2.04 -37.19
N GLN D 285 -8.05 1.09 -37.69
CA GLN D 285 -8.08 -0.29 -37.15
C GLN D 285 -6.61 -0.73 -37.07
N ASP D 286 -6.17 -1.30 -35.94
CA ASP D 286 -4.91 -2.09 -35.86
C ASP D 286 -5.27 -3.54 -36.15
N ARG D 287 -4.81 -4.03 -37.31
CA ARG D 287 -5.24 -5.30 -37.94
C ARG D 287 -4.67 -6.49 -37.15
N LEU D 288 -3.50 -6.24 -36.56
CA LEU D 288 -2.72 -7.25 -35.82
C LEU D 288 -3.46 -7.59 -34.51
N VAL D 289 -3.77 -6.60 -33.65
CA VAL D 289 -4.05 -6.79 -32.18
C VAL D 289 -5.52 -6.50 -31.84
N GLY D 290 -6.19 -5.76 -32.73
CA GLY D 290 -7.57 -5.29 -32.53
C GLY D 290 -7.61 -3.85 -32.09
N GLY D 291 -8.81 -3.35 -31.83
CA GLY D 291 -9.06 -1.95 -31.50
C GLY D 291 -8.70 -1.00 -32.63
N PHE D 292 -8.98 0.28 -32.39
CA PHE D 292 -8.73 1.39 -33.33
C PHE D 292 -7.82 2.37 -32.61
N ALA D 293 -7.06 3.19 -33.33
CA ALA D 293 -6.30 4.32 -32.76
C ALA D 293 -6.90 5.63 -33.26
N LYS D 294 -6.53 6.74 -32.63
CA LYS D 294 -6.88 8.10 -33.09
C LYS D 294 -6.70 8.17 -34.62
N TRP D 295 -5.46 8.05 -35.07
CA TRP D 295 -5.14 8.05 -36.51
C TRP D 295 -4.44 6.73 -36.87
N PRO D 296 -4.29 6.40 -38.19
CA PRO D 296 -3.68 5.14 -38.64
C PRO D 296 -2.19 4.91 -38.33
N ASP D 297 -1.70 3.71 -38.63
CA ASP D 297 -0.32 3.18 -38.35
C ASP D 297 0.07 3.61 -36.91
N SER D 298 -0.89 3.61 -35.96
CA SER D 298 -0.85 4.24 -34.60
C SER D 298 -1.36 3.29 -33.49
N HIS D 299 -0.93 3.44 -32.22
CA HIS D 299 -1.24 2.44 -31.15
C HIS D 299 -2.69 2.62 -30.80
N PRO D 300 -3.49 1.53 -30.71
CA PRO D 300 -4.92 1.60 -30.41
C PRO D 300 -5.21 1.50 -28.92
N ASP D 301 -6.31 2.06 -28.46
CA ASP D 301 -6.68 2.07 -27.02
C ASP D 301 -8.16 1.70 -26.87
N ALA D 302 -8.60 1.46 -25.63
CA ALA D 302 -10.01 1.12 -25.32
C ALA D 302 -10.92 2.25 -25.80
N LEU D 303 -10.55 3.51 -25.60
CA LEU D 303 -11.44 4.62 -26.03
C LEU D 303 -11.66 4.55 -27.55
N HIS D 304 -10.59 4.70 -28.33
CA HIS D 304 -10.69 4.90 -29.80
C HIS D 304 -11.23 3.62 -30.43
N ALA D 305 -11.07 2.48 -29.77
CA ALA D 305 -11.74 1.21 -30.13
C ALA D 305 -13.26 1.38 -30.02
N TYR D 306 -13.77 1.58 -28.81
CA TYR D 306 -15.21 1.80 -28.54
C TYR D 306 -15.78 2.87 -29.48
N PHE D 307 -15.15 4.03 -29.52
CA PHE D 307 -15.71 5.21 -30.24
C PHE D 307 -15.63 4.96 -31.74
N GLY D 308 -14.57 4.30 -32.20
CA GLY D 308 -14.49 3.85 -33.61
C GLY D 308 -15.70 3.01 -33.97
N ILE D 309 -15.98 2.00 -33.14
CA ILE D 309 -17.07 1.01 -33.34
C ILE D 309 -18.43 1.71 -33.23
N CYS D 310 -18.57 2.65 -32.30
CA CYS D 310 -19.78 3.51 -32.16
C CYS D 310 -19.93 4.36 -33.43
N GLY D 311 -18.86 4.95 -33.93
CA GLY D 311 -18.97 5.91 -35.04
C GLY D 311 -19.39 5.22 -36.32
N LEU D 312 -19.02 3.94 -36.36
CA LEU D 312 -19.19 2.99 -37.49
C LEU D 312 -20.66 2.63 -37.51
N SER D 313 -21.20 2.58 -36.29
CA SER D 313 -22.52 2.03 -35.90
C SER D 313 -23.62 3.01 -36.27
N LEU D 314 -23.32 4.32 -36.23
CA LEU D 314 -24.15 5.46 -36.73
C LEU D 314 -24.60 5.23 -38.18
N MET D 315 -23.76 4.57 -38.99
CA MET D 315 -24.03 4.25 -40.42
C MET D 315 -24.57 2.81 -40.55
N GLU D 316 -24.93 2.18 -39.43
CA GLU D 316 -25.56 0.85 -39.33
C GLU D 316 -24.62 -0.20 -39.93
N GLU D 317 -23.34 -0.13 -39.55
CA GLU D 317 -22.31 -1.15 -39.82
C GLU D 317 -22.90 -2.54 -39.54
N SER D 318 -22.63 -3.50 -40.42
CA SER D 318 -23.06 -4.90 -40.26
C SER D 318 -22.15 -5.59 -39.24
N GLY D 319 -22.77 -6.20 -38.22
CA GLY D 319 -22.11 -6.94 -37.12
C GLY D 319 -22.10 -6.14 -35.82
N ILE D 320 -22.59 -4.90 -35.88
CA ILE D 320 -22.58 -3.90 -34.76
C ILE D 320 -23.99 -3.32 -34.60
N CYS D 321 -24.40 -3.04 -33.36
CA CYS D 321 -25.76 -2.51 -33.04
C CYS D 321 -25.81 -0.99 -33.24
N LYS D 322 -27.01 -0.44 -33.52
CA LYS D 322 -27.32 1.04 -33.55
C LYS D 322 -26.93 1.57 -32.16
N VAL D 323 -26.07 2.59 -32.09
CA VAL D 323 -25.76 3.25 -30.79
C VAL D 323 -26.81 4.32 -30.56
N HIS D 324 -27.34 4.41 -29.35
CA HIS D 324 -28.27 5.50 -28.96
C HIS D 324 -27.47 6.80 -28.86
N PRO D 325 -27.56 7.68 -29.87
CA PRO D 325 -26.63 8.79 -30.00
C PRO D 325 -26.51 9.68 -28.76
N ALA D 326 -27.58 9.90 -28.01
CA ALA D 326 -27.53 10.85 -26.87
C ALA D 326 -26.97 10.18 -25.62
N LEU D 327 -27.20 8.89 -25.46
CA LEU D 327 -27.04 8.17 -24.17
C LEU D 327 -25.76 7.31 -24.24
N ASN D 328 -25.18 7.17 -25.43
CA ASN D 328 -23.84 6.54 -25.64
C ASN D 328 -23.83 5.17 -24.96
N VAL D 329 -24.77 4.31 -25.35
CA VAL D 329 -24.89 2.86 -25.04
C VAL D 329 -25.65 2.29 -26.21
N SER D 330 -25.72 0.97 -26.35
CA SER D 330 -26.45 0.35 -27.49
C SER D 330 -27.92 0.71 -27.37
N THR D 331 -28.62 0.89 -28.49
CA THR D 331 -30.11 1.05 -28.50
C THR D 331 -30.74 -0.14 -27.78
N ARG D 332 -30.24 -1.37 -28.05
CA ARG D 332 -30.64 -2.62 -27.34
C ARG D 332 -30.73 -2.32 -25.85
N THR D 333 -29.64 -1.80 -25.29
CA THR D 333 -29.47 -1.49 -23.84
C THR D 333 -30.30 -0.25 -23.46
N SER D 334 -30.59 0.69 -24.37
CA SER D 334 -31.45 1.84 -24.01
C SER D 334 -32.90 1.36 -23.85
N GLU D 335 -33.32 0.44 -24.73
CA GLU D 335 -34.66 -0.24 -24.71
C GLU D 335 -34.70 -0.94 -23.33
N ARG D 336 -33.69 -1.78 -23.03
CA ARG D 336 -33.51 -2.47 -21.71
C ARG D 336 -33.84 -1.51 -20.56
N LEU D 337 -33.41 -0.25 -20.65
CA LEU D 337 -33.55 0.78 -19.58
C LEU D 337 -34.98 1.33 -19.61
N ARG D 338 -35.60 1.49 -20.81
CA ARG D 338 -37.03 1.90 -20.95
C ARG D 338 -37.80 1.02 -19.97
N ASP D 339 -37.52 -0.28 -19.98
CA ASP D 339 -38.28 -1.32 -19.22
C ASP D 339 -38.00 -1.14 -17.73
N LEU D 340 -36.73 -1.15 -17.35
CA LEU D 340 -36.27 -0.92 -15.96
C LEU D 340 -37.00 0.29 -15.37
N HIS D 341 -37.26 1.32 -16.19
CA HIS D 341 -37.99 2.55 -15.77
C HIS D 341 -39.48 2.24 -15.61
N GLN D 342 -40.15 1.69 -16.64
CA GLN D 342 -41.61 1.34 -16.65
C GLN D 342 -41.88 0.54 -15.37
N SER D 343 -40.95 -0.35 -14.99
CA SER D 343 -41.06 -1.31 -13.86
C SER D 343 -41.06 -0.56 -12.52
N TRP D 344 -40.26 0.51 -12.36
CA TRP D 344 -40.28 1.32 -11.12
C TRP D 344 -41.62 2.07 -11.07
N LYS D 345 -41.99 2.73 -12.17
CA LYS D 345 -43.24 3.54 -12.32
C LYS D 345 -44.45 2.62 -12.17
N THR D 346 -44.82 2.24 -10.94
CA THR D 346 -45.97 1.34 -10.61
C THR D 346 -46.52 1.68 -9.21
N PHE E 1 79.99 14.48 11.72
CA PHE E 1 81.46 14.76 11.57
C PHE E 1 82.06 13.80 10.49
N LEU E 2 82.53 12.58 10.82
CA LEU E 2 83.39 11.74 9.91
C LEU E 2 82.65 10.55 9.28
N SER E 3 82.34 10.67 7.97
CA SER E 3 81.69 9.65 7.12
C SER E 3 82.51 8.36 7.13
N LEU E 4 81.88 7.19 6.91
CA LEU E 4 82.47 5.83 7.09
C LEU E 4 83.34 5.41 5.88
N ASP E 5 83.24 6.14 4.78
CA ASP E 5 84.05 5.87 3.57
C ASP E 5 84.79 7.17 3.19
N SER E 6 85.12 8.02 4.16
CA SER E 6 86.14 9.08 4.02
C SER E 6 87.45 8.35 3.71
N PRO E 7 88.45 9.00 3.07
CA PRO E 7 89.82 8.47 3.10
C PRO E 7 90.33 8.56 4.55
N THR E 8 90.09 9.74 5.12
CA THR E 8 90.53 10.17 6.47
C THR E 8 89.76 9.38 7.54
N TYR E 9 88.89 8.43 7.18
CA TYR E 9 88.20 7.59 8.21
C TYR E 9 89.29 6.86 8.97
N VAL E 10 89.10 6.81 10.28
CA VAL E 10 90.04 6.21 11.27
C VAL E 10 89.24 5.29 12.19
N LEU E 11 89.73 4.09 12.43
CA LEU E 11 88.99 3.13 13.26
C LEU E 11 88.77 3.75 14.64
N TYR E 12 87.76 3.30 15.37
CA TYR E 12 87.50 3.72 16.77
C TYR E 12 88.69 3.23 17.61
N ARG E 13 89.22 2.06 17.28
CA ARG E 13 90.37 1.48 18.03
C ARG E 13 91.56 2.47 18.00
N ASP E 14 91.79 3.14 16.88
CA ASP E 14 92.96 4.03 16.67
C ASP E 14 92.57 5.48 16.94
N ARG E 15 91.39 5.75 17.52
CA ARG E 15 90.85 7.13 17.72
C ARG E 15 91.29 7.63 19.09
N ALA E 16 91.82 8.85 19.11
CA ALA E 16 92.39 9.51 20.30
C ALA E 16 91.36 9.54 21.43
N GLU E 17 90.20 10.13 21.13
CA GLU E 17 89.07 10.39 22.08
C GLU E 17 88.51 9.08 22.61
N TRP E 18 88.75 7.94 21.95
CA TRP E 18 88.13 6.65 22.34
C TRP E 18 89.16 5.77 23.05
N ALA E 19 90.22 6.39 23.53
CA ALA E 19 91.41 5.72 24.11
C ALA E 19 91.02 4.90 25.35
N ASP E 20 90.10 5.43 26.17
CA ASP E 20 89.80 5.01 27.57
C ASP E 20 88.72 3.93 27.62
N ILE E 21 88.08 3.62 26.49
CA ILE E 21 87.01 2.59 26.37
C ILE E 21 87.66 1.29 25.88
N ASP E 22 87.29 0.15 26.45
CA ASP E 22 87.73 -1.21 26.02
C ASP E 22 86.63 -1.85 25.17
N PRO E 23 86.76 -1.87 23.82
CA PRO E 23 85.80 -2.55 22.97
C PRO E 23 85.32 -3.88 23.59
N VAL E 24 84.00 -4.08 23.64
CA VAL E 24 83.36 -5.39 23.94
C VAL E 24 83.06 -6.05 22.60
N PRO E 25 83.40 -7.33 22.41
CA PRO E 25 83.07 -8.00 21.16
C PRO E 25 81.87 -8.91 21.38
N GLN E 26 81.41 -9.47 20.26
CA GLN E 26 80.36 -10.51 20.16
C GLN E 26 81.05 -11.83 20.46
N ASN E 27 80.37 -12.81 21.07
CA ASN E 27 80.83 -14.23 21.08
C ASN E 27 79.61 -15.16 21.02
N ASP E 28 79.48 -15.89 19.91
CA ASP E 28 78.43 -16.91 19.66
C ASP E 28 78.91 -18.25 20.22
N GLY E 29 80.02 -18.24 20.98
CA GLY E 29 80.67 -19.43 21.55
C GLY E 29 80.94 -20.50 20.49
N PRO E 30 81.01 -21.79 20.87
CA PRO E 30 81.62 -22.80 20.00
C PRO E 30 80.83 -23.06 18.71
N SER E 31 79.53 -23.35 18.82
CA SER E 31 78.64 -23.57 17.64
C SER E 31 77.92 -22.27 17.35
N PRO E 32 78.26 -21.60 16.24
CA PRO E 32 77.50 -20.46 15.77
C PRO E 32 76.57 -20.92 14.65
N VAL E 33 75.29 -20.62 14.81
CA VAL E 33 74.23 -20.88 13.80
C VAL E 33 73.85 -19.53 13.20
N VAL E 34 73.68 -19.50 11.88
CA VAL E 34 73.37 -18.28 11.07
C VAL E 34 74.35 -17.18 11.48
N GLN E 35 75.64 -17.49 11.40
CA GLN E 35 76.74 -16.55 11.68
C GLN E 35 76.90 -15.54 10.54
N ILE E 36 77.02 -14.27 10.88
CA ILE E 36 77.34 -13.19 9.92
C ILE E 36 78.75 -12.70 10.22
N ILE E 37 79.66 -12.91 9.26
CA ILE E 37 81.10 -12.52 9.29
C ILE E 37 81.19 -11.01 9.06
N TYR E 38 81.92 -10.29 9.91
CA TYR E 38 81.89 -8.81 9.94
C TYR E 38 83.28 -8.26 9.60
N SER E 39 83.36 -7.34 8.62
CA SER E 39 84.62 -6.68 8.16
C SER E 39 85.33 -5.93 9.31
N GLU E 40 86.64 -5.72 9.16
CA GLU E 40 87.49 -4.98 10.13
C GLU E 40 86.69 -3.78 10.62
N LYS E 41 86.34 -2.90 9.69
CA LYS E 41 85.72 -1.57 9.93
C LYS E 41 84.43 -1.68 10.76
N PHE E 42 83.59 -2.65 10.41
CA PHE E 42 82.26 -2.93 10.99
C PHE E 42 82.45 -3.38 12.44
N ARG E 43 83.16 -4.49 12.65
CA ARG E 43 83.30 -5.08 14.01
C ARG E 43 83.83 -3.96 14.93
N ASP E 44 84.84 -3.22 14.48
CA ASP E 44 85.39 -2.04 15.18
C ASP E 44 84.23 -1.15 15.68
N VAL E 45 83.38 -0.63 14.78
CA VAL E 45 82.23 0.26 15.16
C VAL E 45 81.39 -0.42 16.24
N TYR E 46 80.93 -1.64 15.99
CA TYR E 46 79.89 -2.29 16.82
C TYR E 46 80.53 -2.85 18.10
N ASP E 47 81.86 -3.04 18.13
CA ASP E 47 82.64 -3.40 19.35
C ASP E 47 82.55 -2.22 20.34
N TYR E 48 82.77 -1.00 19.86
CA TYR E 48 82.76 0.23 20.69
C TYR E 48 81.32 0.54 21.08
N PHE E 49 80.39 0.34 20.16
CA PHE E 49 78.94 0.47 20.45
C PHE E 49 78.59 -0.35 21.69
N ARG E 50 78.77 -1.68 21.62
CA ARG E 50 78.49 -2.64 22.71
C ARG E 50 78.99 -2.13 24.06
N ALA E 51 80.20 -1.57 24.06
CA ALA E 51 80.95 -1.08 25.23
C ALA E 51 80.23 0.13 25.81
N VAL E 52 79.96 1.09 24.93
CA VAL E 52 79.22 2.34 25.25
C VAL E 52 77.86 1.99 25.88
N LEU E 53 77.12 1.01 25.36
CA LEU E 53 75.89 0.47 25.97
C LEU E 53 76.19 -0.12 27.36
N GLN E 54 76.92 -1.24 27.41
CA GLN E 54 77.28 -1.97 28.67
C GLN E 54 77.38 -1.00 29.84
N ARG E 55 77.87 0.22 29.60
CA ARG E 55 78.21 1.21 30.65
C ARG E 55 77.32 2.44 30.47
N ASP E 56 76.06 2.23 30.06
CA ASP E 56 74.99 3.22 29.73
C ASP E 56 75.57 4.65 29.62
N GLU E 57 76.52 4.84 28.72
CA GLU E 57 77.31 6.09 28.59
C GLU E 57 76.41 7.11 27.93
N ARG E 58 76.12 8.22 28.58
CA ARG E 58 75.20 9.23 27.96
C ARG E 58 76.04 10.31 27.31
N SER E 59 77.02 9.93 26.49
CA SER E 59 78.05 10.88 26.01
C SER E 59 77.69 11.47 24.64
N GLU E 60 78.23 12.65 24.37
CA GLU E 60 78.10 13.38 23.09
C GLU E 60 78.83 12.61 22.01
N ARG E 61 79.77 11.75 22.39
CA ARG E 61 80.59 10.93 21.45
C ARG E 61 79.80 9.68 21.04
N ALA E 62 79.09 9.07 21.99
CA ALA E 62 78.26 7.86 21.76
C ALA E 62 77.16 8.22 20.77
N PHE E 63 76.66 9.44 20.85
CA PHE E 63 75.54 9.88 19.97
C PHE E 63 76.05 9.82 18.53
N LYS E 64 77.19 10.44 18.23
CA LYS E 64 77.81 10.36 16.89
C LYS E 64 78.02 8.88 16.51
N LEU E 65 78.37 8.04 17.49
CA LEU E 65 78.70 6.61 17.22
C LEU E 65 77.44 5.92 16.68
N THR E 66 76.27 6.23 17.25
CA THR E 66 74.99 5.61 16.83
C THR E 66 74.78 5.86 15.33
N ARG E 67 75.02 7.09 14.86
CA ARG E 67 74.88 7.47 13.42
C ARG E 67 75.63 6.45 12.56
N ASP E 68 76.86 6.07 12.98
CA ASP E 68 77.77 5.11 12.28
C ASP E 68 77.16 3.71 12.41
N ALA E 69 76.68 3.33 13.58
CA ALA E 69 76.08 2.00 13.84
C ALA E 69 74.86 1.80 12.95
N ILE E 70 74.10 2.88 12.71
CA ILE E 70 72.84 2.91 11.92
C ILE E 70 73.18 2.87 10.42
N GLU E 71 74.26 3.52 10.00
CA GLU E 71 74.74 3.44 8.59
C GLU E 71 75.10 1.98 8.27
N LEU E 72 75.74 1.29 9.20
CA LEU E 72 76.07 -0.15 9.03
C LEU E 72 74.81 -1.02 8.97
N ASN E 73 73.77 -0.72 9.76
CA ASN E 73 72.62 -1.64 9.94
C ASN E 73 71.51 -0.95 10.76
N ALA E 74 70.55 -0.34 10.07
CA ALA E 74 69.44 0.43 10.69
C ALA E 74 68.36 -0.53 11.18
N ALA E 75 68.60 -1.83 11.09
CA ALA E 75 67.69 -2.87 11.59
C ALA E 75 67.84 -2.99 13.11
N ASN E 76 68.97 -2.55 13.64
CA ASN E 76 69.33 -2.78 15.07
C ASN E 76 68.44 -1.92 15.95
N TYR E 77 67.32 -2.46 16.43
CA TYR E 77 66.36 -1.74 17.30
C TYR E 77 67.13 -1.14 18.48
N THR E 78 67.97 -1.94 19.12
CA THR E 78 68.76 -1.57 20.32
C THR E 78 69.53 -0.28 20.04
N VAL E 79 70.15 -0.14 18.86
CA VAL E 79 70.92 1.08 18.45
C VAL E 79 69.98 2.30 18.44
N TRP E 80 68.83 2.16 17.79
CA TRP E 80 67.80 3.23 17.72
C TRP E 80 67.35 3.61 19.12
N HIS E 81 66.96 2.62 19.93
CA HIS E 81 66.46 2.82 21.32
C HIS E 81 67.44 3.72 22.08
N PHE E 82 68.70 3.32 22.06
CA PHE E 82 69.80 4.01 22.76
C PHE E 82 69.96 5.42 22.18
N ARG E 83 69.97 5.54 20.85
CA ARG E 83 70.07 6.86 20.19
C ARG E 83 68.97 7.79 20.74
N ARG E 84 67.79 7.24 21.03
CA ARG E 84 66.65 8.05 21.53
C ARG E 84 66.91 8.37 23.01
N VAL E 85 67.57 7.48 23.75
CA VAL E 85 67.96 7.80 25.15
C VAL E 85 68.90 9.00 25.13
N LEU E 86 69.90 8.92 24.23
CA LEU E 86 70.93 9.96 24.00
C LEU E 86 70.26 11.24 23.52
N LEU E 87 69.21 11.14 22.72
CA LEU E 87 68.48 12.35 22.26
C LEU E 87 67.96 13.10 23.49
N ARG E 88 67.29 12.40 24.43
CA ARG E 88 66.71 13.04 25.65
C ARG E 88 67.89 13.49 26.52
N SER E 89 68.74 12.56 26.96
CA SER E 89 69.94 12.86 27.79
C SER E 89 70.67 14.13 27.32
N LEU E 90 71.18 14.18 26.08
CA LEU E 90 71.99 15.34 25.63
C LEU E 90 71.09 16.49 25.17
N GLN E 91 69.78 16.44 25.45
CA GLN E 91 68.84 17.54 25.11
C GLN E 91 69.06 18.04 23.66
N LYS E 92 68.86 17.19 22.65
CA LYS E 92 69.28 17.46 21.24
C LYS E 92 68.12 18.08 20.46
N ASP E 93 68.43 19.02 19.55
CA ASP E 93 67.45 19.65 18.63
C ASP E 93 66.79 18.53 17.82
N LEU E 94 65.58 18.17 18.24
CA LEU E 94 64.80 17.05 17.66
C LEU E 94 64.43 17.35 16.21
N GLN E 95 64.29 18.62 15.85
CA GLN E 95 64.05 19.03 14.45
C GLN E 95 65.20 18.49 13.56
N GLU E 96 66.45 18.50 14.06
CA GLU E 96 67.68 18.17 13.26
C GLU E 96 67.66 16.65 13.02
N GLU E 97 67.10 15.90 13.98
CA GLU E 97 66.86 14.43 13.90
C GLU E 97 65.81 14.13 12.82
N MET E 98 64.65 14.74 12.94
CA MET E 98 63.55 14.57 11.96
C MET E 98 64.08 14.82 10.55
N ASN E 99 65.18 15.56 10.36
CA ASN E 99 65.77 15.74 9.02
C ASN E 99 66.60 14.50 8.70
N TYR E 100 67.46 14.12 9.66
CA TYR E 100 68.31 12.90 9.61
C TYR E 100 67.49 11.73 9.10
N ILE E 101 66.32 11.52 9.72
CA ILE E 101 65.46 10.31 9.57
C ILE E 101 64.79 10.33 8.19
N ILE E 102 64.47 11.51 7.65
CA ILE E 102 63.78 11.62 6.33
C ILE E 102 64.63 10.88 5.30
N ALA E 103 65.94 11.11 5.34
CA ALA E 103 66.94 10.56 4.39
C ALA E 103 66.91 9.03 4.46
N ILE E 104 67.03 8.51 5.68
CA ILE E 104 67.14 7.07 6.06
C ILE E 104 65.89 6.34 5.55
N ILE E 105 64.71 6.89 5.86
CA ILE E 105 63.40 6.27 5.53
C ILE E 105 63.29 6.15 4.00
N GLU E 106 63.66 7.20 3.27
CA GLU E 106 63.75 7.15 1.78
C GLU E 106 64.53 5.91 1.35
N GLU E 107 65.77 5.72 1.86
CA GLU E 107 66.69 4.58 1.54
C GLU E 107 66.02 3.27 1.94
N GLN E 108 65.21 3.24 3.01
CA GLN E 108 64.82 2.00 3.70
C GLN E 108 63.34 2.00 4.05
N PRO E 109 62.43 2.23 3.10
CA PRO E 109 61.06 2.64 3.44
C PRO E 109 60.22 1.48 3.97
N LYS E 110 60.86 0.34 4.29
CA LYS E 110 60.19 -0.87 4.81
C LYS E 110 60.74 -1.25 6.18
N ASN E 111 61.63 -0.44 6.74
CA ASN E 111 62.36 -0.74 8.00
C ASN E 111 61.45 -0.31 9.14
N TYR E 112 60.83 -1.26 9.87
CA TYR E 112 59.84 -0.97 10.94
C TYR E 112 60.45 0.00 11.95
N GLN E 113 61.77 -0.07 12.16
CA GLN E 113 62.51 0.72 13.17
C GLN E 113 62.45 2.20 12.80
N VAL E 114 62.82 2.56 11.57
CA VAL E 114 63.03 3.98 11.20
C VAL E 114 61.68 4.67 11.24
N TRP E 115 60.61 3.95 10.89
CA TRP E 115 59.24 4.51 10.97
C TRP E 115 58.87 4.73 12.44
N HIS E 116 59.08 3.73 13.28
CA HIS E 116 58.89 3.84 14.75
C HIS E 116 59.62 5.08 15.29
N HIS E 117 60.89 5.22 14.96
CA HIS E 117 61.70 6.40 15.35
C HIS E 117 60.94 7.68 14.99
N ARG E 118 60.50 7.83 13.74
CA ARG E 118 59.80 9.07 13.33
C ARG E 118 58.53 9.25 14.14
N ARG E 119 57.82 8.19 14.47
CA ARG E 119 56.54 8.32 15.22
C ARG E 119 56.82 8.85 16.62
N VAL E 120 57.90 8.38 17.24
CA VAL E 120 58.35 8.91 18.54
C VAL E 120 58.68 10.40 18.36
N LEU E 121 59.58 10.72 17.43
CA LEU E 121 60.01 12.13 17.14
C LEU E 121 58.80 13.04 16.97
N VAL E 122 57.71 12.56 16.39
CA VAL E 122 56.50 13.40 16.22
C VAL E 122 55.83 13.52 17.59
N GLU E 123 55.50 12.42 18.24
CA GLU E 123 54.90 12.44 19.60
C GLU E 123 55.63 13.49 20.43
N TRP E 124 56.98 13.39 20.48
CA TRP E 124 57.88 14.23 21.30
C TRP E 124 57.72 15.70 20.92
N LEU E 125 58.02 16.06 19.67
CA LEU E 125 57.88 17.45 19.13
C LEU E 125 56.42 17.94 19.15
N LYS E 126 55.45 17.11 19.56
CA LYS E 126 54.00 17.36 19.41
C LYS E 126 53.75 18.08 18.07
N ASP E 127 54.35 17.63 16.96
CA ASP E 127 54.32 18.43 15.69
C ASP E 127 54.11 17.55 14.47
N PRO E 128 52.84 17.34 14.06
CA PRO E 128 52.55 16.77 12.76
C PRO E 128 52.63 17.70 11.54
N SER E 129 52.99 18.98 11.66
CA SER E 129 52.93 19.90 10.50
C SER E 129 53.59 19.23 9.30
N GLN E 130 54.64 18.44 9.57
CA GLN E 130 55.57 17.86 8.56
C GLN E 130 54.97 16.64 7.86
N GLU E 131 54.45 15.67 8.62
CA GLU E 131 54.20 14.25 8.23
C GLU E 131 53.43 14.09 6.91
N LEU E 132 52.26 14.70 6.77
CA LEU E 132 51.36 14.31 5.65
C LEU E 132 52.09 14.45 4.32
N GLU E 133 52.81 15.56 4.14
CA GLU E 133 53.62 15.83 2.92
C GLU E 133 54.73 14.78 2.78
N PHE E 134 55.48 14.55 3.85
CA PHE E 134 56.61 13.56 3.89
C PHE E 134 56.09 12.19 3.47
N ILE E 135 55.00 11.74 4.09
CA ILE E 135 54.38 10.40 3.88
C ILE E 135 53.99 10.27 2.41
N ALA E 136 53.54 11.35 1.80
CA ALA E 136 52.98 11.28 0.44
C ALA E 136 54.12 11.31 -0.59
N ASP E 137 55.33 11.69 -0.21
CA ASP E 137 56.54 11.54 -1.06
C ASP E 137 56.99 10.07 -1.03
N ILE E 138 56.92 9.47 0.15
CA ILE E 138 57.20 8.04 0.32
C ILE E 138 56.18 7.30 -0.52
N LEU E 139 54.92 7.76 -0.49
CA LEU E 139 53.82 7.05 -1.21
C LEU E 139 54.00 7.28 -2.71
N ASN E 140 54.73 8.31 -3.12
CA ASN E 140 54.99 8.61 -4.54
C ASN E 140 56.01 7.61 -5.08
N GLN E 141 56.98 7.21 -4.25
CA GLN E 141 57.92 6.10 -4.54
C GLN E 141 57.16 4.77 -4.52
N ASP E 142 56.27 4.49 -3.55
CA ASP E 142 55.51 3.20 -3.42
C ASP E 142 54.08 3.40 -2.89
N ALA E 143 53.08 3.45 -3.78
CA ALA E 143 51.70 3.93 -3.48
C ALA E 143 50.99 3.00 -2.49
N LYS E 144 51.57 1.82 -2.20
CA LYS E 144 50.97 0.73 -1.37
C LYS E 144 51.90 0.36 -0.21
N ASN E 145 52.89 1.20 0.11
CA ASN E 145 53.91 0.97 1.17
C ASN E 145 53.18 0.94 2.49
N TYR E 146 53.04 -0.23 3.08
CA TYR E 146 52.12 -0.42 4.23
C TYR E 146 52.50 0.54 5.36
N HIS E 147 53.80 0.71 5.60
CA HIS E 147 54.35 1.50 6.73
C HIS E 147 53.85 2.94 6.60
N ALA E 148 53.96 3.50 5.39
CA ALA E 148 53.61 4.90 5.06
C ALA E 148 52.14 5.12 5.42
N TRP E 149 51.23 4.26 4.94
CA TRP E 149 49.79 4.36 5.25
C TRP E 149 49.57 4.27 6.77
N GLN E 150 50.19 3.29 7.44
CA GLN E 150 50.08 3.09 8.91
C GLN E 150 50.40 4.42 9.59
N HIS E 151 51.51 5.01 9.19
CA HIS E 151 51.97 6.32 9.73
C HIS E 151 50.95 7.38 9.39
N ARG E 152 50.40 7.39 8.18
CA ARG E 152 49.41 8.42 7.73
C ARG E 152 48.14 8.32 8.59
N GLN E 153 47.61 7.11 8.75
CA GLN E 153 46.44 6.89 9.62
C GLN E 153 46.81 7.26 11.05
N TRP E 154 48.01 6.92 11.49
CA TRP E 154 48.39 7.25 12.88
C TRP E 154 48.39 8.77 13.06
N VAL E 155 49.02 9.52 12.16
CA VAL E 155 49.06 10.99 12.29
C VAL E 155 47.62 11.46 12.27
N ILE E 156 46.94 11.25 11.16
CA ILE E 156 45.56 11.80 10.98
C ILE E 156 44.77 11.52 12.26
N GLN E 157 44.61 10.27 12.65
CA GLN E 157 43.80 9.90 13.83
C GLN E 157 44.21 10.76 15.02
N GLU E 158 45.50 10.70 15.38
CA GLU E 158 46.08 11.15 16.66
C GLU E 158 46.13 12.67 16.73
N PHE E 159 46.13 13.36 15.59
CA PHE E 159 46.23 14.84 15.53
C PHE E 159 45.00 15.46 14.86
N ARG E 160 44.02 14.61 14.52
CA ARG E 160 42.76 15.07 13.86
C ARG E 160 43.11 15.91 12.63
N LEU E 161 43.74 15.30 11.63
CA LEU E 161 44.21 16.01 10.39
C LEU E 161 43.35 15.60 9.20
N TRP E 162 42.06 15.36 9.46
CA TRP E 162 41.10 14.78 8.50
C TRP E 162 40.81 15.76 7.35
N ASP E 163 40.50 17.01 7.67
CA ASP E 163 40.23 18.09 6.67
C ASP E 163 40.68 17.73 5.23
N ASN E 164 41.91 17.29 4.97
CA ASN E 164 42.42 17.30 3.57
C ASN E 164 42.65 15.91 2.97
N GLU E 165 42.38 14.83 3.71
CA GLU E 165 42.69 13.44 3.28
C GLU E 165 41.61 12.90 2.33
N LEU E 166 40.38 13.43 2.34
CA LEU E 166 39.38 12.96 1.33
C LEU E 166 39.85 13.47 -0.04
N GLN E 167 40.31 14.71 -0.10
CA GLN E 167 40.80 15.25 -1.39
C GLN E 167 41.99 14.39 -1.85
N TYR E 168 42.82 13.89 -0.92
CA TYR E 168 44.04 13.06 -1.22
C TYR E 168 43.61 11.74 -1.83
N VAL E 169 42.78 10.99 -1.10
CA VAL E 169 42.18 9.73 -1.61
C VAL E 169 41.65 10.00 -3.02
N ASP E 170 40.80 11.02 -3.17
CA ASP E 170 39.97 11.21 -4.39
C ASP E 170 40.91 11.41 -5.59
N GLN E 171 42.10 11.93 -5.32
CA GLN E 171 43.13 12.27 -6.34
C GLN E 171 43.98 11.02 -6.62
N LEU E 172 44.22 10.16 -5.63
CA LEU E 172 45.10 8.95 -5.78
C LEU E 172 44.35 7.83 -6.49
N LEU E 173 43.03 7.80 -6.35
CA LEU E 173 42.17 6.85 -7.11
C LEU E 173 42.11 7.33 -8.56
N LYS E 174 42.13 8.65 -8.81
CA LYS E 174 42.35 9.21 -10.17
C LYS E 174 43.66 8.57 -10.70
N GLU E 175 44.72 8.40 -9.89
CA GLU E 175 46.04 7.95 -10.42
C GLU E 175 46.02 6.47 -10.77
N ASP E 176 45.40 5.64 -9.91
CA ASP E 176 45.40 4.16 -10.02
C ASP E 176 44.15 3.72 -9.26
N VAL E 177 43.07 3.44 -9.99
CA VAL E 177 41.76 3.15 -9.37
C VAL E 177 41.80 1.73 -8.79
N ARG E 178 42.90 1.01 -8.97
CA ARG E 178 43.05 -0.41 -8.55
C ARG E 178 43.79 -0.53 -7.19
N ASN E 179 44.21 0.58 -6.58
CA ASN E 179 45.06 0.64 -5.35
C ASN E 179 44.25 0.27 -4.09
N ASN E 180 44.32 -0.99 -3.58
CA ASN E 180 43.47 -1.45 -2.44
C ASN E 180 43.76 -0.52 -1.25
N SER E 181 45.02 -0.10 -1.15
CA SER E 181 45.53 0.81 -0.08
C SER E 181 44.77 2.15 -0.08
N VAL E 182 44.35 2.67 -1.23
CA VAL E 182 43.67 3.99 -1.31
C VAL E 182 42.19 3.80 -0.98
N TRP E 183 41.53 2.81 -1.57
CA TRP E 183 40.15 2.50 -1.16
C TRP E 183 40.09 2.30 0.37
N ASN E 184 41.05 1.60 1.00
CA ASN E 184 41.02 1.45 2.48
C ASN E 184 41.11 2.84 3.08
N GLN E 185 42.06 3.66 2.65
CA GLN E 185 42.20 5.04 3.20
C GLN E 185 40.86 5.80 3.05
N ARG E 186 40.14 5.64 1.93
CA ARG E 186 38.85 6.37 1.71
C ARG E 186 37.89 6.08 2.87
N HIS E 187 37.69 4.79 3.16
CA HIS E 187 36.70 4.28 4.16
C HIS E 187 37.18 4.73 5.53
N PHE E 188 38.48 4.63 5.79
CA PHE E 188 39.13 5.21 6.99
C PHE E 188 38.62 6.65 7.23
N VAL E 189 38.84 7.53 6.26
CA VAL E 189 38.49 8.97 6.35
C VAL E 189 36.98 9.08 6.58
N ILE E 190 36.18 8.58 5.66
CA ILE E 190 34.71 8.78 5.72
C ILE E 190 34.18 8.20 7.04
N SER E 191 34.58 6.99 7.40
CA SER E 191 33.96 6.27 8.56
C SER E 191 34.41 6.90 9.86
N ASN E 192 35.22 7.97 9.82
CA ASN E 192 35.75 8.72 11.00
C ASN E 192 35.30 10.19 10.97
N THR E 193 34.64 10.60 9.87
CA THR E 193 34.20 11.99 9.59
C THR E 193 32.67 11.96 9.43
N THR E 194 32.15 12.10 8.22
CA THR E 194 30.71 12.07 7.85
C THR E 194 30.02 10.85 8.47
N GLY E 195 30.67 9.69 8.53
CA GLY E 195 29.94 8.43 8.70
C GLY E 195 29.18 8.06 7.44
N TYR E 196 28.62 6.84 7.42
CA TYR E 196 27.84 6.29 6.28
C TYR E 196 26.34 6.38 6.62
N SER E 197 26.05 6.50 7.92
CA SER E 197 24.70 6.66 8.51
C SER E 197 23.97 7.79 7.80
N ASP E 198 24.66 8.81 7.29
CA ASP E 198 24.00 9.91 6.53
C ASP E 198 23.58 9.45 5.14
N ARG E 199 22.26 9.27 4.97
CA ARG E 199 21.51 8.93 3.73
C ARG E 199 22.28 9.36 2.48
N ALA E 200 22.85 10.57 2.53
CA ALA E 200 23.28 11.34 1.33
C ALA E 200 24.74 11.05 1.02
N VAL E 201 25.55 10.93 2.07
CA VAL E 201 26.93 10.39 2.01
C VAL E 201 26.85 9.03 1.32
N LEU E 202 26.08 8.10 1.91
CA LEU E 202 25.91 6.73 1.38
C LEU E 202 25.60 6.83 -0.10
N GLU E 203 24.49 7.49 -0.46
CA GLU E 203 24.14 7.81 -1.87
C GLU E 203 25.41 8.27 -2.61
N ARG E 204 26.09 9.33 -2.13
CA ARG E 204 27.29 9.91 -2.80
C ARG E 204 28.33 8.83 -3.02
N GLU E 205 28.51 7.95 -2.03
CA GLU E 205 29.58 6.91 -1.99
C GLU E 205 29.20 5.74 -2.90
N VAL E 206 27.99 5.25 -2.78
CA VAL E 206 27.53 4.12 -3.63
C VAL E 206 27.52 4.60 -5.09
N GLN E 207 27.30 5.90 -5.32
CA GLN E 207 27.34 6.49 -6.69
C GLN E 207 28.79 6.54 -7.16
N TYR E 208 29.67 7.14 -6.36
CA TYR E 208 31.12 7.29 -6.64
C TYR E 208 31.73 5.95 -7.06
N THR E 209 31.38 4.90 -6.31
CA THR E 209 31.97 3.55 -6.38
C THR E 209 31.55 2.87 -7.69
N LEU E 210 30.30 3.07 -8.09
CA LEU E 210 29.77 2.59 -9.40
C LEU E 210 30.43 3.40 -10.53
N GLU E 211 30.63 4.71 -10.37
CA GLU E 211 31.32 5.49 -11.43
C GLU E 211 32.66 4.84 -11.74
N MET E 212 33.32 4.30 -10.71
CA MET E 212 34.70 3.76 -10.73
C MET E 212 34.67 2.28 -11.11
N ILE E 213 33.48 1.67 -11.17
CA ILE E 213 33.30 0.29 -11.69
C ILE E 213 33.02 0.40 -13.21
N LYS E 214 32.06 1.25 -13.62
CA LYS E 214 31.75 1.52 -15.06
C LYS E 214 33.10 1.88 -15.72
N LEU E 215 34.03 2.52 -15.01
CA LEU E 215 35.35 2.94 -15.54
C LEU E 215 36.29 1.76 -15.70
N VAL E 216 36.30 0.84 -14.73
CA VAL E 216 37.27 -0.28 -14.64
C VAL E 216 36.66 -1.37 -13.78
N PRO E 217 35.88 -2.27 -14.40
CA PRO E 217 35.00 -3.17 -13.68
C PRO E 217 35.68 -4.44 -13.18
N HIS E 218 36.91 -4.73 -13.64
CA HIS E 218 37.69 -5.85 -13.02
C HIS E 218 38.61 -5.25 -11.95
N ASN E 219 37.99 -4.79 -10.86
CA ASN E 219 38.67 -4.01 -9.80
C ASN E 219 38.07 -4.49 -8.48
N GLU E 220 38.62 -5.55 -7.91
CA GLU E 220 38.09 -6.12 -6.64
C GLU E 220 37.93 -4.97 -5.64
N SER E 221 38.88 -4.03 -5.64
CA SER E 221 39.10 -3.10 -4.50
C SER E 221 37.84 -2.26 -4.30
N ALA E 222 37.27 -1.82 -5.44
CA ALA E 222 36.02 -1.02 -5.58
C ALA E 222 34.81 -1.85 -5.15
N TRP E 223 34.67 -3.06 -5.66
CA TRP E 223 33.52 -3.93 -5.30
C TRP E 223 33.53 -4.24 -3.79
N ASN E 224 34.66 -4.64 -3.24
CA ASN E 224 34.79 -4.84 -1.77
C ASN E 224 34.20 -3.63 -1.01
N TYR E 225 34.51 -2.39 -1.46
CA TYR E 225 34.13 -1.10 -0.82
C TYR E 225 32.61 -0.94 -0.87
N LEU E 226 32.04 -1.07 -2.09
CA LEU E 226 30.57 -1.11 -2.30
C LEU E 226 29.97 -2.14 -1.34
N LYS E 227 30.41 -3.41 -1.38
CA LYS E 227 29.88 -4.44 -0.45
C LYS E 227 30.03 -3.92 0.98
N GLY E 228 31.23 -3.47 1.34
CA GLY E 228 31.54 -3.06 2.72
C GLY E 228 30.63 -1.96 3.25
N ILE E 229 30.33 -0.93 2.46
CA ILE E 229 29.57 0.23 2.98
C ILE E 229 28.08 -0.09 2.97
N LEU E 230 27.69 -1.24 2.45
CA LEU E 230 26.27 -1.61 2.33
C LEU E 230 26.01 -2.88 3.11
N GLN E 231 27.03 -3.66 3.44
CA GLN E 231 26.78 -5.09 3.71
C GLN E 231 26.06 -5.17 5.04
N ASP E 232 26.27 -4.20 5.92
CA ASP E 232 25.72 -4.32 7.29
C ASP E 232 24.34 -3.69 7.35
N ARG E 233 23.98 -2.77 6.45
CA ARG E 233 22.58 -2.27 6.37
C ARG E 233 21.76 -3.33 5.65
N GLY E 234 22.40 -4.20 4.86
CA GLY E 234 21.77 -5.36 4.20
C GLY E 234 21.61 -5.12 2.71
N LEU E 235 22.24 -5.96 1.90
CA LEU E 235 22.26 -5.77 0.43
C LEU E 235 20.83 -5.84 -0.13
N SER E 236 19.99 -6.73 0.42
CA SER E 236 18.55 -6.90 0.04
C SER E 236 17.88 -5.52 -0.01
N ARG E 237 18.10 -4.70 1.02
CA ARG E 237 17.29 -3.48 1.36
C ARG E 237 17.35 -2.38 0.27
N TYR E 238 18.27 -2.47 -0.71
CA TYR E 238 18.62 -1.41 -1.70
C TYR E 238 18.26 -1.81 -3.13
N PRO E 239 16.96 -1.95 -3.46
CA PRO E 239 16.52 -2.71 -4.64
C PRO E 239 16.87 -2.05 -5.98
N ASN E 240 17.13 -0.74 -5.99
CA ASN E 240 17.64 -0.05 -7.20
C ASN E 240 19.05 -0.54 -7.55
N LEU E 241 19.81 -1.02 -6.57
CA LEU E 241 21.17 -1.54 -6.81
C LEU E 241 21.05 -2.85 -7.60
N LEU E 242 20.26 -3.80 -7.08
CA LEU E 242 20.03 -5.10 -7.74
C LEU E 242 19.67 -4.88 -9.23
N ASN E 243 18.70 -4.04 -9.55
CA ASN E 243 18.29 -3.80 -10.97
C ASN E 243 19.44 -3.10 -11.72
N GLN E 244 20.10 -2.13 -11.10
CA GLN E 244 21.21 -1.36 -11.75
C GLN E 244 22.38 -2.28 -12.09
N LEU E 245 22.59 -3.32 -11.27
CA LEU E 245 23.67 -4.32 -11.46
C LEU E 245 23.24 -5.35 -12.51
N LEU E 246 21.98 -5.76 -12.53
CA LEU E 246 21.49 -6.75 -13.52
C LEU E 246 21.50 -6.10 -14.90
N ASP E 247 21.35 -4.77 -14.96
CA ASP E 247 21.40 -3.98 -16.23
C ASP E 247 22.85 -3.93 -16.72
N LEU E 248 23.84 -3.88 -15.82
CA LEU E 248 25.29 -3.92 -16.16
C LEU E 248 25.71 -5.27 -16.77
N GLN E 249 25.12 -6.40 -16.34
CA GLN E 249 25.58 -7.82 -16.56
C GLN E 249 25.90 -8.09 -18.02
N PRO E 250 25.12 -7.58 -19.02
CA PRO E 250 25.62 -7.37 -20.37
C PRO E 250 27.13 -7.03 -20.49
N SER E 251 27.54 -5.76 -20.37
CA SER E 251 28.85 -5.23 -20.87
C SER E 251 29.92 -5.13 -19.76
N HIS E 252 29.57 -4.70 -18.55
CA HIS E 252 30.51 -4.40 -17.43
C HIS E 252 30.60 -5.62 -16.47
N SER E 253 30.46 -6.84 -17.00
CA SER E 253 30.46 -8.10 -16.21
C SER E 253 31.88 -8.51 -15.79
N SER E 254 31.96 -9.26 -14.69
CA SER E 254 33.18 -9.60 -13.92
C SER E 254 32.76 -10.57 -12.83
N PRO E 255 33.65 -11.47 -12.39
CA PRO E 255 33.30 -12.40 -11.32
C PRO E 255 32.94 -11.68 -10.02
N TYR E 256 33.27 -10.39 -9.94
CA TYR E 256 33.04 -9.56 -8.73
C TYR E 256 31.55 -9.24 -8.69
N LEU E 257 31.01 -8.84 -9.83
CA LEU E 257 29.59 -8.42 -10.03
C LEU E 257 28.67 -9.61 -9.75
N ILE E 258 29.00 -10.75 -10.32
CA ILE E 258 28.20 -12.01 -10.17
C ILE E 258 28.20 -12.34 -8.67
N ALA E 259 29.38 -12.33 -8.06
CA ALA E 259 29.56 -12.58 -6.60
C ALA E 259 28.58 -11.68 -5.84
N PHE E 260 28.66 -10.38 -6.08
CA PHE E 260 27.78 -9.36 -5.44
C PHE E 260 26.34 -9.84 -5.47
N LEU E 261 25.85 -10.23 -6.65
CA LEU E 261 24.43 -10.63 -6.84
C LEU E 261 24.15 -11.81 -5.90
N VAL E 262 24.90 -12.89 -6.04
CA VAL E 262 24.78 -14.11 -5.17
C VAL E 262 24.52 -13.66 -3.72
N ASP E 263 25.27 -12.67 -3.25
CA ASP E 263 25.26 -12.18 -1.83
C ASP E 263 23.98 -11.38 -1.58
N ILE E 264 23.59 -10.54 -2.55
CA ILE E 264 22.30 -9.80 -2.56
C ILE E 264 21.21 -10.84 -2.32
N TYR E 265 21.18 -11.88 -3.15
CA TYR E 265 20.19 -12.98 -3.05
C TYR E 265 20.28 -13.58 -1.64
N GLU E 266 21.47 -13.91 -1.12
CA GLU E 266 21.58 -14.59 0.21
C GLU E 266 21.08 -13.66 1.33
N ASP E 267 21.02 -12.34 1.11
CA ASP E 267 20.56 -11.35 2.13
C ASP E 267 19.05 -11.23 2.04
N MET E 268 18.47 -11.46 0.85
CA MET E 268 17.00 -11.59 0.68
C MET E 268 16.59 -12.87 1.41
N LEU E 269 17.24 -13.99 1.12
CA LEU E 269 16.92 -15.29 1.77
C LEU E 269 17.02 -15.10 3.30
N GLU E 270 18.15 -14.59 3.83
CA GLU E 270 18.35 -14.41 5.31
C GLU E 270 17.16 -13.60 5.87
N ASN E 271 16.49 -12.73 5.08
CA ASN E 271 15.37 -11.86 5.53
C ASN E 271 14.01 -12.33 4.99
N GLN E 272 13.65 -13.60 5.20
CA GLN E 272 12.51 -14.28 4.53
C GLN E 272 11.85 -13.26 3.57
N CYS E 273 12.32 -13.19 2.33
CA CYS E 273 11.78 -12.39 1.19
C CYS E 273 10.53 -13.09 0.64
N ASP E 274 9.93 -12.55 -0.41
CA ASP E 274 8.86 -13.24 -1.17
C ASP E 274 9.50 -14.07 -2.30
N ASN E 275 9.17 -15.36 -2.37
CA ASN E 275 9.49 -16.30 -3.49
C ASN E 275 10.82 -17.02 -3.21
N LYS E 276 11.08 -17.32 -1.94
CA LYS E 276 12.21 -18.15 -1.44
C LYS E 276 12.78 -19.05 -2.55
N GLU E 277 12.09 -20.16 -2.91
CA GLU E 277 12.64 -21.21 -3.82
C GLU E 277 12.85 -20.62 -5.23
N ASP E 278 12.25 -19.47 -5.60
CA ASP E 278 12.53 -18.79 -6.90
C ASP E 278 13.88 -18.08 -6.83
N ILE E 279 14.09 -17.29 -5.76
CA ILE E 279 15.34 -16.54 -5.46
C ILE E 279 16.50 -17.53 -5.41
N LEU E 280 16.48 -18.42 -4.43
CA LEU E 280 17.49 -19.49 -4.24
C LEU E 280 17.92 -20.04 -5.61
N ASN E 281 16.99 -20.34 -6.49
CA ASN E 281 17.33 -20.89 -7.84
C ASN E 281 18.12 -19.83 -8.64
N LYS E 282 17.81 -18.54 -8.55
CA LYS E 282 18.60 -17.47 -9.26
C LYS E 282 20.02 -17.41 -8.71
N ALA E 283 20.15 -17.57 -7.38
CA ALA E 283 21.44 -17.55 -6.65
C ALA E 283 22.27 -18.74 -7.12
N LEU E 284 21.62 -19.89 -7.28
CA LEU E 284 22.27 -21.13 -7.75
C LEU E 284 22.59 -21.00 -9.25
N GLU E 285 21.68 -20.45 -10.09
CA GLU E 285 21.93 -20.35 -11.59
C GLU E 285 23.20 -19.50 -11.77
N LEU E 286 23.58 -18.69 -10.76
CA LEU E 286 24.82 -17.87 -10.74
C LEU E 286 26.00 -18.67 -10.20
N CYS E 287 25.93 -19.11 -8.93
CA CYS E 287 26.95 -19.97 -8.27
C CYS E 287 27.51 -20.97 -9.30
N GLU E 288 26.64 -21.56 -10.11
CA GLU E 288 27.05 -22.56 -11.13
C GLU E 288 27.66 -21.79 -12.32
N ILE E 289 27.24 -20.56 -12.61
CA ILE E 289 27.88 -19.72 -13.69
C ILE E 289 29.33 -19.40 -13.27
N LEU E 290 29.53 -18.93 -12.03
CA LEU E 290 30.90 -18.71 -11.50
C LEU E 290 31.71 -19.98 -11.76
N ALA E 291 31.25 -21.10 -11.20
CA ALA E 291 31.94 -22.41 -11.18
C ALA E 291 32.29 -22.90 -12.60
N LYS E 292 31.35 -22.80 -13.56
CA LYS E 292 31.49 -23.20 -15.00
C LYS E 292 32.16 -22.03 -15.76
N GLU E 293 31.42 -21.12 -16.43
CA GLU E 293 32.00 -20.21 -17.49
C GLU E 293 32.70 -18.95 -16.92
N LYS E 294 32.75 -18.63 -15.61
CA LYS E 294 32.97 -17.21 -15.14
C LYS E 294 34.06 -16.96 -14.08
N ASP E 295 34.09 -17.70 -12.97
CA ASP E 295 35.17 -17.58 -11.95
C ASP E 295 35.90 -18.94 -11.86
N THR E 296 36.33 -19.40 -13.03
CA THR E 296 36.81 -20.78 -13.31
C THR E 296 37.59 -21.30 -12.11
N ILE E 297 38.49 -20.47 -11.56
CA ILE E 297 39.53 -20.92 -10.59
C ILE E 297 38.92 -21.16 -9.20
N ARG E 298 37.71 -20.70 -8.90
CA ARG E 298 37.06 -21.11 -7.62
C ARG E 298 35.97 -22.16 -7.90
N LYS E 299 36.05 -22.84 -9.07
CA LYS E 299 35.33 -24.11 -9.41
C LYS E 299 34.67 -24.59 -8.11
N GLU E 300 35.49 -25.06 -7.17
CA GLU E 300 35.03 -25.92 -6.04
C GLU E 300 34.47 -25.05 -4.91
N TYR E 301 34.94 -23.80 -4.75
CA TYR E 301 34.43 -22.87 -3.70
C TYR E 301 32.95 -22.61 -3.99
N TRP E 302 32.68 -22.25 -5.24
CA TRP E 302 31.35 -21.75 -5.65
C TRP E 302 30.35 -22.90 -5.59
N ARG E 303 30.79 -24.08 -6.04
CA ARG E 303 30.01 -25.34 -5.90
C ARG E 303 29.62 -25.47 -4.42
N TYR E 304 30.57 -25.31 -3.50
CA TYR E 304 30.35 -25.42 -2.03
C TYR E 304 29.41 -24.31 -1.58
N ILE E 305 29.49 -23.12 -2.17
CA ILE E 305 28.58 -21.98 -1.79
C ILE E 305 27.16 -22.37 -2.20
N GLY E 306 27.01 -22.86 -3.43
CA GLY E 306 25.73 -23.40 -3.93
C GLY E 306 25.12 -24.39 -2.95
N ARG E 307 25.84 -25.50 -2.72
CA ARG E 307 25.42 -26.60 -1.82
C ARG E 307 25.05 -25.98 -0.45
N SER E 308 25.95 -25.17 0.12
CA SER E 308 25.76 -24.40 1.37
C SER E 308 24.40 -23.71 1.35
N LEU E 309 24.13 -22.96 0.27
CA LEU E 309 22.88 -22.16 0.05
C LEU E 309 21.66 -23.08 0.04
N GLN E 310 21.70 -24.13 -0.77
CA GLN E 310 20.56 -25.06 -0.95
C GLN E 310 20.22 -25.71 0.39
N SER E 311 21.20 -26.24 1.13
CA SER E 311 20.91 -26.98 2.38
C SER E 311 20.60 -26.00 3.51
N LYS E 312 20.64 -24.69 3.27
CA LYS E 312 20.34 -23.67 4.31
C LYS E 312 19.02 -22.97 3.96
N HIS E 313 18.38 -23.33 2.86
CA HIS E 313 17.12 -22.69 2.40
C HIS E 313 16.15 -23.76 1.87
N SER E 314 16.16 -24.95 2.51
CA SER E 314 15.28 -26.12 2.26
C SER E 314 15.16 -26.95 3.54
N LEU F 1 57.28 -27.90 -12.46
CA LEU F 1 57.70 -29.29 -12.79
C LEU F 1 57.58 -30.18 -11.53
N ASP F 2 58.62 -30.30 -10.71
CA ASP F 2 58.76 -31.35 -9.65
C ASP F 2 59.72 -30.83 -8.56
N PHE F 3 59.56 -31.30 -7.32
CA PHE F 3 60.06 -30.62 -6.08
C PHE F 3 61.39 -31.21 -5.62
N LEU F 4 62.44 -30.42 -5.45
CA LEU F 4 63.85 -30.90 -5.37
C LEU F 4 64.25 -31.17 -3.91
N ARG F 5 63.41 -31.94 -3.21
CA ARG F 5 63.53 -32.32 -1.78
C ARG F 5 64.98 -32.34 -1.29
N ASP F 6 65.93 -32.84 -2.09
CA ASP F 6 67.35 -32.95 -1.65
C ASP F 6 67.97 -31.55 -1.60
N ARG F 7 67.93 -30.85 -2.74
CA ARG F 7 68.52 -29.51 -2.97
C ARG F 7 68.08 -28.60 -1.81
N HIS F 8 66.80 -28.64 -1.45
CA HIS F 8 66.19 -27.78 -0.39
C HIS F 8 66.84 -28.11 0.97
N VAL F 9 67.26 -29.35 1.14
CA VAL F 9 67.96 -29.80 2.37
C VAL F 9 69.36 -29.19 2.36
N ARG F 10 70.11 -29.36 1.27
CA ARG F 10 71.45 -28.71 1.10
C ARG F 10 71.26 -27.21 1.25
N PHE F 11 70.07 -26.68 0.94
CA PHE F 11 69.78 -25.23 1.04
C PHE F 11 69.77 -24.83 2.52
N PHE F 12 68.71 -25.21 3.24
CA PHE F 12 68.53 -24.94 4.69
C PHE F 12 69.80 -25.29 5.48
N GLN F 13 70.55 -26.32 5.08
CA GLN F 13 71.90 -26.58 5.67
C GLN F 13 72.72 -25.29 5.63
N ARG F 14 72.80 -24.64 4.45
CA ARG F 14 73.61 -23.41 4.26
C ARG F 14 73.05 -22.25 5.11
N CYS F 15 71.72 -22.10 5.13
CA CYS F 15 71.03 -21.06 5.94
C CYS F 15 71.60 -21.11 7.36
N LEU F 16 71.75 -22.31 7.91
CA LEU F 16 72.23 -22.53 9.31
C LEU F 16 73.67 -22.05 9.47
N GLN F 17 74.51 -22.14 8.44
CA GLN F 17 75.97 -22.05 8.65
C GLN F 17 76.43 -20.60 8.74
N VAL F 18 76.77 -20.05 7.58
CA VAL F 18 77.53 -18.79 7.52
C VAL F 18 76.95 -17.98 6.39
N LEU F 19 77.11 -16.67 6.52
CA LEU F 19 76.58 -15.65 5.59
C LEU F 19 77.62 -14.55 5.51
N PRO F 20 77.79 -13.96 4.32
CA PRO F 20 78.67 -12.81 4.15
C PRO F 20 78.17 -11.57 4.89
N GLU F 21 78.94 -10.49 4.81
CA GLU F 21 78.65 -9.24 5.54
C GLU F 21 77.40 -8.58 4.93
N ARG F 22 76.94 -9.07 3.78
CA ARG F 22 75.80 -8.43 3.10
C ARG F 22 74.52 -8.76 3.89
N TYR F 23 74.50 -9.80 4.72
CA TYR F 23 73.27 -10.17 5.48
C TYR F 23 73.24 -9.48 6.85
N SER F 24 74.09 -8.45 7.05
CA SER F 24 74.27 -7.76 8.36
C SER F 24 72.92 -7.40 9.01
N SER F 25 71.96 -7.03 8.16
CA SER F 25 70.59 -6.63 8.57
C SER F 25 69.87 -7.73 9.36
N LEU F 26 70.29 -9.00 9.29
CA LEU F 26 69.54 -10.11 9.96
C LEU F 26 70.10 -10.36 11.35
N GLU F 27 71.08 -9.57 11.82
CA GLU F 27 71.79 -9.93 13.07
C GLU F 27 70.76 -10.01 14.20
N THR F 28 69.98 -8.95 14.40
CA THR F 28 69.08 -8.79 15.59
C THR F 28 67.88 -9.73 15.48
N SER F 29 67.97 -10.73 14.61
CA SER F 29 66.89 -11.70 14.28
C SER F 29 67.42 -12.94 13.52
N ARG F 30 68.62 -13.42 13.87
CA ARG F 30 69.18 -14.71 13.35
C ARG F 30 68.30 -15.87 13.81
N LEU F 31 67.84 -15.81 15.07
CA LEU F 31 67.03 -16.88 15.69
C LEU F 31 65.84 -17.25 14.77
N THR F 32 65.26 -16.28 14.07
CA THR F 32 64.09 -16.52 13.17
C THR F 32 64.56 -17.21 11.89
N ILE F 33 65.76 -16.86 11.41
CA ILE F 33 66.38 -17.49 10.21
C ILE F 33 66.67 -18.95 10.56
N ALA F 34 67.24 -19.18 11.75
CA ALA F 34 67.37 -20.52 12.33
C ALA F 34 66.02 -21.23 12.14
N PHE F 35 64.96 -20.66 12.70
CA PHE F 35 63.65 -21.35 12.78
C PHE F 35 63.30 -21.85 11.38
N PHE F 36 63.49 -21.01 10.37
CA PHE F 36 63.07 -21.32 8.97
C PHE F 36 63.85 -22.52 8.44
N ALA F 37 65.16 -22.55 8.71
CA ALA F 37 66.03 -23.68 8.29
C ALA F 37 65.59 -24.94 9.05
N LEU F 38 65.58 -24.89 10.39
CA LEU F 38 65.34 -26.06 11.29
C LEU F 38 63.93 -26.64 11.08
N SER F 39 62.88 -25.83 11.23
CA SER F 39 61.50 -26.28 10.89
C SER F 39 61.47 -26.65 9.41
N GLY F 40 62.35 -26.07 8.59
CA GLY F 40 62.42 -26.35 7.15
C GLY F 40 62.83 -27.79 6.90
N LEU F 41 63.96 -28.17 7.50
CA LEU F 41 64.48 -29.56 7.50
C LEU F 41 63.44 -30.44 8.19
N ASP F 42 63.06 -30.09 9.42
CA ASP F 42 61.94 -30.75 10.15
C ASP F 42 60.88 -31.18 9.14
N MET F 43 60.52 -30.31 8.19
CA MET F 43 59.41 -30.60 7.25
C MET F 43 59.83 -31.65 6.21
N LEU F 44 61.11 -31.70 5.83
CA LEU F 44 61.66 -32.69 4.85
C LEU F 44 62.35 -33.85 5.57
N ASP F 45 62.17 -33.92 6.88
CA ASP F 45 62.59 -35.06 7.74
C ASP F 45 64.12 -35.13 7.82
N SER F 46 64.82 -34.05 7.47
CA SER F 46 66.31 -34.04 7.41
C SER F 46 66.93 -33.34 8.61
N LEU F 47 66.28 -33.37 9.78
CA LEU F 47 66.84 -32.74 11.01
C LEU F 47 68.17 -33.40 11.44
N ASP F 48 68.38 -34.68 11.11
CA ASP F 48 69.64 -35.42 11.43
C ASP F 48 70.86 -34.61 10.93
N VAL F 49 70.75 -33.86 9.82
CA VAL F 49 71.91 -33.30 9.05
C VAL F 49 72.59 -32.15 9.81
N VAL F 50 72.07 -31.74 10.96
CA VAL F 50 72.70 -30.70 11.84
C VAL F 50 72.95 -31.30 13.22
N ASN F 51 73.83 -30.67 14.00
CA ASN F 51 74.09 -31.08 15.41
C ASN F 51 73.06 -30.43 16.35
N LYS F 52 71.89 -31.06 16.44
CA LYS F 52 70.82 -30.72 17.40
C LYS F 52 71.40 -30.24 18.74
N ASP F 53 72.27 -31.02 19.38
CA ASP F 53 72.71 -30.79 20.78
C ASP F 53 73.40 -29.44 20.85
N ASP F 54 74.23 -29.15 19.85
CA ASP F 54 75.09 -27.94 19.72
C ASP F 54 74.25 -26.69 19.44
N ILE F 55 73.17 -26.83 18.66
CA ILE F 55 72.21 -25.73 18.40
C ILE F 55 71.41 -25.44 19.68
N ILE F 56 70.78 -26.46 20.26
CA ILE F 56 70.00 -26.33 21.53
C ILE F 56 70.82 -25.46 22.49
N GLU F 57 72.13 -25.62 22.49
CA GLU F 57 73.06 -24.82 23.32
C GLU F 57 73.04 -23.35 22.87
N TRP F 58 73.42 -23.06 21.63
CA TRP F 58 73.44 -21.67 21.09
C TRP F 58 72.10 -20.99 21.44
N ILE F 59 70.98 -21.71 21.27
CA ILE F 59 69.62 -21.14 21.48
C ILE F 59 69.50 -20.68 22.93
N TYR F 60 69.82 -21.59 23.85
CA TYR F 60 69.64 -21.35 25.31
C TYR F 60 70.58 -20.21 25.71
N SER F 61 71.67 -20.04 24.93
CA SER F 61 72.66 -18.96 25.13
C SER F 61 71.93 -17.63 24.99
N LEU F 62 70.92 -17.60 24.12
CA LEU F 62 70.20 -16.37 23.71
C LEU F 62 69.05 -16.08 24.67
N GLN F 63 68.67 -17.02 25.55
CA GLN F 63 67.66 -16.80 26.62
C GLN F 63 68.12 -15.66 27.53
N VAL F 64 67.23 -14.72 27.84
CA VAL F 64 67.38 -13.75 28.98
C VAL F 64 66.76 -14.41 30.21
N LEU F 65 67.54 -14.41 31.29
CA LEU F 65 67.11 -14.98 32.58
C LEU F 65 66.91 -13.87 33.60
N PRO F 66 66.26 -14.16 34.74
CA PRO F 66 66.11 -13.16 35.79
C PRO F 66 67.49 -13.06 36.48
N THR F 67 67.78 -11.90 37.06
CA THR F 67 69.06 -11.64 37.76
C THR F 67 69.00 -12.19 39.19
N GLU F 68 70.13 -12.14 39.92
CA GLU F 68 70.17 -12.35 41.38
C GLU F 68 68.77 -12.04 41.93
N ASP F 69 68.39 -10.77 41.84
CA ASP F 69 67.28 -10.14 42.61
C ASP F 69 65.97 -10.08 41.82
N ARG F 70 65.83 -10.83 40.71
CA ARG F 70 64.57 -10.98 39.92
C ARG F 70 63.85 -9.63 39.72
N SER F 71 64.61 -8.56 39.41
CA SER F 71 64.09 -7.18 39.18
C SER F 71 63.82 -6.95 37.68
N ASN F 72 64.55 -7.67 36.81
CA ASN F 72 64.44 -7.58 35.33
C ASN F 72 63.51 -8.69 34.80
N LEU F 73 62.44 -9.04 35.52
CA LEU F 73 61.45 -10.04 35.02
C LEU F 73 60.76 -9.50 33.75
N ASP F 74 60.36 -8.21 33.76
CA ASP F 74 59.64 -7.51 32.65
C ASP F 74 60.39 -7.64 31.32
N ARG F 75 61.68 -7.99 31.38
CA ARG F 75 62.64 -7.87 30.24
C ARG F 75 63.16 -9.26 29.88
N CYS F 76 62.52 -10.32 30.37
CA CYS F 76 62.92 -11.73 30.12
C CYS F 76 62.29 -12.29 28.84
N GLY F 77 63.05 -13.15 28.15
CA GLY F 77 62.54 -13.93 27.01
C GLY F 77 63.70 -14.61 26.30
N PHE F 78 63.79 -14.43 24.98
CA PHE F 78 64.99 -14.76 24.17
C PHE F 78 65.46 -13.51 23.41
N ARG F 79 66.78 -13.35 23.28
CA ARG F 79 67.46 -12.40 22.36
C ARG F 79 67.43 -12.95 20.93
N GLY F 80 67.55 -12.07 19.91
CA GLY F 80 67.70 -12.45 18.49
C GLY F 80 69.07 -13.06 18.17
N SER F 81 70.10 -12.67 18.97
CA SER F 81 71.52 -13.08 18.88
C SER F 81 72.37 -12.48 20.02
N SER F 82 73.68 -12.75 19.97
CA SER F 82 74.69 -12.33 20.97
C SER F 82 75.05 -10.85 20.80
N TYR F 83 74.53 -10.20 19.75
CA TYR F 83 74.94 -8.87 19.23
C TYR F 83 75.28 -7.87 20.35
N LEU F 84 74.71 -7.99 21.56
CA LEU F 84 74.80 -7.00 22.66
C LEU F 84 76.14 -7.11 23.42
N GLY F 85 76.84 -8.22 23.21
CA GLY F 85 78.15 -8.56 23.82
C GLY F 85 77.97 -9.00 25.26
N ILE F 86 77.14 -10.00 25.48
CA ILE F 86 77.00 -10.68 26.80
C ILE F 86 77.80 -11.98 26.70
N PRO F 87 78.57 -12.35 27.75
CA PRO F 87 79.34 -13.58 27.70
C PRO F 87 78.44 -14.81 27.51
N PHE F 88 78.77 -15.61 26.48
CA PHE F 88 78.11 -16.91 26.12
C PHE F 88 77.80 -17.72 27.38
N ASN F 89 76.57 -18.20 27.56
CA ASN F 89 76.12 -18.74 28.86
C ASN F 89 74.87 -19.57 28.62
N PRO F 90 75.00 -20.84 28.15
CA PRO F 90 73.85 -21.61 27.70
C PRO F 90 72.86 -21.97 28.83
N SER F 91 72.21 -20.95 29.39
CA SER F 91 71.31 -21.00 30.57
C SER F 91 72.02 -21.73 31.73
N LYS F 92 73.36 -21.65 31.81
CA LYS F 92 74.18 -22.21 32.93
C LYS F 92 73.98 -21.31 34.15
N ASN F 93 74.92 -20.38 34.41
CA ASN F 93 74.81 -19.33 35.47
C ASN F 93 73.45 -18.62 35.35
N PRO F 94 73.11 -17.64 36.22
CA PRO F 94 71.89 -16.85 36.05
C PRO F 94 72.19 -15.63 35.15
N GLY F 95 71.17 -14.81 34.97
CA GLY F 95 71.22 -13.57 34.16
C GLY F 95 72.27 -12.62 34.68
N THR F 96 72.80 -11.76 33.80
CA THR F 96 73.99 -10.89 34.01
C THR F 96 73.55 -9.44 33.68
N ALA F 97 73.06 -8.68 34.66
CA ALA F 97 72.46 -7.32 34.50
C ALA F 97 73.19 -6.54 33.39
N HIS F 98 72.44 -5.84 32.54
CA HIS F 98 72.87 -5.04 31.36
C HIS F 98 71.72 -4.08 31.14
N PRO F 99 71.89 -2.74 31.19
CA PRO F 99 70.71 -1.86 31.32
C PRO F 99 69.79 -1.87 30.09
N TYR F 100 70.16 -2.62 29.04
CA TYR F 100 69.52 -2.61 27.69
C TYR F 100 69.17 -4.02 27.20
N ASP F 101 69.74 -5.09 27.75
CA ASP F 101 69.49 -6.49 27.30
C ASP F 101 68.04 -6.89 27.63
N SER F 102 67.29 -7.44 26.68
CA SER F 102 65.94 -7.98 26.91
C SER F 102 65.41 -8.84 25.75
N GLY F 103 64.39 -9.63 26.07
CA GLY F 103 63.74 -10.50 25.10
C GLY F 103 63.00 -9.71 24.05
N HIS F 104 62.80 -10.36 22.92
CA HIS F 104 62.00 -9.88 21.77
C HIS F 104 60.92 -10.93 21.49
N ILE F 105 59.65 -10.56 21.60
CA ILE F 105 58.49 -11.47 21.43
C ILE F 105 58.72 -12.44 20.26
N ALA F 106 59.26 -11.98 19.13
CA ALA F 106 59.42 -12.84 17.93
C ALA F 106 60.55 -13.84 18.15
N MET F 107 61.49 -13.49 19.01
CA MET F 107 62.65 -14.33 19.32
C MET F 107 62.27 -15.33 20.41
N THR F 108 61.65 -14.87 21.50
CA THR F 108 60.94 -15.75 22.45
C THR F 108 60.21 -16.85 21.66
N TYR F 109 59.39 -16.49 20.66
CA TYR F 109 58.53 -17.44 19.88
C TYR F 109 59.40 -18.41 19.07
N THR F 110 60.33 -17.91 18.25
CA THR F 110 61.15 -18.76 17.34
C THR F 110 62.17 -19.56 18.16
N GLY F 111 62.63 -19.03 19.30
CA GLY F 111 63.43 -19.77 20.30
C GLY F 111 62.71 -21.03 20.76
N LEU F 112 61.69 -20.87 21.59
CA LEU F 112 60.81 -21.99 22.05
C LEU F 112 60.46 -22.92 20.88
N SER F 113 60.01 -22.38 19.75
CA SER F 113 59.56 -23.19 18.57
C SER F 113 60.74 -24.03 18.09
N CYS F 114 61.95 -23.49 18.08
CA CYS F 114 63.19 -24.24 17.67
C CYS F 114 63.46 -25.35 18.69
N LEU F 115 63.64 -24.98 19.96
CA LEU F 115 63.87 -25.92 21.09
C LEU F 115 62.96 -27.15 20.97
N ILE F 116 61.65 -26.96 20.82
CA ILE F 116 60.68 -28.09 20.70
C ILE F 116 61.10 -28.98 19.53
N ILE F 117 61.38 -28.36 18.37
CA ILE F 117 61.65 -29.04 17.05
C ILE F 117 62.86 -29.97 17.22
N LEU F 118 63.97 -29.42 17.71
CA LEU F 118 65.28 -30.11 17.90
C LEU F 118 65.18 -31.16 19.01
N GLY F 119 64.05 -31.20 19.72
CA GLY F 119 63.67 -32.25 20.68
C GLY F 119 64.19 -31.98 22.08
N ASP F 120 64.24 -30.71 22.47
CA ASP F 120 64.48 -30.32 23.88
C ASP F 120 63.14 -30.44 24.57
N ASP F 121 63.16 -30.32 25.91
CA ASP F 121 62.00 -30.49 26.83
C ASP F 121 61.65 -29.14 27.48
N LEU F 122 62.34 -28.06 27.10
CA LEU F 122 62.09 -26.69 27.63
C LEU F 122 62.32 -26.68 29.16
N SER F 123 63.18 -27.56 29.70
CA SER F 123 63.48 -27.63 31.15
C SER F 123 64.16 -26.33 31.57
N ARG F 124 65.09 -25.86 30.71
CA ARG F 124 66.02 -24.75 31.05
C ARG F 124 65.33 -23.42 30.73
N VAL F 125 64.16 -23.47 30.12
CA VAL F 125 63.32 -22.27 29.82
C VAL F 125 62.67 -21.82 31.14
N ASP F 126 63.04 -20.63 31.63
CA ASP F 126 62.38 -20.04 32.83
C ASP F 126 60.95 -19.66 32.44
N LYS F 127 60.05 -20.64 32.39
CA LYS F 127 58.66 -20.47 31.92
C LYS F 127 58.02 -19.27 32.62
N GLU F 128 58.21 -19.13 33.93
CA GLU F 128 57.46 -18.14 34.75
C GLU F 128 57.83 -16.72 34.30
N ALA F 129 59.05 -16.54 33.80
CA ALA F 129 59.67 -15.24 33.48
C ALA F 129 59.39 -14.86 32.03
N CYS F 130 59.50 -15.81 31.10
CA CYS F 130 59.08 -15.63 29.69
C CYS F 130 57.65 -15.08 29.68
N LEU F 131 56.75 -15.74 30.41
CA LEU F 131 55.31 -15.36 30.52
C LEU F 131 55.22 -14.00 31.25
N ALA F 132 56.08 -13.77 32.25
CA ALA F 132 56.19 -12.45 32.92
C ALA F 132 56.41 -11.38 31.86
N GLY F 133 57.51 -11.53 31.11
CA GLY F 133 58.00 -10.57 30.11
C GLY F 133 56.99 -10.35 28.99
N LEU F 134 56.27 -11.43 28.64
CA LEU F 134 55.25 -11.47 27.55
C LEU F 134 54.14 -10.51 27.95
N ARG F 135 53.55 -10.70 29.13
CA ARG F 135 52.47 -9.82 29.69
C ARG F 135 52.94 -8.37 29.55
N ALA F 136 54.16 -8.08 29.95
CA ALA F 136 54.70 -6.71 29.97
C ALA F 136 54.65 -6.05 28.58
N LEU F 137 54.44 -6.81 27.50
CA LEU F 137 54.55 -6.27 26.11
C LEU F 137 53.18 -5.85 25.56
N GLN F 138 52.09 -6.45 26.07
CA GLN F 138 50.71 -6.18 25.58
C GLN F 138 50.28 -4.76 26.01
N LEU F 139 49.42 -4.09 25.22
CA LEU F 139 49.12 -2.62 25.34
C LEU F 139 47.65 -2.39 25.74
N GLU F 140 47.25 -1.12 26.00
CA GLU F 140 45.83 -0.76 26.31
C GLU F 140 45.00 -1.49 25.25
N ASP F 141 45.34 -1.28 23.99
CA ASP F 141 44.54 -1.72 22.82
C ASP F 141 44.51 -3.28 22.69
N GLY F 142 45.28 -4.03 23.48
CA GLY F 142 45.24 -5.51 23.47
C GLY F 142 46.31 -6.17 22.58
N SER F 143 46.91 -5.42 21.64
CA SER F 143 48.03 -5.87 20.76
C SER F 143 49.34 -5.93 21.57
N PHE F 144 50.45 -6.34 20.95
CA PHE F 144 51.78 -6.46 21.62
C PHE F 144 52.84 -5.64 20.91
N CYS F 145 53.82 -5.13 21.64
CA CYS F 145 55.16 -4.74 21.11
C CYS F 145 56.07 -5.97 21.08
N ALA F 146 57.31 -5.80 20.62
CA ALA F 146 58.34 -6.86 20.60
C ALA F 146 59.24 -6.71 21.82
N VAL F 147 59.85 -5.55 21.99
CA VAL F 147 60.76 -5.28 23.13
C VAL F 147 60.07 -4.27 24.05
N PRO F 148 60.29 -4.38 25.38
CA PRO F 148 59.64 -3.47 26.32
C PRO F 148 60.22 -2.05 26.22
N GLU F 149 61.38 -1.91 25.57
CA GLU F 149 62.01 -0.60 25.26
C GLU F 149 61.00 0.33 24.56
N GLY F 150 59.96 -0.24 23.94
CA GLY F 150 59.09 0.44 22.96
C GLY F 150 59.42 -0.04 21.56
N SER F 151 58.41 -0.17 20.69
CA SER F 151 58.55 -0.61 19.28
C SER F 151 57.21 -0.53 18.55
N GLU F 152 57.22 -0.81 17.25
CA GLU F 152 55.98 -1.07 16.46
C GLU F 152 55.11 -2.00 17.31
N ASN F 153 53.79 -1.89 17.19
CA ASN F 153 52.80 -2.86 17.76
C ASN F 153 51.85 -3.28 16.65
N ASP F 154 51.44 -4.55 16.62
CA ASP F 154 50.51 -5.10 15.59
C ASP F 154 50.37 -6.62 15.66
N MET F 155 49.40 -7.12 14.88
CA MET F 155 48.87 -8.50 14.86
C MET F 155 50.02 -9.53 14.77
N ARG F 156 51.08 -9.25 14.03
CA ARG F 156 52.24 -10.16 13.96
C ARG F 156 52.53 -10.71 15.37
N PHE F 157 52.58 -9.81 16.36
CA PHE F 157 53.07 -10.05 17.75
C PHE F 157 51.95 -10.64 18.63
N VAL F 158 50.68 -10.30 18.34
CA VAL F 158 49.51 -11.04 18.90
C VAL F 158 49.68 -12.53 18.59
N TYR F 159 50.21 -12.88 17.42
CA TYR F 159 50.41 -14.29 17.02
C TYR F 159 51.58 -14.89 17.78
N CYS F 160 52.67 -14.14 17.93
CA CYS F 160 53.88 -14.59 18.65
C CYS F 160 53.46 -14.89 20.09
N ALA F 161 52.76 -13.94 20.72
CA ALA F 161 52.21 -14.07 22.09
C ALA F 161 51.37 -15.35 22.16
N SER F 162 50.42 -15.48 21.23
CA SER F 162 49.48 -16.63 21.13
C SER F 162 50.30 -17.93 21.13
N CYS F 163 51.37 -17.98 20.33
CA CYS F 163 52.19 -19.21 20.16
C CYS F 163 52.96 -19.48 21.44
N ILE F 164 53.68 -18.48 21.98
CA ILE F 164 54.46 -18.61 23.24
C ILE F 164 53.54 -19.19 24.31
N CYS F 165 52.42 -18.51 24.59
CA CYS F 165 51.38 -18.91 25.58
C CYS F 165 50.88 -20.34 25.33
N TYR F 166 50.73 -20.74 24.08
CA TYR F 166 50.29 -22.12 23.73
C TYR F 166 51.38 -23.14 24.09
N MET F 167 52.63 -22.85 23.73
CA MET F 167 53.79 -23.79 23.78
C MET F 167 54.16 -24.03 25.25
N LEU F 168 54.32 -22.95 26.01
CA LEU F 168 54.52 -22.94 27.48
C LEU F 168 53.23 -23.38 28.18
N ASN F 169 52.16 -23.58 27.43
CA ASN F 169 50.90 -24.22 27.90
C ASN F 169 50.29 -23.43 29.07
N ASN F 170 50.50 -22.11 29.10
CA ASN F 170 50.07 -21.21 30.19
C ASN F 170 49.73 -19.86 29.55
N TRP F 171 48.44 -19.55 29.43
CA TRP F 171 47.95 -18.26 28.89
C TRP F 171 47.95 -17.16 29.98
N SER F 172 48.77 -17.31 31.01
CA SER F 172 48.98 -16.25 32.02
C SER F 172 49.65 -15.07 31.31
N GLY F 173 50.40 -15.39 30.24
CA GLY F 173 51.28 -14.48 29.48
C GLY F 173 50.56 -13.38 28.71
N MET F 174 49.24 -13.46 28.54
CA MET F 174 48.45 -12.38 27.87
C MET F 174 47.10 -12.18 28.56
N ASP F 175 46.53 -10.99 28.40
CA ASP F 175 45.11 -10.68 28.64
C ASP F 175 44.37 -11.09 27.37
N MET F 176 43.75 -12.27 27.36
CA MET F 176 43.10 -12.85 26.17
C MET F 176 41.89 -12.01 25.74
N LYS F 177 41.14 -11.46 26.70
CA LYS F 177 39.99 -10.60 26.38
C LYS F 177 40.50 -9.54 25.40
N LYS F 178 41.54 -8.81 25.82
CA LYS F 178 41.96 -7.57 25.12
C LYS F 178 42.75 -7.95 23.87
N ALA F 179 43.40 -9.11 23.87
CA ALA F 179 43.99 -9.71 22.66
C ALA F 179 42.88 -9.95 21.63
N ILE F 180 41.88 -10.76 21.98
CA ILE F 180 40.73 -11.06 21.09
C ILE F 180 40.11 -9.73 20.65
N SER F 181 39.91 -8.84 21.61
CA SER F 181 39.32 -7.48 21.44
C SER F 181 40.05 -6.69 20.36
N TYR F 182 41.34 -6.97 20.12
CA TYR F 182 42.16 -6.33 19.04
C TYR F 182 41.83 -6.97 17.71
N ILE F 183 41.78 -8.32 17.74
CA ILE F 183 41.66 -9.17 16.53
C ILE F 183 40.32 -8.85 15.87
N ARG F 184 39.28 -8.69 16.69
CA ARG F 184 37.93 -8.32 16.21
C ARG F 184 38.03 -6.94 15.57
N ARG F 185 38.59 -5.98 16.34
CA ARG F 185 38.67 -4.52 16.01
C ARG F 185 39.40 -4.41 14.66
N SER F 186 40.33 -5.32 14.38
CA SER F 186 41.15 -5.34 13.14
C SER F 186 40.32 -5.67 11.88
N MET F 187 39.15 -6.31 11.98
CA MET F 187 38.40 -6.70 10.75
C MET F 187 38.08 -5.44 9.92
N SER F 188 38.34 -5.50 8.61
CA SER F 188 38.21 -4.38 7.63
C SER F 188 36.81 -4.39 7.00
N TYR F 189 36.50 -3.32 6.26
CA TYR F 189 35.29 -3.15 5.44
C TYR F 189 35.24 -4.31 4.44
N ASP F 190 36.40 -4.90 4.09
CA ASP F 190 36.46 -6.02 3.10
C ASP F 190 36.52 -7.36 3.85
N ASN F 191 36.27 -7.38 5.15
CA ASN F 191 36.14 -8.65 5.90
C ASN F 191 37.45 -9.45 5.97
N GLY F 192 38.55 -8.97 5.38
CA GLY F 192 39.92 -9.38 5.76
C GLY F 192 40.28 -8.82 7.12
N LEU F 193 41.23 -9.43 7.82
CA LEU F 193 41.85 -8.85 9.05
C LEU F 193 43.08 -8.04 8.63
N ALA F 194 43.42 -7.02 9.40
CA ALA F 194 44.55 -6.11 9.12
C ALA F 194 45.58 -6.18 10.25
N GLN F 195 46.69 -5.45 10.11
CA GLN F 195 47.72 -5.25 11.16
C GLN F 195 47.12 -4.59 12.40
N GLY F 196 46.00 -3.89 12.22
CA GLY F 196 45.21 -3.37 13.34
C GLY F 196 44.03 -2.60 12.79
N ALA F 197 43.02 -2.35 13.61
CA ALA F 197 41.85 -1.54 13.19
C ALA F 197 42.33 -0.27 12.45
N GLY F 198 41.67 0.04 11.33
CA GLY F 198 42.03 1.12 10.39
C GLY F 198 42.61 0.54 9.10
N LEU F 199 43.68 -0.23 9.26
CA LEU F 199 44.66 -0.51 8.18
C LEU F 199 44.06 -1.45 7.14
N GLU F 200 44.77 -1.59 6.03
CA GLU F 200 44.47 -2.52 4.92
C GLU F 200 44.40 -3.95 5.46
N SER F 201 43.33 -4.67 5.13
CA SER F 201 43.28 -6.15 5.21
C SER F 201 44.57 -6.69 4.57
N HIS F 202 45.19 -7.69 5.18
CA HIS F 202 46.46 -8.27 4.70
C HIS F 202 46.47 -9.76 5.04
N GLY F 203 46.89 -10.59 4.11
CA GLY F 203 46.68 -12.05 4.18
C GLY F 203 47.43 -12.68 5.34
N GLY F 204 48.63 -12.12 5.59
CA GLY F 204 49.51 -12.36 6.74
C GLY F 204 48.83 -11.98 8.03
N SER F 205 48.37 -10.73 8.15
CA SER F 205 47.60 -10.26 9.33
C SER F 205 46.37 -11.16 9.56
N THR F 206 45.65 -11.50 8.48
CA THR F 206 44.46 -12.39 8.50
C THR F 206 44.83 -13.75 9.12
N PHE F 207 45.86 -14.42 8.61
CA PHE F 207 46.44 -15.63 9.28
C PHE F 207 46.61 -15.34 10.77
N CYS F 208 47.47 -14.38 11.09
CA CYS F 208 47.94 -14.15 12.47
C CYS F 208 46.74 -14.10 13.43
N GLY F 209 45.62 -13.51 13.00
CA GLY F 209 44.41 -13.31 13.83
C GLY F 209 43.67 -14.61 14.06
N ILE F 210 43.14 -15.20 12.98
CA ILE F 210 42.48 -16.53 12.96
C ILE F 210 43.34 -17.53 13.74
N ALA F 211 44.58 -17.74 13.30
CA ALA F 211 45.55 -18.67 13.90
C ALA F 211 45.66 -18.40 15.40
N SER F 212 45.57 -17.14 15.82
CA SER F 212 45.66 -16.76 17.25
C SER F 212 44.44 -17.29 17.96
N LEU F 213 43.24 -17.00 17.47
CA LEU F 213 41.97 -17.47 18.07
C LEU F 213 41.95 -18.99 18.00
N CYS F 214 42.30 -19.59 16.85
CA CYS F 214 42.42 -21.06 16.69
C CYS F 214 43.27 -21.66 17.82
N LEU F 215 44.44 -21.10 18.13
CA LEU F 215 45.31 -21.56 19.25
C LEU F 215 44.59 -21.38 20.60
N MET F 216 43.84 -20.27 20.77
CA MET F 216 43.05 -19.95 21.99
C MET F 216 41.78 -20.81 22.02
N GLY F 217 41.43 -21.43 20.89
CA GLY F 217 40.27 -22.35 20.74
C GLY F 217 38.94 -21.61 20.76
N LYS F 218 38.89 -20.43 20.18
CA LYS F 218 37.78 -19.45 20.35
C LYS F 218 37.47 -18.82 19.00
N LEU F 219 37.73 -19.55 17.92
CA LEU F 219 37.44 -19.02 16.57
C LEU F 219 35.92 -18.85 16.51
N GLU F 220 35.21 -19.92 16.86
CA GLU F 220 33.72 -20.03 16.86
C GLU F 220 33.11 -18.98 17.80
N GLU F 221 33.67 -18.82 19.00
CA GLU F 221 33.14 -17.91 20.04
C GLU F 221 33.28 -16.45 19.59
N VAL F 222 34.31 -16.13 18.80
CA VAL F 222 34.72 -14.71 18.56
C VAL F 222 34.03 -14.17 17.30
N PHE F 223 33.99 -14.96 16.21
CA PHE F 223 33.33 -14.60 14.93
C PHE F 223 32.07 -15.45 14.68
N SER F 224 30.98 -14.78 14.27
CA SER F 224 29.68 -15.40 13.90
C SER F 224 29.89 -16.26 12.65
N GLU F 225 28.89 -17.06 12.30
CA GLU F 225 28.85 -17.85 11.04
C GLU F 225 29.04 -16.89 9.87
N LYS F 226 28.22 -15.82 9.80
CA LYS F 226 28.23 -14.78 8.72
C LYS F 226 29.66 -14.23 8.65
N GLU F 227 30.21 -13.81 9.80
CA GLU F 227 31.54 -13.15 9.89
C GLU F 227 32.59 -14.06 9.25
N LEU F 228 32.62 -15.34 9.66
CA LEU F 228 33.60 -16.36 9.18
C LEU F 228 33.44 -16.52 7.67
N ASN F 229 32.21 -16.71 7.22
CA ASN F 229 31.91 -16.88 5.78
C ASN F 229 32.46 -15.72 4.98
N ARG F 230 32.27 -14.51 5.51
CA ARG F 230 32.73 -13.24 4.90
C ARG F 230 34.25 -13.26 4.79
N ILE F 231 34.91 -13.68 5.90
CA ILE F 231 36.39 -13.84 6.07
C ILE F 231 36.86 -14.93 5.13
N LYS F 232 36.06 -15.99 5.03
CA LYS F 232 36.35 -17.16 4.16
C LYS F 232 36.39 -16.66 2.72
N ARG F 233 35.39 -15.88 2.33
CA ARG F 233 35.33 -15.25 0.99
C ARG F 233 36.62 -14.48 0.77
N TRP F 234 36.95 -13.58 1.70
CA TRP F 234 38.13 -12.69 1.55
C TRP F 234 39.35 -13.53 1.20
N CYS F 235 39.66 -14.51 2.06
CA CYS F 235 40.83 -15.40 1.95
C CYS F 235 40.82 -16.10 0.59
N ILE F 236 39.75 -16.84 0.25
CA ILE F 236 39.71 -17.64 -1.00
C ILE F 236 39.75 -16.72 -2.22
N MET F 237 39.43 -15.44 -2.06
CA MET F 237 39.51 -14.46 -3.17
C MET F 237 40.97 -14.09 -3.47
N ARG F 238 41.90 -14.48 -2.60
CA ARG F 238 43.30 -14.05 -2.70
C ARG F 238 44.03 -14.87 -3.75
N GLN F 239 43.50 -16.05 -4.11
CA GLN F 239 44.19 -16.96 -5.07
C GLN F 239 43.96 -16.41 -6.48
N GLN F 240 45.04 -16.14 -7.20
CA GLN F 240 45.05 -15.72 -8.63
C GLN F 240 45.74 -16.84 -9.39
N ASN F 241 47.07 -16.74 -9.55
CA ASN F 241 47.89 -17.82 -10.16
C ASN F 241 48.37 -18.66 -8.96
N GLY F 242 48.76 -17.94 -7.91
CA GLY F 242 49.15 -18.43 -6.57
C GLY F 242 48.43 -17.56 -5.56
N TYR F 243 48.97 -17.31 -4.36
CA TYR F 243 48.19 -16.35 -3.53
C TYR F 243 48.99 -15.05 -3.44
N HIS F 244 48.30 -13.91 -3.44
CA HIS F 244 48.84 -12.57 -3.06
C HIS F 244 48.43 -12.25 -1.63
N GLY F 245 49.09 -11.29 -0.99
CA GLY F 245 48.84 -10.96 0.43
C GLY F 245 47.73 -9.93 0.64
N ARG F 246 47.24 -9.35 -0.47
CA ARG F 246 46.16 -8.32 -0.42
C ARG F 246 45.69 -7.99 -1.82
N PRO F 247 44.42 -7.60 -1.99
CA PRO F 247 43.82 -7.53 -3.31
C PRO F 247 44.56 -6.55 -4.24
N ASN F 248 44.52 -6.86 -5.52
CA ASN F 248 45.13 -6.03 -6.59
C ASN F 248 46.65 -5.92 -6.35
N LYS F 249 47.25 -6.94 -5.78
CA LYS F 249 48.71 -7.02 -5.61
C LYS F 249 49.19 -8.30 -6.28
N PRO F 250 50.47 -8.34 -6.74
CA PRO F 250 51.07 -9.56 -7.26
C PRO F 250 51.11 -10.71 -6.24
N VAL F 251 51.13 -11.92 -6.78
CA VAL F 251 51.23 -13.17 -5.98
C VAL F 251 52.62 -13.26 -5.40
N ASP F 252 52.75 -14.12 -4.39
CA ASP F 252 53.98 -14.37 -3.61
C ASP F 252 53.80 -15.73 -2.93
N THR F 253 54.77 -16.61 -3.20
CA THR F 253 54.94 -17.92 -2.53
C THR F 253 54.59 -17.82 -1.03
N CYS F 254 55.02 -16.78 -0.30
CA CYS F 254 54.91 -16.80 1.18
C CYS F 254 53.43 -16.90 1.56
N TYR F 255 52.52 -16.29 0.79
CA TYR F 255 51.06 -16.22 1.07
C TYR F 255 50.37 -17.54 0.75
N SER F 256 51.00 -18.31 -0.12
CA SER F 256 50.55 -19.66 -0.54
C SER F 256 50.48 -20.55 0.72
N PHE F 257 51.06 -20.03 1.83
CA PHE F 257 50.91 -20.54 3.22
C PHE F 257 49.99 -19.65 4.05
N TRP F 258 50.25 -18.34 4.12
CA TRP F 258 49.59 -17.42 5.09
C TRP F 258 48.07 -17.54 4.90
N VAL F 259 47.63 -17.31 3.67
CA VAL F 259 46.21 -17.42 3.30
C VAL F 259 45.82 -18.89 3.33
N GLY F 260 46.60 -19.76 2.66
CA GLY F 260 46.42 -21.23 2.68
C GLY F 260 46.02 -21.73 4.07
N ALA F 261 46.96 -21.70 5.01
CA ALA F 261 46.77 -22.10 6.42
C ALA F 261 45.53 -21.43 7.01
N THR F 262 45.19 -20.19 6.66
CA THR F 262 43.95 -19.52 7.16
C THR F 262 42.73 -20.31 6.67
N LEU F 263 42.72 -20.74 5.40
CA LEU F 263 41.57 -21.42 4.76
C LEU F 263 41.50 -22.86 5.29
N LYS F 264 42.64 -23.46 5.60
CA LYS F 264 42.71 -24.77 6.30
C LYS F 264 41.99 -24.61 7.64
N LEU F 265 42.34 -23.59 8.43
CA LEU F 265 41.78 -23.39 9.79
C LEU F 265 40.29 -23.07 9.69
N LEU F 266 39.85 -22.48 8.57
CA LEU F 266 38.41 -22.18 8.36
C LEU F 266 37.76 -23.34 7.60
N LYS F 267 38.53 -24.40 7.32
CA LYS F 267 37.99 -25.74 6.99
C LYS F 267 37.58 -25.78 5.52
N ILE F 268 38.22 -25.02 4.63
CA ILE F 268 37.76 -24.94 3.21
C ILE F 268 38.95 -24.96 2.25
N PHE F 269 40.16 -25.29 2.71
CA PHE F 269 41.36 -25.17 1.84
C PHE F 269 41.13 -26.09 0.64
N GLN F 270 40.37 -27.17 0.86
CA GLN F 270 40.06 -28.23 -0.14
C GLN F 270 39.36 -27.64 -1.40
N TYR F 271 38.66 -26.52 -1.24
CA TYR F 271 37.82 -25.89 -2.30
C TYR F 271 38.71 -25.00 -3.19
N THR F 272 39.96 -24.82 -2.75
CA THR F 272 41.00 -24.13 -3.55
C THR F 272 41.40 -25.02 -4.72
N ASN F 273 41.94 -24.35 -5.73
CA ASN F 273 42.84 -24.90 -6.76
C ASN F 273 44.14 -25.30 -6.05
N PHE F 274 44.57 -26.53 -6.26
CA PHE F 274 45.90 -27.04 -5.80
C PHE F 274 46.90 -26.98 -6.95
N GLU F 275 46.44 -27.27 -8.17
CA GLU F 275 47.32 -27.43 -9.36
C GLU F 275 47.91 -26.06 -9.71
N LYS F 276 47.19 -24.96 -9.48
CA LYS F 276 47.73 -23.62 -9.84
C LYS F 276 48.59 -23.09 -8.69
N ASN F 277 48.21 -23.34 -7.41
CA ASN F 277 49.03 -23.07 -6.19
C ASN F 277 50.36 -23.82 -6.36
N ARG F 278 50.31 -25.12 -6.70
CA ARG F 278 51.55 -25.95 -6.80
C ARG F 278 52.38 -25.47 -7.99
N ASN F 279 51.77 -25.29 -9.17
CA ASN F 279 52.49 -24.85 -10.38
C ASN F 279 53.22 -23.54 -10.09
N TYR F 280 52.59 -22.63 -9.34
CA TYR F 280 53.22 -21.35 -8.93
C TYR F 280 54.28 -21.62 -7.87
N ILE F 281 53.96 -22.27 -6.75
CA ILE F 281 54.99 -22.44 -5.69
C ILE F 281 56.26 -23.01 -6.36
N LEU F 282 56.09 -23.96 -7.26
CA LEU F 282 57.23 -24.62 -7.93
C LEU F 282 57.82 -23.63 -8.94
N SER F 283 57.00 -22.83 -9.62
CA SER F 283 57.50 -21.79 -10.56
C SER F 283 58.57 -20.92 -9.87
N THR F 284 58.55 -20.80 -8.53
CA THR F 284 59.51 -19.98 -7.74
C THR F 284 60.67 -20.79 -7.15
N GLN F 285 60.73 -22.09 -7.41
CA GLN F 285 61.85 -22.98 -6.99
C GLN F 285 63.13 -22.47 -7.65
N ASP F 286 64.25 -22.39 -6.91
CA ASP F 286 65.59 -22.10 -7.50
C ASP F 286 66.32 -23.43 -7.59
N ARG F 287 66.63 -23.86 -8.83
CA ARG F 287 67.09 -25.24 -9.14
C ARG F 287 68.62 -25.38 -8.97
N LEU F 288 69.38 -24.27 -8.93
CA LEU F 288 70.86 -24.28 -8.72
C LEU F 288 71.18 -24.26 -7.20
N VAL F 289 70.52 -23.38 -6.44
CA VAL F 289 70.90 -23.09 -5.02
C VAL F 289 69.86 -23.73 -4.11
N GLY F 290 68.71 -24.09 -4.68
CA GLY F 290 67.58 -24.59 -3.90
C GLY F 290 66.80 -23.45 -3.30
N GLY F 291 66.04 -23.74 -2.24
CA GLY F 291 64.96 -22.89 -1.71
C GLY F 291 63.95 -22.45 -2.78
N PHE F 292 63.10 -21.53 -2.34
CA PHE F 292 62.07 -20.85 -3.18
C PHE F 292 62.20 -19.35 -2.95
N ALA F 293 61.84 -18.56 -3.96
CA ALA F 293 61.74 -17.10 -3.86
C ALA F 293 60.27 -16.70 -3.90
N LYS F 294 60.01 -15.43 -3.63
CA LYS F 294 58.67 -14.81 -3.71
C LYS F 294 58.13 -14.99 -5.12
N TRP F 295 59.00 -14.94 -6.13
CA TRP F 295 58.58 -14.94 -7.56
C TRP F 295 59.51 -15.76 -8.43
N PRO F 296 59.05 -16.24 -9.62
CA PRO F 296 59.94 -16.86 -10.59
C PRO F 296 61.24 -16.05 -10.83
N ASP F 297 62.27 -16.73 -11.34
CA ASP F 297 63.53 -16.13 -11.84
C ASP F 297 63.92 -15.02 -10.84
N SER F 298 63.92 -15.33 -9.54
CA SER F 298 64.19 -14.37 -8.42
C SER F 298 64.97 -15.07 -7.28
N HIS F 299 65.80 -14.32 -6.53
CA HIS F 299 66.72 -14.84 -5.50
C HIS F 299 65.93 -15.40 -4.33
N PRO F 300 66.13 -16.69 -3.91
CA PRO F 300 65.40 -17.30 -2.79
C PRO F 300 66.03 -17.03 -1.42
N ASP F 301 65.28 -17.24 -0.34
CA ASP F 301 65.67 -16.78 1.02
C ASP F 301 65.02 -17.75 1.99
N ALA F 302 65.46 -17.75 3.25
CA ALA F 302 65.02 -18.74 4.26
C ALA F 302 63.50 -18.72 4.37
N LEU F 303 62.93 -17.54 4.52
CA LEU F 303 61.46 -17.41 4.75
C LEU F 303 60.72 -18.03 3.55
N HIS F 304 61.04 -17.58 2.34
CA HIS F 304 60.28 -17.98 1.13
C HIS F 304 60.46 -19.48 0.90
N ALA F 305 61.67 -20.01 1.12
CA ALA F 305 61.91 -21.48 1.10
C ALA F 305 60.93 -22.14 2.06
N TYR F 306 60.98 -21.77 3.34
CA TYR F 306 60.22 -22.44 4.44
C TYR F 306 58.71 -22.40 4.20
N PHE F 307 58.19 -21.25 3.76
CA PHE F 307 56.73 -21.06 3.60
C PHE F 307 56.29 -21.75 2.32
N GLY F 308 57.05 -21.62 1.23
CA GLY F 308 56.79 -22.40 -0.01
C GLY F 308 56.58 -23.87 0.30
N ILE F 309 57.51 -24.43 1.09
CA ILE F 309 57.49 -25.84 1.51
C ILE F 309 56.24 -26.09 2.35
N CYS F 310 56.03 -25.33 3.42
CA CYS F 310 54.80 -25.42 4.26
C CYS F 310 53.54 -25.21 3.42
N GLY F 311 53.61 -24.42 2.36
CA GLY F 311 52.42 -24.11 1.55
C GLY F 311 52.05 -25.27 0.66
N LEU F 312 53.11 -26.03 0.29
CA LEU F 312 53.10 -27.32 -0.45
C LEU F 312 52.55 -28.40 0.50
N SER F 313 53.01 -28.41 1.75
CA SER F 313 52.64 -29.37 2.82
C SER F 313 51.12 -29.42 3.02
N LEU F 314 50.49 -28.23 2.94
CA LEU F 314 49.03 -28.02 3.08
C LEU F 314 48.32 -28.84 2.02
N MET F 315 48.96 -29.13 0.88
CA MET F 315 48.36 -29.91 -0.23
C MET F 315 48.87 -31.37 -0.15
N GLU F 316 49.55 -31.75 0.93
CA GLU F 316 50.13 -33.11 1.12
C GLU F 316 50.95 -33.47 -0.13
N GLU F 317 51.96 -32.66 -0.37
CA GLU F 317 53.07 -32.95 -1.30
C GLU F 317 53.83 -34.16 -0.78
N SER F 318 54.10 -35.13 -1.66
CA SER F 318 55.05 -36.26 -1.43
C SER F 318 56.40 -35.67 -1.00
N GLY F 319 56.85 -35.98 0.21
CA GLY F 319 58.22 -35.70 0.68
C GLY F 319 58.27 -34.73 1.85
N ILE F 320 57.11 -34.21 2.26
CA ILE F 320 56.99 -33.03 3.18
C ILE F 320 55.90 -33.34 4.21
N CYS F 321 56.23 -33.48 5.51
CA CYS F 321 55.25 -33.78 6.60
C CYS F 321 54.07 -32.78 6.56
N LYS F 322 52.85 -33.22 6.94
CA LYS F 322 51.69 -32.31 7.20
C LYS F 322 52.22 -31.28 8.21
N VAL F 323 51.88 -30.01 8.02
CA VAL F 323 52.31 -28.89 8.90
C VAL F 323 51.09 -28.50 9.75
N HIS F 324 51.26 -28.24 11.04
CA HIS F 324 50.17 -27.76 11.93
C HIS F 324 49.84 -26.32 11.55
N PRO F 325 48.78 -26.08 10.76
CA PRO F 325 48.50 -24.74 10.23
C PRO F 325 48.44 -23.62 11.27
N ALA F 326 47.89 -23.89 12.45
CA ALA F 326 47.68 -22.83 13.46
C ALA F 326 48.99 -22.51 14.19
N LEU F 327 49.94 -23.45 14.24
CA LEU F 327 51.12 -23.40 15.16
C LEU F 327 52.43 -23.19 14.38
N ASN F 328 52.42 -23.44 13.07
CA ASN F 328 53.58 -23.21 12.19
C ASN F 328 54.76 -24.00 12.73
N VAL F 329 54.62 -25.34 12.71
CA VAL F 329 55.62 -26.41 13.01
C VAL F 329 55.13 -27.65 12.28
N SER F 330 55.99 -28.63 12.05
CA SER F 330 55.54 -29.93 11.47
C SER F 330 54.53 -30.56 12.43
N THR F 331 53.62 -31.40 11.92
CA THR F 331 52.65 -32.15 12.75
C THR F 331 53.43 -33.13 13.63
N ARG F 332 54.60 -33.61 13.17
CA ARG F 332 55.50 -34.42 14.06
C ARG F 332 55.73 -33.64 15.36
N THR F 333 56.09 -32.37 15.25
CA THR F 333 56.59 -31.52 16.37
C THR F 333 55.42 -30.98 17.19
N SER F 334 54.18 -31.02 16.67
CA SER F 334 52.99 -30.66 17.47
C SER F 334 52.64 -31.86 18.35
N GLU F 335 52.62 -33.06 17.76
CA GLU F 335 52.35 -34.36 18.45
C GLU F 335 53.43 -34.52 19.53
N ARG F 336 54.65 -34.04 19.25
CA ARG F 336 55.85 -34.01 20.15
C ARG F 336 55.62 -33.04 21.33
N LEU F 337 54.73 -32.06 21.18
CA LEU F 337 54.42 -31.04 22.22
C LEU F 337 53.15 -31.45 22.99
N ARG F 338 52.21 -32.17 22.35
CA ARG F 338 51.07 -32.89 23.01
C ARG F 338 51.66 -33.63 24.22
N ASP F 339 52.79 -34.32 24.01
CA ASP F 339 53.46 -35.25 24.96
C ASP F 339 54.24 -34.45 26.02
N LEU F 340 54.84 -33.32 25.65
CA LEU F 340 55.54 -32.42 26.60
C LEU F 340 54.53 -31.75 27.54
N HIS F 341 53.25 -31.71 27.16
CA HIS F 341 52.14 -31.16 27.98
C HIS F 341 51.61 -32.28 28.86
N GLN F 342 51.15 -33.40 28.26
CA GLN F 342 50.66 -34.64 28.93
C GLN F 342 51.70 -35.09 29.97
N SER F 343 52.93 -34.55 29.95
CA SER F 343 54.01 -34.85 30.92
C SER F 343 54.02 -33.85 32.09
N TRP F 344 53.89 -32.53 31.86
CA TRP F 344 53.91 -31.51 32.94
C TRP F 344 52.68 -31.69 33.85
N LYS F 345 51.51 -32.02 33.26
CA LYS F 345 50.20 -32.21 33.97
C LYS F 345 50.17 -33.61 34.61
N THR F 346 50.67 -33.76 35.85
CA THR F 346 50.73 -35.06 36.61
C THR F 346 50.82 -34.81 38.13
N PHE G 1 -20.77 68.33 -14.16
CA PHE G 1 -20.76 69.67 -14.84
C PHE G 1 -21.57 70.70 -14.02
N LEU G 2 -22.85 70.93 -14.35
CA LEU G 2 -23.70 72.00 -13.75
C LEU G 2 -24.25 71.53 -12.40
N SER G 3 -23.53 71.85 -11.31
CA SER G 3 -23.88 71.53 -9.91
C SER G 3 -25.34 71.95 -9.55
N LEU G 4 -25.91 71.37 -8.49
CA LEU G 4 -27.37 71.39 -8.18
C LEU G 4 -27.74 72.66 -7.40
N ASP G 5 -26.75 73.51 -7.13
CA ASP G 5 -26.96 74.79 -6.43
C ASP G 5 -26.15 75.94 -7.09
N SER G 6 -25.29 75.66 -8.08
CA SER G 6 -24.80 76.71 -9.01
C SER G 6 -25.98 77.64 -9.28
N PRO G 7 -25.78 78.98 -9.33
CA PRO G 7 -26.91 79.90 -9.51
C PRO G 7 -27.53 79.69 -10.91
N THR G 8 -26.68 79.29 -11.87
CA THR G 8 -27.01 78.92 -13.28
C THR G 8 -27.81 77.60 -13.39
N TYR G 9 -28.03 76.84 -12.30
CA TYR G 9 -28.80 75.57 -12.34
C TYR G 9 -30.17 75.91 -12.93
N VAL G 10 -30.51 75.18 -14.00
CA VAL G 10 -31.79 75.17 -14.76
C VAL G 10 -32.52 73.86 -14.51
N LEU G 11 -33.84 73.87 -14.44
CA LEU G 11 -34.59 72.60 -14.31
C LEU G 11 -34.29 71.72 -15.53
N TYR G 12 -34.56 70.41 -15.43
CA TYR G 12 -34.54 69.46 -16.56
C TYR G 12 -35.72 69.81 -17.49
N ARG G 13 -36.87 70.17 -16.91
CA ARG G 13 -38.10 70.43 -17.70
C ARG G 13 -37.89 71.69 -18.58
N ASP G 14 -36.98 72.59 -18.21
CA ASP G 14 -36.66 73.84 -18.97
C ASP G 14 -35.28 73.69 -19.65
N ARG G 15 -34.93 72.48 -20.09
CA ARG G 15 -33.67 72.21 -20.84
C ARG G 15 -34.05 71.74 -22.25
N ALA G 16 -33.33 72.24 -23.26
CA ALA G 16 -33.46 71.82 -24.67
C ALA G 16 -33.09 70.34 -24.77
N GLU G 17 -31.88 69.96 -24.34
CA GLU G 17 -31.29 68.59 -24.50
C GLU G 17 -32.20 67.53 -23.86
N TRP G 18 -33.30 67.92 -23.19
CA TRP G 18 -34.20 67.02 -22.40
C TRP G 18 -35.67 67.25 -22.78
N ALA G 19 -35.93 67.70 -24.01
CA ALA G 19 -37.25 68.24 -24.40
C ALA G 19 -38.17 67.11 -24.86
N ASP G 20 -37.60 66.11 -25.56
CA ASP G 20 -38.26 64.96 -26.24
C ASP G 20 -38.81 63.92 -25.26
N ILE G 21 -38.06 63.72 -24.16
CA ILE G 21 -38.42 62.94 -22.93
C ILE G 21 -39.56 63.65 -22.21
N ASP G 22 -40.69 62.98 -22.02
CA ASP G 22 -41.73 63.43 -21.06
C ASP G 22 -41.32 62.97 -19.67
N PRO G 23 -41.58 63.76 -18.62
CA PRO G 23 -41.26 63.32 -17.27
C PRO G 23 -42.27 62.21 -16.94
N VAL G 24 -41.89 61.26 -16.06
CA VAL G 24 -42.83 60.29 -15.43
C VAL G 24 -43.02 60.69 -13.97
N PRO G 25 -44.27 60.72 -13.49
CA PRO G 25 -44.53 61.11 -12.11
C PRO G 25 -44.41 59.87 -11.20
N GLN G 26 -44.22 60.09 -9.91
CA GLN G 26 -44.65 59.17 -8.82
C GLN G 26 -46.18 59.28 -8.72
N ASN G 27 -46.86 58.34 -8.09
CA ASN G 27 -48.20 58.60 -7.50
C ASN G 27 -48.67 57.35 -6.77
N ASP G 28 -48.95 57.53 -5.49
CA ASP G 28 -49.27 56.42 -4.55
C ASP G 28 -50.80 56.30 -4.53
N GLY G 29 -51.47 56.94 -5.49
CA GLY G 29 -52.94 56.88 -5.62
C GLY G 29 -53.64 57.54 -4.44
N PRO G 30 -54.93 57.23 -4.19
CA PRO G 30 -55.80 58.14 -3.46
C PRO G 30 -55.37 58.40 -2.00
N SER G 31 -54.89 57.36 -1.32
CA SER G 31 -54.53 57.34 0.13
C SER G 31 -53.06 56.99 0.29
N PRO G 32 -52.15 57.96 0.15
CA PRO G 32 -50.72 57.69 0.26
C PRO G 32 -50.32 57.50 1.73
N VAL G 33 -49.28 56.70 1.98
CA VAL G 33 -48.74 56.35 3.33
C VAL G 33 -47.25 56.74 3.37
N VAL G 34 -46.76 57.18 4.52
CA VAL G 34 -45.39 57.74 4.68
C VAL G 34 -45.08 58.61 3.47
N GLN G 35 -46.04 59.44 3.07
CA GLN G 35 -45.90 60.39 1.94
C GLN G 35 -44.84 61.45 2.27
N ILE G 36 -43.73 61.44 1.53
CA ILE G 36 -42.70 62.51 1.63
C ILE G 36 -42.99 63.57 0.55
N ILE G 37 -43.21 64.81 0.99
CA ILE G 37 -43.27 66.02 0.11
C ILE G 37 -41.86 66.33 -0.42
N TYR G 38 -41.83 66.85 -1.65
CA TYR G 38 -40.63 67.08 -2.49
C TYR G 38 -40.72 68.46 -3.14
N SER G 39 -39.64 69.24 -3.09
CA SER G 39 -39.51 70.56 -3.74
C SER G 39 -39.73 70.41 -5.24
N GLU G 40 -39.84 71.52 -5.96
CA GLU G 40 -39.74 71.57 -7.43
C GLU G 40 -38.45 70.86 -7.86
N LYS G 41 -37.31 71.35 -7.35
CA LYS G 41 -35.97 71.13 -7.94
C LYS G 41 -35.64 69.62 -7.96
N PHE G 42 -36.23 68.88 -7.02
CA PHE G 42 -36.08 67.42 -6.74
C PHE G 42 -37.06 66.63 -7.62
N ARG G 43 -38.36 66.83 -7.43
CA ARG G 43 -39.44 66.11 -8.17
C ARG G 43 -39.12 66.18 -9.66
N ASP G 44 -38.77 67.36 -10.16
CA ASP G 44 -38.13 67.57 -11.47
C ASP G 44 -37.12 66.43 -11.72
N VAL G 45 -35.97 66.41 -11.04
CA VAL G 45 -34.84 65.46 -11.30
C VAL G 45 -35.35 64.02 -11.36
N TYR G 46 -36.13 63.57 -10.37
CA TYR G 46 -36.60 62.16 -10.22
C TYR G 46 -37.76 61.88 -11.19
N ASP G 47 -38.44 62.92 -11.66
CA ASP G 47 -39.42 62.80 -12.77
C ASP G 47 -38.62 62.41 -14.04
N TYR G 48 -37.44 63.01 -14.25
CA TYR G 48 -36.61 62.76 -15.47
C TYR G 48 -35.82 61.46 -15.25
N PHE G 49 -35.37 61.19 -14.04
CA PHE G 49 -34.71 59.91 -13.71
C PHE G 49 -35.65 58.76 -14.09
N ARG G 50 -36.84 58.76 -13.49
CA ARG G 50 -37.94 57.82 -13.80
C ARG G 50 -37.96 57.50 -15.30
N ALA G 51 -38.09 58.55 -16.13
CA ALA G 51 -38.37 58.47 -17.59
C ALA G 51 -37.22 57.78 -18.32
N VAL G 52 -35.98 58.06 -17.90
CA VAL G 52 -34.74 57.44 -18.44
C VAL G 52 -34.70 55.94 -18.09
N LEU G 53 -34.91 55.56 -16.83
CA LEU G 53 -35.12 54.15 -16.37
C LEU G 53 -36.22 53.46 -17.17
N GLN G 54 -37.46 53.91 -17.04
CA GLN G 54 -38.64 53.39 -17.78
C GLN G 54 -38.15 52.70 -19.06
N ARG G 55 -37.46 53.46 -19.90
CA ARG G 55 -37.17 53.09 -21.31
C ARG G 55 -35.68 52.77 -21.41
N ASP G 56 -35.06 52.40 -20.29
CA ASP G 56 -33.67 51.86 -20.15
C ASP G 56 -32.66 52.64 -21.02
N GLU G 57 -32.78 53.96 -21.09
CA GLU G 57 -31.91 54.78 -21.98
C GLU G 57 -30.45 54.71 -21.51
N ARG G 58 -29.54 54.08 -22.26
CA ARG G 58 -28.10 54.01 -21.86
C ARG G 58 -27.34 55.25 -22.33
N SER G 59 -28.00 56.42 -22.30
CA SER G 59 -27.46 57.70 -22.81
C SER G 59 -26.32 58.19 -21.91
N GLU G 60 -25.56 59.16 -22.40
CA GLU G 60 -24.57 59.92 -21.60
C GLU G 60 -25.33 60.92 -20.73
N ARG G 61 -26.47 61.39 -21.20
CA ARG G 61 -27.22 62.47 -20.52
C ARG G 61 -27.84 61.93 -19.22
N ALA G 62 -28.09 60.63 -19.20
CA ALA G 62 -28.63 59.87 -18.04
C ALA G 62 -27.51 59.69 -17.00
N PHE G 63 -26.31 59.34 -17.43
CA PHE G 63 -25.17 59.08 -16.52
C PHE G 63 -24.86 60.37 -15.73
N LYS G 64 -25.06 61.52 -16.38
CA LYS G 64 -24.97 62.87 -15.75
C LYS G 64 -26.11 63.02 -14.73
N LEU G 65 -27.34 62.70 -15.15
CA LEU G 65 -28.58 62.84 -14.33
C LEU G 65 -28.50 61.95 -13.10
N THR G 66 -27.78 60.82 -13.12
CA THR G 66 -27.60 59.99 -11.90
C THR G 66 -26.87 60.85 -10.86
N ARG G 67 -25.72 61.43 -11.22
CA ARG G 67 -24.92 62.28 -10.31
C ARG G 67 -25.87 63.14 -9.47
N ASP G 68 -26.89 63.73 -10.09
CA ASP G 68 -27.86 64.65 -9.42
C ASP G 68 -28.77 63.83 -8.48
N ALA G 69 -29.45 62.80 -8.99
CA ALA G 69 -30.35 61.92 -8.21
C ALA G 69 -29.60 61.30 -7.01
N ILE G 70 -28.28 61.11 -7.12
CA ILE G 70 -27.42 60.63 -5.99
C ILE G 70 -27.21 61.78 -5.01
N GLU G 71 -26.90 62.97 -5.51
CA GLU G 71 -26.72 64.15 -4.64
C GLU G 71 -28.02 64.38 -3.85
N LEU G 72 -29.19 64.16 -4.46
CA LEU G 72 -30.50 64.34 -3.79
C LEU G 72 -30.81 63.22 -2.77
N ASN G 73 -30.24 62.01 -2.88
CA ASN G 73 -30.62 60.82 -2.06
C ASN G 73 -29.81 59.61 -2.54
N ALA G 74 -28.65 59.37 -1.91
CA ALA G 74 -27.73 58.25 -2.19
C ALA G 74 -28.32 56.94 -1.65
N ALA G 75 -29.40 57.00 -0.89
CA ALA G 75 -30.11 55.82 -0.35
C ALA G 75 -30.64 54.97 -1.49
N ASN G 76 -30.90 55.60 -2.64
CA ASN G 76 -31.68 55.04 -3.78
C ASN G 76 -30.80 54.03 -4.54
N TYR G 77 -30.93 52.73 -4.21
CA TYR G 77 -30.17 51.54 -4.75
C TYR G 77 -30.39 51.44 -6.26
N THR G 78 -31.64 51.69 -6.69
CA THR G 78 -32.02 51.60 -8.12
C THR G 78 -31.12 52.57 -8.89
N VAL G 79 -31.03 53.81 -8.44
CA VAL G 79 -30.12 54.80 -9.08
C VAL G 79 -28.71 54.22 -9.14
N TRP G 80 -28.14 53.86 -8.00
CA TRP G 80 -26.75 53.35 -7.95
C TRP G 80 -26.56 52.23 -8.98
N HIS G 81 -27.56 51.34 -9.12
CA HIS G 81 -27.47 50.16 -10.03
C HIS G 81 -27.42 50.71 -11.46
N PHE G 82 -28.39 51.55 -11.80
CA PHE G 82 -28.52 52.14 -13.16
C PHE G 82 -27.27 52.95 -13.55
N ARG G 83 -26.67 53.62 -12.57
CA ARG G 83 -25.38 54.30 -12.75
C ARG G 83 -24.35 53.24 -13.14
N ARG G 84 -24.37 52.08 -12.50
CA ARG G 84 -23.38 51.01 -12.77
C ARG G 84 -23.66 50.40 -14.14
N VAL G 85 -24.94 50.31 -14.55
CA VAL G 85 -25.34 49.88 -15.91
C VAL G 85 -24.66 50.79 -16.95
N LEU G 86 -24.75 52.11 -16.74
CA LEU G 86 -24.19 53.16 -17.62
C LEU G 86 -22.65 53.17 -17.51
N LEU G 87 -22.09 52.87 -16.35
CA LEU G 87 -20.61 52.79 -16.26
C LEU G 87 -20.14 51.69 -17.22
N ARG G 88 -20.92 50.60 -17.38
CA ARG G 88 -20.56 49.46 -18.26
C ARG G 88 -20.92 49.86 -19.69
N SER G 89 -22.19 50.02 -20.07
CA SER G 89 -22.61 50.54 -21.42
C SER G 89 -21.60 51.58 -21.95
N LEU G 90 -21.57 52.77 -21.37
CA LEU G 90 -20.79 53.96 -21.84
C LEU G 90 -19.29 53.72 -21.65
N GLN G 91 -18.89 52.56 -21.15
CA GLN G 91 -17.47 52.13 -21.05
C GLN G 91 -16.65 53.17 -20.29
N LYS G 92 -17.19 53.70 -19.19
CA LYS G 92 -16.67 54.94 -18.56
C LYS G 92 -15.41 54.58 -17.76
N ASP G 93 -14.62 55.61 -17.45
CA ASP G 93 -13.32 55.45 -16.75
C ASP G 93 -13.63 55.13 -15.28
N LEU G 94 -13.21 53.96 -14.82
CA LEU G 94 -13.63 53.47 -13.48
C LEU G 94 -12.82 54.18 -12.40
N GLN G 95 -11.58 54.59 -12.68
CA GLN G 95 -10.75 55.35 -11.70
C GLN G 95 -11.38 56.73 -11.44
N GLU G 96 -12.03 57.35 -12.47
CA GLU G 96 -12.77 58.65 -12.38
C GLU G 96 -13.86 58.42 -11.30
N GLU G 97 -14.58 57.29 -11.39
CA GLU G 97 -15.72 56.93 -10.50
C GLU G 97 -15.22 56.65 -9.07
N MET G 98 -14.12 55.91 -8.93
CA MET G 98 -13.52 55.55 -7.61
C MET G 98 -13.12 56.81 -6.84
N ASN G 99 -13.13 58.01 -7.45
CA ASN G 99 -12.89 59.29 -6.74
C ASN G 99 -14.21 59.90 -6.33
N TYR G 100 -15.13 59.95 -7.28
CA TYR G 100 -16.53 60.38 -7.08
C TYR G 100 -17.06 59.80 -5.78
N ILE G 101 -16.88 58.47 -5.61
CA ILE G 101 -17.43 57.67 -4.49
C ILE G 101 -16.65 58.01 -3.20
N ILE G 102 -15.31 58.10 -3.26
CA ILE G 102 -14.42 58.44 -2.11
C ILE G 102 -14.94 59.71 -1.42
N ALA G 103 -15.42 60.67 -2.21
CA ALA G 103 -16.09 61.89 -1.72
C ALA G 103 -17.38 61.51 -0.98
N ILE G 104 -18.28 60.77 -1.66
CA ILE G 104 -19.68 60.51 -1.20
C ILE G 104 -19.60 59.73 0.11
N ILE G 105 -18.73 58.72 0.18
CA ILE G 105 -18.58 57.81 1.35
C ILE G 105 -18.21 58.67 2.56
N GLU G 106 -17.20 59.54 2.44
CA GLU G 106 -16.83 60.49 3.53
C GLU G 106 -18.10 61.13 4.09
N GLU G 107 -18.88 61.85 3.26
CA GLU G 107 -20.09 62.59 3.71
C GLU G 107 -21.09 61.60 4.36
N GLN G 108 -21.10 60.33 3.97
CA GLN G 108 -22.24 59.41 4.23
C GLN G 108 -21.73 58.01 4.55
N PRO G 109 -20.90 57.83 5.57
CA PRO G 109 -20.03 56.66 5.63
C PRO G 109 -20.78 55.48 6.21
N LYS G 110 -22.09 55.64 6.43
CA LYS G 110 -22.94 54.60 7.05
C LYS G 110 -23.98 54.18 6.04
N ASN G 111 -23.78 54.56 4.78
CA ASN G 111 -24.71 54.28 3.65
C ASN G 111 -24.30 52.93 3.07
N TYR G 112 -25.21 51.96 3.05
CA TYR G 112 -24.91 50.59 2.55
C TYR G 112 -24.66 50.66 1.04
N GLN G 113 -25.39 51.51 0.31
CA GLN G 113 -25.40 51.57 -1.19
C GLN G 113 -24.03 51.97 -1.73
N VAL G 114 -23.35 52.88 -1.06
CA VAL G 114 -22.06 53.46 -1.55
C VAL G 114 -20.93 52.49 -1.28
N TRP G 115 -20.88 51.90 -0.09
CA TRP G 115 -19.80 50.94 0.24
C TRP G 115 -19.93 49.74 -0.71
N HIS G 116 -21.16 49.42 -1.08
CA HIS G 116 -21.45 48.41 -2.12
C HIS G 116 -20.82 48.89 -3.42
N HIS G 117 -21.28 50.05 -3.89
CA HIS G 117 -20.84 50.65 -5.18
C HIS G 117 -19.32 50.62 -5.18
N ARG G 118 -18.65 51.03 -4.11
CA ARG G 118 -17.17 50.95 -4.08
C ARG G 118 -16.73 49.48 -4.30
N ARG G 119 -17.35 48.52 -3.63
CA ARG G 119 -16.83 47.12 -3.67
C ARG G 119 -16.90 46.57 -5.08
N VAL G 120 -17.98 46.92 -5.77
CA VAL G 120 -18.25 46.47 -7.17
C VAL G 120 -17.07 46.91 -8.04
N LEU G 121 -16.72 48.20 -7.96
CA LEU G 121 -15.60 48.85 -8.70
C LEU G 121 -14.30 48.11 -8.37
N VAL G 122 -14.07 47.78 -7.11
CA VAL G 122 -12.80 47.08 -6.81
C VAL G 122 -12.85 45.68 -7.42
N GLU G 123 -14.00 45.00 -7.50
CA GLU G 123 -14.05 43.69 -8.21
C GLU G 123 -13.76 43.94 -9.70
N TRP G 124 -14.47 44.90 -10.29
CA TRP G 124 -14.34 45.26 -11.71
C TRP G 124 -12.86 45.47 -12.04
N LEU G 125 -12.21 46.41 -11.36
CA LEU G 125 -10.79 46.81 -11.58
C LEU G 125 -9.82 45.70 -11.18
N LYS G 126 -10.22 44.73 -10.36
CA LYS G 126 -9.28 43.87 -9.58
C LYS G 126 -8.08 44.69 -9.09
N ASP G 127 -8.32 45.91 -8.57
CA ASP G 127 -7.28 46.86 -8.08
C ASP G 127 -7.56 47.25 -6.64
N PRO G 128 -6.92 46.58 -5.66
CA PRO G 128 -7.07 46.99 -4.27
C PRO G 128 -6.19 48.19 -3.86
N SER G 129 -5.18 48.54 -4.66
CA SER G 129 -3.97 49.28 -4.19
C SER G 129 -4.34 50.45 -3.27
N GLN G 130 -5.35 51.25 -3.62
CA GLN G 130 -5.79 52.38 -2.75
C GLN G 130 -6.40 51.81 -1.45
N GLU G 131 -7.56 51.14 -1.55
CA GLU G 131 -8.46 50.72 -0.44
C GLU G 131 -7.84 50.90 0.95
N LEU G 132 -6.98 49.98 1.39
CA LEU G 132 -6.52 49.89 2.81
C LEU G 132 -6.36 51.29 3.44
N GLU G 133 -5.47 52.11 2.90
CA GLU G 133 -5.34 53.56 3.23
C GLU G 133 -6.72 54.26 3.28
N PHE G 134 -7.51 54.25 2.20
CA PHE G 134 -8.84 54.92 2.13
C PHE G 134 -9.77 54.49 3.26
N ILE G 135 -9.69 53.21 3.66
CA ILE G 135 -10.48 52.66 4.79
C ILE G 135 -9.98 53.32 6.08
N ALA G 136 -8.67 53.31 6.32
CA ALA G 136 -8.05 53.87 7.54
C ALA G 136 -8.44 55.35 7.69
N ASP G 137 -8.55 56.09 6.58
CA ASP G 137 -8.99 57.52 6.53
C ASP G 137 -10.41 57.66 7.06
N ILE G 138 -11.24 56.64 6.84
CA ILE G 138 -12.65 56.61 7.28
C ILE G 138 -12.68 56.11 8.72
N LEU G 139 -11.84 55.13 9.05
CA LEU G 139 -11.74 54.62 10.43
C LEU G 139 -11.14 55.70 11.32
N ASN G 140 -10.40 56.66 10.76
CA ASN G 140 -9.77 57.74 11.57
C ASN G 140 -10.85 58.73 12.04
N GLN G 141 -11.97 58.79 11.33
CA GLN G 141 -13.15 59.64 11.65
C GLN G 141 -14.15 58.85 12.51
N ASP G 142 -14.04 57.51 12.57
CA ASP G 142 -14.88 56.59 13.38
C ASP G 142 -14.26 55.18 13.38
N ALA G 143 -13.39 54.85 14.34
CA ALA G 143 -12.61 53.58 14.30
C ALA G 143 -13.50 52.41 14.73
N LYS G 144 -14.80 52.52 14.51
CA LYS G 144 -15.75 51.44 14.82
C LYS G 144 -16.81 51.39 13.73
N ASN G 145 -16.62 52.15 12.66
CA ASN G 145 -17.55 52.16 11.51
C ASN G 145 -17.56 50.73 10.97
N TYR G 146 -18.70 50.07 11.02
CA TYR G 146 -18.80 48.62 10.70
C TYR G 146 -18.51 48.44 9.21
N HIS G 147 -19.13 49.27 8.36
CA HIS G 147 -19.09 49.17 6.89
C HIS G 147 -17.64 49.27 6.41
N ALA G 148 -16.83 50.03 7.13
CA ALA G 148 -15.39 50.18 6.86
C ALA G 148 -14.68 48.87 7.22
N TRP G 149 -14.75 48.42 8.46
CA TRP G 149 -14.18 47.10 8.84
C TRP G 149 -14.70 46.01 7.87
N GLN G 150 -15.99 46.02 7.49
CA GLN G 150 -16.57 44.98 6.59
C GLN G 150 -15.77 45.00 5.28
N HIS G 151 -15.76 46.16 4.62
CA HIS G 151 -15.11 46.37 3.30
C HIS G 151 -13.59 46.13 3.41
N ARG G 152 -12.99 46.30 4.58
CA ARG G 152 -11.52 46.07 4.78
C ARG G 152 -11.25 44.57 4.85
N GLN G 153 -12.06 43.83 5.61
CA GLN G 153 -11.91 42.36 5.73
C GLN G 153 -12.13 41.78 4.33
N TRP G 154 -12.99 42.41 3.51
CA TRP G 154 -13.35 41.83 2.20
C TRP G 154 -12.18 41.98 1.24
N VAL G 155 -11.51 43.12 1.30
CA VAL G 155 -10.32 43.44 0.46
C VAL G 155 -9.19 42.49 0.88
N ILE G 156 -8.85 42.43 2.16
CA ILE G 156 -7.76 41.53 2.65
C ILE G 156 -8.10 40.07 2.31
N GLN G 157 -9.34 39.61 2.46
CA GLN G 157 -9.73 38.24 2.04
C GLN G 157 -9.47 38.06 0.54
N GLU G 158 -9.99 38.99 -0.26
CA GLU G 158 -10.19 38.85 -1.72
C GLU G 158 -8.89 39.02 -2.48
N PHE G 159 -7.89 39.70 -1.91
CA PHE G 159 -6.58 39.95 -2.57
C PHE G 159 -5.43 39.62 -1.61
N ARG G 160 -5.65 38.74 -0.64
CA ARG G 160 -4.64 38.27 0.36
C ARG G 160 -3.62 39.38 0.66
N LEU G 161 -4.07 40.40 1.37
CA LEU G 161 -3.29 41.61 1.74
C LEU G 161 -3.01 41.55 3.23
N TRP G 162 -2.72 40.35 3.73
CA TRP G 162 -2.57 40.14 5.18
C TRP G 162 -1.30 40.84 5.68
N ASP G 163 -0.22 40.77 4.89
CA ASP G 163 1.17 41.06 5.32
C ASP G 163 1.24 42.18 6.37
N ASN G 164 0.41 43.21 6.26
CA ASN G 164 0.64 44.47 7.03
C ASN G 164 -0.46 44.76 8.03
N GLU G 165 -1.44 43.88 8.17
CA GLU G 165 -2.66 44.20 8.94
C GLU G 165 -2.39 44.01 10.42
N LEU G 166 -1.58 43.02 10.80
CA LEU G 166 -1.42 42.77 12.25
C LEU G 166 -0.77 44.01 12.87
N GLN G 167 0.22 44.55 12.19
CA GLN G 167 0.87 45.83 12.53
C GLN G 167 -0.20 46.92 12.74
N TYR G 168 -1.09 47.12 11.78
CA TYR G 168 -2.17 48.15 11.80
C TYR G 168 -3.06 47.99 13.03
N VAL G 169 -3.34 46.74 13.38
CA VAL G 169 -4.12 46.34 14.57
C VAL G 169 -3.31 46.76 15.82
N ASP G 170 -2.12 46.19 16.03
CA ASP G 170 -1.22 46.52 17.17
C ASP G 170 -1.20 48.03 17.40
N GLN G 171 -1.19 48.82 16.32
CA GLN G 171 -1.11 50.31 16.33
C GLN G 171 -2.44 50.92 16.78
N LEU G 172 -3.57 50.30 16.45
CA LEU G 172 -4.92 50.86 16.72
C LEU G 172 -5.39 50.48 18.13
N LEU G 173 -4.80 49.42 18.70
CA LEU G 173 -5.04 48.98 20.09
C LEU G 173 -4.23 49.87 21.04
N LYS G 174 -3.01 50.26 20.63
CA LYS G 174 -2.23 51.34 21.31
C LYS G 174 -3.09 52.64 21.22
N GLU G 175 -3.92 52.84 20.20
CA GLU G 175 -4.71 54.11 20.09
C GLU G 175 -5.85 54.10 21.10
N ASP G 176 -6.50 52.94 21.26
CA ASP G 176 -7.71 52.72 22.09
C ASP G 176 -7.87 51.21 22.24
N VAL G 177 -7.48 50.64 23.38
CA VAL G 177 -7.52 49.18 23.65
C VAL G 177 -8.97 48.77 23.92
N ARG G 178 -9.87 49.71 24.17
CA ARG G 178 -11.30 49.41 24.38
C ARG G 178 -12.06 49.24 23.06
N ASN G 179 -11.39 49.23 21.91
CA ASN G 179 -12.02 49.04 20.58
C ASN G 179 -12.34 47.54 20.36
N ASN G 180 -13.61 47.09 20.50
CA ASN G 180 -13.94 45.64 20.30
C ASN G 180 -13.62 45.35 18.83
N SER G 181 -13.82 46.32 17.93
CA SER G 181 -13.61 46.21 16.46
C SER G 181 -12.19 45.73 16.12
N VAL G 182 -11.18 46.32 16.79
CA VAL G 182 -9.75 46.09 16.45
C VAL G 182 -9.33 44.73 17.02
N TRP G 183 -9.70 44.41 18.25
CA TRP G 183 -9.49 43.03 18.79
C TRP G 183 -10.05 42.01 17.80
N ASN G 184 -11.21 42.28 17.21
CA ASN G 184 -11.85 41.35 16.25
C ASN G 184 -10.95 41.25 15.01
N GLN G 185 -10.64 42.36 14.35
CA GLN G 185 -9.63 42.39 13.24
C GLN G 185 -8.36 41.59 13.57
N ARG G 186 -7.87 41.63 14.82
CA ARG G 186 -6.66 40.87 15.19
C ARG G 186 -6.90 39.37 14.95
N HIS G 187 -7.98 38.82 15.50
CA HIS G 187 -8.30 37.38 15.39
C HIS G 187 -8.67 37.04 13.94
N PHE G 188 -9.18 38.00 13.18
CA PHE G 188 -9.31 37.88 11.71
C PHE G 188 -7.95 37.52 11.14
N VAL G 189 -7.01 38.45 11.29
CA VAL G 189 -5.68 38.37 10.63
C VAL G 189 -5.00 37.09 11.07
N ILE G 190 -5.02 36.76 12.35
CA ILE G 190 -4.24 35.61 12.90
C ILE G 190 -4.90 34.30 12.51
N SER G 191 -6.23 34.22 12.63
CA SER G 191 -6.96 32.96 12.37
C SER G 191 -6.85 32.63 10.90
N ASN G 192 -6.56 33.62 10.05
CA ASN G 192 -6.56 33.47 8.58
C ASN G 192 -5.14 33.38 8.02
N THR G 193 -4.13 33.14 8.86
CA THR G 193 -2.71 33.18 8.45
C THR G 193 -1.92 32.15 9.27
N THR G 194 -1.28 32.58 10.36
CA THR G 194 -0.58 31.71 11.33
C THR G 194 -1.55 30.64 11.82
N GLY G 195 -2.85 30.93 12.01
CA GLY G 195 -3.74 30.09 12.85
C GLY G 195 -3.26 30.19 14.28
N TYR G 196 -4.00 29.65 15.25
CA TYR G 196 -3.67 29.82 16.70
C TYR G 196 -2.98 28.55 17.24
N SER G 197 -2.85 27.53 16.38
CA SER G 197 -2.43 26.15 16.70
C SER G 197 -0.91 26.08 16.82
N ASP G 198 -0.19 27.02 16.19
CA ASP G 198 1.24 27.23 16.46
C ASP G 198 1.42 27.61 17.94
N ARG G 199 1.88 26.66 18.76
CA ARG G 199 2.04 26.79 20.24
C ARG G 199 2.80 28.07 20.63
N ALA G 200 3.39 28.72 19.62
CA ALA G 200 4.31 29.86 19.73
C ALA G 200 3.59 31.14 19.33
N VAL G 201 2.68 31.06 18.37
CA VAL G 201 1.73 32.14 18.00
C VAL G 201 0.85 32.36 19.23
N LEU G 202 0.44 31.26 19.87
CA LEU G 202 -0.41 31.29 21.07
C LEU G 202 0.37 31.94 22.22
N GLU G 203 1.55 31.44 22.60
CA GLU G 203 2.40 32.11 23.63
C GLU G 203 2.30 33.63 23.35
N ARG G 204 2.69 34.08 22.15
CA ARG G 204 2.69 35.50 21.71
C ARG G 204 1.36 36.17 22.05
N GLU G 205 0.26 35.59 21.56
CA GLU G 205 -1.10 36.19 21.58
C GLU G 205 -1.64 36.28 23.01
N VAL G 206 -1.50 35.22 23.81
CA VAL G 206 -1.89 35.22 25.26
C VAL G 206 -1.13 36.34 25.98
N GLN G 207 0.21 36.30 25.90
CA GLN G 207 1.09 37.27 26.58
C GLN G 207 0.70 38.69 26.14
N TYR G 208 0.53 38.89 24.82
CA TYR G 208 0.15 40.19 24.22
C TYR G 208 -1.11 40.72 24.90
N THR G 209 -2.07 39.81 25.07
CA THR G 209 -3.45 40.09 25.54
C THR G 209 -3.38 40.44 27.03
N LEU G 210 -2.62 39.67 27.82
CA LEU G 210 -2.38 39.92 29.27
C LEU G 210 -1.75 41.29 29.46
N GLU G 211 -0.67 41.62 28.74
CA GLU G 211 0.01 42.94 28.87
C GLU G 211 -1.01 44.08 28.69
N MET G 212 -2.00 43.88 27.82
CA MET G 212 -3.07 44.86 27.44
C MET G 212 -4.22 44.78 28.45
N ILE G 213 -4.22 43.74 29.28
CA ILE G 213 -5.08 43.62 30.48
C ILE G 213 -4.35 44.34 31.64
N LYS G 214 -3.12 43.93 31.98
CA LYS G 214 -2.28 44.71 32.92
C LYS G 214 -2.59 46.19 32.64
N LEU G 215 -2.31 46.71 31.43
CA LEU G 215 -2.44 48.16 31.09
C LEU G 215 -3.81 48.71 31.47
N VAL G 216 -4.86 48.05 30.99
CA VAL G 216 -6.27 48.51 31.17
C VAL G 216 -7.13 47.28 31.35
N PRO G 217 -7.42 46.94 32.63
CA PRO G 217 -7.93 45.62 33.01
C PRO G 217 -9.46 45.50 33.00
N HIS G 218 -10.16 46.66 33.03
CA HIS G 218 -11.63 46.70 32.88
C HIS G 218 -11.96 46.96 31.40
N ASN G 219 -11.86 45.91 30.59
CA ASN G 219 -11.85 45.97 29.10
C ASN G 219 -12.46 44.67 28.61
N GLU G 220 -13.76 44.68 28.30
CA GLU G 220 -14.43 43.40 27.99
C GLU G 220 -13.66 42.73 26.84
N SER G 221 -13.17 43.54 25.89
CA SER G 221 -12.81 43.12 24.52
C SER G 221 -11.57 42.22 24.55
N ALA G 222 -10.61 42.65 25.37
CA ALA G 222 -9.32 41.99 25.59
C ALA G 222 -9.56 40.62 26.24
N TRP G 223 -10.43 40.60 27.24
CA TRP G 223 -10.80 39.38 27.98
C TRP G 223 -11.50 38.41 27.02
N ASN G 224 -12.47 38.91 26.26
CA ASN G 224 -13.19 38.07 25.29
C ASN G 224 -12.16 37.31 24.44
N TYR G 225 -11.17 38.06 23.93
CA TYR G 225 -10.10 37.56 23.01
C TYR G 225 -9.29 36.47 23.72
N LEU G 226 -8.82 36.74 24.94
CA LEU G 226 -8.13 35.71 25.74
C LEU G 226 -9.02 34.46 25.82
N LYS G 227 -10.23 34.57 26.36
CA LYS G 227 -11.17 33.41 26.45
C LYS G 227 -11.32 32.83 25.04
N GLY G 228 -11.63 33.68 24.05
CA GLY G 228 -11.84 33.27 22.66
C GLY G 228 -10.73 32.33 22.18
N ILE G 229 -9.48 32.77 22.21
CA ILE G 229 -8.34 32.02 21.57
C ILE G 229 -8.02 30.76 22.36
N LEU G 230 -8.70 30.49 23.48
CA LEU G 230 -8.37 29.37 24.39
C LEU G 230 -9.58 28.46 24.62
N GLN G 231 -10.80 28.95 24.50
CA GLN G 231 -11.95 28.24 25.11
C GLN G 231 -12.12 26.89 24.42
N ASP G 232 -11.76 26.78 23.14
CA ASP G 232 -12.02 25.57 22.34
C ASP G 232 -10.94 24.54 22.62
N ARG G 233 -9.69 24.99 22.75
CA ARG G 233 -8.54 24.11 23.11
C ARG G 233 -8.75 23.60 24.53
N GLY G 234 -9.41 24.37 25.40
CA GLY G 234 -9.99 23.89 26.68
C GLY G 234 -9.36 24.54 27.89
N LEU G 235 -9.98 25.60 28.44
CA LEU G 235 -9.40 26.47 29.50
C LEU G 235 -8.68 25.62 30.57
N SER G 236 -9.28 24.55 31.11
CA SER G 236 -8.64 23.66 32.09
C SER G 236 -7.14 23.46 31.74
N ARG G 237 -6.85 23.06 30.50
CA ARG G 237 -5.61 22.34 30.08
C ARG G 237 -4.35 23.19 30.33
N TYR G 238 -4.48 24.50 30.60
CA TYR G 238 -3.39 25.52 30.70
C TYR G 238 -3.10 25.99 32.13
N PRO G 239 -2.52 25.15 33.01
CA PRO G 239 -2.49 25.44 34.44
C PRO G 239 -1.73 26.71 34.83
N ASN G 240 -0.72 27.10 34.05
CA ASN G 240 0.08 28.31 34.41
C ASN G 240 -0.78 29.57 34.22
N LEU G 241 -1.85 29.50 33.42
CA LEU G 241 -2.77 30.65 33.30
C LEU G 241 -3.48 30.78 34.64
N LEU G 242 -4.19 29.75 35.07
CA LEU G 242 -4.97 29.80 36.33
C LEU G 242 -4.20 30.63 37.36
N ASN G 243 -2.92 30.33 37.56
CA ASN G 243 -2.09 30.97 38.63
C ASN G 243 -1.91 32.47 38.31
N GLN G 244 -1.48 32.82 37.10
CA GLN G 244 -1.20 34.22 36.68
C GLN G 244 -2.45 35.08 36.95
N LEU G 245 -3.63 34.49 36.79
CA LEU G 245 -4.91 35.19 37.05
C LEU G 245 -5.14 35.22 38.57
N LEU G 246 -5.10 34.07 39.25
CA LEU G 246 -5.26 34.02 40.73
C LEU G 246 -4.29 35.02 41.38
N ASP G 247 -3.13 35.26 40.75
CA ASP G 247 -2.05 36.19 41.20
C ASP G 247 -2.34 37.64 40.81
N LEU G 248 -3.07 37.88 39.72
CA LEU G 248 -3.65 39.22 39.39
C LEU G 248 -4.70 39.63 40.46
N GLN G 249 -5.53 38.67 40.92
CA GLN G 249 -6.88 38.88 41.56
C GLN G 249 -6.81 39.87 42.72
N PRO G 250 -5.76 39.85 43.57
CA PRO G 250 -5.40 41.01 44.39
C PRO G 250 -5.65 42.39 43.74
N SER G 251 -4.92 42.72 42.67
CA SER G 251 -4.70 44.10 42.15
C SER G 251 -5.66 44.45 41.00
N HIS G 252 -5.71 43.66 39.93
CA HIS G 252 -6.36 43.98 38.61
C HIS G 252 -7.73 43.29 38.47
N SER G 253 -8.47 43.14 39.58
CA SER G 253 -9.69 42.28 39.73
C SER G 253 -10.94 42.97 39.15
N SER G 254 -11.22 42.75 37.86
CA SER G 254 -12.48 43.13 37.16
C SER G 254 -13.42 41.94 37.22
N PRO G 255 -14.71 42.11 36.86
CA PRO G 255 -15.63 40.96 36.82
C PRO G 255 -15.22 39.96 35.72
N TYR G 256 -14.66 40.52 34.66
CA TYR G 256 -14.24 39.80 33.44
C TYR G 256 -13.22 38.74 33.85
N LEU G 257 -12.45 39.08 34.89
CA LEU G 257 -11.43 38.18 35.46
C LEU G 257 -12.15 37.04 36.18
N ILE G 258 -12.97 37.42 37.18
CA ILE G 258 -13.73 36.47 38.02
C ILE G 258 -14.39 35.50 37.05
N ALA G 259 -15.17 36.07 36.13
CA ALA G 259 -15.93 35.36 35.08
C ALA G 259 -14.99 34.32 34.45
N PHE G 260 -13.91 34.77 33.80
CA PHE G 260 -12.88 33.87 33.24
C PHE G 260 -12.70 32.68 34.19
N LEU G 261 -12.37 32.95 35.45
CA LEU G 261 -12.00 31.91 36.44
C LEU G 261 -13.11 30.87 36.54
N VAL G 262 -14.33 31.33 36.81
CA VAL G 262 -15.55 30.48 36.84
C VAL G 262 -15.46 29.48 35.68
N ASP G 263 -15.19 30.03 34.51
CA ASP G 263 -15.20 29.32 33.20
C ASP G 263 -14.07 28.30 33.18
N ILE G 264 -12.91 28.68 33.69
CA ILE G 264 -11.78 27.74 33.92
C ILE G 264 -12.33 26.62 34.82
N TYR G 265 -12.83 27.00 36.00
CA TYR G 265 -13.28 26.02 37.00
C TYR G 265 -14.32 25.12 36.33
N GLU G 266 -15.26 25.68 35.56
CA GLU G 266 -16.29 24.84 34.88
C GLU G 266 -15.61 23.82 33.96
N ASP G 267 -14.66 24.26 33.11
CA ASP G 267 -13.94 23.36 32.15
C ASP G 267 -13.28 22.22 32.96
N MET G 268 -12.74 22.54 34.14
CA MET G 268 -12.18 21.52 35.07
C MET G 268 -13.30 20.50 35.39
N LEU G 269 -14.41 21.00 35.96
CA LEU G 269 -15.57 20.16 36.37
C LEU G 269 -16.03 19.35 35.15
N GLU G 270 -16.17 19.99 33.99
CA GLU G 270 -16.76 19.38 32.76
C GLU G 270 -15.80 18.28 32.26
N ASN G 271 -14.56 18.22 32.76
CA ASN G 271 -13.53 17.24 32.32
C ASN G 271 -13.17 16.24 33.43
N GLN G 272 -14.11 15.97 34.36
CA GLN G 272 -13.94 15.08 35.55
C GLN G 272 -12.51 15.30 36.11
N CYS G 273 -12.28 16.41 36.82
CA CYS G 273 -10.98 16.78 37.47
C CYS G 273 -10.93 16.19 38.89
N ASP G 274 -9.93 16.58 39.69
CA ASP G 274 -9.65 16.04 41.06
C ASP G 274 -10.17 17.00 42.12
N ASN G 275 -10.89 16.48 43.13
CA ASN G 275 -11.64 17.26 44.16
C ASN G 275 -12.78 18.01 43.48
N LYS G 276 -13.65 17.28 42.79
CA LYS G 276 -14.83 17.85 42.11
C LYS G 276 -15.56 18.77 43.09
N GLU G 277 -15.97 18.23 44.26
CA GLU G 277 -16.67 18.98 45.33
C GLU G 277 -15.83 20.21 45.70
N ASP G 278 -14.52 20.06 45.76
CA ASP G 278 -13.63 21.17 46.20
C ASP G 278 -13.64 22.27 45.15
N ILE G 279 -13.65 21.92 43.86
CA ILE G 279 -13.52 22.91 42.75
C ILE G 279 -14.84 23.70 42.64
N LEU G 280 -15.95 22.98 42.45
CA LEU G 280 -17.33 23.53 42.40
C LEU G 280 -17.45 24.74 43.32
N ASN G 281 -17.10 24.60 44.58
CA ASN G 281 -17.34 25.62 45.63
C ASN G 281 -16.49 26.88 45.40
N LYS G 282 -15.37 26.81 44.67
CA LYS G 282 -14.56 28.03 44.36
C LYS G 282 -15.32 28.87 43.33
N ALA G 283 -15.95 28.18 42.36
CA ALA G 283 -16.83 28.73 41.30
C ALA G 283 -18.02 29.42 41.99
N LEU G 284 -18.72 28.65 42.81
CA LEU G 284 -19.94 29.11 43.52
C LEU G 284 -19.51 30.31 44.36
N GLU G 285 -18.44 30.17 45.16
CA GLU G 285 -17.87 31.31 45.96
C GLU G 285 -17.81 32.52 45.02
N LEU G 286 -17.27 32.34 43.80
CA LEU G 286 -17.09 33.41 42.77
C LEU G 286 -18.45 33.86 42.22
N CYS G 287 -19.21 32.96 41.56
CA CYS G 287 -20.55 33.24 40.98
C CYS G 287 -21.31 34.21 41.90
N GLU G 288 -21.38 33.85 43.19
CA GLU G 288 -22.11 34.64 44.21
C GLU G 288 -21.31 35.93 44.51
N ILE G 289 -19.97 35.92 44.41
CA ILE G 289 -19.14 37.15 44.63
C ILE G 289 -19.39 38.12 43.47
N LEU G 290 -19.58 37.57 42.27
CA LEU G 290 -20.01 38.37 41.09
C LEU G 290 -21.33 39.03 41.48
N ALA G 291 -22.34 38.20 41.79
CA ALA G 291 -23.74 38.61 42.04
C ALA G 291 -23.80 39.66 43.17
N LYS G 292 -23.03 39.48 44.26
CA LYS G 292 -23.14 40.23 45.55
C LYS G 292 -22.34 41.54 45.43
N GLU G 293 -21.06 41.52 45.08
CA GLU G 293 -20.39 42.84 45.10
C GLU G 293 -19.48 43.06 43.89
N LYS G 294 -19.75 42.43 42.74
CA LYS G 294 -18.83 42.65 41.60
C LYS G 294 -19.59 43.03 40.33
N ASP G 295 -20.42 42.12 39.84
CA ASP G 295 -21.18 42.34 38.57
C ASP G 295 -22.66 42.22 38.89
N THR G 296 -23.21 43.23 39.55
CA THR G 296 -24.48 43.14 40.35
C THR G 296 -25.71 43.24 39.43
N ILE G 297 -25.60 43.95 38.32
CA ILE G 297 -26.64 43.96 37.24
C ILE G 297 -26.83 42.55 36.66
N ARG G 298 -25.97 41.58 36.95
CA ARG G 298 -26.26 40.20 36.52
C ARG G 298 -26.53 39.35 37.76
N LYS G 299 -26.82 40.01 38.89
CA LYS G 299 -27.25 39.36 40.16
C LYS G 299 -27.91 38.02 39.80
N GLU G 300 -29.08 38.08 39.16
CA GLU G 300 -29.97 36.91 38.93
C GLU G 300 -29.36 35.92 37.93
N TYR G 301 -28.56 36.43 36.97
CA TYR G 301 -27.82 35.63 35.96
C TYR G 301 -26.82 34.76 36.72
N TRP G 302 -25.87 35.43 37.35
CA TRP G 302 -24.71 34.73 37.97
C TRP G 302 -25.22 33.68 38.96
N ARG G 303 -26.28 33.97 39.73
CA ARG G 303 -26.85 32.94 40.63
C ARG G 303 -27.35 31.79 39.76
N TYR G 304 -28.01 32.09 38.63
CA TYR G 304 -28.56 31.09 37.66
C TYR G 304 -27.43 30.15 37.24
N ILE G 305 -26.25 30.76 36.97
CA ILE G 305 -24.99 30.08 36.53
C ILE G 305 -24.51 29.20 37.68
N GLY G 306 -24.50 29.78 38.89
CA GLY G 306 -24.36 29.05 40.16
C GLY G 306 -25.21 27.80 40.17
N ARG G 307 -26.53 27.96 40.28
CA ARG G 307 -27.49 26.83 40.37
C ARG G 307 -27.25 25.87 39.18
N SER G 308 -27.12 26.42 37.96
CA SER G 308 -26.73 25.67 36.74
C SER G 308 -25.56 24.73 37.06
N LEU G 309 -24.58 25.19 37.84
CA LEU G 309 -23.37 24.39 38.18
C LEU G 309 -23.73 23.32 39.23
N GLN G 310 -24.13 23.69 40.46
CA GLN G 310 -24.59 22.75 41.53
C GLN G 310 -25.27 21.52 40.91
N SER G 311 -26.22 21.74 40.00
CA SER G 311 -27.07 20.67 39.42
C SER G 311 -26.29 19.75 38.46
N LYS G 312 -25.42 20.27 37.58
CA LYS G 312 -24.70 19.42 36.58
C LYS G 312 -23.53 18.70 37.26
N HIS G 313 -23.17 19.06 38.51
CA HIS G 313 -21.97 18.54 39.25
C HIS G 313 -22.31 18.15 40.70
N SER G 314 -23.38 17.33 40.87
CA SER G 314 -23.87 16.73 42.14
C SER G 314 -25.16 15.95 41.84
N LEU H 1 -39.34 59.11 32.94
CA LEU H 1 -39.97 59.05 34.28
C LEU H 1 -41.13 58.04 34.25
N ASP H 2 -42.19 58.28 33.43
CA ASP H 2 -43.33 57.35 33.13
C ASP H 2 -43.65 57.31 31.62
N PHE H 3 -44.63 56.53 31.16
CA PHE H 3 -44.74 56.07 29.75
C PHE H 3 -45.93 56.69 29.02
N LEU H 4 -45.68 57.55 28.01
CA LEU H 4 -46.68 58.49 27.43
C LEU H 4 -47.43 57.80 26.28
N ARG H 5 -48.03 56.63 26.54
CA ARG H 5 -48.77 55.79 25.55
C ARG H 5 -49.49 56.63 24.51
N ASP H 6 -50.12 57.74 24.92
CA ASP H 6 -51.05 58.53 24.06
C ASP H 6 -50.23 59.43 23.12
N ARG H 7 -49.06 59.92 23.55
CA ARG H 7 -48.17 60.74 22.70
C ARG H 7 -47.51 59.86 21.63
N HIS H 8 -47.25 58.60 21.99
CA HIS H 8 -46.62 57.56 21.13
C HIS H 8 -47.60 57.10 20.07
N VAL H 9 -48.90 57.16 20.37
CA VAL H 9 -49.95 56.90 19.35
C VAL H 9 -49.89 58.06 18.35
N ARG H 10 -50.00 59.31 18.80
CA ARG H 10 -49.99 60.45 17.84
C ARG H 10 -48.67 60.44 17.07
N PHE H 11 -47.54 60.10 17.71
CA PHE H 11 -46.24 59.95 17.01
C PHE H 11 -46.38 59.02 15.81
N PHE H 12 -46.92 57.83 16.01
CA PHE H 12 -46.99 56.79 14.94
C PHE H 12 -47.94 57.22 13.82
N GLN H 13 -49.03 57.95 14.11
CA GLN H 13 -49.99 58.34 13.04
C GLN H 13 -49.31 59.39 12.14
N ARG H 14 -48.47 60.23 12.74
CA ARG H 14 -47.74 61.33 12.04
C ARG H 14 -46.67 60.68 11.13
N CYS H 15 -46.16 59.51 11.52
CA CYS H 15 -45.27 58.67 10.67
C CYS H 15 -46.01 58.17 9.43
N LEU H 16 -47.29 57.80 9.57
CA LEU H 16 -48.14 57.30 8.45
C LEU H 16 -48.55 58.45 7.52
N GLN H 17 -48.55 59.70 8.01
CA GLN H 17 -49.06 60.87 7.23
C GLN H 17 -48.06 61.48 6.24
N VAL H 18 -47.70 62.74 6.44
CA VAL H 18 -46.82 63.47 5.47
C VAL H 18 -45.54 63.90 6.18
N LEU H 19 -44.37 63.73 5.54
CA LEU H 19 -43.11 64.14 6.23
C LEU H 19 -42.45 65.24 5.40
N PRO H 20 -41.64 66.13 6.01
CA PRO H 20 -40.80 67.07 5.27
C PRO H 20 -39.75 66.42 4.36
N GLU H 21 -39.43 67.08 3.26
CA GLU H 21 -38.41 66.64 2.27
C GLU H 21 -37.09 66.33 2.98
N ARG H 22 -36.94 66.54 4.30
CA ARG H 22 -35.67 66.20 5.01
C ARG H 22 -35.58 64.68 5.19
N TYR H 23 -36.66 63.93 4.98
CA TYR H 23 -36.70 62.45 5.06
C TYR H 23 -36.60 61.83 3.64
N SER H 24 -36.30 62.64 2.62
CA SER H 24 -36.17 62.25 1.19
C SER H 24 -35.56 60.85 1.07
N SER H 25 -34.52 60.59 1.88
CA SER H 25 -33.66 59.40 1.80
C SER H 25 -34.46 58.11 2.09
N LEU H 26 -35.39 58.14 3.06
CA LEU H 26 -36.21 56.96 3.47
C LEU H 26 -37.12 56.45 2.34
N GLU H 27 -37.33 57.26 1.29
CA GLU H 27 -38.28 56.99 0.17
C GLU H 27 -38.20 55.51 -0.28
N THR H 28 -37.01 54.98 -0.58
CA THR H 28 -36.82 53.63 -1.18
C THR H 28 -37.14 52.51 -0.18
N SER H 29 -37.51 52.88 1.05
CA SER H 29 -37.86 51.97 2.17
C SER H 29 -38.98 52.58 3.05
N ARG H 30 -39.95 53.26 2.44
CA ARG H 30 -41.13 53.76 3.18
C ARG H 30 -41.83 52.56 3.83
N LEU H 31 -41.96 51.43 3.13
CA LEU H 31 -42.78 50.29 3.63
C LEU H 31 -42.27 49.81 5.00
N THR H 32 -40.98 50.02 5.30
CA THR H 32 -40.45 49.70 6.65
C THR H 32 -41.03 50.71 7.65
N ILE H 33 -40.96 52.01 7.36
CA ILE H 33 -41.51 53.08 8.26
C ILE H 33 -42.99 52.78 8.53
N ALA H 34 -43.75 52.39 7.51
CA ALA H 34 -45.15 51.93 7.67
C ALA H 34 -45.19 50.87 8.76
N PHE H 35 -44.34 49.85 8.63
CA PHE H 35 -44.26 48.70 9.57
C PHE H 35 -44.06 49.19 11.02
N PHE H 36 -43.17 50.17 11.22
CA PHE H 36 -42.78 50.61 12.57
C PHE H 36 -44.00 51.27 13.23
N ALA H 37 -44.65 52.15 12.49
CA ALA H 37 -45.85 52.88 12.95
C ALA H 37 -46.98 51.88 13.16
N LEU H 38 -47.23 51.02 12.18
CA LEU H 38 -48.41 50.13 12.22
C LEU H 38 -48.19 49.09 13.32
N SER H 39 -47.10 48.32 13.30
CA SER H 39 -46.85 47.31 14.36
C SER H 39 -46.73 48.06 15.69
N GLY H 40 -46.27 49.32 15.67
CA GLY H 40 -46.23 50.19 16.86
C GLY H 40 -47.61 50.42 17.46
N LEU H 41 -48.51 50.97 16.66
CA LEU H 41 -49.93 51.18 17.02
C LEU H 41 -50.55 49.84 17.43
N ASP H 42 -50.28 48.76 16.71
CA ASP H 42 -50.73 47.37 17.06
C ASP H 42 -50.27 47.04 18.48
N MET H 43 -49.02 47.34 18.82
CA MET H 43 -48.43 47.07 20.16
C MET H 43 -49.15 47.90 21.23
N LEU H 44 -49.67 49.08 20.86
CA LEU H 44 -50.47 49.96 21.75
C LEU H 44 -51.99 49.79 21.56
N ASP H 45 -52.46 48.65 21.01
CA ASP H 45 -53.87 48.44 20.56
C ASP H 45 -54.49 49.79 20.14
N SER H 46 -53.99 50.39 19.07
CA SER H 46 -54.48 51.67 18.48
C SER H 46 -54.60 51.51 16.96
N LEU H 47 -54.91 50.32 16.47
CA LEU H 47 -55.04 50.16 15.01
C LEU H 47 -56.31 50.89 14.53
N ASP H 48 -57.29 51.09 15.42
CA ASP H 48 -58.56 51.78 15.09
C ASP H 48 -58.27 53.15 14.45
N VAL H 49 -57.25 53.88 14.92
CA VAL H 49 -57.01 55.31 14.52
C VAL H 49 -56.28 55.38 13.17
N VAL H 50 -56.53 54.43 12.26
CA VAL H 50 -56.12 54.49 10.82
C VAL H 50 -57.16 53.73 9.99
N ASN H 51 -57.33 54.12 8.73
CA ASN H 51 -58.13 53.34 7.75
C ASN H 51 -57.25 52.17 7.31
N LYS H 52 -57.50 50.97 7.83
CA LYS H 52 -56.77 49.75 7.41
C LYS H 52 -56.96 49.59 5.90
N ASP H 53 -58.23 49.51 5.47
CA ASP H 53 -58.70 49.25 4.08
C ASP H 53 -57.84 49.99 3.07
N ASP H 54 -57.63 51.30 3.28
CA ASP H 54 -56.76 52.17 2.46
C ASP H 54 -55.33 51.65 2.46
N ILE H 55 -54.73 51.52 3.65
CA ILE H 55 -53.30 51.12 3.78
C ILE H 55 -53.12 49.75 3.09
N ILE H 56 -54.05 48.83 3.27
CA ILE H 56 -53.93 47.52 2.61
C ILE H 56 -53.81 47.77 1.10
N GLU H 57 -54.61 48.68 0.52
CA GLU H 57 -54.49 48.99 -0.93
C GLU H 57 -53.06 49.42 -1.23
N TRP H 58 -52.62 50.48 -0.53
CA TRP H 58 -51.28 51.11 -0.69
C TRP H 58 -50.19 50.04 -0.63
N ILE H 59 -50.29 49.07 0.28
CA ILE H 59 -49.29 47.97 0.43
C ILE H 59 -49.32 47.13 -0.85
N TYR H 60 -50.51 46.66 -1.24
CA TYR H 60 -50.68 45.72 -2.38
C TYR H 60 -50.28 46.40 -3.67
N SER H 61 -50.44 47.72 -3.71
CA SER H 61 -49.96 48.61 -4.79
C SER H 61 -48.42 48.51 -4.91
N LEU H 62 -47.71 48.07 -3.87
CA LEU H 62 -46.23 47.94 -3.89
C LEU H 62 -45.79 46.51 -4.24
N GLN H 63 -46.72 45.61 -4.56
CA GLN H 63 -46.37 44.21 -4.94
C GLN H 63 -45.87 44.20 -6.39
N VAL H 64 -44.62 43.81 -6.58
CA VAL H 64 -44.13 43.32 -7.89
C VAL H 64 -44.78 41.96 -8.17
N LEU H 65 -45.49 41.93 -9.30
CA LEU H 65 -46.32 40.79 -9.74
C LEU H 65 -45.75 40.18 -11.01
N PRO H 66 -46.05 38.90 -11.30
CA PRO H 66 -45.53 38.29 -12.50
C PRO H 66 -46.33 38.91 -13.65
N THR H 67 -45.72 38.96 -14.84
CA THR H 67 -46.30 39.52 -16.09
C THR H 67 -47.06 38.41 -16.85
N GLU H 68 -47.86 38.77 -17.86
CA GLU H 68 -48.64 37.80 -18.69
C GLU H 68 -47.79 36.53 -18.89
N ASP H 69 -46.47 36.73 -19.07
CA ASP H 69 -45.48 35.71 -19.53
C ASP H 69 -44.58 35.23 -18.39
N ARG H 70 -44.80 35.68 -17.14
CA ARG H 70 -44.19 35.11 -15.89
C ARG H 70 -42.67 34.93 -16.03
N SER H 71 -41.98 35.85 -16.72
CA SER H 71 -40.51 35.83 -16.97
C SER H 71 -39.75 36.53 -15.84
N ASN H 72 -40.45 37.37 -15.07
CA ASN H 72 -39.88 38.24 -14.02
C ASN H 72 -40.10 37.62 -12.62
N LEU H 73 -40.24 36.29 -12.51
CA LEU H 73 -40.45 35.63 -11.20
C LEU H 73 -39.28 35.94 -10.26
N ASP H 74 -38.04 35.77 -10.73
CA ASP H 74 -36.77 36.06 -10.01
C ASP H 74 -36.82 37.44 -9.32
N ARG H 75 -37.76 38.29 -9.73
CA ARG H 75 -37.78 39.73 -9.36
C ARG H 75 -39.05 40.08 -8.57
N CYS H 76 -39.96 39.13 -8.35
CA CYS H 76 -41.23 39.40 -7.63
C CYS H 76 -41.02 39.53 -6.12
N GLY H 77 -41.94 40.24 -5.47
CA GLY H 77 -41.88 40.60 -4.04
C GLY H 77 -42.65 41.89 -3.79
N PHE H 78 -42.10 42.80 -2.98
CA PHE H 78 -42.67 44.14 -2.73
C PHE H 78 -41.60 45.22 -2.99
N ARG H 79 -42.04 46.32 -3.61
CA ARG H 79 -41.24 47.55 -3.71
C ARG H 79 -41.31 48.30 -2.39
N GLY H 80 -40.24 49.03 -2.03
CA GLY H 80 -40.23 50.06 -0.97
C GLY H 80 -41.34 51.10 -1.08
N SER H 81 -41.72 51.49 -2.32
CA SER H 81 -42.65 52.60 -2.69
C SER H 81 -42.77 52.76 -4.22
N SER H 82 -43.62 53.69 -4.69
CA SER H 82 -43.95 53.86 -6.13
C SER H 82 -42.93 54.76 -6.83
N TYR H 83 -41.74 54.94 -6.24
CA TYR H 83 -40.64 55.82 -6.74
C TYR H 83 -40.25 55.44 -8.17
N LEU H 84 -40.49 54.21 -8.63
CA LEU H 84 -40.14 53.86 -10.03
C LEU H 84 -41.16 54.44 -11.01
N GLY H 85 -42.29 54.95 -10.52
CA GLY H 85 -43.33 55.60 -11.35
C GLY H 85 -44.18 54.60 -12.09
N ILE H 86 -44.35 53.41 -11.55
CA ILE H 86 -45.32 52.43 -12.13
C ILE H 86 -46.68 52.89 -11.66
N PRO H 87 -47.69 52.93 -12.54
CA PRO H 87 -49.02 53.42 -12.17
C PRO H 87 -49.66 52.54 -11.08
N PHE H 88 -50.40 53.16 -10.17
CA PHE H 88 -51.02 52.57 -8.96
C PHE H 88 -51.94 51.43 -9.38
N ASN H 89 -51.64 50.21 -8.94
CA ASN H 89 -52.40 48.99 -9.33
C ASN H 89 -52.44 48.07 -8.11
N PRO H 90 -53.40 48.26 -7.17
CA PRO H 90 -53.41 47.51 -5.93
C PRO H 90 -53.75 46.07 -6.31
N SER H 91 -52.72 45.30 -6.69
CA SER H 91 -52.80 43.88 -7.13
C SER H 91 -54.23 43.56 -7.60
N LYS H 92 -54.73 44.34 -8.57
CA LYS H 92 -55.97 44.10 -9.36
C LYS H 92 -55.49 43.58 -10.73
N ASN H 93 -55.26 44.46 -11.73
CA ASN H 93 -54.68 44.06 -13.05
C ASN H 93 -53.37 43.30 -12.84
N PRO H 94 -53.00 42.35 -13.74
CA PRO H 94 -51.69 41.69 -13.64
C PRO H 94 -50.51 42.66 -13.87
N GLY H 95 -49.28 42.14 -13.82
CA GLY H 95 -48.05 42.95 -13.68
C GLY H 95 -47.61 43.63 -14.96
N THR H 96 -47.15 44.87 -14.88
CA THR H 96 -46.88 45.79 -16.03
C THR H 96 -45.35 45.96 -16.17
N ALA H 97 -44.71 45.30 -17.16
CA ALA H 97 -43.25 45.03 -17.28
C ALA H 97 -42.45 46.34 -17.30
N HIS H 98 -41.14 46.26 -17.04
CA HIS H 98 -40.27 47.42 -16.68
C HIS H 98 -38.91 46.86 -16.28
N PRO H 99 -37.81 47.30 -16.91
CA PRO H 99 -36.58 46.52 -16.88
C PRO H 99 -35.75 46.73 -15.61
N TYR H 100 -36.26 47.46 -14.62
CA TYR H 100 -35.49 47.86 -13.41
C TYR H 100 -36.34 47.74 -12.15
N ASP H 101 -37.57 47.24 -12.28
CA ASP H 101 -38.54 47.18 -11.18
C ASP H 101 -38.64 45.75 -10.65
N SER H 102 -38.34 45.57 -9.37
CA SER H 102 -38.23 44.24 -8.71
C SER H 102 -38.26 44.42 -7.20
N GLY H 103 -38.89 43.48 -6.52
CA GLY H 103 -39.01 43.48 -5.05
C GLY H 103 -37.68 43.62 -4.35
N HIS H 104 -37.74 44.00 -3.08
CA HIS H 104 -36.60 44.12 -2.17
C HIS H 104 -36.96 43.35 -0.91
N ILE H 105 -36.10 42.42 -0.52
CA ILE H 105 -36.41 41.37 0.50
C ILE H 105 -36.97 42.01 1.78
N ALA H 106 -36.48 43.19 2.19
CA ALA H 106 -36.93 43.84 3.44
C ALA H 106 -38.35 44.36 3.26
N MET H 107 -38.68 44.77 2.04
CA MET H 107 -40.03 45.30 1.74
C MET H 107 -41.01 44.12 1.61
N THR H 108 -40.55 42.99 1.07
CA THR H 108 -41.34 41.74 1.03
C THR H 108 -41.67 41.33 2.49
N TYR H 109 -40.69 41.38 3.40
CA TYR H 109 -40.87 41.11 4.86
C TYR H 109 -41.84 42.17 5.43
N THR H 110 -41.43 43.43 5.52
CA THR H 110 -42.25 44.51 6.15
C THR H 110 -43.62 44.62 5.45
N GLY H 111 -43.69 44.38 4.14
CA GLY H 111 -44.95 44.41 3.38
C GLY H 111 -45.90 43.39 3.93
N LEU H 112 -45.50 42.11 3.92
CA LEU H 112 -46.28 40.95 4.42
C LEU H 112 -46.65 41.13 5.89
N SER H 113 -45.69 41.46 6.75
CA SER H 113 -45.88 41.72 8.21
C SER H 113 -47.02 42.75 8.36
N CYS H 114 -46.95 43.85 7.59
CA CYS H 114 -47.98 44.93 7.62
C CYS H 114 -49.36 44.35 7.26
N LEU H 115 -49.47 43.62 6.16
CA LEU H 115 -50.78 43.09 5.70
C LEU H 115 -51.44 42.32 6.84
N ILE H 116 -50.72 41.38 7.44
CA ILE H 116 -51.18 40.47 8.53
C ILE H 116 -51.71 41.33 9.68
N ILE H 117 -50.90 42.31 10.10
CA ILE H 117 -51.18 43.26 11.23
C ILE H 117 -52.51 43.97 11.00
N LEU H 118 -52.78 44.40 9.76
CA LEU H 118 -53.95 45.23 9.40
C LEU H 118 -55.16 44.32 9.22
N GLY H 119 -54.92 43.05 8.88
CA GLY H 119 -55.91 41.96 8.97
C GLY H 119 -56.32 41.44 7.62
N ASP H 120 -55.50 41.71 6.61
CA ASP H 120 -55.58 41.05 5.29
C ASP H 120 -55.38 39.54 5.48
N ASP H 121 -55.90 38.76 4.53
CA ASP H 121 -55.85 37.27 4.53
C ASP H 121 -54.80 36.81 3.51
N LEU H 122 -54.09 37.74 2.84
CA LEU H 122 -52.96 37.46 1.93
C LEU H 122 -53.42 36.65 0.69
N SER H 123 -54.72 36.68 0.36
CA SER H 123 -55.25 36.05 -0.88
C SER H 123 -54.59 36.71 -2.10
N ARG H 124 -54.36 38.03 -1.99
CA ARG H 124 -53.97 38.95 -3.11
C ARG H 124 -52.45 39.00 -3.28
N VAL H 125 -51.70 38.35 -2.38
CA VAL H 125 -50.22 38.16 -2.49
C VAL H 125 -49.97 36.94 -3.37
N ASP H 126 -49.21 37.08 -4.46
CA ASP H 126 -48.83 35.89 -5.27
C ASP H 126 -47.74 35.11 -4.51
N LYS H 127 -48.14 34.18 -3.64
CA LYS H 127 -47.19 33.51 -2.72
C LYS H 127 -46.07 32.88 -3.56
N GLU H 128 -46.42 32.04 -4.54
CA GLU H 128 -45.43 31.25 -5.31
C GLU H 128 -44.39 32.19 -5.92
N ALA H 129 -44.82 33.39 -6.33
CA ALA H 129 -43.96 34.41 -6.98
C ALA H 129 -42.90 34.91 -5.98
N CYS H 130 -43.36 35.48 -4.86
CA CYS H 130 -42.52 36.09 -3.79
C CYS H 130 -41.40 35.11 -3.46
N LEU H 131 -41.81 33.85 -3.22
CA LEU H 131 -40.96 32.70 -2.82
C LEU H 131 -39.93 32.39 -3.90
N ALA H 132 -40.36 32.34 -5.17
CA ALA H 132 -39.48 32.22 -6.36
C ALA H 132 -38.41 33.32 -6.30
N GLY H 133 -38.87 34.55 -6.07
CA GLY H 133 -38.02 35.73 -5.89
C GLY H 133 -37.08 35.58 -4.71
N LEU H 134 -37.60 35.12 -3.58
CA LEU H 134 -36.80 34.95 -2.36
C LEU H 134 -35.65 34.02 -2.73
N ARG H 135 -35.98 32.84 -3.27
CA ARG H 135 -35.03 31.76 -3.67
C ARG H 135 -33.87 32.42 -4.41
N ALA H 136 -34.19 33.29 -5.36
CA ALA H 136 -33.23 33.93 -6.29
C ALA H 136 -32.21 34.76 -5.51
N LEU H 137 -32.66 35.41 -4.45
CA LEU H 137 -31.87 36.39 -3.66
C LEU H 137 -30.75 35.72 -2.84
N GLN H 138 -30.79 34.40 -2.58
CA GLN H 138 -29.77 33.71 -1.75
C GLN H 138 -28.48 33.41 -2.56
N LEU H 139 -27.33 33.32 -1.88
CA LEU H 139 -25.98 33.25 -2.49
C LEU H 139 -25.36 31.90 -2.19
N GLU H 140 -24.24 31.53 -2.86
CA GLU H 140 -23.57 30.21 -2.71
C GLU H 140 -23.39 29.97 -1.20
N ASP H 141 -23.15 31.05 -0.43
CA ASP H 141 -22.67 31.00 0.98
C ASP H 141 -23.83 31.08 2.00
N GLY H 142 -25.08 31.06 1.56
CA GLY H 142 -26.24 30.94 2.48
C GLY H 142 -26.92 32.27 2.78
N SER H 143 -26.17 33.37 2.81
CA SER H 143 -26.75 34.73 3.06
C SER H 143 -27.64 35.13 1.88
N PHE H 144 -28.38 36.23 2.03
CA PHE H 144 -29.29 36.78 0.99
C PHE H 144 -28.85 38.19 0.59
N CYS H 145 -29.32 38.60 -0.58
CA CYS H 145 -29.31 39.99 -1.07
C CYS H 145 -30.72 40.56 -0.92
N ALA H 146 -30.80 41.88 -0.98
CA ALA H 146 -32.07 42.61 -0.86
C ALA H 146 -32.78 42.61 -2.23
N VAL H 147 -32.02 42.83 -3.30
CA VAL H 147 -32.57 42.85 -4.69
C VAL H 147 -31.73 41.96 -5.58
N PRO H 148 -32.35 41.42 -6.66
CA PRO H 148 -31.66 40.58 -7.64
C PRO H 148 -30.56 41.35 -8.38
N GLU H 149 -30.77 42.63 -8.63
CA GLU H 149 -29.82 43.51 -9.36
C GLU H 149 -28.46 43.60 -8.62
N GLY H 150 -28.29 43.00 -7.44
CA GLY H 150 -27.05 43.06 -6.63
C GLY H 150 -27.21 43.95 -5.42
N SER H 151 -26.49 43.69 -4.32
CA SER H 151 -26.53 44.52 -3.08
C SER H 151 -25.56 44.02 -2.01
N GLU H 152 -25.49 44.76 -0.91
CA GLU H 152 -25.05 44.24 0.42
C GLU H 152 -25.75 42.89 0.62
N ASN H 153 -25.03 41.92 1.19
CA ASN H 153 -25.62 40.66 1.73
C ASN H 153 -25.11 40.52 3.16
N ASP H 154 -25.92 39.91 4.02
CA ASP H 154 -25.61 39.73 5.47
C ASP H 154 -26.85 39.28 6.24
N MET H 155 -26.63 38.95 7.52
CA MET H 155 -27.59 38.28 8.45
C MET H 155 -28.95 38.99 8.43
N ARG H 156 -28.94 40.32 8.33
CA ARG H 156 -30.18 41.13 8.25
C ARG H 156 -31.19 40.42 7.36
N PHE H 157 -30.76 39.94 6.20
CA PHE H 157 -31.64 39.47 5.12
C PHE H 157 -31.97 37.99 5.35
N VAL H 158 -31.05 37.25 5.96
CA VAL H 158 -31.34 35.85 6.40
C VAL H 158 -32.60 35.88 7.25
N TYR H 159 -32.66 36.80 8.21
CA TYR H 159 -33.85 37.01 9.07
C TYR H 159 -35.05 37.36 8.19
N CYS H 160 -34.88 38.29 7.25
CA CYS H 160 -35.98 38.79 6.39
C CYS H 160 -36.57 37.55 5.69
N ALA H 161 -35.70 36.71 5.12
CA ALA H 161 -36.05 35.47 4.38
C ALA H 161 -36.86 34.58 5.32
N SER H 162 -36.25 34.26 6.46
CA SER H 162 -36.84 33.44 7.56
C SER H 162 -38.30 33.89 7.82
N CYS H 163 -38.53 35.16 8.14
CA CYS H 163 -39.88 35.71 8.43
C CYS H 163 -40.81 35.52 7.22
N ILE H 164 -40.34 35.77 6.00
CA ILE H 164 -41.18 35.61 4.76
C ILE H 164 -41.60 34.15 4.64
N CYS H 165 -40.66 33.25 4.40
CA CYS H 165 -40.86 31.80 4.54
C CYS H 165 -41.85 31.52 5.68
N TYR H 166 -41.67 32.11 6.87
CA TYR H 166 -42.55 31.84 8.04
C TYR H 166 -44.00 32.27 7.73
N MET H 167 -44.22 33.52 7.35
CA MET H 167 -45.59 34.10 7.19
C MET H 167 -46.34 33.38 6.06
N LEU H 168 -45.66 33.18 4.93
CA LEU H 168 -46.21 32.45 3.74
C LEU H 168 -46.25 30.96 4.05
N ASN H 169 -45.76 30.58 5.23
CA ASN H 169 -45.83 29.20 5.76
C ASN H 169 -45.24 28.23 4.72
N ASN H 170 -44.09 28.58 4.12
CA ASN H 170 -43.48 27.76 3.06
C ASN H 170 -41.96 28.06 2.94
N TRP H 171 -41.11 27.12 3.34
CA TRP H 171 -39.63 27.28 3.33
C TRP H 171 -39.02 26.78 2.01
N SER H 172 -39.81 26.82 0.93
CA SER H 172 -39.33 26.71 -0.46
C SER H 172 -38.51 27.96 -0.77
N GLY H 173 -38.94 29.08 -0.17
CA GLY H 173 -38.33 30.41 -0.30
C GLY H 173 -36.83 30.41 -0.04
N MET H 174 -36.31 29.47 0.77
CA MET H 174 -34.85 29.37 1.04
C MET H 174 -34.35 27.92 0.96
N ASP H 175 -33.06 27.77 0.60
CA ASP H 175 -32.19 26.63 0.98
C ASP H 175 -31.84 26.86 2.45
N MET H 176 -32.46 26.10 3.35
CA MET H 176 -32.27 26.28 4.81
C MET H 176 -30.88 25.79 5.21
N LYS H 177 -30.38 24.71 4.61
CA LYS H 177 -29.12 24.08 5.07
C LYS H 177 -28.03 25.14 5.00
N LYS H 178 -28.12 26.00 3.98
CA LYS H 178 -27.03 26.95 3.63
C LYS H 178 -27.27 28.23 4.42
N ALA H 179 -28.51 28.66 4.58
CA ALA H 179 -28.85 29.73 5.55
C ALA H 179 -28.30 29.32 6.93
N ILE H 180 -28.51 28.07 7.31
CA ILE H 180 -28.14 27.59 8.66
C ILE H 180 -26.63 27.52 8.75
N SER H 181 -25.97 27.01 7.72
CA SER H 181 -24.49 27.11 7.63
C SER H 181 -24.12 28.57 7.92
N TYR H 182 -24.66 29.50 7.14
CA TYR H 182 -24.19 30.90 7.14
C TYR H 182 -24.23 31.44 8.57
N ILE H 183 -25.27 31.04 9.31
CA ILE H 183 -25.48 31.50 10.71
C ILE H 183 -24.36 30.92 11.58
N ARG H 184 -24.20 29.59 11.59
CA ARG H 184 -23.12 28.96 12.41
C ARG H 184 -21.75 29.49 11.99
N ARG H 185 -21.55 29.73 10.69
CA ARG H 185 -20.26 30.21 10.11
C ARG H 185 -20.00 31.58 10.78
N SER H 186 -21.07 32.31 11.17
CA SER H 186 -21.01 33.72 11.64
C SER H 186 -20.65 33.86 13.14
N MET H 187 -20.68 32.80 13.93
CA MET H 187 -20.33 32.87 15.37
C MET H 187 -18.88 33.35 15.46
N SER H 188 -18.61 34.42 16.21
CA SER H 188 -17.24 35.00 16.39
C SER H 188 -16.57 34.37 17.63
N TYR H 189 -15.34 34.80 17.90
CA TYR H 189 -14.40 34.27 18.94
C TYR H 189 -15.03 34.53 20.31
N ASP H 190 -15.86 35.58 20.41
CA ASP H 190 -16.55 36.03 21.66
C ASP H 190 -17.98 35.49 21.64
N ASN H 191 -18.26 34.48 20.82
CA ASN H 191 -19.50 33.67 20.92
C ASN H 191 -20.75 34.49 20.55
N GLY H 192 -20.63 35.80 20.34
CA GLY H 192 -21.63 36.60 19.62
C GLY H 192 -21.76 36.14 18.16
N LEU H 193 -22.92 36.37 17.56
CA LEU H 193 -23.10 36.22 16.09
C LEU H 193 -22.84 37.57 15.43
N ALA H 194 -22.47 37.52 14.15
CA ALA H 194 -21.92 38.67 13.42
C ALA H 194 -22.68 38.79 12.10
N GLN H 195 -22.51 39.89 11.37
CA GLN H 195 -23.21 40.15 10.09
C GLN H 195 -22.88 39.08 9.05
N GLY H 196 -21.71 38.44 9.20
CA GLY H 196 -21.19 37.34 8.37
C GLY H 196 -19.83 36.90 8.89
N ALA H 197 -19.42 35.64 8.66
CA ALA H 197 -18.21 35.09 9.31
C ALA H 197 -17.05 36.06 9.09
N GLY H 198 -16.18 36.17 10.09
CA GLY H 198 -15.13 37.20 10.17
C GLY H 198 -15.56 38.31 11.13
N LEU H 199 -16.59 39.05 10.76
CA LEU H 199 -16.86 40.42 11.26
C LEU H 199 -17.11 40.41 12.79
N GLU H 200 -17.18 41.63 13.36
CA GLU H 200 -17.48 41.88 14.80
C GLU H 200 -18.85 41.28 15.14
N SER H 201 -18.94 40.60 16.28
CA SER H 201 -20.21 40.15 16.91
C SER H 201 -21.08 41.40 17.08
N HIS H 202 -22.40 41.28 17.01
CA HIS H 202 -23.34 42.44 17.00
C HIS H 202 -24.73 42.00 17.42
N GLY H 203 -25.34 42.72 18.36
CA GLY H 203 -26.64 42.37 18.94
C GLY H 203 -27.68 42.12 17.87
N GLY H 204 -27.74 43.03 16.89
CA GLY H 204 -28.59 42.98 15.69
C GLY H 204 -28.44 41.68 14.92
N SER H 205 -27.24 41.42 14.40
CA SER H 205 -26.89 40.10 13.78
C SER H 205 -27.38 38.97 14.69
N THR H 206 -26.88 38.94 15.92
CA THR H 206 -27.12 37.85 16.90
C THR H 206 -28.61 37.56 16.94
N PHE H 207 -29.44 38.60 17.06
CA PHE H 207 -30.93 38.48 17.08
C PHE H 207 -31.38 37.69 15.85
N CYS H 208 -31.10 38.27 14.67
CA CYS H 208 -31.48 37.73 13.33
C CYS H 208 -31.06 36.26 13.23
N GLY H 209 -29.79 35.98 13.54
CA GLY H 209 -29.23 34.62 13.54
C GLY H 209 -30.08 33.70 14.41
N ILE H 210 -30.30 34.09 15.67
CA ILE H 210 -31.03 33.23 16.65
C ILE H 210 -32.48 33.09 16.15
N ALA H 211 -33.19 34.21 16.05
CA ALA H 211 -34.63 34.31 15.70
C ALA H 211 -34.93 33.58 14.37
N SER H 212 -34.00 33.63 13.41
CA SER H 212 -34.08 32.90 12.12
C SER H 212 -34.25 31.42 12.44
N LEU H 213 -33.29 30.87 13.19
CA LEU H 213 -33.27 29.45 13.60
C LEU H 213 -34.56 29.16 14.35
N CYS H 214 -34.90 29.97 15.35
CA CYS H 214 -36.17 29.88 16.12
C CYS H 214 -37.34 29.74 15.13
N LEU H 215 -37.52 30.68 14.19
CA LEU H 215 -38.61 30.63 13.16
C LEU H 215 -38.55 29.31 12.39
N MET H 216 -37.36 28.81 12.03
CA MET H 216 -37.14 27.48 11.38
C MET H 216 -37.34 26.36 12.41
N GLY H 217 -37.44 26.71 13.70
CA GLY H 217 -37.52 25.76 14.84
C GLY H 217 -36.32 24.82 14.93
N LYS H 218 -35.11 25.34 14.80
CA LYS H 218 -33.87 24.53 14.70
C LYS H 218 -32.80 25.10 15.63
N LEU H 219 -33.21 25.92 16.60
CA LEU H 219 -32.24 26.68 17.43
C LEU H 219 -31.40 25.64 18.15
N GLU H 220 -32.11 24.67 18.74
CA GLU H 220 -31.59 23.53 19.53
C GLU H 220 -30.74 22.60 18.65
N GLU H 221 -31.17 22.33 17.42
CA GLU H 221 -30.51 21.39 16.48
C GLU H 221 -29.14 21.94 16.12
N VAL H 222 -29.06 23.25 15.90
CA VAL H 222 -27.97 23.96 15.17
C VAL H 222 -26.85 24.36 16.13
N PHE H 223 -27.16 24.66 17.38
CA PHE H 223 -26.16 25.02 18.42
C PHE H 223 -26.18 24.02 19.59
N SER H 224 -24.98 23.54 19.97
CA SER H 224 -24.70 22.73 21.18
C SER H 224 -25.23 23.47 22.42
N GLU H 225 -25.40 22.73 23.52
CA GLU H 225 -25.74 23.29 24.85
C GLU H 225 -24.65 24.30 25.24
N LYS H 226 -23.37 23.89 25.09
CA LYS H 226 -22.16 24.69 25.46
C LYS H 226 -22.29 26.01 24.69
N GLU H 227 -22.43 25.91 23.35
CA GLU H 227 -22.59 27.06 22.43
C GLU H 227 -23.65 28.00 22.98
N LEU H 228 -24.88 27.50 23.13
CA LEU H 228 -26.07 28.33 23.52
C LEU H 228 -25.78 29.08 24.82
N ASN H 229 -25.11 28.42 25.76
CA ASN H 229 -24.69 29.04 27.04
C ASN H 229 -23.75 30.22 26.76
N ARG H 230 -22.81 30.07 25.82
CA ARG H 230 -21.73 31.07 25.57
C ARG H 230 -22.34 32.28 24.87
N ILE H 231 -23.28 32.00 23.95
CA ILE H 231 -24.06 33.01 23.19
C ILE H 231 -24.85 33.81 24.21
N LYS H 232 -25.56 33.10 25.09
CA LYS H 232 -26.26 33.68 26.26
C LYS H 232 -25.32 34.62 27.01
N ARG H 233 -24.11 34.19 27.37
CA ARG H 233 -23.19 35.06 28.12
C ARG H 233 -23.04 36.36 27.33
N TRP H 234 -22.65 36.26 26.05
CA TRP H 234 -22.37 37.42 25.16
C TRP H 234 -23.56 38.38 25.21
N CYS H 235 -24.76 37.84 25.04
CA CYS H 235 -26.03 38.58 25.10
C CYS H 235 -26.19 39.25 26.47
N ILE H 236 -26.35 38.49 27.56
CA ILE H 236 -26.58 39.05 28.93
C ILE H 236 -25.49 40.08 29.23
N MET H 237 -24.28 39.88 28.73
CA MET H 237 -23.16 40.83 28.96
C MET H 237 -23.44 42.17 28.25
N ARG H 238 -24.49 42.23 27.42
CA ARG H 238 -24.75 43.47 26.66
C ARG H 238 -25.34 44.51 27.60
N GLN H 239 -26.04 44.10 28.66
CA GLN H 239 -26.75 45.07 29.53
C GLN H 239 -25.73 45.85 30.36
N GLN H 240 -25.79 47.18 30.22
CA GLN H 240 -24.98 48.16 30.97
C GLN H 240 -25.97 48.90 31.90
N ASN H 241 -26.66 49.90 31.37
CA ASN H 241 -27.77 50.52 32.13
C ASN H 241 -28.96 49.99 31.33
N GLY H 242 -28.90 50.25 30.04
CA GLY H 242 -29.80 49.64 29.05
C GLY H 242 -28.94 48.63 28.31
N TYR H 243 -29.18 48.39 27.03
CA TYR H 243 -28.24 47.48 26.30
C TYR H 243 -27.59 48.27 25.17
N HIS H 244 -26.36 47.87 24.80
CA HIS H 244 -25.59 48.36 23.61
C HIS H 244 -25.58 47.28 22.53
N GLY H 245 -25.22 47.66 21.30
CA GLY H 245 -25.17 46.75 20.13
C GLY H 245 -24.00 45.78 20.17
N ARG H 246 -22.87 46.19 20.76
CA ARG H 246 -21.62 45.40 20.78
C ARG H 246 -20.68 45.90 21.88
N PRO H 247 -19.72 45.05 22.31
CA PRO H 247 -18.95 45.35 23.52
C PRO H 247 -18.19 46.68 23.44
N ASN H 248 -18.03 47.32 24.61
CA ASN H 248 -17.36 48.64 24.79
C ASN H 248 -17.96 49.63 23.80
N LYS H 249 -19.28 49.72 23.72
CA LYS H 249 -19.99 50.74 22.94
C LYS H 249 -21.13 51.33 23.76
N PRO H 250 -21.49 52.60 23.53
CA PRO H 250 -22.69 53.19 24.13
C PRO H 250 -23.97 52.36 23.99
N VAL H 251 -24.87 52.48 24.97
CA VAL H 251 -26.22 51.85 24.94
C VAL H 251 -27.07 52.59 23.93
N ASP H 252 -28.09 51.90 23.45
CA ASP H 252 -29.11 52.34 22.46
C ASP H 252 -30.40 51.62 22.86
N THR H 253 -31.50 52.35 22.84
CA THR H 253 -32.86 51.82 23.10
C THR H 253 -33.12 50.58 22.24
N CYS H 254 -32.67 50.56 20.97
CA CYS H 254 -33.08 49.50 20.01
C CYS H 254 -32.57 48.16 20.56
N TYR H 255 -31.43 48.13 21.26
CA TYR H 255 -30.80 46.86 21.73
C TYR H 255 -31.61 46.27 22.90
N SER H 256 -32.35 47.14 23.61
CA SER H 256 -33.30 46.78 24.70
C SER H 256 -34.36 45.80 24.16
N PHE H 257 -34.50 45.79 22.82
CA PHE H 257 -35.19 44.74 22.03
C PHE H 257 -34.18 43.76 21.43
N TRP H 258 -33.29 44.21 20.53
CA TRP H 258 -32.48 43.30 19.66
C TRP H 258 -31.87 42.21 20.55
N VAL H 259 -31.34 42.61 21.71
CA VAL H 259 -30.70 41.66 22.67
C VAL H 259 -31.80 41.11 23.60
N GLY H 260 -32.60 41.99 24.21
CA GLY H 260 -33.76 41.58 25.04
C GLY H 260 -34.41 40.34 24.44
N ALA H 261 -34.92 40.49 23.22
CA ALA H 261 -35.61 39.46 22.42
C ALA H 261 -34.72 38.23 22.29
N THR H 262 -33.45 38.40 21.89
CA THR H 262 -32.46 37.30 21.72
C THR H 262 -32.44 36.50 23.04
N LEU H 263 -32.43 37.22 24.16
CA LEU H 263 -32.29 36.62 25.51
C LEU H 263 -33.59 35.87 25.84
N LYS H 264 -34.74 36.51 25.65
CA LYS H 264 -36.08 35.91 25.86
C LYS H 264 -36.20 34.66 24.99
N LEU H 265 -35.67 34.69 23.76
CA LEU H 265 -35.68 33.51 22.87
C LEU H 265 -34.85 32.42 23.50
N LEU H 266 -33.81 32.74 24.28
CA LEU H 266 -32.93 31.73 24.94
C LEU H 266 -33.37 31.45 26.40
N LYS H 267 -34.48 32.05 26.84
CA LYS H 267 -35.21 31.85 28.13
C LYS H 267 -34.82 32.93 29.15
N ILE H 268 -33.52 33.06 29.33
CA ILE H 268 -32.91 33.78 30.46
C ILE H 268 -33.21 35.29 30.45
N PHE H 269 -34.28 35.82 29.82
CA PHE H 269 -34.49 37.30 29.82
C PHE H 269 -34.86 37.74 31.24
N GLN H 270 -35.62 36.87 31.92
CA GLN H 270 -36.06 37.03 33.33
C GLN H 270 -34.88 37.35 34.27
N TYR H 271 -33.66 36.96 33.92
CA TYR H 271 -32.50 37.24 34.79
C TYR H 271 -31.88 38.58 34.45
N THR H 272 -32.41 39.36 33.51
CA THR H 272 -31.88 40.75 33.38
C THR H 272 -32.38 41.54 34.59
N ASN H 273 -31.62 42.54 34.98
CA ASN H 273 -32.14 43.71 35.73
C ASN H 273 -33.17 44.39 34.83
N PHE H 274 -34.29 44.80 35.41
CA PHE H 274 -35.45 45.36 34.68
C PHE H 274 -35.55 46.87 34.91
N GLU H 275 -35.41 47.36 36.16
CA GLU H 275 -35.62 48.80 36.47
C GLU H 275 -34.61 49.66 35.69
N LYS H 276 -33.42 49.12 35.45
CA LYS H 276 -32.36 49.89 34.76
C LYS H 276 -32.72 49.99 33.28
N ASN H 277 -32.89 48.86 32.60
CA ASN H 277 -33.38 48.74 31.20
C ASN H 277 -34.54 49.75 31.05
N ARG H 278 -35.62 49.57 31.83
CA ARG H 278 -36.83 50.41 31.68
C ARG H 278 -36.46 51.88 31.87
N ASN H 279 -35.70 52.20 32.92
CA ASN H 279 -35.30 53.61 33.20
C ASN H 279 -34.74 54.19 31.92
N TYR H 280 -33.75 53.51 31.35
CA TYR H 280 -33.00 54.01 30.17
C TYR H 280 -34.01 54.22 29.05
N ILE H 281 -34.76 53.17 28.71
CA ILE H 281 -35.72 53.24 27.58
C ILE H 281 -36.51 54.55 27.74
N LEU H 282 -37.04 54.78 28.94
CA LEU H 282 -37.90 55.95 29.18
C LEU H 282 -36.99 57.17 29.17
N SER H 283 -35.80 57.10 29.77
CA SER H 283 -34.79 58.18 29.68
C SER H 283 -34.73 58.70 28.22
N THR H 284 -34.90 57.84 27.20
CA THR H 284 -34.80 58.21 25.76
C THR H 284 -36.17 58.53 25.11
N GLN H 285 -37.23 58.69 25.90
CA GLN H 285 -38.55 59.17 25.38
C GLN H 285 -38.32 60.57 24.78
N ASP H 286 -39.32 61.12 24.10
CA ASP H 286 -39.43 62.58 23.82
C ASP H 286 -40.81 63.02 24.32
N ARG H 287 -40.86 63.73 25.46
CA ARG H 287 -42.09 64.12 26.19
C ARG H 287 -42.98 64.99 25.30
N LEU H 288 -42.34 65.74 24.41
CA LEU H 288 -42.96 66.77 23.53
C LEU H 288 -43.69 66.11 22.34
N VAL H 289 -42.95 65.40 21.48
CA VAL H 289 -43.40 64.95 20.12
C VAL H 289 -43.87 63.48 20.16
N GLY H 290 -43.42 62.74 21.16
CA GLY H 290 -43.70 61.29 21.29
C GLY H 290 -42.50 60.49 20.84
N GLY H 291 -42.68 59.17 20.78
CA GLY H 291 -41.65 58.21 20.32
C GLY H 291 -40.42 58.21 21.19
N PHE H 292 -39.40 57.45 20.76
CA PHE H 292 -38.13 57.24 21.50
C PHE H 292 -36.97 57.48 20.55
N ALA H 293 -35.87 58.03 21.06
CA ALA H 293 -34.57 58.11 20.36
C ALA H 293 -33.67 57.00 20.87
N LYS H 294 -32.53 56.81 20.20
CA LYS H 294 -31.48 55.85 20.61
C LYS H 294 -30.96 56.26 21.99
N TRP H 295 -30.84 57.56 22.17
CA TRP H 295 -30.15 58.19 23.31
C TRP H 295 -31.07 59.24 23.90
N PRO H 296 -30.91 59.55 25.21
CA PRO H 296 -31.69 60.61 25.83
C PRO H 296 -31.31 62.01 25.31
N ASP H 297 -32.23 62.97 25.48
CA ASP H 297 -32.12 64.38 25.03
C ASP H 297 -31.73 64.34 23.54
N SER H 298 -32.30 63.40 22.77
CA SER H 298 -32.02 63.19 21.32
C SER H 298 -33.30 62.98 20.50
N HIS H 299 -33.21 63.05 19.16
CA HIS H 299 -34.39 63.12 18.26
C HIS H 299 -34.91 61.73 18.01
N PRO H 300 -36.20 61.44 18.23
CA PRO H 300 -36.78 60.11 18.01
C PRO H 300 -37.10 59.86 16.54
N ASP H 301 -37.52 58.63 16.23
CA ASP H 301 -37.79 58.12 14.85
C ASP H 301 -38.65 56.86 14.96
N ALA H 302 -39.22 56.39 13.86
CA ALA H 302 -40.22 55.30 13.88
C ALA H 302 -39.57 54.02 14.38
N LEU H 303 -38.30 53.81 14.06
CA LEU H 303 -37.62 52.55 14.43
C LEU H 303 -37.39 52.53 15.95
N HIS H 304 -36.63 53.50 16.46
CA HIS H 304 -36.29 53.57 17.90
C HIS H 304 -37.58 53.65 18.74
N ALA H 305 -38.64 54.28 18.21
CA ALA H 305 -39.95 54.30 18.88
C ALA H 305 -40.46 52.86 19.03
N TYR H 306 -40.68 52.17 17.90
CA TYR H 306 -41.24 50.80 17.86
C TYR H 306 -40.36 49.80 18.62
N PHE H 307 -39.03 49.99 18.58
CA PHE H 307 -38.07 49.05 19.25
C PHE H 307 -37.98 49.37 20.74
N GLY H 308 -37.98 50.64 21.13
CA GLY H 308 -38.20 51.05 22.52
C GLY H 308 -39.47 50.43 23.08
N ILE H 309 -40.55 50.45 22.29
CA ILE H 309 -41.91 50.07 22.76
C ILE H 309 -41.97 48.54 22.85
N CYS H 310 -41.24 47.82 22.02
CA CYS H 310 -41.12 46.34 22.10
C CYS H 310 -40.13 46.00 23.23
N GLY H 311 -39.22 46.91 23.53
CA GLY H 311 -38.17 46.64 24.52
C GLY H 311 -38.77 46.60 25.90
N LEU H 312 -39.80 47.45 26.05
CA LEU H 312 -40.75 47.53 27.20
C LEU H 312 -41.69 46.32 27.16
N SER H 313 -42.32 46.06 26.02
CA SER H 313 -43.28 44.94 25.83
C SER H 313 -42.72 43.64 26.40
N LEU H 314 -41.39 43.55 26.45
CA LEU H 314 -40.63 42.30 26.73
C LEU H 314 -40.63 42.05 28.24
N MET H 315 -40.49 43.15 28.99
CA MET H 315 -40.67 43.25 30.47
C MET H 315 -42.16 43.35 30.88
N GLU H 316 -43.08 43.31 29.90
CA GLU H 316 -44.52 43.67 30.07
C GLU H 316 -44.55 45.04 30.72
N GLU H 317 -44.79 46.10 29.96
CA GLU H 317 -45.22 47.41 30.50
C GLU H 317 -46.75 47.40 30.50
N SER H 318 -47.34 48.37 31.22
CA SER H 318 -48.80 48.60 31.26
C SER H 318 -49.20 49.23 29.93
N GLY H 319 -50.17 48.63 29.24
CA GLY H 319 -50.82 49.23 28.06
C GLY H 319 -49.97 49.06 26.81
N ILE H 320 -49.38 47.86 26.67
CA ILE H 320 -48.47 47.45 25.56
C ILE H 320 -48.63 45.94 25.39
N CYS H 321 -49.18 45.44 24.27
CA CYS H 321 -49.38 43.96 24.07
C CYS H 321 -48.04 43.23 24.22
N LYS H 322 -48.04 41.91 24.41
CA LYS H 322 -46.77 41.12 24.50
C LYS H 322 -46.28 40.97 23.06
N VAL H 323 -45.09 41.49 22.75
CA VAL H 323 -44.43 41.32 21.42
C VAL H 323 -43.87 39.88 21.35
N HIS H 324 -44.23 39.17 20.30
CA HIS H 324 -43.66 37.85 19.95
C HIS H 324 -42.22 38.08 19.48
N PRO H 325 -41.21 37.58 20.22
CA PRO H 325 -39.82 37.99 20.01
C PRO H 325 -39.18 37.62 18.66
N ALA H 326 -39.46 36.44 18.09
CA ALA H 326 -38.75 35.94 16.89
C ALA H 326 -39.34 36.51 15.59
N LEU H 327 -40.59 36.96 15.60
CA LEU H 327 -41.34 37.33 14.38
C LEU H 327 -41.49 38.86 14.32
N ASN H 328 -41.23 39.52 15.46
CA ASN H 328 -41.16 40.99 15.58
C ASN H 328 -42.53 41.56 15.23
N VAL H 329 -43.59 41.01 15.84
CA VAL H 329 -45.00 41.48 15.72
C VAL H 329 -45.69 41.24 17.05
N SER H 330 -46.88 41.80 17.28
CA SER H 330 -47.57 41.60 18.57
C SER H 330 -48.05 40.14 18.66
N THR H 331 -48.35 39.67 19.86
CA THR H 331 -48.76 38.25 20.10
C THR H 331 -50.17 38.11 19.54
N ARG H 332 -51.04 39.13 19.71
CA ARG H 332 -52.36 39.20 19.04
C ARG H 332 -52.19 38.74 17.60
N THR H 333 -51.31 39.45 16.87
CA THR H 333 -51.05 39.33 15.41
C THR H 333 -50.44 37.96 15.13
N SER H 334 -49.53 37.49 15.98
CA SER H 334 -48.81 36.22 15.72
C SER H 334 -49.85 35.11 15.70
N GLU H 335 -50.80 35.19 16.65
CA GLU H 335 -51.93 34.22 16.87
C GLU H 335 -52.86 34.31 15.64
N ARG H 336 -53.08 35.53 15.13
CA ARG H 336 -53.89 35.84 13.92
C ARG H 336 -53.35 35.06 12.72
N LEU H 337 -52.03 35.08 12.52
CA LEU H 337 -51.32 34.29 11.50
C LEU H 337 -51.47 32.79 11.80
N ARG H 338 -51.38 32.38 13.06
CA ARG H 338 -51.60 30.97 13.48
C ARG H 338 -52.90 30.49 12.83
N ASP H 339 -53.97 31.29 12.97
CA ASP H 339 -55.32 31.01 12.40
C ASP H 339 -55.20 30.92 10.88
N LEU H 340 -54.77 32.03 10.29
CA LEU H 340 -54.61 32.23 8.83
C LEU H 340 -53.95 30.98 8.22
N HIS H 341 -53.03 30.32 8.93
CA HIS H 341 -52.35 29.08 8.45
C HIS H 341 -53.31 27.88 8.55
N GLN H 342 -53.84 27.59 9.76
CA GLN H 342 -54.70 26.39 10.03
C GLN H 342 -55.88 26.47 9.03
N SER H 343 -56.34 27.69 8.70
CA SER H 343 -57.33 27.95 7.62
C SER H 343 -56.82 27.36 6.29
N TRP H 344 -55.80 27.96 5.66
CA TRP H 344 -55.23 27.54 4.35
C TRP H 344 -55.09 26.01 4.32
N LYS H 345 -54.54 25.42 5.39
CA LYS H 345 -54.27 23.97 5.52
C LYS H 345 -55.60 23.22 5.33
N THR H 346 -56.11 23.12 4.10
CA THR H 346 -57.37 22.41 3.70
C THR H 346 -57.19 21.76 2.31
N PHE I 1 -36.19 39.23 81.97
CA PHE I 1 -37.55 39.17 81.33
C PHE I 1 -37.44 39.02 79.81
N LEU I 2 -36.98 40.04 79.07
CA LEU I 2 -36.96 40.06 77.57
C LEU I 2 -35.77 39.26 77.01
N SER I 3 -36.04 38.01 76.59
CA SER I 3 -35.04 36.99 76.20
C SER I 3 -34.18 37.48 75.04
N LEU I 4 -32.89 37.15 75.00
CA LEU I 4 -31.94 37.61 73.94
C LEU I 4 -32.30 37.05 72.56
N ASP I 5 -33.15 36.03 72.52
CA ASP I 5 -33.70 35.48 71.27
C ASP I 5 -35.24 35.38 71.41
N SER I 6 -35.91 36.44 71.85
CA SER I 6 -37.37 36.71 71.63
C SER I 6 -37.45 37.46 70.30
N PRO I 7 -38.52 37.28 69.50
CA PRO I 7 -38.67 38.03 68.26
C PRO I 7 -38.79 39.52 68.60
N THR I 8 -39.49 39.76 69.71
CA THR I 8 -39.76 41.10 70.26
C THR I 8 -38.54 41.59 71.06
N TYR I 9 -37.39 40.86 71.06
CA TYR I 9 -36.11 41.39 71.60
C TYR I 9 -35.85 42.68 70.84
N VAL I 10 -35.43 43.67 71.63
CA VAL I 10 -35.08 45.06 71.26
C VAL I 10 -33.67 45.35 71.78
N LEU I 11 -32.89 46.11 71.03
CA LEU I 11 -31.58 46.57 71.55
C LEU I 11 -31.81 47.50 72.74
N TYR I 12 -30.85 47.53 73.68
CA TYR I 12 -30.79 48.51 74.80
C TYR I 12 -30.77 49.92 74.21
N ARG I 13 -30.15 50.08 73.04
CA ARG I 13 -29.95 51.44 72.47
C ARG I 13 -31.30 52.00 72.00
N ASP I 14 -32.29 51.14 71.80
CA ASP I 14 -33.66 51.51 71.34
C ASP I 14 -34.67 51.38 72.48
N ARG I 15 -34.27 50.87 73.65
CA ARG I 15 -35.18 50.76 74.83
C ARG I 15 -35.32 52.12 75.53
N ALA I 16 -36.56 52.43 75.92
CA ALA I 16 -36.97 53.67 76.63
C ALA I 16 -36.17 53.83 77.92
N GLU I 17 -36.28 52.87 78.83
CA GLU I 17 -35.82 52.95 80.25
C GLU I 17 -34.29 52.94 80.31
N TRP I 18 -33.59 53.03 79.16
CA TRP I 18 -32.10 53.14 79.06
C TRP I 18 -31.74 54.39 78.23
N ALA I 19 -32.65 55.34 78.14
CA ALA I 19 -32.49 56.54 77.30
C ALA I 19 -31.31 57.35 77.86
N ASP I 20 -31.43 57.74 79.14
CA ASP I 20 -30.45 58.53 79.93
C ASP I 20 -29.02 58.06 79.63
N ILE I 21 -28.72 56.81 79.97
CA ILE I 21 -27.37 56.21 79.97
C ILE I 21 -26.80 56.24 78.55
N ASP I 22 -25.61 56.85 78.39
CA ASP I 22 -24.77 56.76 77.17
C ASP I 22 -23.97 55.47 77.20
N PRO I 23 -24.01 54.66 76.14
CA PRO I 23 -23.26 53.41 76.12
C PRO I 23 -21.76 53.75 76.04
N VAL I 24 -20.91 52.87 76.56
CA VAL I 24 -19.43 53.07 76.68
C VAL I 24 -18.74 52.01 75.84
N PRO I 25 -18.14 52.38 74.69
CA PRO I 25 -17.65 51.36 73.76
C PRO I 25 -16.32 50.82 74.31
N GLN I 26 -15.93 49.62 73.87
CA GLN I 26 -14.54 49.14 73.98
C GLN I 26 -13.69 50.06 73.10
N ASN I 27 -12.37 50.12 73.28
CA ASN I 27 -11.44 50.48 72.16
C ASN I 27 -10.01 50.07 72.53
N ASP I 28 -9.34 49.35 71.62
CA ASP I 28 -7.97 48.82 71.82
C ASP I 28 -6.98 49.73 71.07
N GLY I 29 -7.42 50.93 70.71
CA GLY I 29 -6.55 51.94 70.06
C GLY I 29 -6.18 51.61 68.63
N PRO I 30 -4.94 51.90 68.21
CA PRO I 30 -4.50 51.68 66.82
C PRO I 30 -4.35 50.22 66.36
N SER I 31 -3.31 49.51 66.83
CA SER I 31 -3.08 48.12 66.36
C SER I 31 -3.56 47.14 67.42
N PRO I 32 -4.81 46.67 67.37
CA PRO I 32 -5.33 45.80 68.43
C PRO I 32 -4.76 44.40 68.19
N VAL I 33 -4.85 43.53 69.20
CA VAL I 33 -4.25 42.15 69.19
C VAL I 33 -5.30 41.15 69.67
N VAL I 34 -5.28 39.94 69.13
CA VAL I 34 -6.29 38.88 69.44
C VAL I 34 -7.66 39.57 69.55
N GLN I 35 -8.02 40.34 68.53
CA GLN I 35 -9.30 41.08 68.52
C GLN I 35 -10.43 40.10 68.20
N ILE I 36 -11.49 40.16 68.99
CA ILE I 36 -12.75 39.43 68.70
C ILE I 36 -13.72 40.42 68.07
N ILE I 37 -14.26 40.10 66.89
CA ILE I 37 -15.39 40.85 66.25
C ILE I 37 -16.68 40.47 66.96
N TYR I 38 -17.59 41.43 67.15
CA TYR I 38 -18.80 41.28 68.01
C TYR I 38 -20.09 41.64 67.24
N SER I 39 -21.10 40.77 67.35
CA SER I 39 -22.45 40.93 66.73
C SER I 39 -23.15 42.15 67.30
N GLU I 40 -23.83 42.91 66.44
CA GLU I 40 -24.60 44.12 66.80
C GLU I 40 -25.25 43.91 68.17
N LYS I 41 -25.90 42.75 68.32
CA LYS I 41 -26.83 42.42 69.43
C LYS I 41 -26.08 42.47 70.78
N PHE I 42 -24.82 42.02 70.70
CA PHE I 42 -23.83 41.70 71.77
C PHE I 42 -23.09 42.98 72.19
N ARG I 43 -22.44 43.68 71.25
CA ARG I 43 -21.81 45.01 71.52
C ARG I 43 -22.85 45.93 72.17
N ASP I 44 -24.11 45.86 71.74
CA ASP I 44 -25.21 46.57 72.42
C ASP I 44 -25.21 46.20 73.92
N VAL I 45 -25.24 44.90 74.26
CA VAL I 45 -25.34 44.48 75.70
C VAL I 45 -24.12 45.02 76.43
N TYR I 46 -22.91 44.71 75.96
CA TYR I 46 -21.66 45.00 76.71
C TYR I 46 -21.34 46.50 76.68
N ASP I 47 -21.92 47.28 75.75
CA ASP I 47 -21.76 48.77 75.72
C ASP I 47 -22.55 49.34 76.91
N TYR I 48 -23.70 48.75 77.27
CA TYR I 48 -24.54 49.22 78.40
C TYR I 48 -23.97 48.68 79.71
N PHE I 49 -23.52 47.42 79.71
CA PHE I 49 -22.81 46.82 80.87
C PHE I 49 -21.70 47.76 81.29
N ARG I 50 -20.76 48.05 80.40
CA ARG I 50 -19.63 48.97 80.63
C ARG I 50 -20.11 50.24 81.35
N ALA I 51 -21.16 50.88 80.82
CA ALA I 51 -21.67 52.19 81.28
C ALA I 51 -22.22 52.10 82.70
N VAL I 52 -22.94 51.01 83.00
CA VAL I 52 -23.55 50.75 84.33
C VAL I 52 -22.44 50.54 85.38
N LEU I 53 -21.46 49.69 85.08
CA LEU I 53 -20.20 49.48 85.87
C LEU I 53 -19.51 50.83 86.14
N GLN I 54 -19.03 51.50 85.09
CA GLN I 54 -18.32 52.80 85.20
C GLN I 54 -18.89 53.61 86.37
N ARG I 55 -20.23 53.67 86.46
CA ARG I 55 -20.96 54.60 87.35
C ARG I 55 -21.56 53.80 88.51
N ASP I 56 -21.09 52.56 88.71
CA ASP I 56 -21.44 51.68 89.84
C ASP I 56 -22.94 51.79 90.19
N GLU I 57 -23.79 51.86 89.18
CA GLU I 57 -25.26 51.90 89.34
C GLU I 57 -25.73 50.58 89.96
N ARG I 58 -26.37 50.61 91.12
CA ARG I 58 -26.90 49.40 91.79
C ARG I 58 -28.40 49.29 91.49
N SER I 59 -28.76 49.48 90.22
CA SER I 59 -30.16 49.50 89.76
C SER I 59 -30.67 48.06 89.67
N GLU I 60 -31.99 47.91 89.67
CA GLU I 60 -32.69 46.64 89.34
C GLU I 60 -32.39 46.32 87.88
N ARG I 61 -32.57 47.29 87.00
CA ARG I 61 -32.38 47.13 85.54
C ARG I 61 -30.97 46.57 85.23
N ALA I 62 -29.96 46.95 86.03
CA ALA I 62 -28.56 46.49 85.87
C ALA I 62 -28.45 45.02 86.27
N PHE I 63 -29.14 44.61 87.34
CA PHE I 63 -29.17 43.20 87.78
C PHE I 63 -29.73 42.34 86.64
N LYS I 64 -30.70 42.86 85.89
CA LYS I 64 -31.30 42.13 84.73
C LYS I 64 -30.27 42.05 83.60
N LEU I 65 -29.59 43.17 83.32
CA LEU I 65 -28.56 43.32 82.26
C LEU I 65 -27.38 42.37 82.50
N THR I 66 -27.06 42.01 83.74
CA THR I 66 -26.02 40.98 84.02
C THR I 66 -26.47 39.62 83.46
N ARG I 67 -27.73 39.25 83.60
CA ARG I 67 -28.19 37.95 83.07
C ARG I 67 -27.82 37.86 81.60
N ASP I 68 -27.96 38.97 80.86
CA ASP I 68 -27.67 39.05 79.41
C ASP I 68 -26.16 38.95 79.20
N ALA I 69 -25.34 39.72 79.91
CA ALA I 69 -23.88 39.66 79.75
C ALA I 69 -23.42 38.21 79.99
N ILE I 70 -24.00 37.54 81.00
CA ILE I 70 -23.60 36.17 81.43
C ILE I 70 -24.00 35.21 80.30
N GLU I 71 -25.25 35.28 79.89
CA GLU I 71 -25.78 34.47 78.76
C GLU I 71 -24.90 34.67 77.54
N LEU I 72 -24.42 35.90 77.28
CA LEU I 72 -23.53 36.19 76.12
C LEU I 72 -22.11 35.64 76.36
N ASN I 73 -21.59 35.73 77.59
CA ASN I 73 -20.20 35.29 77.95
C ASN I 73 -20.03 35.08 79.45
N ALA I 74 -20.29 33.88 79.94
CA ALA I 74 -20.20 33.52 81.38
C ALA I 74 -18.73 33.34 81.80
N ALA I 75 -17.76 33.60 80.94
CA ALA I 75 -16.35 33.65 81.34
C ALA I 75 -16.08 34.91 82.15
N ASN I 76 -16.81 36.00 81.86
CA ASN I 76 -16.46 37.40 82.26
C ASN I 76 -16.66 37.56 83.78
N TYR I 77 -15.56 37.41 84.53
CA TYR I 77 -15.57 37.32 86.03
C TYR I 77 -16.16 38.61 86.58
N THR I 78 -15.77 39.73 85.97
CA THR I 78 -16.26 41.09 86.30
C THR I 78 -17.78 41.10 86.31
N VAL I 79 -18.39 40.73 85.18
CA VAL I 79 -19.87 40.62 85.10
C VAL I 79 -20.33 39.86 86.35
N TRP I 80 -19.89 38.62 86.51
CA TRP I 80 -20.29 37.76 87.64
C TRP I 80 -20.21 38.52 88.96
N HIS I 81 -19.07 39.16 89.24
CA HIS I 81 -18.82 39.88 90.52
C HIS I 81 -19.87 40.99 90.68
N PHE I 82 -19.93 41.87 89.70
CA PHE I 82 -20.90 42.99 89.71
C PHE I 82 -22.34 42.50 89.92
N ARG I 83 -22.67 41.25 89.59
CA ARG I 83 -24.01 40.66 89.83
C ARG I 83 -24.13 40.41 91.33
N ARG I 84 -23.09 39.80 91.92
CA ARG I 84 -22.99 39.49 93.37
C ARG I 84 -23.04 40.82 94.13
N VAL I 85 -22.37 41.86 93.63
CA VAL I 85 -22.47 43.23 94.22
C VAL I 85 -23.96 43.58 94.34
N LEU I 86 -24.69 43.42 93.24
CA LEU I 86 -26.12 43.82 93.11
C LEU I 86 -26.98 42.85 93.89
N LEU I 87 -26.60 41.56 93.97
CA LEU I 87 -27.38 40.57 94.77
C LEU I 87 -27.52 41.08 96.21
N ARG I 88 -26.40 41.48 96.85
CA ARG I 88 -26.35 42.23 98.13
C ARG I 88 -27.15 43.53 97.99
N SER I 89 -26.64 44.56 97.30
CA SER I 89 -27.28 45.90 97.19
C SER I 89 -28.81 45.78 97.23
N LEU I 90 -29.42 44.93 96.41
CA LEU I 90 -30.90 44.85 96.24
C LEU I 90 -31.46 43.73 97.11
N GLN I 91 -30.70 43.21 98.06
CA GLN I 91 -31.12 42.06 98.91
C GLN I 91 -31.95 41.08 98.06
N LYS I 92 -31.44 40.65 96.89
CA LYS I 92 -32.17 39.75 95.94
C LYS I 92 -32.34 38.37 96.56
N ASP I 93 -33.49 37.72 96.32
CA ASP I 93 -33.79 36.38 96.88
C ASP I 93 -32.67 35.44 96.43
N LEU I 94 -31.86 34.93 97.35
CA LEU I 94 -30.66 34.13 97.02
C LEU I 94 -31.07 32.73 96.61
N GLN I 95 -32.27 32.30 96.97
CA GLN I 95 -32.79 30.98 96.55
C GLN I 95 -33.15 31.06 95.05
N GLU I 96 -33.66 32.22 94.59
CA GLU I 96 -34.01 32.49 93.16
C GLU I 96 -32.69 32.37 92.36
N GLU I 97 -31.60 32.98 92.86
CA GLU I 97 -30.23 32.87 92.29
C GLU I 97 -29.73 31.42 92.32
N MET I 98 -29.78 30.75 93.46
CA MET I 98 -29.23 29.37 93.64
C MET I 98 -29.86 28.42 92.61
N ASN I 99 -30.81 28.90 91.81
CA ASN I 99 -31.50 28.12 90.74
C ASN I 99 -30.97 28.60 89.38
N TYR I 100 -31.07 29.90 89.13
CA TYR I 100 -30.42 30.59 87.98
C TYR I 100 -29.07 29.92 87.68
N ILE I 101 -28.33 29.56 88.73
CA ILE I 101 -26.93 29.07 88.61
C ILE I 101 -26.91 27.58 88.32
N ILE I 102 -27.83 26.79 88.89
CA ILE I 102 -27.89 25.30 88.65
C ILE I 102 -27.94 25.06 87.14
N ALA I 103 -28.75 25.87 86.46
CA ALA I 103 -28.97 25.82 85.00
C ALA I 103 -27.63 26.05 84.27
N ILE I 104 -27.01 27.21 84.51
CA ILE I 104 -25.78 27.74 83.86
C ILE I 104 -24.64 26.73 84.01
N ILE I 105 -24.46 26.19 85.21
CA ILE I 105 -23.35 25.25 85.56
C ILE I 105 -23.54 23.99 84.74
N GLU I 106 -24.77 23.47 84.72
CA GLU I 106 -25.14 22.32 83.85
C GLU I 106 -24.62 22.59 82.44
N GLU I 107 -25.08 23.70 81.81
CA GLU I 107 -24.64 24.18 80.46
C GLU I 107 -23.10 24.27 80.42
N GLN I 108 -22.41 24.68 81.48
CA GLN I 108 -21.01 25.17 81.41
C GLN I 108 -20.10 24.64 82.52
N PRO I 109 -20.09 23.34 82.82
CA PRO I 109 -19.57 22.87 84.09
C PRO I 109 -18.07 22.69 84.24
N LYS I 110 -17.23 23.26 83.36
CA LYS I 110 -15.78 23.47 83.74
C LYS I 110 -15.50 24.96 83.84
N ASN I 111 -16.52 25.81 83.73
CA ASN I 111 -16.40 27.30 83.85
C ASN I 111 -16.12 27.65 85.30
N TYR I 112 -14.90 28.10 85.62
CA TYR I 112 -14.46 28.43 87.00
C TYR I 112 -15.39 29.48 87.63
N GLN I 113 -15.90 30.43 86.84
CA GLN I 113 -16.60 31.64 87.36
C GLN I 113 -17.91 31.26 88.03
N VAL I 114 -18.56 30.21 87.50
CA VAL I 114 -19.94 29.79 87.89
C VAL I 114 -19.83 28.88 89.10
N TRP I 115 -18.81 28.04 89.16
CA TRP I 115 -18.61 27.18 90.35
C TRP I 115 -18.28 28.08 91.54
N HIS I 116 -17.55 29.16 91.31
CA HIS I 116 -17.20 30.17 92.35
C HIS I 116 -18.47 30.84 92.88
N HIS I 117 -19.37 31.22 91.97
CA HIS I 117 -20.66 31.87 92.32
C HIS I 117 -21.47 30.95 93.22
N ARG I 118 -21.60 29.66 92.88
CA ARG I 118 -22.39 28.72 93.73
C ARG I 118 -21.80 28.65 95.14
N ARG I 119 -20.48 28.70 95.26
CA ARG I 119 -19.79 28.55 96.56
C ARG I 119 -19.97 29.80 97.39
N VAL I 120 -19.90 30.97 96.75
CA VAL I 120 -20.20 32.28 97.38
C VAL I 120 -21.63 32.24 97.96
N LEU I 121 -22.59 31.80 97.14
CA LEU I 121 -24.02 31.71 97.53
C LEU I 121 -24.18 30.75 98.69
N VAL I 122 -23.37 29.71 98.79
CA VAL I 122 -23.50 28.79 99.95
C VAL I 122 -22.88 29.48 101.17
N GLU I 123 -21.64 30.00 101.11
CA GLU I 123 -21.02 30.76 102.24
C GLU I 123 -22.05 31.76 102.78
N TRP I 124 -22.88 32.35 101.89
CA TRP I 124 -23.91 33.38 102.19
C TRP I 124 -25.06 32.71 102.95
N LEU I 125 -25.85 31.84 102.29
CA LEU I 125 -27.03 31.12 102.88
C LEU I 125 -26.63 30.20 104.04
N LYS I 126 -25.34 29.94 104.23
CA LYS I 126 -24.86 28.86 105.13
C LYS I 126 -25.80 27.67 104.99
N ASP I 127 -26.08 27.22 103.77
CA ASP I 127 -27.13 26.18 103.54
C ASP I 127 -26.66 25.13 102.54
N PRO I 128 -25.96 24.08 102.97
CA PRO I 128 -25.47 23.09 102.03
C PRO I 128 -26.57 22.10 101.61
N SER I 129 -27.78 22.21 102.17
CA SER I 129 -28.85 21.18 102.06
C SER I 129 -28.94 20.62 100.63
N GLN I 130 -28.78 21.49 99.62
CA GLN I 130 -28.99 21.15 98.19
C GLN I 130 -27.74 20.50 97.57
N GLU I 131 -26.53 20.87 98.01
CA GLU I 131 -25.26 20.64 97.27
C GLU I 131 -25.05 19.16 96.97
N LEU I 132 -24.72 18.33 97.96
CA LEU I 132 -24.29 16.93 97.73
C LEU I 132 -25.11 16.28 96.61
N GLU I 133 -26.42 16.49 96.58
CA GLU I 133 -27.35 15.97 95.53
C GLU I 133 -26.97 16.59 94.18
N PHE I 134 -27.08 17.93 94.07
CA PHE I 134 -26.83 18.72 92.83
C PHE I 134 -25.45 18.39 92.23
N ILE I 135 -24.44 18.21 93.08
CA ILE I 135 -23.05 17.87 92.65
C ILE I 135 -23.08 16.50 91.97
N ALA I 136 -23.81 15.53 92.51
CA ALA I 136 -23.80 14.15 91.99
C ALA I 136 -24.59 14.09 90.69
N ASP I 137 -25.46 15.07 90.40
CA ASP I 137 -26.15 15.18 89.09
C ASP I 137 -25.15 15.61 88.02
N ILE I 138 -24.28 16.57 88.36
CA ILE I 138 -23.16 17.02 87.51
C ILE I 138 -22.18 15.85 87.37
N LEU I 139 -21.83 15.19 88.47
CA LEU I 139 -20.84 14.07 88.43
C LEU I 139 -21.45 12.94 87.60
N ASN I 140 -22.76 12.98 87.36
CA ASN I 140 -23.43 11.93 86.57
C ASN I 140 -23.16 12.19 85.08
N GLN I 141 -23.21 13.45 84.65
CA GLN I 141 -22.86 13.89 83.28
C GLN I 141 -21.34 13.81 83.04
N ASP I 142 -20.49 13.66 84.07
CA ASP I 142 -18.99 13.64 84.00
C ASP I 142 -18.40 13.35 85.38
N ALA I 143 -18.18 12.08 85.71
CA ALA I 143 -17.81 11.65 87.08
C ALA I 143 -16.31 11.89 87.37
N LYS I 144 -15.65 12.78 86.60
CA LYS I 144 -14.25 13.22 86.86
C LYS I 144 -14.15 14.74 86.82
N ASN I 145 -15.29 15.44 86.74
CA ASN I 145 -15.37 16.92 86.65
C ASN I 145 -14.69 17.51 87.88
N TYR I 146 -13.43 17.88 87.74
CA TYR I 146 -12.58 18.31 88.89
C TYR I 146 -13.22 19.47 89.64
N HIS I 147 -14.02 20.30 88.97
CA HIS I 147 -14.69 21.48 89.55
C HIS I 147 -15.75 21.00 90.55
N ALA I 148 -16.43 19.90 90.23
CA ALA I 148 -17.51 19.33 91.07
C ALA I 148 -16.89 18.63 92.27
N TRP I 149 -15.92 17.75 92.08
CA TRP I 149 -15.21 17.14 93.22
C TRP I 149 -14.68 18.25 94.14
N GLN I 150 -14.16 19.36 93.57
CA GLN I 150 -13.60 20.50 94.37
C GLN I 150 -14.67 21.02 95.34
N HIS I 151 -15.82 21.43 94.80
CA HIS I 151 -17.03 21.94 95.50
C HIS I 151 -17.51 20.92 96.54
N ARG I 152 -17.65 19.65 96.15
CA ARG I 152 -17.99 18.53 97.07
C ARG I 152 -17.04 18.53 98.27
N GLN I 153 -15.72 18.45 98.06
CA GLN I 153 -14.74 18.43 99.18
C GLN I 153 -14.92 19.69 100.03
N TRP I 154 -15.27 20.82 99.42
CA TRP I 154 -15.37 22.11 100.14
C TRP I 154 -16.59 22.10 101.05
N VAL I 155 -17.74 21.73 100.49
CA VAL I 155 -19.03 21.59 101.22
C VAL I 155 -18.81 20.59 102.35
N ILE I 156 -18.44 19.36 102.02
CA ILE I 156 -18.28 18.27 103.03
C ILE I 156 -17.42 18.78 104.18
N GLN I 157 -16.23 19.31 103.89
CA GLN I 157 -15.32 19.90 104.91
C GLN I 157 -16.05 20.98 105.74
N GLU I 158 -16.48 22.06 105.09
CA GLU I 158 -16.93 23.34 105.73
C GLU I 158 -18.28 23.20 106.44
N PHE I 159 -19.06 22.15 106.19
CA PHE I 159 -20.39 21.90 106.81
C PHE I 159 -20.39 20.51 107.46
N ARG I 160 -19.18 20.00 107.77
CA ARG I 160 -18.80 18.60 108.15
C ARG I 160 -19.93 17.57 107.86
N LEU I 161 -20.05 17.16 106.59
CA LEU I 161 -21.14 16.29 106.05
C LEU I 161 -20.60 14.91 105.66
N TRP I 162 -19.68 14.37 106.47
CA TRP I 162 -18.93 13.10 106.21
C TRP I 162 -19.83 11.85 106.29
N ASP I 163 -20.71 11.76 107.30
CA ASP I 163 -21.96 10.94 107.26
C ASP I 163 -22.05 10.10 105.97
N ASN I 164 -22.38 10.70 104.83
CA ASN I 164 -22.96 9.94 103.69
C ASN I 164 -21.99 9.84 102.52
N GLU I 165 -20.71 10.12 102.74
CA GLU I 165 -19.75 10.20 101.63
C GLU I 165 -19.10 8.84 101.46
N LEU I 166 -18.63 8.21 102.53
CA LEU I 166 -17.89 6.93 102.36
C LEU I 166 -18.79 5.93 101.60
N GLN I 167 -20.10 6.01 101.76
CA GLN I 167 -21.05 5.14 101.03
C GLN I 167 -21.12 5.58 99.56
N TYR I 168 -21.16 6.89 99.29
CA TYR I 168 -21.26 7.49 97.91
C TYR I 168 -20.04 7.12 97.06
N VAL I 169 -18.85 7.13 97.67
CA VAL I 169 -17.56 6.58 97.12
C VAL I 169 -17.71 5.08 96.76
N ASP I 170 -18.20 4.25 97.70
CA ASP I 170 -18.32 2.77 97.53
C ASP I 170 -19.31 2.44 96.40
N GLN I 171 -20.18 3.39 96.05
CA GLN I 171 -21.22 3.25 95.00
C GLN I 171 -20.63 3.64 93.64
N LEU I 172 -19.77 4.66 93.61
CA LEU I 172 -19.14 5.16 92.35
C LEU I 172 -17.96 4.25 91.99
N LEU I 173 -17.33 3.60 92.98
CA LEU I 173 -16.26 2.61 92.71
C LEU I 173 -16.89 1.33 92.14
N LYS I 174 -18.09 0.97 92.61
CA LYS I 174 -18.94 -0.11 92.02
C LYS I 174 -19.19 0.28 90.54
N GLU I 175 -19.46 1.56 90.25
CA GLU I 175 -19.82 2.06 88.88
C GLU I 175 -18.60 2.05 87.93
N ASP I 176 -17.46 2.59 88.37
CA ASP I 176 -16.19 2.70 87.59
C ASP I 176 -15.03 2.60 88.58
N VAL I 177 -14.51 1.40 88.78
CA VAL I 177 -13.44 1.15 89.80
C VAL I 177 -12.16 1.87 89.37
N ARG I 178 -12.07 2.35 88.12
CA ARG I 178 -10.84 2.95 87.55
C ARG I 178 -10.84 4.48 87.68
N ASN I 179 -11.78 5.05 88.44
CA ASN I 179 -11.99 6.52 88.60
C ASN I 179 -10.97 7.06 89.62
N ASN I 180 -9.84 7.68 89.19
CA ASN I 180 -8.81 8.21 90.16
C ASN I 180 -9.50 9.31 91.00
N SER I 181 -10.61 9.91 90.54
CA SER I 181 -11.33 10.99 91.27
C SER I 181 -12.03 10.46 92.54
N VAL I 182 -12.45 9.20 92.51
CA VAL I 182 -13.28 8.57 93.59
C VAL I 182 -12.36 7.88 94.61
N TRP I 183 -11.29 7.21 94.18
CA TRP I 183 -10.23 6.73 95.11
C TRP I 183 -9.68 7.90 95.93
N ASN I 184 -9.55 9.08 95.34
CA ASN I 184 -9.06 10.28 96.06
C ASN I 184 -10.16 10.75 97.01
N GLN I 185 -11.41 10.84 96.55
CA GLN I 185 -12.56 11.16 97.45
C GLN I 185 -12.62 10.21 98.65
N ARG I 186 -12.25 8.93 98.50
CA ARG I 186 -12.20 7.98 99.64
C ARG I 186 -11.15 8.49 100.64
N HIS I 187 -9.87 8.49 100.27
CA HIS I 187 -8.77 8.93 101.15
C HIS I 187 -9.07 10.32 101.74
N PHE I 188 -9.90 11.15 101.10
CA PHE I 188 -10.32 12.46 101.65
C PHE I 188 -11.18 12.25 102.89
N VAL I 189 -12.29 11.55 102.72
CA VAL I 189 -13.27 11.26 103.80
C VAL I 189 -12.54 10.62 104.96
N ILE I 190 -11.90 9.48 104.73
CA ILE I 190 -11.29 8.68 105.81
C ILE I 190 -10.25 9.53 106.54
N SER I 191 -9.38 10.24 105.84
CA SER I 191 -8.24 10.95 106.46
C SER I 191 -8.74 12.17 107.24
N ASN I 192 -10.03 12.51 107.13
CA ASN I 192 -10.68 13.68 107.79
C ASN I 192 -11.76 13.18 108.77
N THR I 193 -11.78 11.89 109.10
CA THR I 193 -12.77 11.24 110.02
C THR I 193 -12.04 10.20 110.86
N THR I 194 -12.34 8.91 110.65
CA THR I 194 -11.64 7.73 111.23
C THR I 194 -10.15 8.09 111.46
N GLY I 195 -9.45 8.67 110.47
CA GLY I 195 -7.98 8.60 110.37
C GLY I 195 -7.56 7.15 110.16
N TYR I 196 -6.32 6.88 109.78
CA TYR I 196 -5.91 5.54 109.26
C TYR I 196 -5.22 4.68 110.33
N SER I 197 -4.79 5.24 111.48
CA SER I 197 -3.92 4.54 112.47
C SER I 197 -4.73 3.47 113.22
N ASP I 198 -6.04 3.71 113.45
CA ASP I 198 -7.03 2.70 113.91
C ASP I 198 -6.87 1.43 113.05
N ARG I 199 -6.08 0.48 113.53
CA ARG I 199 -5.62 -0.71 112.76
C ARG I 199 -6.81 -1.46 112.12
N ALA I 200 -8.02 -1.21 112.62
CA ALA I 200 -9.28 -1.84 112.18
C ALA I 200 -9.71 -1.19 110.87
N VAL I 201 -9.57 0.13 110.82
CA VAL I 201 -9.91 0.96 109.64
C VAL I 201 -8.89 0.56 108.56
N LEU I 202 -7.59 0.62 108.90
CA LEU I 202 -6.48 0.28 107.97
C LEU I 202 -6.69 -1.14 107.39
N GLU I 203 -6.94 -2.15 108.24
CA GLU I 203 -7.24 -3.54 107.80
C GLU I 203 -8.38 -3.48 106.77
N ARG I 204 -9.49 -2.83 107.11
CA ARG I 204 -10.71 -2.76 106.25
C ARG I 204 -10.32 -2.21 104.88
N GLU I 205 -9.52 -1.14 104.88
CA GLU I 205 -9.14 -0.35 103.67
C GLU I 205 -8.23 -1.18 102.77
N VAL I 206 -7.18 -1.78 103.33
CA VAL I 206 -6.30 -2.71 102.57
C VAL I 206 -7.10 -3.93 102.07
N GLN I 207 -8.00 -4.50 102.88
CA GLN I 207 -8.83 -5.65 102.41
C GLN I 207 -9.67 -5.18 101.23
N TYR I 208 -10.32 -4.02 101.35
CA TYR I 208 -11.27 -3.45 100.35
C TYR I 208 -10.58 -3.09 99.05
N THR I 209 -9.39 -2.47 99.16
CA THR I 209 -8.48 -2.09 98.04
C THR I 209 -8.17 -3.38 97.26
N LEU I 210 -7.74 -4.41 97.99
CA LEU I 210 -7.28 -5.69 97.42
C LEU I 210 -8.47 -6.35 96.72
N GLU I 211 -9.68 -6.32 97.29
CA GLU I 211 -10.92 -6.81 96.60
C GLU I 211 -11.04 -6.21 95.20
N MET I 212 -10.71 -4.93 95.06
CA MET I 212 -10.93 -4.12 93.85
C MET I 212 -9.76 -4.32 92.86
N ILE I 213 -8.65 -4.87 93.35
CA ILE I 213 -7.51 -5.29 92.50
C ILE I 213 -7.82 -6.71 91.96
N LYS I 214 -8.19 -7.64 92.85
CA LYS I 214 -8.57 -9.04 92.45
C LYS I 214 -9.72 -8.91 91.44
N LEU I 215 -10.51 -7.82 91.48
CA LEU I 215 -11.62 -7.55 90.52
C LEU I 215 -11.10 -6.93 89.21
N VAL I 216 -10.15 -6.01 89.25
CA VAL I 216 -9.61 -5.32 88.04
C VAL I 216 -8.16 -4.98 88.33
N PRO I 217 -7.23 -5.90 88.02
CA PRO I 217 -5.85 -5.81 88.55
C PRO I 217 -4.98 -4.77 87.84
N HIS I 218 -5.40 -4.28 86.67
CA HIS I 218 -4.68 -3.25 85.90
C HIS I 218 -5.32 -1.87 86.15
N ASN I 219 -5.27 -1.40 87.39
CA ASN I 219 -6.03 -0.21 87.89
C ASN I 219 -5.11 0.60 88.79
N GLU I 220 -4.30 1.48 88.20
CA GLU I 220 -3.24 2.25 88.92
C GLU I 220 -3.84 2.92 90.17
N SER I 221 -5.06 3.46 90.06
CA SER I 221 -5.70 4.33 91.09
C SER I 221 -5.72 3.62 92.44
N ALA I 222 -6.15 2.35 92.40
CA ALA I 222 -6.35 1.42 93.53
C ALA I 222 -4.99 1.01 94.12
N TRP I 223 -4.00 0.68 93.28
CA TRP I 223 -2.61 0.37 93.74
C TRP I 223 -1.97 1.63 94.37
N ASN I 224 -2.33 2.82 93.88
CA ASN I 224 -1.80 4.11 94.40
C ASN I 224 -2.29 4.26 95.85
N TYR I 225 -3.56 3.90 96.09
CA TYR I 225 -4.30 4.03 97.38
C TYR I 225 -3.73 3.06 98.42
N LEU I 226 -3.40 1.84 97.99
CA LEU I 226 -2.67 0.85 98.81
C LEU I 226 -1.30 1.42 99.19
N LYS I 227 -0.42 1.74 98.23
CA LYS I 227 0.90 2.37 98.54
C LYS I 227 0.65 3.58 99.43
N GLY I 228 -0.42 4.33 99.17
CA GLY I 228 -0.74 5.60 99.86
C GLY I 228 -0.92 5.41 101.35
N ILE I 229 -1.91 4.62 101.75
CA ILE I 229 -2.30 4.45 103.18
C ILE I 229 -1.27 3.60 103.93
N LEU I 230 -0.17 3.17 103.31
CA LEU I 230 0.79 2.18 103.88
C LEU I 230 2.24 2.64 103.77
N GLN I 231 2.57 3.67 102.98
CA GLN I 231 3.99 3.93 102.60
C GLN I 231 4.68 4.68 103.74
N ASP I 232 3.94 5.55 104.41
CA ASP I 232 4.46 6.40 105.50
C ASP I 232 4.69 5.53 106.74
N ARG I 233 3.75 4.65 107.05
CA ARG I 233 3.83 3.66 108.18
C ARG I 233 5.07 2.77 107.98
N GLY I 234 5.25 2.22 106.79
CA GLY I 234 6.45 1.44 106.42
C GLY I 234 6.06 0.10 105.83
N LEU I 235 6.26 -0.08 104.53
CA LEU I 235 5.94 -1.35 103.83
C LEU I 235 6.66 -2.51 104.53
N SER I 236 7.99 -2.41 104.68
CA SER I 236 8.84 -3.39 105.43
C SER I 236 8.06 -4.03 106.60
N ARG I 237 7.23 -3.26 107.32
CA ARG I 237 6.70 -3.61 108.66
C ARG I 237 5.38 -4.39 108.61
N TYR I 238 4.94 -4.93 107.45
CA TYR I 238 3.61 -5.61 107.31
C TYR I 238 3.72 -7.03 106.78
N PRO I 239 4.67 -7.85 107.29
CA PRO I 239 5.20 -9.03 106.58
C PRO I 239 4.25 -9.82 105.66
N ASN I 240 2.98 -9.98 106.05
CA ASN I 240 1.95 -10.77 105.31
C ASN I 240 1.62 -10.17 103.94
N LEU I 241 1.79 -8.86 103.77
CA LEU I 241 1.49 -8.14 102.49
C LEU I 241 2.43 -8.66 101.42
N LEU I 242 3.73 -8.60 101.65
CA LEU I 242 4.75 -9.15 100.73
C LEU I 242 4.22 -10.48 100.15
N ASN I 243 3.94 -11.45 101.03
CA ASN I 243 3.56 -12.83 100.66
C ASN I 243 2.21 -12.85 99.94
N GLN I 244 1.24 -12.02 100.35
CA GLN I 244 -0.12 -11.95 99.74
C GLN I 244 -0.06 -11.35 98.33
N LEU I 245 0.86 -10.41 98.09
CA LEU I 245 1.11 -9.78 96.76
C LEU I 245 1.83 -10.79 95.88
N LEU I 246 2.89 -11.43 96.40
CA LEU I 246 3.67 -12.47 95.68
C LEU I 246 2.76 -13.63 95.25
N ASP I 247 1.69 -13.92 95.99
CA ASP I 247 0.67 -14.96 95.69
C ASP I 247 -0.33 -14.45 94.64
N LEU I 248 -0.34 -13.16 94.31
CA LEU I 248 -1.12 -12.61 93.16
C LEU I 248 -0.29 -12.73 91.86
N GLN I 249 1.06 -12.72 91.94
CA GLN I 249 2.01 -12.54 90.79
C GLN I 249 1.81 -13.63 89.74
N PRO I 250 1.36 -14.85 90.10
CA PRO I 250 0.64 -15.72 89.16
C PRO I 250 -0.39 -15.02 88.25
N SER I 251 -1.68 -14.94 88.60
CA SER I 251 -2.79 -14.68 87.64
C SER I 251 -3.40 -13.25 87.74
N HIS I 252 -2.99 -12.41 88.70
CA HIS I 252 -3.49 -11.00 88.84
C HIS I 252 -2.33 -10.00 88.67
N SER I 253 -1.30 -10.36 87.88
CA SER I 253 0.02 -9.65 87.76
C SER I 253 -0.05 -8.49 86.75
N SER I 254 0.18 -7.28 87.24
CA SER I 254 0.24 -6.01 86.47
C SER I 254 1.59 -5.36 86.75
N PRO I 255 2.04 -4.36 85.97
CA PRO I 255 3.21 -3.57 86.35
C PRO I 255 3.05 -2.88 87.71
N TYR I 256 1.81 -2.57 88.09
CA TYR I 256 1.48 -1.81 89.33
C TYR I 256 1.85 -2.64 90.56
N LEU I 257 1.66 -3.95 90.43
CA LEU I 257 2.07 -4.96 91.42
C LEU I 257 3.60 -4.97 91.50
N ILE I 258 4.27 -5.29 90.39
CA ILE I 258 5.75 -5.50 90.34
C ILE I 258 6.39 -4.26 90.97
N ALA I 259 5.88 -3.09 90.56
CA ALA I 259 6.28 -1.77 91.10
C ALA I 259 6.21 -1.86 92.61
N PHE I 260 5.01 -2.14 93.14
CA PHE I 260 4.72 -2.21 94.59
C PHE I 260 5.83 -3.00 95.30
N LEU I 261 6.11 -4.21 94.81
CA LEU I 261 7.10 -5.13 95.43
C LEU I 261 8.46 -4.43 95.51
N VAL I 262 8.92 -3.85 94.39
CA VAL I 262 10.23 -3.13 94.29
C VAL I 262 10.31 -2.12 95.43
N ASP I 263 9.18 -1.47 95.72
CA ASP I 263 9.04 -0.40 96.74
C ASP I 263 9.16 -1.02 98.13
N ILE I 264 8.59 -2.22 98.30
CA ILE I 264 8.64 -3.06 99.54
C ILE I 264 10.09 -3.46 99.79
N TYR I 265 10.69 -4.17 98.82
CA TYR I 265 12.12 -4.56 98.84
C TYR I 265 12.98 -3.32 99.09
N GLU I 266 12.58 -2.11 98.64
CA GLU I 266 13.40 -0.91 98.93
C GLU I 266 13.21 -0.52 100.39
N ASP I 267 11.97 -0.57 100.87
CA ASP I 267 11.65 -0.17 102.27
C ASP I 267 12.47 -1.08 103.17
N MET I 268 12.37 -2.40 102.93
CA MET I 268 13.20 -3.42 103.61
C MET I 268 14.66 -2.95 103.63
N LEU I 269 15.28 -2.78 102.45
CA LEU I 269 16.73 -2.46 102.31
C LEU I 269 17.08 -1.26 103.21
N GLU I 270 16.23 -0.23 103.25
CA GLU I 270 16.47 1.04 103.97
C GLU I 270 16.19 0.83 105.47
N ASN I 271 16.00 -0.41 105.96
CA ASN I 271 15.81 -0.78 107.40
C ASN I 271 16.80 -1.88 107.83
N GLN I 272 18.08 -1.74 107.43
CA GLN I 272 19.14 -2.80 107.33
C GLN I 272 18.54 -4.20 107.51
N CYS I 273 17.55 -4.58 106.67
CA CYS I 273 16.62 -5.74 106.83
C CYS I 273 17.37 -7.08 106.89
N ASP I 274 16.59 -8.18 106.92
CA ASP I 274 17.06 -9.61 106.85
C ASP I 274 17.51 -9.98 105.43
N ASN I 275 18.83 -9.99 105.15
CA ASN I 275 19.49 -10.54 103.93
C ASN I 275 19.70 -9.43 102.89
N LYS I 276 20.51 -8.43 103.19
CA LYS I 276 20.69 -7.23 102.32
C LYS I 276 20.98 -7.66 100.88
N GLU I 277 22.23 -8.07 100.58
CA GLU I 277 22.73 -8.27 99.19
C GLU I 277 21.98 -9.44 98.52
N ASP I 278 20.82 -9.88 99.04
CA ASP I 278 19.93 -10.90 98.42
C ASP I 278 18.57 -10.32 98.02
N ILE I 279 17.98 -9.50 98.89
CA ILE I 279 16.70 -8.75 98.65
C ILE I 279 16.93 -7.78 97.48
N LEU I 280 18.04 -7.04 97.51
CA LEU I 280 18.56 -6.20 96.39
C LEU I 280 18.36 -6.97 95.07
N ASN I 281 18.91 -8.19 94.96
CA ASN I 281 18.85 -9.01 93.71
C ASN I 281 17.40 -9.36 93.36
N LYS I 282 16.54 -9.64 94.35
CA LYS I 282 15.09 -9.91 94.12
C LYS I 282 14.44 -8.65 93.52
N ALA I 283 14.94 -7.46 93.89
CA ALA I 283 14.45 -6.13 93.46
C ALA I 283 15.02 -5.79 92.08
N LEU I 284 16.32 -5.99 91.88
CA LEU I 284 16.99 -5.79 90.57
C LEU I 284 16.40 -6.80 89.58
N GLU I 285 16.07 -8.02 90.01
CA GLU I 285 15.39 -9.04 89.15
C GLU I 285 14.09 -8.39 88.63
N LEU I 286 13.39 -7.60 89.46
CA LEU I 286 12.07 -7.02 89.12
C LEU I 286 12.22 -5.72 88.32
N CYS I 287 12.94 -4.73 88.85
CA CYS I 287 13.30 -3.49 88.09
C CYS I 287 13.53 -3.84 86.61
N GLU I 288 14.15 -5.00 86.36
CA GLU I 288 14.56 -5.45 85.00
C GLU I 288 13.38 -6.15 84.31
N ILE I 289 12.63 -7.00 85.02
CA ILE I 289 11.40 -7.61 84.45
C ILE I 289 10.49 -6.46 84.00
N LEU I 290 10.53 -5.34 84.71
CA LEU I 290 9.73 -4.13 84.37
C LEU I 290 10.23 -3.56 83.04
N ALA I 291 11.53 -3.29 82.91
CA ALA I 291 12.12 -2.56 81.75
C ALA I 291 11.98 -3.38 80.46
N LYS I 292 12.46 -4.65 80.47
CA LYS I 292 12.51 -5.56 79.28
C LYS I 292 11.09 -6.10 79.00
N GLU I 293 10.30 -6.56 79.99
CA GLU I 293 9.04 -7.29 79.73
C GLU I 293 7.78 -6.41 79.99
N LYS I 294 7.63 -5.78 81.17
CA LYS I 294 6.28 -5.37 81.72
C LYS I 294 5.88 -3.90 81.52
N ASP I 295 6.75 -2.92 81.81
CA ASP I 295 6.42 -1.47 81.74
C ASP I 295 7.46 -0.77 80.85
N THR I 296 7.41 -1.08 79.55
CA THR I 296 8.54 -1.02 78.60
C THR I 296 8.82 0.45 78.23
N ILE I 297 7.75 1.18 77.94
CA ILE I 297 7.75 2.66 77.79
C ILE I 297 8.52 3.34 78.93
N ARG I 298 8.80 2.67 80.04
CA ARG I 298 9.64 3.27 81.11
C ARG I 298 10.96 2.50 81.20
N LYS I 299 11.36 1.84 80.11
CA LYS I 299 12.64 1.07 79.97
C LYS I 299 13.75 1.89 80.64
N GLU I 300 14.10 3.06 80.09
CA GLU I 300 15.27 3.87 80.52
C GLU I 300 15.16 4.23 82.03
N TYR I 301 13.92 4.36 82.57
CA TYR I 301 13.61 4.79 83.98
C TYR I 301 13.86 3.62 84.95
N TRP I 302 13.12 2.53 84.79
CA TRP I 302 13.24 1.36 85.69
C TRP I 302 14.71 0.93 85.80
N ARG I 303 15.44 0.94 84.68
CA ARG I 303 16.90 0.66 84.69
C ARG I 303 17.59 1.69 85.59
N TYR I 304 17.13 2.94 85.58
CA TYR I 304 17.69 4.06 86.40
C TYR I 304 17.35 3.80 87.87
N ILE I 305 16.16 3.26 88.16
CA ILE I 305 15.77 2.87 89.54
C ILE I 305 16.74 1.76 89.99
N GLY I 306 16.94 0.73 89.17
CA GLY I 306 17.85 -0.40 89.45
C GLY I 306 19.28 0.03 89.76
N ARG I 307 19.92 0.75 88.84
CA ARG I 307 21.30 1.29 88.99
C ARG I 307 21.31 2.27 90.19
N SER I 308 20.17 2.88 90.53
CA SER I 308 20.01 3.75 91.73
C SER I 308 20.07 2.89 93.00
N LEU I 309 19.43 1.71 92.97
CA LEU I 309 19.32 0.76 94.11
C LEU I 309 20.69 0.14 94.41
N GLN I 310 21.56 -0.05 93.41
CA GLN I 310 22.89 -0.70 93.56
C GLN I 310 23.88 0.19 94.33
N SER I 311 23.99 1.48 94.00
CA SER I 311 24.97 2.38 94.67
C SER I 311 24.43 2.83 96.03
N LYS I 312 23.11 2.71 96.29
CA LYS I 312 22.47 3.11 97.57
C LYS I 312 22.35 1.89 98.50
N HIS I 313 22.85 0.70 98.13
CA HIS I 313 22.85 -0.52 98.99
C HIS I 313 24.01 -1.48 98.63
N SER I 314 25.22 -0.94 98.37
CA SER I 314 26.50 -1.68 98.20
C SER I 314 27.66 -0.68 98.00
N LEU J 1 4.27 11.63 61.46
CA LEU J 1 4.93 12.15 60.23
C LEU J 1 5.88 13.31 60.65
N ASP J 2 5.78 14.50 60.03
CA ASP J 2 6.77 15.61 60.16
C ASP J 2 6.13 16.79 60.87
N PHE J 3 6.95 17.75 61.30
CA PHE J 3 6.52 18.97 62.03
C PHE J 3 6.35 20.05 60.96
N LEU J 4 5.29 20.86 61.00
CA LEU J 4 4.88 21.74 59.86
C LEU J 4 5.22 23.19 60.18
N ARG J 5 6.46 23.38 60.65
CA ARG J 5 7.10 24.63 61.17
C ARG J 5 6.37 25.88 60.67
N ASP J 6 6.19 25.99 59.34
CA ASP J 6 5.63 27.18 58.67
C ASP J 6 4.15 27.31 59.07
N ARG J 7 3.42 26.21 59.00
CA ARG J 7 1.94 26.18 59.17
C ARG J 7 1.60 26.71 60.57
N HIS J 8 2.38 26.23 61.54
CA HIS J 8 2.30 26.59 62.97
C HIS J 8 2.60 28.07 63.14
N VAL J 9 3.51 28.60 62.32
CA VAL J 9 3.76 30.06 62.34
C VAL J 9 2.48 30.74 61.88
N ARG J 10 2.01 30.50 60.66
CA ARG J 10 0.84 31.25 60.14
C ARG J 10 -0.29 31.06 61.14
N PHE J 11 -0.40 29.87 61.74
CA PHE J 11 -1.42 29.59 62.81
C PHE J 11 -1.31 30.63 63.95
N PHE J 12 -0.21 30.66 64.71
CA PHE J 12 0.02 31.70 65.75
C PHE J 12 -0.16 33.11 65.17
N GLN J 13 0.20 33.35 63.91
CA GLN J 13 0.07 34.68 63.26
C GLN J 13 -1.40 35.11 63.26
N ARG J 14 -2.28 34.17 62.89
CA ARG J 14 -3.75 34.35 62.78
C ARG J 14 -4.35 34.61 64.17
N CYS J 15 -3.89 33.87 65.20
CA CYS J 15 -4.29 34.04 66.62
C CYS J 15 -4.12 35.49 67.06
N LEU J 16 -3.14 36.20 66.50
CA LEU J 16 -2.78 37.57 66.94
C LEU J 16 -3.71 38.57 66.26
N GLN J 17 -4.32 38.21 65.14
CA GLN J 17 -5.19 39.14 64.35
C GLN J 17 -6.62 39.03 64.85
N VAL J 18 -7.60 38.89 63.95
CA VAL J 18 -9.05 39.03 64.28
C VAL J 18 -9.66 37.65 64.41
N LEU J 19 -10.59 37.44 65.34
CA LEU J 19 -11.21 36.11 65.62
C LEU J 19 -12.72 36.22 65.50
N PRO J 20 -13.39 35.15 65.00
CA PRO J 20 -14.86 35.12 64.92
C PRO J 20 -15.51 35.30 66.29
N GLU J 21 -16.75 35.81 66.33
CA GLU J 21 -17.48 36.03 67.62
C GLU J 21 -17.52 34.72 68.41
N ARG J 22 -17.35 33.56 67.73
CA ARG J 22 -17.29 32.21 68.37
C ARG J 22 -16.38 32.27 69.61
N TYR J 23 -15.34 33.11 69.60
CA TYR J 23 -14.27 33.11 70.63
C TYR J 23 -14.59 34.12 71.74
N SER J 24 -15.73 34.83 71.64
CA SER J 24 -16.34 35.73 72.67
C SER J 24 -15.73 35.47 74.05
N SER J 25 -15.78 34.20 74.45
CA SER J 25 -15.48 33.75 75.82
C SER J 25 -13.98 33.82 76.13
N LEU J 26 -13.13 34.32 75.22
CA LEU J 26 -11.67 34.55 75.49
C LEU J 26 -11.40 36.00 75.88
N GLU J 27 -12.37 36.89 75.75
CA GLU J 27 -12.14 38.35 75.71
C GLU J 27 -11.41 38.79 76.99
N THR J 28 -11.81 38.25 78.15
CA THR J 28 -11.29 38.61 79.50
C THR J 28 -9.94 37.95 79.79
N SER J 29 -9.38 37.28 78.78
CA SER J 29 -8.07 36.57 78.83
C SER J 29 -7.46 36.51 77.42
N ARG J 30 -7.62 37.59 76.66
CA ARG J 30 -6.99 37.77 75.32
C ARG J 30 -5.47 37.76 75.50
N LEU J 31 -4.97 38.36 76.57
CA LEU J 31 -3.52 38.53 76.76
C LEU J 31 -2.87 37.15 76.86
N THR J 32 -3.58 36.12 77.36
CA THR J 32 -3.03 34.73 77.46
C THR J 32 -2.96 34.12 76.07
N ILE J 33 -3.93 34.42 75.20
CA ILE J 33 -3.87 34.05 73.75
C ILE J 33 -2.61 34.71 73.17
N ALA J 34 -2.47 36.04 73.31
CA ALA J 34 -1.26 36.78 72.88
C ALA J 34 -0.02 35.96 73.28
N PHE J 35 0.13 35.63 74.57
CA PHE J 35 1.31 34.88 75.08
C PHE J 35 1.47 33.57 74.27
N PHE J 36 0.49 32.68 74.27
CA PHE J 36 0.66 31.33 73.65
C PHE J 36 1.13 31.54 72.21
N ALA J 37 0.61 32.57 71.56
CA ALA J 37 0.86 32.91 70.14
C ALA J 37 2.26 33.47 69.95
N LEU J 38 2.59 34.55 70.69
CA LEU J 38 3.94 35.21 70.69
C LEU J 38 5.00 34.21 71.17
N SER J 39 4.89 33.67 72.39
CA SER J 39 5.86 32.67 72.90
C SER J 39 5.91 31.47 71.94
N GLY J 40 4.84 31.22 71.19
CA GLY J 40 4.81 30.17 70.16
C GLY J 40 5.71 30.51 68.97
N LEU J 41 5.74 31.78 68.59
CA LEU J 41 6.56 32.29 67.46
C LEU J 41 8.02 32.34 67.92
N ASP J 42 8.27 33.11 68.98
CA ASP J 42 9.56 33.16 69.73
C ASP J 42 10.14 31.75 69.80
N MET J 43 9.31 30.73 70.00
CA MET J 43 9.79 29.33 70.18
C MET J 43 10.23 28.74 68.84
N LEU J 44 9.63 29.20 67.74
CA LEU J 44 9.91 28.78 66.33
C LEU J 44 10.88 29.76 65.63
N ASP J 45 11.23 30.85 66.32
CA ASP J 45 12.16 31.92 65.86
C ASP J 45 11.53 32.65 64.67
N SER J 46 10.25 32.99 64.80
CA SER J 46 9.48 33.72 63.77
C SER J 46 8.82 34.94 64.41
N LEU J 47 9.44 35.49 65.45
CA LEU J 47 8.99 36.74 66.07
C LEU J 47 9.18 37.93 65.11
N ASP J 48 9.94 37.74 64.01
CA ASP J 48 10.15 38.75 62.94
C ASP J 48 8.78 39.15 62.35
N VAL J 49 7.86 38.20 62.25
CA VAL J 49 6.61 38.28 61.42
C VAL J 49 5.52 39.06 62.15
N VAL J 50 5.83 39.67 63.31
CA VAL J 50 4.88 40.58 64.02
C VAL J 50 5.51 41.97 64.14
N ASN J 51 4.66 42.98 64.38
CA ASN J 51 5.10 44.37 64.71
C ASN J 51 5.28 44.46 66.24
N LYS J 52 6.52 44.26 66.70
CA LYS J 52 6.85 44.20 68.13
C LYS J 52 6.32 45.45 68.86
N ASP J 53 6.70 46.65 68.41
CA ASP J 53 6.44 47.92 69.14
C ASP J 53 4.94 48.15 69.28
N ASP J 54 4.16 47.70 68.29
CA ASP J 54 2.68 47.86 68.23
C ASP J 54 2.05 47.01 69.32
N ILE J 55 2.44 45.74 69.41
CA ILE J 55 1.94 44.80 70.44
C ILE J 55 2.34 45.31 71.83
N ILE J 56 3.60 45.70 71.98
CA ILE J 56 4.13 46.24 73.28
C ILE J 56 3.22 47.37 73.75
N GLU J 57 2.82 48.27 72.84
CA GLU J 57 1.86 49.37 73.15
C GLU J 57 0.56 48.76 73.68
N TRP J 58 -0.02 47.81 72.95
CA TRP J 58 -1.30 47.15 73.31
C TRP J 58 -1.16 46.56 74.71
N ILE J 59 -0.07 45.83 74.96
CA ILE J 59 0.19 45.18 76.27
C ILE J 59 0.13 46.28 77.34
N TYR J 60 0.89 47.37 77.17
CA TYR J 60 1.01 48.39 78.23
C TYR J 60 -0.35 49.06 78.42
N SER J 61 -1.15 49.18 77.36
CA SER J 61 -2.51 49.78 77.40
C SER J 61 -3.35 49.02 78.43
N LEU J 62 -2.92 47.79 78.76
CA LEU J 62 -3.64 46.83 79.64
C LEU J 62 -3.14 46.88 81.09
N GLN J 63 -2.03 47.56 81.39
CA GLN J 63 -1.53 47.72 82.78
C GLN J 63 -2.42 48.68 83.60
N VAL J 64 -2.95 48.20 84.72
CA VAL J 64 -3.54 49.06 85.77
C VAL J 64 -2.37 49.74 86.47
N LEU J 65 -2.36 51.06 86.42
CA LEU J 65 -1.39 51.87 87.16
C LEU J 65 -2.06 52.39 88.42
N PRO J 66 -1.27 52.90 89.38
CA PRO J 66 -1.84 53.59 90.54
C PRO J 66 -2.35 54.96 90.08
N THR J 67 -3.16 55.61 90.92
CA THR J 67 -3.76 56.94 90.63
C THR J 67 -2.89 58.02 91.28
N GLU J 68 -3.03 59.28 90.83
CA GLU J 68 -2.45 60.46 91.54
C GLU J 68 -2.20 60.04 93.00
N ASP J 69 -3.26 59.54 93.67
CA ASP J 69 -3.38 59.39 95.15
C ASP J 69 -3.01 57.99 95.66
N ARG J 70 -2.74 57.01 94.79
CA ARG J 70 -2.21 55.65 95.14
C ARG J 70 -3.16 54.86 96.06
N SER J 71 -4.48 55.11 96.02
CA SER J 71 -5.47 54.38 96.84
C SER J 71 -5.55 52.92 96.38
N ASN J 72 -5.42 52.70 95.07
CA ASN J 72 -5.78 51.44 94.36
C ASN J 72 -4.57 50.52 94.19
N LEU J 73 -3.50 50.72 94.97
CA LEU J 73 -2.25 49.94 94.82
C LEU J 73 -2.57 48.43 94.80
N ASP J 74 -3.52 48.02 95.64
CA ASP J 74 -4.04 46.63 95.81
C ASP J 74 -4.51 45.98 94.50
N ARG J 75 -4.77 46.81 93.50
CA ARG J 75 -5.59 46.39 92.35
C ARG J 75 -4.78 46.54 91.06
N CYS J 76 -3.56 47.09 91.12
CA CYS J 76 -2.65 47.22 89.95
C CYS J 76 -2.10 45.86 89.51
N GLY J 77 -1.61 45.79 88.27
CA GLY J 77 -1.25 44.56 87.57
C GLY J 77 -1.59 44.73 86.10
N PHE J 78 -1.93 43.66 85.40
CA PHE J 78 -2.42 43.76 84.00
C PHE J 78 -3.85 43.19 83.89
N ARG J 79 -4.66 43.84 83.05
CA ARG J 79 -5.96 43.38 82.52
C ARG J 79 -5.75 42.31 81.44
N GLY J 80 -6.78 41.47 81.21
CA GLY J 80 -6.83 40.52 80.08
C GLY J 80 -7.13 41.21 78.77
N SER J 81 -7.84 42.36 78.79
CA SER J 81 -8.25 43.15 77.62
C SER J 81 -8.84 44.52 78.01
N SER J 82 -9.28 45.29 77.01
CA SER J 82 -9.79 46.68 77.15
C SER J 82 -11.29 46.69 77.38
N TYR J 83 -11.87 45.50 77.61
CA TYR J 83 -13.33 45.22 77.72
C TYR J 83 -14.04 46.06 78.78
N LEU J 84 -13.35 46.75 79.69
CA LEU J 84 -14.04 47.60 80.71
C LEU J 84 -14.35 48.99 80.13
N GLY J 85 -13.85 49.30 78.93
CA GLY J 85 -14.05 50.60 78.25
C GLY J 85 -13.31 51.73 78.94
N ILE J 86 -12.03 51.51 79.18
CA ILE J 86 -11.13 52.57 79.71
C ILE J 86 -10.43 53.15 78.51
N PRO J 87 -10.38 54.48 78.32
CA PRO J 87 -9.79 55.03 77.10
C PRO J 87 -8.33 54.56 76.97
N PHE J 88 -7.94 54.01 75.80
CA PHE J 88 -6.59 53.47 75.49
C PHE J 88 -5.50 54.35 76.11
N ASN J 89 -4.50 53.78 76.79
CA ASN J 89 -3.46 54.57 77.51
C ASN J 89 -2.22 53.68 77.76
N PRO J 90 -1.31 53.57 76.77
CA PRO J 90 -0.21 52.59 76.84
C PRO J 90 0.79 53.06 77.90
N SER J 91 0.41 52.89 79.17
CA SER J 91 1.16 53.31 80.38
C SER J 91 1.89 54.64 80.10
N LYS J 92 1.12 55.63 79.64
CA LYS J 92 1.53 57.05 79.48
C LYS J 92 0.98 57.81 80.70
N ASN J 93 -0.20 58.44 80.58
CA ASN J 93 -0.86 59.25 81.65
C ASN J 93 -0.98 58.42 82.94
N PRO J 94 -1.33 59.03 84.11
CA PRO J 94 -1.46 58.27 85.35
C PRO J 94 -2.68 57.33 85.26
N GLY J 95 -2.90 56.51 86.29
CA GLY J 95 -4.10 55.68 86.42
C GLY J 95 -5.36 56.54 86.34
N THR J 96 -6.51 55.93 86.02
CA THR J 96 -7.84 56.60 85.98
C THR J 96 -8.86 55.74 86.77
N ALA J 97 -9.26 56.18 87.96
CA ALA J 97 -10.13 55.41 88.89
C ALA J 97 -11.34 54.90 88.11
N HIS J 98 -11.87 53.77 88.54
CA HIS J 98 -13.02 53.05 87.93
C HIS J 98 -13.37 51.94 88.91
N PRO J 99 -14.59 51.94 89.48
CA PRO J 99 -14.87 51.11 90.65
C PRO J 99 -14.31 49.68 90.60
N TYR J 100 -14.35 49.03 89.44
CA TYR J 100 -14.20 47.56 89.25
C TYR J 100 -13.02 47.23 88.33
N ASP J 101 -12.16 48.21 88.01
CA ASP J 101 -10.96 47.98 87.18
C ASP J 101 -9.79 47.54 88.08
N SER J 102 -9.39 46.29 87.93
CA SER J 102 -8.20 45.75 88.60
C SER J 102 -7.50 44.76 87.66
N GLY J 103 -6.26 44.42 87.98
CA GLY J 103 -5.52 43.39 87.24
C GLY J 103 -5.97 42.02 87.67
N HIS J 104 -5.29 41.03 87.11
CA HIS J 104 -5.60 39.57 87.20
C HIS J 104 -4.28 38.84 87.11
N ILE J 105 -3.96 38.03 88.11
CA ILE J 105 -2.61 37.44 88.32
C ILE J 105 -2.16 36.71 87.05
N ALA J 106 -3.05 35.99 86.37
CA ALA J 106 -2.71 35.31 85.10
C ALA J 106 -2.28 36.35 84.05
N MET J 107 -2.96 37.49 84.03
CA MET J 107 -2.77 38.54 83.00
C MET J 107 -1.52 39.35 83.34
N THR J 108 -1.33 39.66 84.62
CA THR J 108 -0.02 40.18 85.12
C THR J 108 1.12 39.23 84.69
N TYR J 109 0.96 37.91 84.85
CA TYR J 109 1.98 36.89 84.47
C TYR J 109 2.24 37.02 82.95
N THR J 110 1.27 36.61 82.15
CA THR J 110 1.37 36.54 80.67
C THR J 110 1.80 37.91 80.10
N GLY J 111 1.38 39.01 80.76
CA GLY J 111 1.64 40.39 80.29
C GLY J 111 3.11 40.70 80.29
N LEU J 112 3.76 40.53 81.44
CA LEU J 112 5.23 40.66 81.57
C LEU J 112 5.94 39.63 80.68
N SER J 113 5.64 38.33 80.84
CA SER J 113 6.23 37.25 80.02
C SER J 113 6.20 37.69 78.55
N CYS J 114 5.16 38.44 78.14
CA CYS J 114 4.98 38.98 76.76
C CYS J 114 5.99 40.10 76.50
N LEU J 115 5.87 41.20 77.23
CA LEU J 115 6.82 42.34 77.08
C LEU J 115 8.23 41.79 76.90
N ILE J 116 8.66 40.88 77.80
CA ILE J 116 10.05 40.33 77.86
C ILE J 116 10.39 39.64 76.53
N ILE J 117 9.52 38.74 76.05
CA ILE J 117 9.69 37.96 74.79
C ILE J 117 9.84 38.93 73.61
N LEU J 118 8.98 39.93 73.55
CA LEU J 118 8.99 40.98 72.49
C LEU J 118 10.24 41.85 72.65
N GLY J 119 10.99 41.67 73.75
CA GLY J 119 12.27 42.36 74.01
C GLY J 119 12.04 43.78 74.49
N ASP J 120 11.09 43.99 75.39
CA ASP J 120 10.98 45.25 76.15
C ASP J 120 12.01 45.19 77.28
N ASP J 121 12.22 46.33 77.98
CA ASP J 121 13.14 46.43 79.14
C ASP J 121 12.33 46.41 80.46
N LEU J 122 11.02 46.68 80.41
CA LEU J 122 10.09 46.72 81.57
C LEU J 122 10.23 48.04 82.35
N SER J 123 10.61 49.12 81.65
CA SER J 123 10.66 50.50 82.17
C SER J 123 9.28 50.87 82.73
N ARG J 124 8.27 50.80 81.86
CA ARG J 124 6.93 51.40 82.08
C ARG J 124 6.10 50.51 83.01
N VAL J 125 6.60 49.33 83.40
CA VAL J 125 5.93 48.48 84.43
C VAL J 125 6.16 49.11 85.79
N ASP J 126 5.09 49.53 86.48
CA ASP J 126 5.18 50.02 87.89
C ASP J 126 5.44 48.79 88.76
N LYS J 127 6.68 48.28 88.68
CA LYS J 127 7.19 47.09 89.41
C LYS J 127 6.64 47.09 90.83
N GLU J 128 6.80 48.20 91.56
CA GLU J 128 6.46 48.27 93.01
C GLU J 128 4.94 48.11 93.17
N ALA J 129 4.15 48.65 92.22
CA ALA J 129 2.67 48.60 92.24
C ALA J 129 2.20 47.16 92.02
N CYS J 130 2.67 46.53 90.95
CA CYS J 130 2.30 45.15 90.54
C CYS J 130 2.52 44.21 91.73
N LEU J 131 3.65 44.37 92.43
CA LEU J 131 4.01 43.49 93.58
C LEU J 131 3.05 43.76 94.74
N ALA J 132 2.64 45.02 94.90
CA ALA J 132 1.64 45.45 95.91
C ALA J 132 0.34 44.67 95.70
N GLY J 133 -0.18 44.73 94.46
CA GLY J 133 -1.34 43.94 94.01
C GLY J 133 -1.12 42.46 94.24
N LEU J 134 0.03 41.93 93.81
CA LEU J 134 0.31 40.47 93.87
C LEU J 134 0.13 40.01 95.33
N ARG J 135 0.72 40.74 96.28
CA ARG J 135 0.60 40.45 97.72
C ARG J 135 -0.88 40.38 98.11
N ALA J 136 -1.69 41.35 97.68
CA ALA J 136 -3.16 41.45 97.95
C ALA J 136 -3.82 40.09 97.72
N LEU J 137 -3.43 39.48 96.61
CA LEU J 137 -4.05 38.26 96.04
C LEU J 137 -3.77 37.03 96.93
N GLN J 138 -2.60 36.93 97.57
CA GLN J 138 -2.24 35.79 98.45
C GLN J 138 -3.26 35.66 99.58
N LEU J 139 -3.47 34.44 100.11
CA LEU J 139 -4.56 34.09 101.05
C LEU J 139 -4.00 33.58 102.39
N GLU J 140 -4.87 33.53 103.41
CA GLU J 140 -4.67 32.81 104.69
C GLU J 140 -3.64 31.71 104.45
N ASP J 141 -4.01 30.76 103.57
CA ASP J 141 -3.36 29.43 103.38
C ASP J 141 -2.24 29.46 102.34
N GLY J 142 -1.82 30.63 101.84
CA GLY J 142 -0.61 30.75 100.98
C GLY J 142 -0.91 30.73 99.47
N SER J 143 -2.00 30.09 99.04
CA SER J 143 -2.49 30.17 97.64
C SER J 143 -2.91 31.62 97.31
N PHE J 144 -3.30 31.89 96.06
CA PHE J 144 -3.70 33.23 95.57
C PHE J 144 -5.02 33.19 94.80
N CYS J 145 -5.82 34.22 94.97
CA CYS J 145 -6.89 34.58 94.01
C CYS J 145 -6.27 35.23 92.78
N ALA J 146 -7.08 35.46 91.75
CA ALA J 146 -6.63 36.07 90.48
C ALA J 146 -7.05 37.54 90.45
N VAL J 147 -8.18 37.88 91.05
CA VAL J 147 -8.58 39.30 91.20
C VAL J 147 -8.83 39.58 92.68
N PRO J 148 -8.53 40.81 93.16
CA PRO J 148 -8.83 41.19 94.53
C PRO J 148 -10.34 41.12 94.85
N GLU J 149 -11.18 41.36 93.84
CA GLU J 149 -12.67 41.31 93.95
C GLU J 149 -13.11 39.95 94.49
N GLY J 150 -12.23 38.94 94.47
CA GLY J 150 -12.51 37.54 94.88
C GLY J 150 -12.50 36.64 93.65
N SER J 151 -12.32 35.32 93.83
CA SER J 151 -12.21 34.35 92.72
C SER J 151 -11.89 32.97 93.26
N GLU J 152 -11.91 31.96 92.39
CA GLU J 152 -11.17 30.69 92.61
C GLU J 152 -9.75 31.02 93.13
N ASN J 153 -9.23 30.15 93.97
CA ASN J 153 -7.81 30.20 94.39
C ASN J 153 -7.27 28.78 94.26
N ASP J 154 -6.04 28.64 93.78
CA ASP J 154 -5.39 27.32 93.55
C ASP J 154 -3.99 27.49 92.94
N MET J 155 -3.38 26.34 92.64
CA MET J 155 -1.93 26.21 92.39
C MET J 155 -1.54 27.06 91.19
N ARG J 156 -2.37 27.07 90.15
CA ARG J 156 -2.16 27.90 88.93
C ARG J 156 -1.61 29.27 89.37
N PHE J 157 -2.22 29.89 90.38
CA PHE J 157 -1.96 31.31 90.74
C PHE J 157 -0.73 31.39 91.66
N VAL J 158 -0.44 30.33 92.40
CA VAL J 158 0.88 30.19 93.09
C VAL J 158 1.97 30.37 92.03
N TYR J 159 1.81 29.69 90.90
CA TYR J 159 2.78 29.72 89.79
C TYR J 159 2.81 31.11 89.15
N CYS J 160 1.67 31.74 89.00
CA CYS J 160 1.60 33.05 88.32
C CYS J 160 2.41 34.00 89.22
N ALA J 161 2.12 33.98 90.52
CA ALA J 161 2.81 34.77 91.56
C ALA J 161 4.31 34.52 91.45
N SER J 162 4.70 33.26 91.55
CA SER J 162 6.11 32.84 91.48
C SER J 162 6.75 33.55 90.27
N CYS J 163 6.15 33.36 89.08
CA CYS J 163 6.68 33.85 87.78
C CYS J 163 6.80 35.37 87.76
N ILE J 164 5.84 36.10 88.34
CA ILE J 164 5.85 37.59 88.35
C ILE J 164 7.02 38.06 89.23
N CYS J 165 7.06 37.55 90.46
CA CYS J 165 8.14 37.79 91.44
C CYS J 165 9.50 37.53 90.79
N TYR J 166 9.62 36.46 90.00
CA TYR J 166 10.91 36.10 89.35
C TYR J 166 11.26 37.14 88.29
N MET J 167 10.30 37.45 87.41
CA MET J 167 10.59 38.29 86.21
C MET J 167 10.83 39.72 86.70
N LEU J 168 10.11 40.12 87.74
CA LEU J 168 10.34 41.41 88.42
C LEU J 168 11.57 41.31 89.32
N ASN J 169 12.08 40.10 89.51
CA ASN J 169 13.29 39.81 90.31
C ASN J 169 13.13 40.43 91.71
N ASN J 170 11.96 40.27 92.31
CA ASN J 170 11.63 40.88 93.62
C ASN J 170 10.53 40.01 94.25
N TRP J 171 10.89 39.15 95.18
CA TRP J 171 9.93 38.24 95.85
C TRP J 171 9.13 38.94 96.97
N SER J 172 9.13 40.27 97.02
CA SER J 172 8.25 41.02 97.94
C SER J 172 6.80 40.64 97.62
N GLY J 173 6.50 40.41 96.35
CA GLY J 173 5.17 40.05 95.83
C GLY J 173 4.43 39.01 96.67
N MET J 174 5.14 38.07 97.30
CA MET J 174 4.51 36.96 98.08
C MET J 174 5.16 36.76 99.44
N ASP J 175 4.41 36.11 100.35
CA ASP J 175 4.94 35.45 101.56
C ASP J 175 5.37 34.04 101.15
N MET J 176 6.68 33.88 100.92
CA MET J 176 7.22 32.63 100.32
C MET J 176 6.94 31.45 101.25
N LYS J 177 7.11 31.67 102.55
CA LYS J 177 6.95 30.57 103.54
C LYS J 177 5.56 29.99 103.30
N LYS J 178 4.54 30.86 103.31
CA LYS J 178 3.13 30.42 103.31
C LYS J 178 2.81 29.86 101.93
N ALA J 179 3.30 30.48 100.86
CA ALA J 179 3.21 29.92 99.49
C ALA J 179 3.76 28.49 99.49
N ILE J 180 4.98 28.31 100.00
CA ILE J 180 5.64 26.99 100.04
C ILE J 180 4.77 26.02 100.82
N SER J 181 4.30 26.44 102.01
CA SER J 181 3.39 25.60 102.83
C SER J 181 2.27 25.06 101.92
N TYR J 182 1.62 25.91 101.12
CA TYR J 182 0.44 25.52 100.32
C TYR J 182 0.78 24.32 99.42
N ILE J 183 2.01 24.36 98.88
CA ILE J 183 2.56 23.43 97.86
C ILE J 183 2.84 22.09 98.53
N ARG J 184 3.57 22.09 99.65
CA ARG J 184 3.81 20.89 100.49
C ARG J 184 2.47 20.24 100.81
N ARG J 185 1.55 21.08 101.33
CA ARG J 185 0.19 20.75 101.82
C ARG J 185 -0.60 20.12 100.66
N SER J 186 -0.32 20.52 99.42
CA SER J 186 -1.06 20.10 98.18
C SER J 186 -0.73 18.66 97.74
N MET J 187 0.36 18.07 98.23
CA MET J 187 0.76 16.70 97.84
C MET J 187 -0.39 15.73 98.15
N SER J 188 -0.49 14.65 97.40
CA SER J 188 -1.54 13.61 97.54
C SER J 188 -0.93 12.38 98.24
N TYR J 189 -1.83 11.46 98.59
CA TYR J 189 -1.61 10.03 98.93
C TYR J 189 -0.82 9.37 97.79
N ASP J 190 -1.08 9.77 96.53
CA ASP J 190 -0.41 9.17 95.34
C ASP J 190 0.81 10.01 95.00
N ASN J 191 1.27 10.89 95.89
CA ASN J 191 2.57 11.62 95.77
C ASN J 191 2.57 12.62 94.60
N GLY J 192 1.45 12.73 93.87
CA GLY J 192 1.20 13.85 92.95
C GLY J 192 0.92 15.12 93.75
N LEU J 193 1.13 16.28 93.13
CA LEU J 193 0.58 17.56 93.66
C LEU J 193 -0.77 17.81 93.00
N ALA J 194 -1.70 18.32 93.77
CA ALA J 194 -3.08 18.64 93.34
C ALA J 194 -3.25 20.16 93.38
N GLN J 195 -4.42 20.64 92.96
CA GLN J 195 -4.75 22.07 92.85
C GLN J 195 -4.61 22.73 94.22
N GLY J 196 -4.84 21.93 95.26
CA GLY J 196 -4.65 22.35 96.66
C GLY J 196 -4.87 21.18 97.60
N ALA J 197 -4.42 21.32 98.84
CA ALA J 197 -4.56 20.27 99.87
C ALA J 197 -5.96 19.61 99.75
N GLY J 198 -5.99 18.29 99.63
CA GLY J 198 -7.23 17.49 99.61
C GLY J 198 -7.53 16.86 98.26
N LEU J 199 -7.39 17.62 97.17
CA LEU J 199 -7.97 17.26 95.85
C LEU J 199 -7.15 16.12 95.19
N GLU J 200 -7.54 15.74 93.96
CA GLU J 200 -6.86 14.78 93.03
C GLU J 200 -5.52 15.38 92.60
N SER J 201 -4.44 14.60 92.69
CA SER J 201 -3.12 14.91 92.10
C SER J 201 -3.33 15.08 90.60
N HIS J 202 -2.66 16.05 89.98
CA HIS J 202 -2.94 16.53 88.60
C HIS J 202 -1.68 17.13 87.97
N GLY J 203 -1.42 16.78 86.72
CA GLY J 203 -0.17 17.11 86.01
C GLY J 203 0.15 18.59 86.07
N GLY J 204 -0.85 19.43 85.75
CA GLY J 204 -0.77 20.90 85.69
C GLY J 204 -0.37 21.45 87.04
N SER J 205 -1.12 21.05 88.06
CA SER J 205 -0.84 21.40 89.48
C SER J 205 0.59 20.99 89.81
N THR J 206 0.92 19.72 89.62
CA THR J 206 2.26 19.14 89.92
C THR J 206 3.36 20.06 89.35
N PHE J 207 3.30 20.36 88.04
CA PHE J 207 4.21 21.31 87.36
C PHE J 207 4.23 22.61 88.17
N CYS J 208 3.06 23.27 88.29
CA CYS J 208 2.91 24.61 88.92
C CYS J 208 3.61 24.63 90.29
N GLY J 209 3.43 23.57 91.09
CA GLY J 209 4.08 23.41 92.41
C GLY J 209 5.59 23.32 92.26
N ILE J 210 6.07 22.22 91.67
CA ILE J 210 7.52 21.97 91.42
C ILE J 210 8.16 23.22 90.80
N ALA J 211 7.58 23.79 89.75
CA ALA J 211 8.18 24.90 88.97
C ALA J 211 8.19 26.21 89.76
N SER J 212 7.18 26.46 90.60
CA SER J 212 7.20 27.54 91.62
C SER J 212 8.45 27.35 92.48
N LEU J 213 8.54 26.17 93.12
CA LEU J 213 9.65 25.83 94.03
C LEU J 213 10.96 26.05 93.27
N CYS J 214 11.12 25.52 92.05
CA CYS J 214 12.36 25.71 91.24
C CYS J 214 12.65 27.20 91.09
N LEU J 215 11.68 28.02 90.66
CA LEU J 215 11.86 29.49 90.51
C LEU J 215 12.41 30.06 91.83
N MET J 216 11.81 29.70 92.97
CA MET J 216 12.22 30.19 94.32
C MET J 216 13.62 29.66 94.66
N GLY J 217 13.98 28.52 94.08
CA GLY J 217 15.31 27.88 94.24
C GLY J 217 15.34 26.99 95.45
N LYS J 218 14.17 26.54 95.89
CA LYS J 218 14.01 25.77 97.14
C LYS J 218 13.41 24.41 96.83
N LEU J 219 13.67 23.85 95.65
CA LEU J 219 13.08 22.52 95.35
C LEU J 219 13.73 21.54 96.33
N GLU J 220 15.07 21.63 96.45
CA GLU J 220 15.91 20.72 97.27
C GLU J 220 15.50 20.83 98.74
N GLU J 221 15.16 22.03 99.21
CA GLU J 221 14.94 22.34 100.64
C GLU J 221 13.56 21.85 101.09
N VAL J 222 12.53 22.01 100.26
CA VAL J 222 11.11 21.89 100.70
C VAL J 222 10.67 20.43 100.69
N PHE J 223 11.22 19.60 99.79
CA PHE J 223 10.92 18.14 99.72
C PHE J 223 12.16 17.29 100.02
N SER J 224 11.95 16.18 100.74
CA SER J 224 12.98 15.19 101.10
C SER J 224 13.33 14.38 99.85
N GLU J 225 14.56 13.86 99.75
CA GLU J 225 14.96 12.89 98.71
C GLU J 225 13.86 11.81 98.55
N LYS J 226 13.38 11.19 99.65
CA LYS J 226 12.32 10.12 99.64
C LYS J 226 11.08 10.69 98.96
N GLU J 227 10.84 12.01 99.11
CA GLU J 227 9.68 12.71 98.50
C GLU J 227 9.90 12.84 97.00
N LEU J 228 11.00 13.46 96.59
CA LEU J 228 11.31 13.80 95.18
C LEU J 228 11.31 12.52 94.35
N ASN J 229 11.66 11.38 94.96
CA ASN J 229 11.58 10.05 94.30
C ASN J 229 10.11 9.70 94.11
N ARG J 230 9.32 9.78 95.18
CA ARG J 230 7.87 9.47 95.15
C ARG J 230 7.15 10.32 94.09
N ILE J 231 7.60 11.58 93.90
CA ILE J 231 6.97 12.60 93.00
C ILE J 231 7.39 12.27 91.55
N LYS J 232 8.69 12.03 91.34
CA LYS J 232 9.24 11.55 90.05
C LYS J 232 8.44 10.34 89.57
N ARG J 233 8.24 9.36 90.45
CA ARG J 233 7.40 8.18 90.14
C ARG J 233 6.03 8.66 89.65
N TRP J 234 5.35 9.56 90.38
CA TRP J 234 3.95 9.94 90.05
C TRP J 234 3.87 10.46 88.63
N CYS J 235 4.83 11.35 88.34
CA CYS J 235 5.01 12.08 87.07
C CYS J 235 5.29 11.12 85.92
N ILE J 236 6.36 10.32 86.02
CA ILE J 236 6.81 9.44 84.91
C ILE J 236 5.77 8.33 84.67
N MET J 237 4.89 8.05 85.63
CA MET J 237 3.78 7.08 85.42
C MET J 237 2.64 7.74 84.62
N ARG J 238 2.73 9.02 84.26
CA ARG J 238 1.63 9.71 83.52
C ARG J 238 1.74 9.38 82.04
N GLN J 239 2.95 9.01 81.57
CA GLN J 239 3.23 8.75 80.13
C GLN J 239 2.59 7.42 79.71
N GLN J 240 1.59 7.49 78.85
CA GLN J 240 0.99 6.26 78.27
C GLN J 240 1.60 6.14 76.87
N ASN J 241 1.06 6.85 75.90
CA ASN J 241 1.71 6.94 74.57
C ASN J 241 2.32 8.34 74.61
N GLY J 242 1.48 9.32 74.90
CA GLY J 242 1.89 10.70 75.19
C GLY J 242 1.73 10.85 76.69
N TYR J 243 1.29 11.99 77.22
CA TYR J 243 1.06 11.99 78.68
C TYR J 243 -0.41 12.34 78.89
N HIS J 244 -1.01 11.90 80.00
CA HIS J 244 -2.31 12.43 80.51
C HIS J 244 -2.06 13.32 81.74
N GLY J 245 -3.11 13.99 82.20
CA GLY J 245 -3.04 14.91 83.35
C GLY J 245 -3.16 14.18 84.68
N ARG J 246 -3.78 12.99 84.69
CA ARG J 246 -4.06 12.22 85.95
C ARG J 246 -4.33 10.75 85.67
N PRO J 247 -4.00 9.84 86.61
CA PRO J 247 -3.99 8.42 86.32
C PRO J 247 -5.39 7.95 85.86
N ASN J 248 -5.41 6.85 85.12
CA ASN J 248 -6.62 6.32 84.41
C ASN J 248 -7.34 7.49 83.73
N LYS J 249 -6.68 8.18 82.79
CA LYS J 249 -7.28 9.25 81.94
C LYS J 249 -6.68 9.25 80.54
N PRO J 250 -7.47 9.69 79.53
CA PRO J 250 -6.96 9.90 78.19
C PRO J 250 -5.81 10.91 78.17
N VAL J 251 -4.82 10.66 77.31
CA VAL J 251 -3.64 11.55 77.14
C VAL J 251 -4.13 12.84 76.47
N ASP J 252 -3.30 13.87 76.52
CA ASP J 252 -3.52 15.24 75.98
C ASP J 252 -2.12 15.83 75.77
N THR J 253 -1.82 16.20 74.53
CA THR J 253 -0.64 16.98 74.12
C THR J 253 -0.20 17.95 75.23
N CYS J 254 -1.11 18.73 75.84
CA CYS J 254 -0.69 19.84 76.75
C CYS J 254 0.26 19.24 77.79
N TYR J 255 -0.04 18.05 78.30
CA TYR J 255 0.69 17.40 79.43
C TYR J 255 2.07 16.94 78.98
N SER J 256 2.22 16.66 77.69
CA SER J 256 3.51 16.26 77.07
C SER J 256 4.55 17.36 77.30
N PHE J 257 4.06 18.54 77.79
CA PHE J 257 4.83 19.66 78.40
C PHE J 257 4.71 19.67 79.92
N TRP J 258 3.51 19.92 80.45
CA TRP J 258 3.28 20.11 81.91
C TRP J 258 4.09 19.06 82.69
N VAL J 259 3.76 17.79 82.49
CA VAL J 259 4.41 16.64 83.17
C VAL J 259 5.85 16.55 82.66
N GLY J 260 6.05 16.67 81.35
CA GLY J 260 7.41 16.70 80.75
C GLY J 260 8.32 17.66 81.52
N ALA J 261 7.98 18.94 81.54
CA ALA J 261 8.75 20.01 82.21
C ALA J 261 9.04 19.59 83.66
N THR J 262 8.01 19.18 84.40
CA THR J 262 8.13 18.69 85.79
C THR J 262 9.30 17.70 85.84
N LEU J 263 9.31 16.67 84.98
CA LEU J 263 10.35 15.61 84.94
C LEU J 263 11.70 16.22 84.58
N LYS J 264 11.73 17.04 83.53
CA LYS J 264 12.94 17.79 83.08
C LYS J 264 13.53 18.57 84.26
N LEU J 265 12.69 19.14 85.13
CA LEU J 265 13.11 19.92 86.33
C LEU J 265 13.63 18.97 87.40
N LEU J 266 12.99 17.81 87.58
CA LEU J 266 13.44 16.74 88.52
C LEU J 266 14.58 15.91 87.92
N LYS J 267 15.05 16.25 86.71
CA LYS J 267 16.36 15.82 86.15
C LYS J 267 16.29 14.36 85.72
N ILE J 268 15.16 13.93 85.16
CA ILE J 268 14.97 12.52 84.71
C ILE J 268 14.15 12.50 83.42
N PHE J 269 13.97 13.63 82.75
CA PHE J 269 13.03 13.66 81.60
C PHE J 269 13.57 12.69 80.56
N GLN J 270 14.90 12.52 80.57
CA GLN J 270 15.65 11.70 79.58
C GLN J 270 15.29 10.21 79.66
N TYR J 271 14.85 9.73 80.83
CA TYR J 271 14.49 8.31 81.07
C TYR J 271 13.04 8.07 80.57
N THR J 272 12.32 9.13 80.20
CA THR J 272 11.06 8.97 79.45
C THR J 272 11.41 8.44 78.06
N ASN J 273 10.48 7.64 77.53
CA ASN J 273 10.34 7.41 76.08
C ASN J 273 10.15 8.77 75.39
N PHE J 274 11.00 9.05 74.40
CA PHE J 274 10.90 10.27 73.56
C PHE J 274 10.03 10.01 72.33
N GLU J 275 10.12 8.80 71.76
CA GLU J 275 9.55 8.49 70.42
C GLU J 275 8.02 8.47 70.52
N LYS J 276 7.45 7.71 71.45
CA LYS J 276 5.95 7.61 71.51
C LYS J 276 5.36 8.96 71.93
N ASN J 277 6.02 9.72 72.84
CA ASN J 277 5.68 11.13 73.22
C ASN J 277 5.58 11.95 71.92
N ARG J 278 6.63 11.93 71.09
CA ARG J 278 6.72 12.82 69.90
C ARG J 278 5.65 12.47 68.86
N ASN J 279 5.47 11.18 68.62
CA ASN J 279 4.49 10.69 67.62
C ASN J 279 3.08 11.03 68.13
N TYR J 280 2.81 10.87 69.42
CA TYR J 280 1.51 11.33 69.95
C TYR J 280 1.40 12.81 69.57
N ILE J 281 2.31 13.68 69.99
CA ILE J 281 2.19 15.16 69.80
C ILE J 281 1.90 15.45 68.30
N LEU J 282 2.60 14.77 67.40
CA LEU J 282 2.46 15.01 65.94
C LEU J 282 1.11 14.42 65.50
N SER J 283 0.72 13.27 66.05
CA SER J 283 -0.62 12.67 65.82
C SER J 283 -1.68 13.78 66.04
N THR J 284 -1.41 14.76 66.90
CA THR J 284 -2.39 15.83 67.26
C THR J 284 -2.15 17.14 66.48
N GLN J 285 -1.30 17.10 65.46
CA GLN J 285 -1.06 18.24 64.54
C GLN J 285 -2.32 18.37 63.70
N ASP J 286 -2.79 19.59 63.38
CA ASP J 286 -3.82 19.75 62.30
C ASP J 286 -3.09 20.24 61.06
N ARG J 287 -3.01 19.35 60.06
CA ARG J 287 -2.04 19.42 58.94
C ARG J 287 -2.52 20.49 57.96
N LEU J 288 -3.83 20.70 57.91
CA LEU J 288 -4.51 21.72 57.08
C LEU J 288 -4.23 23.12 57.67
N VAL J 289 -4.70 23.40 58.89
CA VAL J 289 -4.96 24.78 59.39
C VAL J 289 -3.78 25.30 60.22
N GLY J 290 -2.92 24.40 60.69
CA GLY J 290 -1.82 24.71 61.62
C GLY J 290 -2.13 24.19 63.00
N GLY J 291 -1.30 24.53 64.00
CA GLY J 291 -1.57 24.27 65.43
C GLY J 291 -1.68 22.79 65.82
N PHE J 292 -1.88 22.56 67.11
CA PHE J 292 -2.07 21.23 67.72
C PHE J 292 -3.39 21.22 68.49
N ALA J 293 -4.02 20.05 68.62
CA ALA J 293 -5.11 19.80 69.58
C ALA J 293 -4.60 18.85 70.67
N LYS J 294 -5.40 18.67 71.71
CA LYS J 294 -5.16 17.72 72.82
C LYS J 294 -5.12 16.30 72.24
N TRP J 295 -6.00 16.03 71.28
CA TRP J 295 -6.23 14.69 70.70
C TRP J 295 -6.13 14.79 69.18
N PRO J 296 -5.83 13.68 68.46
CA PRO J 296 -5.84 13.69 67.00
C PRO J 296 -7.23 13.92 66.37
N ASP J 297 -7.26 14.10 65.05
CA ASP J 297 -8.47 14.33 64.20
C ASP J 297 -9.42 15.18 65.06
N SER J 298 -8.89 16.27 65.68
CA SER J 298 -9.55 17.15 66.69
C SER J 298 -9.30 18.65 66.38
N HIS J 299 -10.10 19.60 66.90
CA HIS J 299 -9.96 21.04 66.55
C HIS J 299 -8.85 21.60 67.43
N PRO J 300 -7.85 22.31 66.86
CA PRO J 300 -6.67 22.77 67.59
C PRO J 300 -6.86 24.19 68.14
N ASP J 301 -6.13 24.54 69.19
CA ASP J 301 -6.29 25.85 69.89
C ASP J 301 -4.92 26.41 70.23
N ALA J 302 -4.82 27.74 70.37
CA ALA J 302 -3.57 28.45 70.73
C ALA J 302 -2.81 27.67 71.81
N LEU J 303 -3.50 27.29 72.89
CA LEU J 303 -2.85 26.65 74.06
C LEU J 303 -2.21 25.33 73.62
N HIS J 304 -2.99 24.42 73.02
CA HIS J 304 -2.51 23.04 72.71
C HIS J 304 -1.42 23.11 71.63
N ALA J 305 -1.49 24.12 70.76
CA ALA J 305 -0.44 24.46 69.79
C ALA J 305 0.84 24.76 70.55
N TYR J 306 0.84 25.83 71.35
CA TYR J 306 2.01 26.26 72.15
C TYR J 306 2.61 25.05 72.89
N PHE J 307 1.83 24.47 73.79
CA PHE J 307 2.33 23.46 74.75
C PHE J 307 2.81 22.24 73.94
N GLY J 308 2.06 21.79 72.94
CA GLY J 308 2.54 20.75 72.01
C GLY J 308 3.92 21.08 71.48
N ILE J 309 4.13 22.32 71.01
CA ILE J 309 5.41 22.82 70.45
C ILE J 309 6.46 22.86 71.57
N CYS J 310 6.11 23.40 72.75
CA CYS J 310 7.00 23.42 73.94
C CYS J 310 7.34 21.99 74.33
N GLY J 311 6.40 21.06 74.15
CA GLY J 311 6.54 19.67 74.63
C GLY J 311 7.47 18.87 73.74
N LEU J 312 7.43 19.24 72.45
CA LEU J 312 8.36 18.82 71.38
C LEU J 312 9.73 19.41 71.71
N SER J 313 9.74 20.70 72.04
CA SER J 313 10.95 21.52 72.30
C SER J 313 11.78 20.85 73.37
N LEU J 314 11.08 20.21 74.32
CA LEU J 314 11.62 19.51 75.51
C LEU J 314 12.59 18.39 75.11
N MET J 315 12.41 17.77 73.93
CA MET J 315 13.30 16.72 73.36
C MET J 315 14.18 17.31 72.25
N GLU J 316 14.36 18.63 72.22
CA GLU J 316 15.31 19.34 71.33
C GLU J 316 14.89 19.07 69.87
N GLU J 317 13.58 19.11 69.62
CA GLU J 317 12.98 19.03 68.26
C GLU J 317 13.68 20.01 67.32
N SER J 318 14.01 19.57 66.10
CA SER J 318 14.69 20.43 65.09
C SER J 318 13.71 21.49 64.62
N GLY J 319 14.09 22.77 64.75
CA GLY J 319 13.31 23.91 64.23
C GLY J 319 12.75 24.78 65.36
N ILE J 320 13.04 24.41 66.63
CA ILE J 320 12.39 24.91 67.89
C ILE J 320 13.44 25.07 68.99
N CYS J 321 13.43 26.19 69.72
CA CYS J 321 14.46 26.46 70.78
C CYS J 321 14.21 25.57 71.99
N LYS J 322 15.20 25.46 72.88
CA LYS J 322 15.04 24.88 74.25
C LYS J 322 14.01 25.78 74.94
N VAL J 323 12.97 25.19 75.55
CA VAL J 323 11.98 25.90 76.41
C VAL J 323 12.53 25.90 77.83
N HIS J 324 12.48 27.01 78.54
CA HIS J 324 12.92 27.08 79.96
C HIS J 324 11.86 26.44 80.84
N PRO J 325 12.08 25.19 81.31
CA PRO J 325 11.00 24.31 81.72
C PRO J 325 10.22 24.88 82.90
N ALA J 326 10.85 25.72 83.72
CA ALA J 326 10.22 26.33 84.92
C ALA J 326 9.54 27.65 84.58
N LEU J 327 10.13 28.49 83.73
CA LEU J 327 9.71 29.90 83.49
C LEU J 327 8.76 30.00 82.28
N ASN J 328 8.67 28.93 81.48
CA ASN J 328 7.68 28.79 80.37
C ASN J 328 7.84 29.95 79.39
N VAL J 329 9.07 30.10 78.90
CA VAL J 329 9.51 31.00 77.79
C VAL J 329 10.71 30.32 77.13
N SER J 330 11.20 30.81 76.00
CA SER J 330 12.39 30.23 75.33
C SER J 330 13.63 30.46 76.21
N THR J 331 14.56 29.49 76.27
CA THR J 331 15.91 29.67 76.87
C THR J 331 16.49 31.00 76.41
N ARG J 332 16.44 31.27 75.10
CA ARG J 332 16.83 32.58 74.53
C ARG J 332 16.23 33.70 75.38
N THR J 333 14.94 33.66 75.68
CA THR J 333 14.22 34.77 76.34
C THR J 333 14.62 34.80 77.83
N SER J 334 14.92 33.65 78.46
CA SER J 334 15.37 33.61 79.87
C SER J 334 16.78 34.19 79.95
N GLU J 335 17.68 33.76 79.04
CA GLU J 335 19.05 34.33 78.80
C GLU J 335 18.87 35.88 78.80
N ARG J 336 17.87 36.39 78.06
CA ARG J 336 17.59 37.83 77.81
C ARG J 336 17.09 38.51 79.10
N LEU J 337 16.28 37.81 79.89
CA LEU J 337 15.85 38.30 81.22
C LEU J 337 17.07 38.34 82.15
N ARG J 338 17.99 37.36 82.07
CA ARG J 338 19.26 37.29 82.89
C ARG J 338 19.91 38.67 82.84
N ASP J 339 20.21 39.12 81.62
CA ASP J 339 20.94 40.38 81.29
C ASP J 339 20.15 41.58 81.79
N LEU J 340 18.84 41.60 81.52
CA LEU J 340 17.90 42.67 81.95
C LEU J 340 18.00 42.83 83.48
N HIS J 341 18.08 41.73 84.22
CA HIS J 341 18.27 41.74 85.69
C HIS J 341 19.66 42.30 86.03
N GLN J 342 20.75 41.68 85.57
CA GLN J 342 22.16 42.09 85.84
C GLN J 342 22.27 43.61 85.61
N SER J 343 21.60 44.14 84.59
CA SER J 343 21.65 45.57 84.20
C SER J 343 20.95 46.44 85.24
N TRP J 344 19.86 45.97 85.87
CA TRP J 344 19.17 46.72 86.97
C TRP J 344 20.08 46.75 88.21
N LYS J 345 20.56 45.59 88.68
CA LYS J 345 21.51 45.45 89.80
C LYS J 345 22.80 46.19 89.44
N THR J 346 22.92 47.49 89.77
CA THR J 346 24.12 48.34 89.46
C THR J 346 24.24 49.51 90.46
N PHE K 1 26.82 -87.08 -15.18
CA PHE K 1 26.60 -88.11 -14.11
C PHE K 1 26.78 -87.47 -12.72
N LEU K 2 28.02 -87.46 -12.22
CA LEU K 2 28.36 -87.22 -10.80
C LEU K 2 28.48 -85.71 -10.52
N SER K 3 27.40 -85.13 -9.98
CA SER K 3 27.28 -83.71 -9.56
C SER K 3 28.50 -83.27 -8.71
N LEU K 4 28.78 -81.97 -8.59
CA LEU K 4 30.00 -81.47 -7.89
C LEU K 4 29.73 -81.29 -6.38
N ASP K 5 28.54 -81.71 -5.93
CA ASP K 5 28.22 -81.79 -4.48
C ASP K 5 27.28 -82.97 -4.17
N SER K 6 27.04 -83.90 -5.10
CA SER K 6 26.53 -85.26 -4.74
C SER K 6 27.48 -85.77 -3.68
N PRO K 7 26.97 -86.39 -2.57
CA PRO K 7 27.83 -86.72 -1.42
C PRO K 7 28.98 -87.67 -1.86
N THR K 8 28.66 -88.52 -2.83
CA THR K 8 29.56 -89.51 -3.46
C THR K 8 30.59 -88.80 -4.38
N TYR K 9 30.72 -87.47 -4.37
CA TYR K 9 31.75 -86.78 -5.22
C TYR K 9 33.11 -87.18 -4.67
N VAL K 10 34.02 -87.42 -5.62
CA VAL K 10 35.43 -87.87 -5.46
C VAL K 10 36.34 -86.96 -6.29
N LEU K 11 37.39 -86.39 -5.70
CA LEU K 11 38.38 -85.58 -6.47
C LEU K 11 38.86 -86.35 -7.69
N TYR K 12 39.28 -85.65 -8.73
CA TYR K 12 39.82 -86.26 -9.97
C TYR K 12 41.16 -86.92 -9.61
N ARG K 13 41.84 -86.44 -8.56
CA ARG K 13 43.20 -86.96 -8.22
C ARG K 13 43.07 -88.30 -7.50
N ASP K 14 41.89 -88.61 -6.96
CA ASP K 14 41.54 -89.92 -6.33
C ASP K 14 40.55 -90.67 -7.24
N ARG K 15 40.63 -90.54 -8.58
CA ARG K 15 39.73 -91.27 -9.51
C ARG K 15 40.55 -92.30 -10.30
N ALA K 16 40.11 -93.55 -10.29
CA ALA K 16 40.72 -94.69 -11.01
C ALA K 16 41.15 -94.23 -12.41
N GLU K 17 40.17 -93.71 -13.17
CA GLU K 17 40.19 -93.46 -14.64
C GLU K 17 41.04 -92.23 -14.98
N TRP K 18 41.58 -91.52 -14.00
CA TRP K 18 42.35 -90.26 -14.21
C TRP K 18 43.75 -90.41 -13.63
N ALA K 19 44.17 -91.65 -13.35
CA ALA K 19 45.42 -91.95 -12.61
C ALA K 19 46.62 -91.75 -13.55
N ASP K 20 46.40 -92.01 -14.84
CA ASP K 20 47.37 -92.04 -15.97
C ASP K 20 47.73 -90.63 -16.48
N ILE K 21 46.94 -89.61 -16.11
CA ILE K 21 47.18 -88.17 -16.41
C ILE K 21 47.87 -87.52 -15.21
N ASP K 22 48.93 -86.73 -15.43
CA ASP K 22 49.46 -85.80 -14.41
C ASP K 22 48.66 -84.50 -14.50
N PRO K 23 48.17 -83.94 -13.37
CA PRO K 23 47.55 -82.62 -13.39
C PRO K 23 48.59 -81.56 -13.79
N VAL K 24 48.13 -80.45 -14.39
CA VAL K 24 48.96 -79.25 -14.68
C VAL K 24 48.40 -78.10 -13.85
N PRO K 25 49.23 -77.43 -13.02
CA PRO K 25 48.74 -76.38 -12.14
C PRO K 25 48.93 -74.96 -12.68
N GLN K 26 48.28 -73.98 -12.04
CA GLN K 26 48.47 -72.52 -12.27
C GLN K 26 49.85 -72.14 -11.72
N ASN K 27 50.40 -70.98 -12.12
CA ASN K 27 51.75 -70.53 -11.70
C ASN K 27 51.92 -69.05 -12.07
N ASP K 28 51.33 -68.15 -11.28
CA ASP K 28 51.20 -66.71 -11.60
C ASP K 28 52.55 -66.00 -11.51
N GLY K 29 53.60 -66.66 -11.02
CA GLY K 29 54.96 -66.09 -10.92
C GLY K 29 55.16 -65.34 -9.60
N PRO K 30 56.39 -64.85 -9.36
CA PRO K 30 56.90 -64.57 -8.01
C PRO K 30 56.04 -63.58 -7.19
N SER K 31 55.52 -62.52 -7.81
CA SER K 31 54.46 -61.66 -7.23
C SER K 31 53.21 -61.80 -8.07
N PRO K 32 52.13 -62.38 -7.53
CA PRO K 32 50.95 -62.65 -8.31
C PRO K 32 50.01 -61.45 -8.19
N VAL K 33 49.21 -61.20 -9.22
CA VAL K 33 48.34 -60.00 -9.38
C VAL K 33 46.90 -60.48 -9.48
N VAL K 34 45.96 -59.75 -8.87
CA VAL K 34 44.49 -60.03 -8.89
C VAL K 34 44.31 -61.53 -8.67
N GLN K 35 44.75 -62.01 -7.51
CA GLN K 35 44.83 -63.46 -7.24
C GLN K 35 43.51 -63.96 -6.66
N ILE K 36 42.95 -65.00 -7.27
CA ILE K 36 41.76 -65.69 -6.73
C ILE K 36 42.24 -67.01 -6.12
N ILE K 37 42.10 -67.13 -4.80
CA ILE K 37 42.32 -68.38 -4.02
C ILE K 37 41.22 -69.38 -4.38
N TYR K 38 41.59 -70.66 -4.45
CA TYR K 38 40.82 -71.73 -5.12
C TYR K 38 40.70 -72.98 -4.23
N SER K 39 39.49 -73.24 -3.74
CA SER K 39 39.12 -74.40 -2.89
C SER K 39 39.77 -75.68 -3.44
N GLU K 40 40.15 -76.57 -2.53
CA GLU K 40 40.64 -77.95 -2.81
C GLU K 40 39.90 -78.51 -4.03
N LYS K 41 38.56 -78.48 -3.97
CA LYS K 41 37.61 -79.20 -4.86
C LYS K 41 37.73 -78.70 -6.31
N PHE K 42 37.99 -77.39 -6.42
CA PHE K 42 38.04 -76.52 -7.63
C PHE K 42 39.40 -76.68 -8.33
N ARG K 43 40.49 -76.34 -7.64
CA ARG K 43 41.86 -76.37 -8.22
C ARG K 43 42.10 -77.75 -8.85
N ASP K 44 41.69 -78.80 -8.13
CA ASP K 44 41.59 -80.20 -8.59
C ASP K 44 40.97 -80.26 -10.00
N VAL K 45 39.72 -79.79 -10.19
CA VAL K 45 39.00 -79.88 -11.50
C VAL K 45 39.83 -79.18 -12.59
N TYR K 46 40.26 -77.94 -12.34
CA TYR K 46 40.93 -77.09 -13.34
C TYR K 46 42.38 -77.51 -13.54
N ASP K 47 43.04 -78.05 -12.50
CA ASP K 47 44.40 -78.67 -12.61
C ASP K 47 44.29 -79.79 -13.66
N TYR K 48 43.18 -80.54 -13.66
CA TYR K 48 42.97 -81.68 -14.58
C TYR K 48 42.46 -81.15 -15.92
N PHE K 49 41.58 -80.14 -15.90
CA PHE K 49 41.12 -79.48 -17.14
C PHE K 49 42.32 -79.11 -17.99
N ARG K 50 43.24 -78.31 -17.42
CA ARG K 50 44.53 -77.90 -18.03
C ARG K 50 45.24 -79.10 -18.65
N ALA K 51 45.60 -80.08 -17.82
CA ALA K 51 46.30 -81.31 -18.21
C ALA K 51 45.71 -81.87 -19.51
N VAL K 52 44.39 -82.02 -19.57
CA VAL K 52 43.64 -82.56 -20.74
C VAL K 52 43.83 -81.65 -21.97
N LEU K 53 43.59 -80.34 -21.81
CA LEU K 53 43.74 -79.27 -22.84
C LEU K 53 45.14 -79.34 -23.44
N GLN K 54 46.17 -79.03 -22.63
CA GLN K 54 47.60 -79.20 -22.96
C GLN K 54 47.75 -80.19 -24.13
N ARG K 55 47.16 -81.37 -23.97
CA ARG K 55 47.41 -82.58 -24.80
C ARG K 55 46.20 -82.82 -25.72
N ASP K 56 45.32 -81.83 -25.86
CA ASP K 56 44.20 -81.75 -26.85
C ASP K 56 43.39 -83.06 -26.89
N GLU K 57 43.19 -83.71 -25.75
CA GLU K 57 42.67 -85.11 -25.71
C GLU K 57 41.17 -85.13 -26.03
N ARG K 58 40.78 -85.64 -27.20
CA ARG K 58 39.38 -85.61 -27.70
C ARG K 58 38.53 -86.69 -26.99
N SER K 59 38.74 -86.89 -25.68
CA SER K 59 38.21 -88.03 -24.89
C SER K 59 36.79 -87.74 -24.39
N GLU K 60 35.94 -88.78 -24.35
CA GLU K 60 34.63 -88.77 -23.66
C GLU K 60 34.80 -88.43 -22.18
N ARG K 61 35.91 -88.82 -21.56
CA ARG K 61 36.17 -88.58 -20.13
C ARG K 61 36.31 -87.08 -19.89
N ALA K 62 36.98 -86.38 -20.80
CA ALA K 62 37.27 -84.92 -20.75
C ALA K 62 35.99 -84.11 -20.96
N PHE K 63 35.09 -84.58 -21.82
CA PHE K 63 33.84 -83.86 -22.15
C PHE K 63 32.98 -83.80 -20.88
N LYS K 64 32.99 -84.87 -20.07
CA LYS K 64 32.28 -84.90 -18.77
C LYS K 64 32.94 -83.87 -17.84
N LEU K 65 34.27 -83.80 -17.88
CA LEU K 65 35.08 -82.86 -17.06
C LEU K 65 34.58 -81.44 -17.37
N THR K 66 34.44 -81.07 -18.64
CA THR K 66 33.99 -79.69 -19.01
C THR K 66 32.71 -79.39 -18.22
N ARG K 67 31.73 -80.31 -18.18
CA ARG K 67 30.46 -80.09 -17.44
C ARG K 67 30.77 -79.51 -16.05
N ASP K 68 31.84 -80.01 -15.40
CA ASP K 68 32.25 -79.64 -14.01
C ASP K 68 32.93 -78.25 -14.02
N ALA K 69 33.95 -78.06 -14.85
CA ALA K 69 34.65 -76.77 -15.05
C ALA K 69 33.64 -75.65 -15.32
N ILE K 70 32.69 -75.89 -16.23
CA ILE K 70 31.57 -74.96 -16.56
C ILE K 70 30.77 -74.67 -15.30
N GLU K 71 30.41 -75.69 -14.52
CA GLU K 71 29.62 -75.47 -13.28
C GLU K 71 30.47 -74.73 -12.25
N LEU K 72 31.79 -74.94 -12.23
CA LEU K 72 32.71 -74.16 -11.37
C LEU K 72 32.83 -72.68 -11.83
N ASN K 73 32.73 -72.39 -13.14
CA ASN K 73 32.98 -71.03 -13.72
C ASN K 73 32.64 -70.96 -15.22
N ALA K 74 31.38 -70.68 -15.56
CA ALA K 74 30.85 -70.69 -16.94
C ALA K 74 31.30 -69.42 -17.67
N ALA K 75 32.12 -68.62 -17.01
CA ALA K 75 32.77 -67.44 -17.61
C ALA K 75 33.82 -67.90 -18.62
N ASN K 76 34.40 -69.07 -18.38
CA ASN K 76 35.66 -69.49 -19.06
C ASN K 76 35.40 -69.78 -20.54
N TYR K 77 35.85 -68.87 -21.43
CA TYR K 77 35.66 -68.94 -22.90
C TYR K 77 36.34 -70.20 -23.43
N THR K 78 37.56 -70.49 -22.96
CA THR K 78 38.39 -71.63 -23.42
C THR K 78 37.65 -72.94 -23.14
N VAL K 79 37.19 -73.16 -21.91
CA VAL K 79 36.42 -74.39 -21.54
C VAL K 79 35.33 -74.59 -22.60
N TRP K 80 34.41 -73.64 -22.71
CA TRP K 80 33.29 -73.74 -23.67
C TRP K 80 33.81 -74.13 -25.06
N HIS K 81 34.88 -73.51 -25.55
CA HIS K 81 35.43 -73.77 -26.91
C HIS K 81 35.77 -75.26 -27.03
N PHE K 82 36.66 -75.73 -26.16
CA PHE K 82 37.12 -77.14 -26.09
C PHE K 82 35.92 -78.06 -26.01
N ARG K 83 34.88 -77.70 -25.26
CA ARG K 83 33.63 -78.48 -25.20
C ARG K 83 33.06 -78.59 -26.62
N ARG K 84 33.06 -77.49 -27.37
CA ARG K 84 32.51 -77.47 -28.76
C ARG K 84 33.38 -78.36 -29.65
N VAL K 85 34.69 -78.45 -29.38
CA VAL K 85 35.62 -79.34 -30.16
C VAL K 85 35.19 -80.78 -29.87
N LEU K 86 35.15 -81.13 -28.58
CA LEU K 86 34.76 -82.47 -28.09
C LEU K 86 33.37 -82.78 -28.64
N LEU K 87 32.50 -81.77 -28.76
CA LEU K 87 31.12 -81.98 -29.28
C LEU K 87 31.20 -82.53 -30.71
N ARG K 88 32.16 -82.07 -31.53
CA ARG K 88 32.29 -82.46 -32.95
C ARG K 88 33.19 -83.71 -33.08
N SER K 89 34.42 -83.74 -32.54
CA SER K 89 35.19 -85.01 -32.43
C SER K 89 34.22 -86.15 -32.04
N LEU K 90 33.69 -86.15 -30.82
CA LEU K 90 32.88 -87.26 -30.24
C LEU K 90 31.52 -87.35 -30.92
N GLN K 91 31.16 -86.38 -31.75
CA GLN K 91 29.92 -86.43 -32.57
C GLN K 91 28.70 -86.52 -31.65
N LYS K 92 28.71 -85.75 -30.56
CA LYS K 92 27.69 -85.81 -29.49
C LYS K 92 26.33 -85.36 -30.04
N ASP K 93 25.26 -85.89 -29.46
CA ASP K 93 23.88 -85.51 -29.86
C ASP K 93 23.71 -84.03 -29.49
N LEU K 94 23.52 -83.17 -30.49
CA LEU K 94 23.40 -81.71 -30.26
C LEU K 94 22.07 -81.40 -29.57
N GLN K 95 21.00 -82.13 -29.83
CA GLN K 95 19.71 -81.78 -29.19
C GLN K 95 19.81 -82.04 -27.67
N GLU K 96 20.74 -82.92 -27.24
CA GLU K 96 21.05 -83.20 -25.80
C GLU K 96 21.78 -81.96 -25.25
N GLU K 97 22.84 -81.49 -25.92
CA GLU K 97 23.65 -80.30 -25.54
C GLU K 97 22.81 -79.01 -25.51
N MET K 98 21.84 -78.88 -26.43
CA MET K 98 20.94 -77.71 -26.54
C MET K 98 19.99 -77.65 -25.34
N ASN K 99 19.81 -78.75 -24.61
CA ASN K 99 18.98 -78.78 -23.37
C ASN K 99 19.87 -78.40 -22.18
N TYR K 100 21.11 -78.91 -22.17
CA TYR K 100 22.16 -78.58 -21.18
C TYR K 100 22.28 -77.07 -21.01
N ILE K 101 22.34 -76.38 -22.15
CA ILE K 101 22.56 -74.91 -22.23
C ILE K 101 21.29 -74.21 -21.71
N ILE K 102 20.08 -74.65 -22.09
CA ILE K 102 18.80 -74.02 -21.63
C ILE K 102 18.90 -73.80 -20.12
N ALA K 103 19.25 -74.88 -19.42
CA ALA K 103 19.46 -74.91 -17.96
C ALA K 103 20.35 -73.75 -17.54
N ILE K 104 21.55 -73.66 -18.12
CA ILE K 104 22.70 -72.77 -17.72
C ILE K 104 22.28 -71.31 -17.88
N ILE K 105 21.73 -70.97 -19.04
CA ILE K 105 21.35 -69.59 -19.44
C ILE K 105 20.34 -69.07 -18.42
N GLU K 106 19.33 -69.86 -18.05
CA GLU K 106 18.39 -69.52 -16.94
C GLU K 106 19.25 -69.06 -15.73
N GLU K 107 20.19 -69.90 -15.27
CA GLU K 107 21.04 -69.65 -14.05
C GLU K 107 21.90 -68.39 -14.27
N GLN K 108 22.21 -67.98 -15.51
CA GLN K 108 23.21 -66.93 -15.79
C GLN K 108 22.92 -66.16 -17.08
N PRO K 109 21.75 -65.50 -17.22
CA PRO K 109 21.30 -65.04 -18.52
C PRO K 109 22.02 -63.78 -19.00
N LYS K 110 23.06 -63.33 -18.30
CA LYS K 110 23.88 -62.18 -18.79
C LYS K 110 25.28 -62.65 -19.15
N ASN K 111 25.52 -63.97 -19.12
CA ASN K 111 26.84 -64.57 -19.46
C ASN K 111 26.97 -64.48 -20.98
N TYR K 112 28.08 -63.93 -21.48
CA TYR K 112 28.26 -63.74 -22.94
C TYR K 112 28.53 -65.09 -23.61
N GLN K 113 29.18 -66.03 -22.90
CA GLN K 113 29.70 -67.32 -23.47
C GLN K 113 28.56 -68.29 -23.72
N VAL K 114 27.59 -68.33 -22.79
CA VAL K 114 26.51 -69.34 -22.83
C VAL K 114 25.57 -68.97 -23.95
N TRP K 115 25.36 -67.67 -24.19
CA TRP K 115 24.51 -67.24 -25.32
C TRP K 115 25.24 -67.58 -26.62
N HIS K 116 26.51 -67.20 -26.74
CA HIS K 116 27.35 -67.47 -27.93
C HIS K 116 27.36 -68.97 -28.21
N HIS K 117 27.48 -69.77 -27.15
CA HIS K 117 27.32 -71.25 -27.24
C HIS K 117 25.97 -71.57 -27.87
N ARG K 118 24.87 -71.12 -27.28
CA ARG K 118 23.55 -71.48 -27.81
C ARG K 118 23.42 -71.12 -29.29
N ARG K 119 24.08 -70.06 -29.73
CA ARG K 119 23.96 -69.59 -31.13
C ARG K 119 24.63 -70.56 -32.07
N VAL K 120 25.86 -70.92 -31.73
CA VAL K 120 26.73 -71.83 -32.53
C VAL K 120 25.98 -73.14 -32.76
N LEU K 121 25.30 -73.63 -31.72
CA LEU K 121 24.47 -74.86 -31.78
C LEU K 121 23.32 -74.71 -32.78
N VAL K 122 22.69 -73.56 -32.83
CA VAL K 122 21.61 -73.33 -33.82
C VAL K 122 22.24 -73.29 -35.22
N GLU K 123 23.34 -72.55 -35.41
CA GLU K 123 24.10 -72.44 -36.70
C GLU K 123 24.45 -73.85 -37.21
N TRP K 124 24.82 -74.76 -36.30
CA TRP K 124 25.12 -76.18 -36.63
C TRP K 124 23.82 -76.91 -37.02
N LEU K 125 22.92 -77.15 -36.07
CA LEU K 125 21.63 -77.84 -36.30
C LEU K 125 20.85 -77.18 -37.45
N LYS K 126 21.15 -75.93 -37.80
CA LYS K 126 20.33 -75.05 -38.70
C LYS K 126 18.86 -75.28 -38.36
N ASP K 127 18.55 -75.29 -37.07
CA ASP K 127 17.19 -75.51 -36.51
C ASP K 127 16.85 -74.36 -35.57
N PRO K 128 16.04 -73.36 -35.98
CA PRO K 128 15.53 -72.42 -34.99
C PRO K 128 14.27 -72.94 -34.28
N SER K 129 13.75 -74.11 -34.66
CA SER K 129 12.38 -74.54 -34.27
C SER K 129 12.04 -74.11 -32.84
N GLN K 130 13.00 -73.93 -31.93
CA GLN K 130 12.71 -73.73 -30.48
C GLN K 130 12.87 -72.28 -30.01
N GLU K 131 13.75 -71.49 -30.64
CA GLU K 131 14.37 -70.26 -30.07
C GLU K 131 13.33 -69.25 -29.59
N LEU K 132 12.37 -68.89 -30.43
CA LEU K 132 11.48 -67.74 -30.13
C LEU K 132 10.64 -68.05 -28.88
N GLU K 133 10.18 -69.30 -28.71
CA GLU K 133 9.51 -69.79 -27.46
C GLU K 133 10.50 -69.70 -26.28
N PHE K 134 11.75 -70.12 -26.46
CA PHE K 134 12.78 -70.19 -25.39
C PHE K 134 13.22 -68.79 -24.95
N ILE K 135 13.40 -67.89 -25.91
CA ILE K 135 13.84 -66.50 -25.62
C ILE K 135 12.72 -65.85 -24.81
N ALA K 136 11.45 -66.05 -25.20
CA ALA K 136 10.30 -65.47 -24.48
C ALA K 136 10.38 -65.88 -23.00
N ASP K 137 10.77 -67.12 -22.68
CA ASP K 137 10.85 -67.62 -21.28
C ASP K 137 11.89 -66.81 -20.50
N ILE K 138 12.96 -66.40 -21.18
CA ILE K 138 14.02 -65.51 -20.63
C ILE K 138 13.45 -64.08 -20.54
N LEU K 139 12.92 -63.54 -21.63
CA LEU K 139 12.36 -62.16 -21.65
C LEU K 139 11.22 -62.05 -20.62
N ASN K 140 10.60 -63.16 -20.21
CA ASN K 140 9.52 -63.09 -19.18
C ASN K 140 10.14 -62.92 -17.79
N GLN K 141 11.39 -63.34 -17.59
CA GLN K 141 12.12 -63.15 -16.30
C GLN K 141 12.88 -61.81 -16.30
N ASP K 142 13.31 -61.30 -17.45
CA ASP K 142 13.97 -59.96 -17.64
C ASP K 142 13.66 -59.47 -19.05
N ALA K 143 12.61 -58.68 -19.23
CA ALA K 143 12.11 -58.28 -20.57
C ALA K 143 13.02 -57.21 -21.20
N LYS K 144 14.21 -56.97 -20.65
CA LYS K 144 15.19 -55.99 -21.19
C LYS K 144 16.58 -56.62 -21.25
N ASN K 145 16.65 -57.94 -21.24
CA ASN K 145 17.91 -58.73 -21.28
C ASN K 145 18.51 -58.55 -22.66
N TYR K 146 19.57 -57.76 -22.77
CA TYR K 146 20.17 -57.46 -24.10
C TYR K 146 20.51 -58.78 -24.81
N HIS K 147 21.18 -59.68 -24.09
CA HIS K 147 21.64 -60.97 -24.66
C HIS K 147 20.47 -61.66 -25.38
N ALA K 148 19.28 -61.58 -24.82
CA ALA K 148 18.10 -62.31 -25.31
C ALA K 148 17.60 -61.63 -26.56
N TRP K 149 17.21 -60.36 -26.44
CA TRP K 149 16.88 -59.54 -27.63
C TRP K 149 17.94 -59.74 -28.75
N GLN K 150 19.24 -59.79 -28.42
CA GLN K 150 20.34 -59.87 -29.43
C GLN K 150 20.22 -61.18 -30.20
N HIS K 151 20.06 -62.29 -29.47
CA HIS K 151 19.88 -63.66 -29.99
C HIS K 151 18.54 -63.76 -30.73
N ARG K 152 17.50 -63.10 -30.26
CA ARG K 152 16.18 -63.15 -30.94
C ARG K 152 16.32 -62.53 -32.32
N GLN K 153 16.85 -61.30 -32.41
CA GLN K 153 17.10 -60.61 -33.70
C GLN K 153 17.93 -61.49 -34.63
N TRP K 154 18.94 -62.21 -34.10
CA TRP K 154 19.86 -63.02 -34.92
C TRP K 154 19.13 -64.20 -35.55
N VAL K 155 18.29 -64.88 -34.79
CA VAL K 155 17.46 -66.03 -35.25
C VAL K 155 16.50 -65.51 -36.32
N ILE K 156 15.76 -64.46 -36.06
CA ILE K 156 14.70 -63.99 -37.01
C ILE K 156 15.40 -63.54 -38.30
N GLN K 157 16.51 -62.82 -38.22
CA GLN K 157 17.33 -62.43 -39.40
C GLN K 157 17.72 -63.70 -40.19
N GLU K 158 18.53 -64.56 -39.58
CA GLU K 158 19.28 -65.72 -40.18
C GLU K 158 18.37 -66.86 -40.64
N PHE K 159 17.09 -66.89 -40.26
CA PHE K 159 16.09 -67.91 -40.71
C PHE K 159 14.77 -67.22 -41.08
N ARG K 160 14.83 -65.93 -41.44
CA ARG K 160 13.70 -65.00 -41.72
C ARG K 160 12.36 -65.52 -41.15
N LEU K 161 12.14 -65.33 -39.84
CA LEU K 161 10.95 -65.81 -39.09
C LEU K 161 10.06 -64.62 -38.68
N TRP K 162 10.03 -63.56 -39.50
CA TRP K 162 9.37 -62.26 -39.24
C TRP K 162 7.85 -62.44 -39.01
N ASP K 163 7.19 -63.28 -39.81
CA ASP K 163 5.84 -63.85 -39.59
C ASP K 163 5.18 -63.37 -38.27
N ASN K 164 5.75 -63.60 -37.09
CA ASN K 164 4.93 -63.50 -35.84
C ASN K 164 5.53 -62.58 -34.79
N GLU K 165 6.45 -61.72 -35.19
CA GLU K 165 7.22 -60.91 -34.23
C GLU K 165 6.49 -59.59 -34.03
N LEU K 166 5.86 -59.04 -35.06
CA LEU K 166 5.11 -57.77 -34.86
C LEU K 166 3.99 -58.05 -33.86
N GLN K 167 3.43 -59.25 -33.89
CA GLN K 167 2.37 -59.58 -32.91
C GLN K 167 3.00 -59.67 -31.52
N TYR K 168 4.13 -60.39 -31.39
CA TYR K 168 4.88 -60.57 -30.12
C TYR K 168 5.21 -59.22 -29.47
N VAL K 169 5.52 -58.24 -30.30
CA VAL K 169 5.84 -56.84 -29.90
C VAL K 169 4.54 -56.21 -29.38
N ASP K 170 3.47 -56.17 -30.18
CA ASP K 170 2.13 -55.64 -29.77
C ASP K 170 1.71 -56.24 -28.42
N GLN K 171 2.05 -57.51 -28.17
CA GLN K 171 1.75 -58.22 -26.90
C GLN K 171 2.52 -57.55 -25.75
N LEU K 172 3.81 -57.28 -25.92
CA LEU K 172 4.72 -56.82 -24.84
C LEU K 172 4.55 -55.32 -24.58
N LEU K 173 4.25 -54.52 -25.61
CA LEU K 173 3.97 -53.07 -25.43
C LEU K 173 2.70 -52.88 -24.60
N LYS K 174 1.77 -53.84 -24.67
CA LYS K 174 0.59 -53.89 -23.76
C LYS K 174 1.11 -54.16 -22.33
N GLU K 175 2.09 -55.04 -22.13
CA GLU K 175 2.55 -55.43 -20.76
C GLU K 175 3.42 -54.35 -20.11
N ASP K 176 3.93 -53.38 -20.88
CA ASP K 176 4.89 -52.32 -20.42
C ASP K 176 5.27 -51.44 -21.61
N VAL K 177 4.52 -50.37 -21.82
CA VAL K 177 4.73 -49.43 -22.97
C VAL K 177 6.09 -48.72 -22.78
N ARG K 178 6.67 -48.80 -21.59
CA ARG K 178 7.97 -48.15 -21.29
C ARG K 178 9.14 -49.12 -21.54
N ASN K 179 9.05 -50.06 -22.48
CA ASN K 179 10.18 -51.00 -22.68
C ASN K 179 10.96 -50.54 -23.91
N ASN K 180 12.11 -49.82 -23.78
CA ASN K 180 12.82 -49.32 -25.00
C ASN K 180 13.13 -50.54 -25.88
N SER K 181 13.54 -51.66 -25.27
CA SER K 181 13.88 -52.93 -25.97
C SER K 181 12.75 -53.41 -26.90
N VAL K 182 11.49 -53.17 -26.56
CA VAL K 182 10.33 -53.68 -27.36
C VAL K 182 9.99 -52.71 -28.50
N TRP K 183 9.95 -51.41 -28.24
CA TRP K 183 9.87 -50.39 -29.32
C TRP K 183 11.00 -50.64 -30.33
N ASN K 184 12.22 -50.98 -29.88
CA ASN K 184 13.34 -51.27 -30.80
C ASN K 184 13.00 -52.50 -31.65
N GLN K 185 12.65 -53.62 -31.02
CA GLN K 185 12.20 -54.84 -31.76
C GLN K 185 11.11 -54.51 -32.80
N ARG K 186 10.25 -53.52 -32.56
CA ARG K 186 9.16 -53.16 -33.50
C ARG K 186 9.74 -52.54 -34.79
N HIS K 187 10.67 -51.60 -34.68
CA HIS K 187 11.33 -50.94 -35.83
C HIS K 187 12.17 -51.98 -36.57
N PHE K 188 12.74 -52.93 -35.84
CA PHE K 188 13.45 -54.10 -36.41
C PHE K 188 12.51 -54.84 -37.37
N VAL K 189 11.39 -55.31 -36.84
CA VAL K 189 10.44 -56.15 -37.61
C VAL K 189 9.98 -55.38 -38.86
N ILE K 190 9.55 -54.14 -38.68
CA ILE K 190 8.91 -53.35 -39.78
C ILE K 190 9.98 -52.92 -40.80
N SER K 191 11.18 -52.52 -40.40
CA SER K 191 12.17 -52.06 -41.40
C SER K 191 12.84 -53.26 -42.05
N ASN K 192 12.46 -54.49 -41.70
CA ASN K 192 12.95 -55.68 -42.44
C ASN K 192 11.75 -56.44 -43.03
N THR K 193 10.58 -55.81 -43.13
CA THR K 193 9.39 -56.40 -43.79
C THR K 193 8.73 -55.31 -44.64
N THR K 194 7.68 -54.64 -44.13
CA THR K 194 6.82 -53.66 -44.85
C THR K 194 7.64 -52.43 -45.30
N GLY K 195 8.89 -52.23 -44.82
CA GLY K 195 9.52 -50.90 -44.82
C GLY K 195 8.54 -49.86 -44.30
N TYR K 196 8.89 -48.58 -44.34
CA TYR K 196 7.99 -47.50 -43.84
C TYR K 196 7.48 -46.67 -45.03
N SER K 197 7.89 -47.00 -46.27
CA SER K 197 7.64 -46.17 -47.48
C SER K 197 6.23 -46.45 -48.01
N ASP K 198 5.62 -47.55 -47.57
CA ASP K 198 4.17 -47.81 -47.79
C ASP K 198 3.37 -46.82 -46.92
N ARG K 199 2.86 -45.76 -47.54
CA ARG K 199 2.12 -44.66 -46.87
C ARG K 199 1.07 -45.19 -45.87
N ALA K 200 0.64 -46.44 -46.05
CA ALA K 200 -0.41 -47.09 -45.25
C ALA K 200 0.17 -47.58 -43.93
N VAL K 201 1.42 -48.06 -44.00
CA VAL K 201 2.18 -48.63 -42.84
C VAL K 201 2.65 -47.44 -42.01
N LEU K 202 3.02 -46.33 -42.66
CA LEU K 202 3.32 -45.09 -41.91
C LEU K 202 2.05 -44.67 -41.19
N GLU K 203 0.94 -44.41 -41.89
CA GLU K 203 -0.37 -44.08 -41.25
C GLU K 203 -0.49 -45.03 -40.03
N ARG K 204 -0.42 -46.36 -40.22
CA ARG K 204 -0.71 -47.36 -39.15
C ARG K 204 0.18 -47.09 -37.94
N GLU K 205 1.49 -46.95 -38.20
CA GLU K 205 2.56 -46.89 -37.17
C GLU K 205 2.44 -45.57 -36.41
N VAL K 206 2.39 -44.43 -37.10
CA VAL K 206 2.17 -43.11 -36.45
C VAL K 206 0.93 -43.20 -35.54
N GLN K 207 -0.20 -43.65 -36.07
CA GLN K 207 -1.48 -43.74 -35.32
C GLN K 207 -1.26 -44.57 -34.06
N TYR K 208 -0.61 -45.73 -34.20
CA TYR K 208 -0.30 -46.69 -33.11
C TYR K 208 0.49 -46.00 -32.01
N THR K 209 1.57 -45.33 -32.41
CA THR K 209 2.52 -44.67 -31.49
C THR K 209 1.77 -43.57 -30.74
N LEU K 210 0.91 -42.82 -31.43
CA LEU K 210 0.07 -41.73 -30.87
C LEU K 210 -0.94 -42.33 -29.89
N GLU K 211 -1.59 -43.44 -30.22
CA GLU K 211 -2.54 -44.11 -29.28
C GLU K 211 -1.81 -44.39 -27.96
N MET K 212 -0.56 -44.86 -28.06
CA MET K 212 0.30 -45.32 -26.95
C MET K 212 0.86 -44.11 -26.18
N ILE K 213 0.73 -42.91 -26.74
CA ILE K 213 1.13 -41.66 -26.04
C ILE K 213 -0.14 -41.17 -25.32
N LYS K 214 -1.30 -41.22 -25.99
CA LYS K 214 -2.59 -40.95 -25.30
C LYS K 214 -2.52 -41.75 -24.00
N LEU K 215 -2.20 -43.05 -24.06
CA LEU K 215 -2.18 -43.96 -22.87
C LEU K 215 -1.13 -43.51 -21.86
N VAL K 216 0.07 -43.14 -22.30
CA VAL K 216 1.22 -42.82 -21.40
C VAL K 216 2.07 -41.72 -22.02
N PRO K 217 1.78 -40.45 -21.67
CA PRO K 217 2.20 -39.30 -22.47
C PRO K 217 3.69 -39.03 -22.22
N HIS K 218 4.21 -39.64 -21.16
CA HIS K 218 5.58 -39.44 -20.63
C HIS K 218 6.40 -40.72 -20.79
N ASN K 219 6.95 -40.96 -21.98
CA ASN K 219 7.42 -42.30 -22.41
C ASN K 219 8.44 -42.11 -23.53
N GLU K 220 9.67 -41.74 -23.18
CA GLU K 220 10.69 -41.40 -24.20
C GLU K 220 10.58 -42.38 -25.38
N SER K 221 10.42 -43.68 -25.07
CA SER K 221 10.68 -44.80 -26.01
C SER K 221 9.81 -44.69 -27.26
N ALA K 222 8.53 -44.40 -27.03
CA ALA K 222 7.47 -44.22 -28.04
C ALA K 222 7.71 -42.93 -28.82
N TRP K 223 8.05 -41.84 -28.11
CA TRP K 223 8.36 -40.55 -28.78
C TRP K 223 9.58 -40.76 -29.69
N ASN K 224 10.64 -41.36 -29.16
CA ASN K 224 11.87 -41.70 -29.93
C ASN K 224 11.49 -42.37 -31.27
N TYR K 225 10.53 -43.31 -31.20
CA TYR K 225 10.01 -44.10 -32.35
C TYR K 225 9.28 -43.18 -33.32
N LEU K 226 8.29 -42.42 -32.84
CA LEU K 226 7.52 -41.48 -33.69
C LEU K 226 8.52 -40.61 -34.46
N LYS K 227 9.44 -39.92 -33.76
CA LYS K 227 10.48 -39.06 -34.42
C LYS K 227 11.23 -39.96 -35.40
N GLY K 228 11.74 -41.10 -34.93
CA GLY K 228 12.57 -42.02 -35.74
C GLY K 228 11.93 -42.34 -37.09
N ILE K 229 10.67 -42.76 -37.11
CA ILE K 229 10.01 -43.28 -38.34
C ILE K 229 9.58 -42.12 -39.24
N LEU K 230 9.83 -40.88 -38.84
CA LEU K 230 9.40 -39.70 -39.62
C LEU K 230 10.56 -38.76 -39.92
N GLN K 231 11.60 -38.78 -39.09
CA GLN K 231 12.57 -37.66 -39.01
C GLN K 231 13.26 -37.53 -40.37
N ASP K 232 13.42 -38.66 -41.09
CA ASP K 232 14.21 -38.69 -42.33
C ASP K 232 13.35 -38.33 -43.54
N ARG K 233 12.04 -38.59 -43.51
CA ARG K 233 11.13 -38.15 -44.61
C ARG K 233 10.85 -36.66 -44.45
N GLY K 234 10.90 -36.12 -43.24
CA GLY K 234 10.95 -34.67 -43.00
C GLY K 234 9.77 -34.18 -42.19
N LEU K 235 9.91 -34.06 -40.88
CA LEU K 235 8.78 -33.78 -39.96
C LEU K 235 7.91 -32.67 -40.56
N SER K 236 8.49 -31.69 -41.26
CA SER K 236 7.78 -30.49 -41.80
C SER K 236 6.68 -30.89 -42.79
N ARG K 237 6.87 -31.99 -43.53
CA ARG K 237 6.02 -32.40 -44.69
C ARG K 237 4.65 -32.92 -44.23
N TYR K 238 4.36 -33.01 -42.92
CA TYR K 238 3.24 -33.79 -42.33
C TYR K 238 2.27 -32.91 -41.53
N PRO K 239 1.60 -31.92 -42.14
CA PRO K 239 1.12 -30.77 -41.39
C PRO K 239 -0.05 -31.15 -40.47
N ASN K 240 -0.75 -32.24 -40.73
CA ASN K 240 -1.81 -32.69 -39.80
C ASN K 240 -1.22 -33.12 -38.47
N LEU K 241 0.04 -33.56 -38.45
CA LEU K 241 0.71 -34.02 -37.21
C LEU K 241 0.93 -32.82 -36.30
N LEU K 242 1.66 -31.83 -36.79
CA LEU K 242 1.93 -30.57 -36.06
C LEU K 242 0.70 -30.18 -35.26
N ASN K 243 -0.46 -30.24 -35.90
CA ASN K 243 -1.75 -29.78 -35.32
C ASN K 243 -2.21 -30.71 -34.20
N GLN K 244 -2.25 -32.02 -34.43
CA GLN K 244 -2.73 -32.99 -33.39
C GLN K 244 -1.85 -32.84 -32.15
N LEU K 245 -0.56 -32.61 -32.34
CA LEU K 245 0.43 -32.38 -31.25
C LEU K 245 0.12 -31.06 -30.56
N LEU K 246 -0.16 -29.99 -31.32
CA LEU K 246 -0.54 -28.68 -30.72
C LEU K 246 -1.86 -28.81 -29.93
N ASP K 247 -2.80 -29.64 -30.40
CA ASP K 247 -4.07 -29.98 -29.70
C ASP K 247 -3.82 -30.82 -28.45
N LEU K 248 -2.80 -31.69 -28.45
CA LEU K 248 -2.41 -32.50 -27.26
C LEU K 248 -1.85 -31.60 -26.14
N GLN K 249 -1.13 -30.51 -26.48
CA GLN K 249 -0.25 -29.70 -25.57
C GLN K 249 -1.01 -29.31 -24.30
N PRO K 250 -2.29 -28.82 -24.38
CA PRO K 250 -3.18 -28.76 -23.21
C PRO K 250 -2.95 -29.81 -22.11
N SER K 251 -3.29 -31.09 -22.30
CA SER K 251 -3.31 -32.11 -21.21
C SER K 251 -2.16 -33.14 -21.31
N HIS K 252 -1.79 -33.61 -22.52
CA HIS K 252 -0.78 -34.69 -22.76
C HIS K 252 0.66 -34.14 -22.86
N SER K 253 0.89 -32.93 -22.33
CA SER K 253 2.20 -32.23 -22.38
C SER K 253 3.21 -33.00 -21.53
N SER K 254 4.47 -32.80 -21.89
CA SER K 254 5.68 -33.49 -21.39
C SER K 254 6.80 -32.95 -22.26
N PRO K 255 8.07 -33.07 -21.83
CA PRO K 255 9.15 -32.42 -22.56
C PRO K 255 9.35 -33.06 -23.93
N TYR K 256 8.97 -34.33 -24.07
CA TYR K 256 9.21 -35.14 -25.29
C TYR K 256 8.40 -34.53 -26.43
N LEU K 257 7.22 -34.00 -26.10
CA LEU K 257 6.29 -33.36 -27.05
C LEU K 257 6.89 -32.02 -27.49
N ILE K 258 7.02 -31.09 -26.54
CA ILE K 258 7.66 -29.76 -26.75
C ILE K 258 8.84 -29.99 -27.69
N ALA K 259 9.72 -30.91 -27.27
CA ALA K 259 10.97 -31.26 -27.96
C ALA K 259 10.63 -31.57 -29.42
N PHE K 260 9.76 -32.54 -29.65
CA PHE K 260 9.23 -32.88 -31.00
C PHE K 260 8.91 -31.59 -31.76
N LEU K 261 7.98 -30.78 -31.22
CA LEU K 261 7.52 -29.55 -31.90
C LEU K 261 8.75 -28.75 -32.34
N VAL K 262 9.62 -28.39 -31.40
CA VAL K 262 10.94 -27.74 -31.69
C VAL K 262 11.51 -28.34 -32.98
N ASP K 263 11.62 -29.67 -33.00
CA ASP K 263 12.30 -30.45 -34.05
C ASP K 263 11.50 -30.28 -35.34
N ILE K 264 10.17 -30.22 -35.23
CA ILE K 264 9.29 -29.89 -36.38
C ILE K 264 9.72 -28.51 -36.87
N TYR K 265 9.53 -27.49 -36.03
CA TYR K 265 9.81 -26.10 -36.41
C TYR K 265 11.22 -26.00 -37.00
N GLU K 266 12.22 -26.70 -36.45
CA GLU K 266 13.58 -26.65 -37.03
C GLU K 266 13.56 -27.22 -38.46
N ASP K 267 12.84 -28.31 -38.71
CA ASP K 267 12.75 -28.94 -40.04
C ASP K 267 12.03 -27.96 -40.98
N MET K 268 11.02 -27.24 -40.48
CA MET K 268 10.40 -26.14 -41.24
C MET K 268 11.52 -25.17 -41.67
N LEU K 269 12.29 -24.64 -40.71
CA LEU K 269 13.30 -23.61 -41.00
C LEU K 269 14.31 -24.16 -42.02
N GLU K 270 14.88 -25.37 -41.78
CA GLU K 270 15.98 -25.97 -42.61
C GLU K 270 15.41 -26.35 -43.99
N ASN K 271 14.10 -26.11 -44.27
CA ASN K 271 13.44 -26.32 -45.58
C ASN K 271 12.80 -25.04 -46.14
N GLN K 272 13.52 -23.91 -46.11
CA GLN K 272 13.11 -22.65 -46.78
C GLN K 272 11.59 -22.44 -46.55
N CYS K 273 11.14 -22.38 -45.29
CA CYS K 273 9.70 -22.45 -44.90
C CYS K 273 9.03 -21.06 -44.92
N ASP K 274 7.83 -20.96 -44.31
CA ASP K 274 6.77 -19.95 -44.54
C ASP K 274 6.63 -19.03 -43.31
N ASN K 275 7.24 -17.84 -43.33
CA ASN K 275 7.42 -16.92 -42.18
C ASN K 275 8.56 -17.43 -41.31
N LYS K 276 9.71 -17.73 -41.94
CA LYS K 276 10.96 -18.19 -41.27
C LYS K 276 11.12 -17.39 -39.96
N GLU K 277 11.19 -16.06 -40.10
CA GLU K 277 11.25 -15.06 -38.99
C GLU K 277 10.25 -15.43 -37.88
N ASP K 278 9.01 -15.83 -38.20
CA ASP K 278 7.96 -16.10 -37.19
C ASP K 278 8.20 -17.47 -36.54
N ILE K 279 8.46 -18.52 -37.35
CA ILE K 279 8.54 -19.92 -36.85
C ILE K 279 9.63 -19.99 -35.77
N LEU K 280 10.84 -19.55 -36.13
CA LEU K 280 12.03 -19.44 -35.25
C LEU K 280 11.57 -19.11 -33.82
N ASN K 281 10.70 -18.10 -33.67
CA ASN K 281 10.28 -17.56 -32.36
C ASN K 281 9.41 -18.59 -31.62
N LYS K 282 8.48 -19.29 -32.30
CA LYS K 282 7.65 -20.34 -31.63
C LYS K 282 8.59 -21.43 -31.11
N ALA K 283 9.70 -21.72 -31.82
CA ALA K 283 10.79 -22.65 -31.44
C ALA K 283 11.49 -22.15 -30.16
N LEU K 284 11.99 -20.90 -30.21
CA LEU K 284 12.76 -20.26 -29.11
C LEU K 284 11.84 -20.11 -27.91
N GLU K 285 10.57 -19.70 -28.10
CA GLU K 285 9.56 -19.62 -27.00
C GLU K 285 9.63 -20.98 -26.28
N LEU K 286 9.79 -22.08 -27.05
CA LEU K 286 9.75 -23.48 -26.56
C LEU K 286 11.11 -23.86 -25.95
N CYS K 287 12.20 -23.78 -26.72
CA CYS K 287 13.58 -24.07 -26.20
C CYS K 287 13.72 -23.52 -24.78
N GLU K 288 13.24 -22.30 -24.61
CA GLU K 288 13.25 -21.52 -23.34
C GLU K 288 12.26 -22.14 -22.34
N ILE K 289 11.06 -22.58 -22.77
CA ILE K 289 10.03 -23.25 -21.92
C ILE K 289 10.60 -24.58 -21.42
N LEU K 290 11.33 -25.27 -22.29
CA LEU K 290 12.05 -26.51 -21.91
C LEU K 290 12.94 -26.13 -20.72
N ALA K 291 13.90 -25.24 -20.94
CA ALA K 291 14.93 -24.83 -19.96
C ALA K 291 14.30 -24.23 -18.69
N LYS K 292 13.38 -23.26 -18.86
CA LYS K 292 12.78 -22.46 -17.75
C LYS K 292 11.86 -23.36 -16.92
N GLU K 293 10.96 -24.15 -17.51
CA GLU K 293 10.08 -24.89 -16.56
C GLU K 293 9.67 -26.30 -17.01
N LYS K 294 10.34 -26.94 -17.96
CA LYS K 294 9.87 -28.29 -18.34
C LYS K 294 10.97 -29.33 -18.18
N ASP K 295 12.00 -29.26 -19.00
CA ASP K 295 13.14 -30.21 -18.97
C ASP K 295 14.36 -29.48 -18.39
N THR K 296 14.25 -29.09 -17.13
CA THR K 296 15.08 -28.05 -16.46
C THR K 296 16.52 -28.54 -16.41
N ILE K 297 16.72 -29.76 -15.91
CA ILE K 297 18.02 -30.49 -15.84
C ILE K 297 18.82 -30.33 -17.15
N ARG K 298 18.21 -30.11 -18.31
CA ARG K 298 18.95 -29.80 -19.57
C ARG K 298 18.95 -28.28 -19.84
N LYS K 299 18.81 -27.45 -18.81
CA LYS K 299 18.75 -25.95 -18.92
C LYS K 299 19.74 -25.52 -20.01
N GLU K 300 21.04 -25.72 -19.74
CA GLU K 300 22.20 -25.20 -20.52
C GLU K 300 22.19 -25.81 -21.93
N TYR K 301 21.71 -27.05 -22.10
CA TYR K 301 21.56 -27.73 -23.42
C TYR K 301 20.49 -26.99 -24.24
N TRP K 302 19.30 -26.85 -23.65
CA TRP K 302 18.10 -26.36 -24.37
C TRP K 302 18.33 -24.92 -24.83
N ARG K 303 18.90 -24.07 -23.97
CA ARG K 303 19.31 -22.69 -24.33
C ARG K 303 20.31 -22.69 -25.48
N TYR K 304 21.14 -23.76 -25.58
CA TYR K 304 22.25 -23.90 -26.57
C TYR K 304 21.62 -24.19 -27.93
N ILE K 305 20.49 -24.88 -27.91
CA ILE K 305 19.67 -25.13 -29.12
C ILE K 305 19.14 -23.77 -29.56
N GLY K 306 18.50 -23.03 -28.65
CA GLY K 306 18.06 -21.65 -28.88
C GLY K 306 19.12 -20.87 -29.66
N ARG K 307 20.28 -20.69 -29.03
CA ARG K 307 21.41 -19.97 -29.64
C ARG K 307 21.74 -20.64 -30.99
N SER K 308 21.79 -21.98 -31.03
CA SER K 308 22.12 -22.78 -32.24
C SER K 308 21.17 -22.41 -33.38
N LEU K 309 19.89 -22.16 -33.06
CA LEU K 309 18.83 -21.88 -34.05
C LEU K 309 19.00 -20.44 -34.56
N GLN K 310 19.02 -19.49 -33.63
CA GLN K 310 19.12 -18.03 -33.94
C GLN K 310 20.32 -17.71 -34.85
N SER K 311 21.44 -18.39 -34.69
CA SER K 311 22.64 -18.13 -35.52
C SER K 311 22.44 -18.78 -36.90
N LYS K 312 21.74 -19.93 -37.01
CA LYS K 312 21.56 -20.64 -38.31
C LYS K 312 20.42 -20.02 -39.11
N HIS K 313 19.65 -19.08 -38.53
CA HIS K 313 18.37 -18.56 -39.10
C HIS K 313 18.18 -17.06 -38.80
N SER K 314 19.14 -16.19 -39.16
CA SER K 314 19.06 -14.71 -39.02
C SER K 314 20.18 -14.04 -39.82
N LEU L 1 28.20 -37.70 0.69
CA LEU L 1 28.32 -36.25 0.96
C LEU L 1 29.53 -35.74 0.16
N ASP L 2 30.72 -36.28 0.46
CA ASP L 2 32.05 -35.93 -0.10
C ASP L 2 32.76 -37.23 -0.52
N PHE L 3 33.96 -37.15 -1.10
CA PHE L 3 34.55 -38.20 -1.98
C PHE L 3 35.78 -38.84 -1.32
N LEU L 4 35.63 -40.05 -0.78
CA LEU L 4 36.50 -40.65 0.28
C LEU L 4 37.86 -41.08 -0.30
N ARG L 5 38.56 -40.13 -0.93
CA ARG L 5 39.73 -40.30 -1.84
C ARG L 5 40.65 -41.42 -1.36
N ASP L 6 40.93 -41.45 -0.05
CA ASP L 6 41.89 -42.40 0.60
C ASP L 6 41.34 -43.84 0.53
N ARG L 7 40.14 -44.01 1.10
CA ARG L 7 39.36 -45.28 1.12
C ARG L 7 39.49 -45.99 -0.24
N HIS L 8 39.27 -45.22 -1.30
CA HIS L 8 39.28 -45.66 -2.71
C HIS L 8 40.68 -46.10 -3.14
N VAL L 9 41.74 -45.57 -2.51
CA VAL L 9 43.12 -45.92 -2.95
C VAL L 9 43.41 -47.31 -2.39
N ARG L 10 43.03 -47.56 -1.14
CA ARG L 10 43.27 -48.88 -0.49
C ARG L 10 42.29 -49.87 -1.10
N PHE L 11 41.05 -49.45 -1.39
CA PHE L 11 40.08 -50.30 -2.12
C PHE L 11 40.71 -50.78 -3.45
N PHE L 12 41.35 -49.91 -4.23
CA PHE L 12 41.97 -50.31 -5.52
C PHE L 12 43.15 -51.24 -5.21
N GLN L 13 43.78 -51.11 -4.04
CA GLN L 13 44.98 -51.92 -3.71
C GLN L 13 44.52 -53.37 -3.57
N ARG L 14 43.46 -53.59 -2.78
CA ARG L 14 42.96 -54.96 -2.45
C ARG L 14 42.63 -55.71 -3.74
N CYS L 15 42.07 -55.03 -4.74
CA CYS L 15 41.76 -55.57 -6.09
C CYS L 15 43.04 -56.14 -6.75
N LEU L 16 44.22 -55.61 -6.42
CA LEU L 16 45.53 -56.08 -6.97
C LEU L 16 46.02 -57.30 -6.18
N GLN L 17 45.75 -57.33 -4.86
CA GLN L 17 46.16 -58.44 -3.97
C GLN L 17 45.27 -59.66 -4.26
N VAL L 18 44.56 -60.16 -3.25
CA VAL L 18 44.15 -61.59 -3.23
C VAL L 18 42.67 -61.68 -2.85
N LEU L 19 41.86 -62.27 -3.74
CA LEU L 19 40.37 -62.19 -3.68
C LEU L 19 39.83 -63.54 -3.23
N PRO L 20 38.68 -63.56 -2.50
CA PRO L 20 37.98 -64.80 -2.16
C PRO L 20 37.69 -65.69 -3.37
N GLU L 21 37.41 -66.97 -3.12
CA GLU L 21 37.02 -67.91 -4.20
C GLU L 21 35.72 -67.38 -4.85
N ARG L 22 34.97 -66.49 -4.18
CA ARG L 22 33.63 -66.06 -4.67
C ARG L 22 33.77 -65.16 -5.92
N TYR L 23 34.99 -64.83 -6.36
CA TYR L 23 35.25 -63.96 -7.54
C TYR L 23 35.82 -64.80 -8.68
N SER L 24 35.64 -66.12 -8.61
CA SER L 24 36.24 -67.12 -9.53
C SER L 24 35.97 -66.72 -10.98
N SER L 25 34.75 -66.24 -11.22
CA SER L 25 34.23 -65.92 -12.57
C SER L 25 34.99 -64.76 -13.21
N LEU L 26 35.81 -64.02 -12.45
CA LEU L 26 36.66 -62.94 -13.01
C LEU L 26 38.04 -63.46 -13.42
N GLU L 27 38.26 -64.78 -13.41
CA GLU L 27 39.61 -65.38 -13.59
C GLU L 27 40.07 -65.15 -15.05
N THR L 28 39.25 -65.49 -16.06
CA THR L 28 39.67 -65.53 -17.50
C THR L 28 39.88 -64.11 -18.02
N SER L 29 39.82 -63.14 -17.10
CA SER L 29 39.75 -61.69 -17.36
C SER L 29 40.25 -60.89 -16.15
N ARG L 30 41.27 -61.39 -15.44
CA ARG L 30 41.88 -60.70 -14.27
C ARG L 30 42.59 -59.43 -14.75
N LEU L 31 43.28 -59.54 -15.90
CA LEU L 31 44.08 -58.44 -16.51
C LEU L 31 43.25 -57.16 -16.50
N THR L 32 41.93 -57.24 -16.70
CA THR L 32 41.03 -56.03 -16.71
C THR L 32 40.75 -55.56 -15.28
N ILE L 33 40.65 -56.47 -14.31
CA ILE L 33 40.42 -56.03 -12.91
C ILE L 33 41.68 -55.29 -12.48
N ALA L 34 42.82 -55.59 -13.12
CA ALA L 34 44.09 -54.85 -12.95
C ALA L 34 43.92 -53.39 -13.43
N PHE L 35 43.75 -53.22 -14.74
CA PHE L 35 43.52 -51.90 -15.40
C PHE L 35 42.60 -51.05 -14.49
N PHE L 36 41.42 -51.56 -14.13
CA PHE L 36 40.39 -50.78 -13.39
C PHE L 36 41.02 -50.25 -12.09
N ALA L 37 41.86 -51.05 -11.46
CA ALA L 37 42.47 -50.71 -10.16
C ALA L 37 43.65 -49.75 -10.37
N LEU L 38 44.50 -50.05 -11.36
CA LEU L 38 45.74 -49.32 -11.70
C LEU L 38 45.44 -47.94 -12.30
N SER L 39 44.69 -47.90 -13.40
CA SER L 39 44.19 -46.62 -13.97
C SER L 39 43.37 -45.91 -12.88
N GLY L 40 42.61 -46.66 -12.09
CA GLY L 40 41.91 -46.13 -10.90
C GLY L 40 42.86 -45.43 -9.95
N LEU L 41 44.04 -46.00 -9.72
CA LEU L 41 45.07 -45.37 -8.86
C LEU L 41 45.68 -44.20 -9.63
N ASP L 42 46.27 -44.45 -10.81
CA ASP L 42 46.76 -43.44 -11.78
C ASP L 42 45.91 -42.16 -11.72
N MET L 43 44.58 -42.29 -11.81
CA MET L 43 43.58 -41.20 -11.75
C MET L 43 43.53 -40.60 -10.32
N LEU L 44 43.95 -41.34 -9.29
CA LEU L 44 44.10 -40.79 -7.92
C LEU L 44 45.57 -40.41 -7.61
N ASP L 45 46.44 -40.42 -8.63
CA ASP L 45 47.92 -40.26 -8.55
C ASP L 45 48.47 -41.01 -7.32
N SER L 46 48.36 -42.34 -7.30
CA SER L 46 48.83 -43.22 -6.20
C SER L 46 49.40 -44.51 -6.77
N LEU L 47 50.05 -44.46 -7.95
CA LEU L 47 50.87 -45.59 -8.45
C LEU L 47 52.17 -45.74 -7.64
N ASP L 48 52.40 -44.85 -6.66
CA ASP L 48 53.45 -45.02 -5.61
C ASP L 48 53.13 -46.33 -4.84
N VAL L 49 51.85 -46.57 -4.49
CA VAL L 49 51.44 -47.65 -3.53
C VAL L 49 51.33 -49.01 -4.26
N VAL L 50 52.09 -49.26 -5.33
CA VAL L 50 52.24 -50.61 -5.95
C VAL L 50 53.64 -50.78 -6.54
N ASN L 51 54.11 -52.02 -6.48
CA ASN L 51 55.42 -52.44 -7.02
C ASN L 51 55.30 -52.56 -8.54
N LYS L 52 55.78 -51.54 -9.26
CA LYS L 52 55.51 -51.36 -10.71
C LYS L 52 56.14 -52.50 -11.53
N ASP L 53 57.40 -52.83 -11.23
CA ASP L 53 58.25 -53.69 -12.12
C ASP L 53 57.74 -55.14 -12.02
N ASP L 54 57.33 -55.54 -10.81
CA ASP L 54 56.58 -56.79 -10.51
C ASP L 54 55.45 -56.89 -11.55
N ILE L 55 54.47 -55.99 -11.41
CA ILE L 55 53.22 -56.02 -12.22
C ILE L 55 53.62 -56.09 -13.70
N ILE L 56 54.64 -55.35 -14.15
CA ILE L 56 55.04 -55.32 -15.61
C ILE L 56 55.50 -56.72 -16.06
N GLU L 57 56.15 -57.50 -15.18
CA GLU L 57 56.56 -58.90 -15.50
C GLU L 57 55.26 -59.70 -15.68
N TRP L 58 54.48 -59.85 -14.61
CA TRP L 58 53.17 -60.55 -14.62
C TRP L 58 52.46 -60.29 -15.95
N ILE L 59 52.36 -59.02 -16.36
CA ILE L 59 51.63 -58.62 -17.59
C ILE L 59 52.36 -59.29 -18.76
N TYR L 60 53.67 -59.13 -18.82
CA TYR L 60 54.45 -59.56 -20.01
C TYR L 60 54.40 -61.09 -20.09
N SER L 61 54.27 -61.76 -18.92
CA SER L 61 54.05 -63.23 -18.79
C SER L 61 52.77 -63.62 -19.54
N LEU L 62 51.80 -62.70 -19.62
CA LEU L 62 50.47 -62.93 -20.24
C LEU L 62 50.53 -62.73 -21.75
N GLN L 63 51.61 -62.16 -22.29
CA GLN L 63 51.75 -61.99 -23.77
C GLN L 63 51.88 -63.36 -24.45
N VAL L 64 50.93 -63.66 -25.34
CA VAL L 64 51.13 -64.69 -26.38
C VAL L 64 52.16 -64.15 -27.37
N LEU L 65 53.32 -64.82 -27.41
CA LEU L 65 54.41 -64.53 -28.36
C LEU L 65 54.33 -65.54 -29.49
N PRO L 66 55.08 -65.34 -30.59
CA PRO L 66 55.07 -66.28 -31.70
C PRO L 66 56.17 -67.35 -31.56
N THR L 67 55.94 -68.51 -32.17
CA THR L 67 56.78 -69.72 -32.00
C THR L 67 58.10 -69.56 -32.78
N GLU L 68 59.00 -70.54 -32.62
CA GLU L 68 60.15 -70.77 -33.52
C GLU L 68 59.67 -70.42 -34.93
N ASP L 69 58.67 -71.15 -35.42
CA ASP L 69 58.26 -71.18 -36.86
C ASP L 69 57.28 -70.04 -37.22
N ARG L 70 56.81 -69.25 -36.25
CA ARG L 70 55.92 -68.08 -36.48
C ARG L 70 54.66 -68.50 -37.26
N SER L 71 54.05 -69.64 -36.90
CA SER L 71 52.82 -70.19 -37.56
C SER L 71 51.58 -69.56 -36.94
N ASN L 72 51.55 -69.53 -35.62
CA ASN L 72 50.36 -69.17 -34.81
C ASN L 72 49.94 -67.72 -35.10
N LEU L 73 50.87 -66.84 -35.51
CA LEU L 73 50.69 -65.36 -35.63
C LEU L 73 49.26 -64.92 -35.28
N ASP L 74 48.25 -65.38 -36.06
CA ASP L 74 46.78 -65.15 -35.88
C ASP L 74 46.35 -65.09 -34.41
N ARG L 75 47.06 -65.81 -33.54
CA ARG L 75 46.55 -66.22 -32.21
C ARG L 75 47.30 -65.44 -31.13
N CYS L 76 48.10 -64.46 -31.53
CA CYS L 76 48.91 -63.61 -30.60
C CYS L 76 48.07 -62.45 -30.07
N GLY L 77 48.58 -61.85 -28.99
CA GLY L 77 47.91 -60.80 -28.18
C GLY L 77 48.29 -60.93 -26.71
N PHE L 78 47.32 -60.77 -25.80
CA PHE L 78 47.47 -61.11 -24.36
C PHE L 78 46.38 -62.11 -23.93
N ARG L 79 46.72 -62.96 -22.95
CA ARG L 79 45.79 -63.76 -22.13
C ARG L 79 45.26 -62.90 -20.98
N GLY L 80 44.07 -63.23 -20.45
CA GLY L 80 43.47 -62.61 -19.26
C GLY L 80 44.17 -63.00 -17.96
N SER L 81 44.71 -64.24 -17.90
CA SER L 81 45.50 -64.87 -16.80
C SER L 81 46.19 -66.18 -17.26
N SER L 82 46.82 -66.89 -16.31
CA SER L 82 47.63 -68.11 -16.57
C SER L 82 46.81 -69.39 -16.31
N TYR L 83 45.50 -69.27 -16.16
CA TYR L 83 44.51 -70.38 -16.00
C TYR L 83 44.66 -71.43 -17.13
N LEU L 84 45.57 -71.22 -18.08
CA LEU L 84 45.87 -72.21 -19.16
C LEU L 84 47.08 -73.05 -18.74
N GLY L 85 47.71 -72.68 -17.61
CA GLY L 85 48.86 -73.37 -16.97
C GLY L 85 50.13 -73.35 -17.80
N ILE L 86 50.37 -72.29 -18.58
CA ILE L 86 51.64 -72.16 -19.35
C ILE L 86 52.69 -71.66 -18.36
N PRO L 87 53.93 -72.20 -18.44
CA PRO L 87 55.02 -71.79 -17.54
C PRO L 87 55.41 -70.29 -17.58
N PHE L 88 55.27 -69.60 -16.44
CA PHE L 88 55.51 -68.14 -16.22
C PHE L 88 56.77 -67.64 -16.94
N ASN L 89 56.62 -67.08 -18.14
CA ASN L 89 57.71 -66.61 -19.04
C ASN L 89 57.52 -65.12 -19.31
N PRO L 90 57.97 -64.18 -18.43
CA PRO L 90 57.77 -62.75 -18.65
C PRO L 90 58.57 -62.31 -19.89
N SER L 91 58.02 -62.60 -21.07
CA SER L 91 58.56 -62.31 -22.43
C SER L 91 60.08 -62.59 -22.51
N LYS L 92 60.62 -63.45 -21.63
CA LYS L 92 62.06 -63.87 -21.64
C LYS L 92 62.24 -64.78 -22.88
N ASN L 93 62.13 -66.11 -22.74
CA ASN L 93 62.13 -67.08 -23.87
C ASN L 93 60.95 -66.74 -24.81
N PRO L 94 61.03 -67.07 -26.14
CA PRO L 94 59.93 -66.86 -27.08
C PRO L 94 58.77 -67.87 -26.97
N GLY L 95 58.10 -68.21 -28.09
CA GLY L 95 56.75 -68.81 -28.12
C GLY L 95 56.71 -70.28 -27.72
N THR L 96 56.20 -70.57 -26.51
CA THR L 96 56.00 -71.94 -25.93
C THR L 96 54.64 -72.48 -26.43
N ALA L 97 54.67 -73.36 -27.45
CA ALA L 97 53.51 -73.84 -28.27
C ALA L 97 52.43 -74.46 -27.37
N HIS L 98 51.19 -74.58 -27.86
CA HIS L 98 50.00 -75.00 -27.07
C HIS L 98 48.75 -74.97 -27.95
N PRO L 99 47.97 -76.06 -28.06
CA PRO L 99 46.84 -76.08 -28.98
C PRO L 99 45.75 -75.02 -28.77
N TYR L 100 45.59 -74.48 -27.56
CA TYR L 100 44.43 -73.62 -27.19
C TYR L 100 44.85 -72.31 -26.54
N ASP L 101 46.12 -71.94 -26.65
CA ASP L 101 46.61 -70.65 -26.10
C ASP L 101 46.44 -69.57 -27.17
N SER L 102 45.72 -68.50 -26.86
CA SER L 102 45.46 -67.38 -27.80
C SER L 102 45.30 -66.06 -27.06
N GLY L 103 45.01 -64.99 -27.80
CA GLY L 103 45.02 -63.60 -27.30
C GLY L 103 43.67 -62.94 -27.44
N HIS L 104 43.04 -62.70 -26.30
CA HIS L 104 41.69 -62.09 -26.14
C HIS L 104 41.81 -60.58 -26.16
N ILE L 105 40.99 -59.94 -26.99
CA ILE L 105 41.20 -58.56 -27.50
C ILE L 105 41.03 -57.54 -26.35
N ALA L 106 40.15 -57.78 -25.39
CA ALA L 106 39.98 -56.84 -24.25
C ALA L 106 41.24 -56.88 -23.39
N MET L 107 41.95 -58.01 -23.44
CA MET L 107 43.17 -58.27 -22.64
C MET L 107 44.37 -57.66 -23.36
N THR L 108 44.51 -57.93 -24.67
CA THR L 108 45.44 -57.20 -25.58
C THR L 108 45.34 -55.68 -25.26
N TYR L 109 44.13 -55.09 -25.26
CA TYR L 109 43.84 -53.68 -24.84
C TYR L 109 44.30 -53.50 -23.37
N THR L 110 43.53 -53.91 -22.36
CA THR L 110 43.85 -53.59 -20.94
C THR L 110 45.31 -53.90 -20.61
N GLY L 111 45.92 -54.87 -21.30
CA GLY L 111 47.36 -55.16 -21.24
C GLY L 111 48.17 -53.92 -21.57
N LEU L 112 48.33 -53.62 -22.87
CA LEU L 112 49.04 -52.44 -23.43
C LEU L 112 48.71 -51.18 -22.60
N SER L 113 47.42 -50.89 -22.39
CA SER L 113 46.89 -49.80 -21.52
C SER L 113 47.58 -49.92 -20.14
N CYS L 114 47.58 -51.13 -19.56
CA CYS L 114 48.10 -51.38 -18.20
C CYS L 114 49.60 -51.05 -18.18
N LEU L 115 50.36 -51.58 -19.14
CA LEU L 115 51.84 -51.37 -19.23
C LEU L 115 52.16 -49.87 -19.13
N ILE L 116 51.59 -49.09 -20.05
CA ILE L 116 51.82 -47.63 -20.20
C ILE L 116 51.44 -46.88 -18.91
N ILE L 117 50.32 -47.22 -18.26
CA ILE L 117 49.88 -46.60 -16.97
C ILE L 117 51.01 -46.75 -15.94
N LEU L 118 51.84 -47.80 -16.07
CA LEU L 118 52.91 -48.16 -15.09
C LEU L 118 54.26 -47.61 -15.56
N GLY L 119 54.30 -47.11 -16.79
CA GLY L 119 55.49 -46.49 -17.38
C GLY L 119 56.45 -47.56 -17.86
N ASP L 120 55.94 -48.62 -18.48
CA ASP L 120 56.75 -49.45 -19.40
C ASP L 120 56.84 -48.66 -20.72
N ASP L 121 57.75 -49.08 -21.59
CA ASP L 121 58.01 -48.43 -22.90
C ASP L 121 57.43 -49.30 -24.02
N LEU L 122 56.87 -50.47 -23.71
CA LEU L 122 56.24 -51.38 -24.72
C LEU L 122 57.28 -51.86 -25.73
N SER L 123 58.55 -51.97 -25.32
CA SER L 123 59.67 -52.47 -26.16
C SER L 123 59.56 -53.99 -26.29
N ARG L 124 59.17 -54.63 -25.17
CA ARG L 124 59.03 -56.10 -25.00
C ARG L 124 57.74 -56.61 -25.63
N VAL L 125 56.83 -55.70 -26.03
CA VAL L 125 55.58 -56.07 -26.76
C VAL L 125 55.95 -56.41 -28.20
N ASP L 126 55.66 -57.62 -28.68
CA ASP L 126 55.87 -57.93 -30.11
C ASP L 126 54.75 -57.22 -30.89
N LYS L 127 54.94 -55.91 -31.15
CA LYS L 127 53.96 -55.04 -31.88
C LYS L 127 53.48 -55.82 -33.10
N GLU L 128 54.41 -56.14 -34.01
CA GLU L 128 54.09 -56.74 -35.32
C GLU L 128 53.13 -57.93 -35.13
N ALA L 129 53.29 -58.75 -34.08
CA ALA L 129 52.51 -59.98 -33.84
C ALA L 129 51.07 -59.63 -33.43
N CYS L 130 50.92 -58.85 -32.34
CA CYS L 130 49.63 -58.34 -31.79
C CYS L 130 48.72 -57.93 -32.94
N LEU L 131 49.28 -57.09 -33.83
CA LEU L 131 48.59 -56.40 -34.95
C LEU L 131 48.16 -57.40 -36.03
N ALA L 132 48.89 -58.50 -36.22
CA ALA L 132 48.52 -59.58 -37.17
C ALA L 132 47.38 -60.41 -36.56
N GLY L 133 47.34 -60.47 -35.22
CA GLY L 133 46.25 -61.13 -34.46
C GLY L 133 44.99 -60.29 -34.50
N LEU L 134 45.14 -59.01 -34.20
CA LEU L 134 44.01 -58.07 -34.24
C LEU L 134 43.30 -58.22 -35.59
N ARG L 135 44.03 -58.03 -36.70
CA ARG L 135 43.48 -58.16 -38.08
C ARG L 135 42.72 -59.48 -38.21
N ALA L 136 43.27 -60.58 -37.66
CA ALA L 136 42.61 -61.91 -37.72
C ALA L 136 41.19 -61.82 -37.16
N LEU L 137 40.99 -61.07 -36.06
CA LEU L 137 39.76 -61.02 -35.20
C LEU L 137 38.56 -60.36 -35.93
N GLN L 138 38.79 -59.29 -36.71
CA GLN L 138 37.75 -58.51 -37.43
C GLN L 138 37.06 -59.39 -38.49
N LEU L 139 35.79 -59.14 -38.81
CA LEU L 139 34.93 -60.03 -39.65
C LEU L 139 34.52 -59.25 -40.91
N GLU L 140 33.78 -59.88 -41.84
CA GLU L 140 33.35 -59.22 -43.10
C GLU L 140 32.63 -57.92 -42.72
N ASP L 141 31.80 -57.98 -41.67
CA ASP L 141 30.86 -56.89 -41.33
C ASP L 141 31.58 -55.74 -40.63
N GLY L 142 32.88 -55.90 -40.32
CA GLY L 142 33.73 -54.80 -39.81
C GLY L 142 33.90 -54.84 -38.30
N SER L 143 33.03 -55.56 -37.58
CA SER L 143 33.11 -55.78 -36.11
C SER L 143 34.20 -56.82 -35.78
N PHE L 144 34.47 -57.03 -34.50
CA PHE L 144 35.59 -57.87 -34.00
C PHE L 144 35.05 -58.94 -33.06
N CYS L 145 35.64 -60.14 -33.11
CA CYS L 145 35.58 -61.12 -31.99
C CYS L 145 36.62 -60.75 -30.95
N ALA L 146 36.64 -61.44 -29.81
CA ALA L 146 37.70 -61.25 -28.78
C ALA L 146 38.84 -62.25 -28.99
N VAL L 147 38.52 -63.53 -29.30
CA VAL L 147 39.53 -64.60 -29.58
C VAL L 147 39.27 -65.22 -30.95
N PRO L 148 40.34 -65.65 -31.64
CA PRO L 148 40.24 -66.27 -32.97
C PRO L 148 39.44 -67.57 -33.02
N GLU L 149 39.39 -68.30 -31.90
CA GLU L 149 38.65 -69.58 -31.76
C GLU L 149 37.16 -69.38 -32.12
N GLY L 150 36.67 -68.13 -32.13
CA GLY L 150 35.25 -67.76 -32.20
C GLY L 150 34.84 -67.08 -30.90
N SER L 151 33.74 -66.32 -30.91
CA SER L 151 33.22 -65.56 -29.75
C SER L 151 32.09 -64.63 -30.21
N GLU L 152 31.45 -63.95 -29.26
CA GLU L 152 30.55 -62.81 -29.56
C GLU L 152 31.39 -61.74 -30.29
N ASN L 153 30.78 -61.05 -31.24
CA ASN L 153 31.35 -59.91 -32.01
C ASN L 153 30.47 -58.67 -31.75
N ASP L 154 31.04 -57.49 -31.52
CA ASP L 154 30.22 -56.27 -31.24
C ASP L 154 31.08 -55.10 -30.75
N MET L 155 30.43 -53.94 -30.57
CA MET L 155 31.04 -52.59 -30.59
C MET L 155 32.22 -52.51 -29.60
N ARG L 156 32.14 -53.20 -28.46
CA ARG L 156 33.21 -53.13 -27.41
C ARG L 156 34.53 -53.57 -28.03
N PHE L 157 34.50 -54.52 -28.95
CA PHE L 157 35.73 -55.10 -29.53
C PHE L 157 36.25 -54.14 -30.62
N VAL L 158 35.35 -53.38 -31.24
CA VAL L 158 35.74 -52.32 -32.20
C VAL L 158 36.47 -51.22 -31.44
N TYR L 159 36.06 -50.92 -30.22
CA TYR L 159 36.75 -49.93 -29.37
C TYR L 159 38.11 -50.46 -29.00
N CYS L 160 38.16 -51.75 -28.68
CA CYS L 160 39.39 -52.43 -28.21
C CYS L 160 40.36 -52.38 -29.39
N ALA L 161 39.89 -52.79 -30.57
CA ALA L 161 40.66 -52.71 -31.84
C ALA L 161 41.24 -51.29 -31.95
N SER L 162 40.39 -50.30 -31.70
CA SER L 162 40.75 -48.85 -31.78
C SER L 162 41.86 -48.55 -30.77
N CYS L 163 41.64 -48.78 -29.47
CA CYS L 163 42.63 -48.49 -28.39
C CYS L 163 43.97 -49.16 -28.68
N ILE L 164 43.97 -50.41 -29.17
CA ILE L 164 45.21 -51.16 -29.52
C ILE L 164 45.92 -50.41 -30.67
N CYS L 165 45.29 -50.42 -31.86
CA CYS L 165 45.82 -49.78 -33.09
C CYS L 165 46.36 -48.39 -32.77
N TYR L 166 45.81 -47.70 -31.78
CA TYR L 166 46.23 -46.33 -31.38
C TYR L 166 47.48 -46.37 -30.49
N MET L 167 47.54 -47.28 -29.53
CA MET L 167 48.68 -47.38 -28.58
C MET L 167 49.90 -47.97 -29.33
N LEU L 168 49.67 -48.97 -30.18
CA LEU L 168 50.69 -49.48 -31.15
C LEU L 168 50.95 -48.41 -32.23
N ASN L 169 50.34 -47.25 -32.07
CA ASN L 169 50.32 -46.14 -33.05
C ASN L 169 50.33 -46.69 -34.49
N ASN L 170 49.54 -47.72 -34.77
CA ASN L 170 49.52 -48.41 -36.09
C ASN L 170 48.13 -49.02 -36.38
N TRP L 171 47.40 -48.43 -37.32
CA TRP L 171 46.04 -48.85 -37.75
C TRP L 171 46.15 -49.88 -38.89
N SER L 172 47.29 -50.57 -38.95
CA SER L 172 47.47 -51.84 -39.72
C SER L 172 46.52 -52.89 -39.14
N GLY L 173 46.36 -52.84 -37.81
CA GLY L 173 45.60 -53.81 -36.99
C GLY L 173 44.15 -53.99 -37.41
N MET L 174 43.55 -53.03 -38.13
CA MET L 174 42.17 -53.17 -38.66
C MET L 174 42.09 -52.81 -40.14
N ASP L 175 40.88 -53.01 -40.70
CA ASP L 175 40.35 -52.42 -41.95
C ASP L 175 39.44 -51.25 -41.53
N MET L 176 40.00 -50.05 -41.44
CA MET L 176 39.32 -48.89 -40.80
C MET L 176 38.00 -48.58 -41.52
N LYS L 177 37.92 -48.81 -42.83
CA LYS L 177 36.70 -48.52 -43.61
C LYS L 177 35.58 -49.41 -43.06
N LYS L 178 35.85 -50.71 -42.93
CA LYS L 178 34.83 -51.72 -42.61
C LYS L 178 34.54 -51.64 -41.11
N ALA L 179 35.48 -51.19 -40.29
CA ALA L 179 35.23 -50.81 -38.88
C ALA L 179 34.22 -49.64 -38.85
N ILE L 180 34.44 -48.62 -39.67
CA ILE L 180 33.54 -47.43 -39.75
C ILE L 180 32.19 -47.86 -40.31
N SER L 181 32.16 -48.65 -41.38
CA SER L 181 30.89 -49.19 -41.92
C SER L 181 30.08 -49.85 -40.80
N TYR L 182 30.74 -50.43 -39.80
CA TYR L 182 30.01 -51.15 -38.72
C TYR L 182 29.40 -50.12 -37.77
N ILE L 183 30.20 -49.14 -37.39
CA ILE L 183 29.81 -48.04 -36.46
C ILE L 183 28.58 -47.34 -37.04
N ARG L 184 28.60 -47.04 -38.33
CA ARG L 184 27.45 -46.41 -39.01
C ARG L 184 26.29 -47.41 -38.97
N ARG L 185 26.51 -48.63 -39.49
CA ARG L 185 25.45 -49.68 -39.63
C ARG L 185 24.67 -49.68 -38.29
N SER L 186 25.38 -49.42 -37.16
CA SER L 186 24.90 -49.57 -35.74
C SER L 186 24.05 -48.40 -35.23
N MET L 187 23.97 -47.26 -35.93
CA MET L 187 23.07 -46.15 -35.50
C MET L 187 21.64 -46.69 -35.55
N SER L 188 20.85 -46.44 -34.50
CA SER L 188 19.43 -46.84 -34.37
C SER L 188 18.53 -45.71 -34.87
N TYR L 189 17.21 -45.92 -34.85
CA TYR L 189 16.12 -44.96 -35.21
C TYR L 189 16.15 -43.81 -34.20
N ASP L 190 16.54 -44.09 -32.94
CA ASP L 190 16.57 -43.08 -31.85
C ASP L 190 17.92 -42.38 -31.86
N ASN L 191 18.75 -42.60 -32.88
CA ASN L 191 19.96 -41.78 -33.15
C ASN L 191 21.10 -42.09 -32.15
N GLY L 192 20.82 -42.90 -31.11
CA GLY L 192 21.85 -43.59 -30.30
C GLY L 192 22.56 -44.66 -31.14
N LEU L 193 23.76 -45.04 -30.75
CA LEU L 193 24.44 -46.22 -31.34
C LEU L 193 24.11 -47.43 -30.48
N ALA L 194 24.33 -48.62 -31.03
CA ALA L 194 23.95 -49.91 -30.43
C ALA L 194 25.08 -50.91 -30.64
N GLN L 195 25.14 -51.94 -29.80
CA GLN L 195 26.14 -53.05 -29.87
C GLN L 195 26.39 -53.46 -31.33
N GLY L 196 25.33 -53.43 -32.14
CA GLY L 196 25.40 -53.74 -33.58
C GLY L 196 24.14 -53.32 -34.29
N ALA L 197 24.24 -53.19 -35.63
CA ALA L 197 23.11 -52.80 -36.50
C ALA L 197 21.88 -53.62 -36.13
N GLY L 198 20.74 -52.94 -35.92
CA GLY L 198 19.43 -53.53 -35.56
C GLY L 198 19.09 -53.35 -34.09
N LEU L 199 20.06 -53.60 -33.22
CA LEU L 199 19.86 -53.76 -31.75
C LEU L 199 19.50 -52.42 -31.09
N GLU L 200 19.19 -52.47 -29.78
CA GLU L 200 18.85 -51.31 -28.93
C GLU L 200 20.08 -50.40 -28.81
N SER L 201 19.89 -49.10 -29.05
CA SER L 201 20.85 -48.00 -28.73
C SER L 201 21.21 -48.15 -27.27
N HIS L 202 22.49 -47.95 -26.91
CA HIS L 202 23.03 -48.24 -25.55
C HIS L 202 24.18 -47.30 -25.24
N GLY L 203 24.29 -46.87 -24.00
CA GLY L 203 25.16 -45.76 -23.60
C GLY L 203 26.61 -46.08 -23.87
N GLY L 204 26.95 -47.34 -23.61
CA GLY L 204 28.30 -47.93 -23.71
C GLY L 204 28.66 -48.28 -25.13
N SER L 205 27.70 -48.80 -25.91
CA SER L 205 27.85 -49.00 -27.37
C SER L 205 28.17 -47.66 -28.02
N THR L 206 27.23 -46.71 -27.89
CA THR L 206 27.40 -45.28 -28.26
C THR L 206 28.85 -44.84 -27.96
N PHE L 207 29.29 -44.90 -26.70
CA PHE L 207 30.66 -44.46 -26.29
C PHE L 207 31.70 -45.14 -27.18
N CYS L 208 31.58 -46.46 -27.31
CA CYS L 208 32.57 -47.31 -28.02
C CYS L 208 32.69 -46.80 -29.45
N GLY L 209 31.58 -46.79 -30.18
CA GLY L 209 31.52 -46.32 -31.58
C GLY L 209 32.03 -44.90 -31.74
N ILE L 210 31.65 -43.98 -30.86
CA ILE L 210 32.02 -42.55 -31.01
C ILE L 210 33.54 -42.46 -30.81
N ALA L 211 34.03 -42.96 -29.68
CA ALA L 211 35.45 -42.84 -29.27
C ALA L 211 36.34 -43.76 -30.13
N SER L 212 35.81 -44.78 -30.80
CA SER L 212 36.56 -45.52 -31.85
C SER L 212 36.91 -44.52 -32.96
N LEU L 213 35.88 -43.86 -33.51
CA LEU L 213 36.02 -42.78 -34.52
C LEU L 213 36.97 -41.72 -33.98
N CYS L 214 36.68 -41.11 -32.81
CA CYS L 214 37.52 -40.06 -32.19
C CYS L 214 39.02 -40.45 -32.30
N LEU L 215 39.39 -41.66 -31.84
CA LEU L 215 40.78 -42.20 -31.89
C LEU L 215 41.27 -42.29 -33.33
N MET L 216 40.39 -42.65 -34.28
CA MET L 216 40.69 -42.71 -35.74
C MET L 216 40.78 -41.29 -36.32
N GLY L 217 40.46 -40.25 -35.54
CA GLY L 217 40.31 -38.83 -35.95
C GLY L 217 39.42 -38.67 -37.17
N LYS L 218 38.22 -39.26 -37.14
CA LYS L 218 37.31 -39.38 -38.31
C LYS L 218 35.87 -39.20 -37.85
N LEU L 219 35.66 -38.57 -36.70
CA LEU L 219 34.30 -38.34 -36.12
C LEU L 219 33.54 -37.48 -37.11
N GLU L 220 34.09 -36.28 -37.32
CA GLU L 220 33.62 -35.17 -38.19
C GLU L 220 33.33 -35.71 -39.58
N GLU L 221 34.16 -36.64 -40.05
CA GLU L 221 34.11 -37.18 -41.43
C GLU L 221 32.95 -38.16 -41.55
N VAL L 222 32.76 -39.05 -40.57
CA VAL L 222 31.87 -40.23 -40.71
C VAL L 222 30.42 -39.80 -40.49
N PHE L 223 30.13 -38.97 -39.47
CA PHE L 223 28.77 -38.42 -39.18
C PHE L 223 28.64 -36.94 -39.61
N SER L 224 27.60 -36.66 -40.40
CA SER L 224 27.11 -35.31 -40.79
C SER L 224 26.68 -34.54 -39.54
N GLU L 225 26.87 -33.22 -39.54
CA GLU L 225 26.48 -32.35 -38.41
C GLU L 225 25.06 -32.68 -37.95
N LYS L 226 24.11 -33.01 -38.85
CA LYS L 226 22.70 -33.34 -38.47
C LYS L 226 22.78 -34.56 -37.55
N GLU L 227 23.42 -35.62 -38.03
CA GLU L 227 23.53 -36.93 -37.32
C GLU L 227 24.20 -36.71 -35.96
N LEU L 228 25.21 -35.85 -35.89
CA LEU L 228 25.94 -35.56 -34.63
C LEU L 228 25.00 -34.81 -33.68
N ASN L 229 24.27 -33.83 -34.20
CA ASN L 229 23.24 -33.10 -33.39
C ASN L 229 22.30 -34.13 -32.78
N ARG L 230 21.86 -35.12 -33.58
CA ARG L 230 20.86 -36.12 -33.14
C ARG L 230 21.47 -37.02 -32.06
N ILE L 231 22.71 -37.47 -32.28
CA ILE L 231 23.49 -38.35 -31.34
C ILE L 231 23.61 -37.59 -30.02
N LYS L 232 24.05 -36.33 -30.13
CA LYS L 232 24.13 -35.38 -28.98
C LYS L 232 22.82 -35.44 -28.18
N ARG L 233 21.67 -35.28 -28.84
CA ARG L 233 20.37 -35.32 -28.12
C ARG L 233 20.29 -36.64 -27.37
N TRP L 234 20.47 -37.75 -28.08
CA TRP L 234 20.25 -39.11 -27.51
C TRP L 234 21.08 -39.24 -26.23
N CYS L 235 22.34 -38.81 -26.32
CA CYS L 235 23.33 -38.84 -25.21
C CYS L 235 22.85 -37.95 -24.06
N ILE L 236 22.65 -36.65 -24.29
CA ILE L 236 22.26 -35.72 -23.19
C ILE L 236 20.94 -36.21 -22.56
N MET L 237 20.01 -36.72 -23.36
CA MET L 237 18.72 -37.19 -22.83
C MET L 237 18.89 -38.34 -21.82
N ARG L 238 20.09 -38.88 -21.67
CA ARG L 238 20.33 -40.05 -20.79
C ARG L 238 20.37 -39.59 -19.33
N GLN L 239 20.84 -38.36 -19.07
CA GLN L 239 20.97 -37.86 -17.68
C GLN L 239 19.57 -37.66 -17.13
N GLN L 240 19.28 -38.36 -16.05
CA GLN L 240 18.06 -38.20 -15.23
C GLN L 240 18.49 -37.44 -13.97
N ASN L 241 19.47 -37.96 -13.26
CA ASN L 241 20.11 -37.31 -12.10
C ASN L 241 21.54 -37.73 -12.34
N GLY L 242 21.71 -39.05 -12.38
CA GLY L 242 22.90 -39.68 -12.94
C GLY L 242 22.54 -40.09 -14.36
N TYR L 243 23.39 -40.83 -15.04
CA TYR L 243 22.99 -41.24 -16.40
C TYR L 243 22.68 -42.73 -16.36
N HIS L 244 21.68 -43.17 -17.12
CA HIS L 244 21.38 -44.61 -17.43
C HIS L 244 21.99 -45.01 -18.78
N GLY L 245 22.15 -46.30 -19.00
CA GLY L 245 22.70 -46.83 -20.27
C GLY L 245 21.72 -46.70 -21.44
N ARG L 246 20.42 -46.71 -21.16
CA ARG L 246 19.40 -46.75 -22.23
C ARG L 246 18.07 -46.22 -21.71
N PRO L 247 17.24 -45.62 -22.60
CA PRO L 247 16.05 -44.91 -22.14
C PRO L 247 15.11 -45.79 -21.29
N ASN L 248 14.33 -45.17 -20.41
CA ASN L 248 13.40 -45.91 -19.52
C ASN L 248 14.15 -47.03 -18.82
N LYS L 249 15.31 -46.73 -18.26
CA LYS L 249 16.08 -47.63 -17.37
C LYS L 249 16.49 -46.86 -16.13
N PRO L 250 16.85 -47.56 -15.04
CA PRO L 250 17.52 -46.96 -13.90
C PRO L 250 18.90 -46.41 -14.28
N VAL L 251 19.38 -45.43 -13.52
CA VAL L 251 20.73 -44.86 -13.77
C VAL L 251 21.75 -45.83 -13.19
N ASP L 252 23.01 -45.60 -13.55
CA ASP L 252 24.22 -46.36 -13.13
C ASP L 252 25.34 -45.32 -13.00
N THR L 253 26.22 -45.52 -12.04
CA THR L 253 27.50 -44.78 -11.98
C THR L 253 28.23 -44.92 -13.32
N CYS L 254 28.28 -46.11 -13.93
CA CYS L 254 29.27 -46.33 -15.01
C CYS L 254 28.93 -45.41 -16.19
N TYR L 255 27.65 -45.06 -16.38
CA TYR L 255 27.16 -44.27 -17.55
C TYR L 255 27.51 -42.79 -17.32
N SER L 256 27.63 -42.40 -16.06
CA SER L 256 28.09 -41.05 -15.64
C SER L 256 29.46 -40.76 -16.25
N PHE L 257 30.15 -41.84 -16.68
CA PHE L 257 31.31 -41.81 -17.64
C PHE L 257 30.85 -42.11 -19.06
N TRP L 258 30.42 -43.36 -19.33
CA TRP L 258 30.24 -43.88 -20.71
C TRP L 258 29.58 -42.79 -21.58
N VAL L 259 28.59 -42.10 -21.02
CA VAL L 259 27.75 -41.07 -21.70
C VAL L 259 28.42 -39.71 -21.52
N GLY L 260 28.62 -39.28 -20.28
CA GLY L 260 29.43 -38.09 -19.93
C GLY L 260 30.61 -37.92 -20.87
N ALA L 261 31.34 -39.00 -21.13
CA ALA L 261 32.57 -39.02 -21.95
C ALA L 261 32.19 -38.79 -23.41
N THR L 262 31.14 -39.46 -23.90
CA THR L 262 30.62 -39.28 -25.28
C THR L 262 30.26 -37.79 -25.45
N LEU L 263 29.57 -37.22 -24.46
CA LEU L 263 29.11 -35.81 -24.50
C LEU L 263 30.34 -34.92 -24.59
N LYS L 264 31.40 -35.22 -23.86
CA LYS L 264 32.62 -34.38 -23.85
C LYS L 264 33.36 -34.49 -25.19
N LEU L 265 33.37 -35.67 -25.83
CA LEU L 265 33.98 -35.88 -27.18
C LEU L 265 33.16 -35.10 -28.20
N LEU L 266 31.86 -34.98 -27.96
CA LEU L 266 30.93 -34.20 -28.84
C LEU L 266 30.85 -32.75 -28.32
N LYS L 267 31.72 -32.38 -27.38
CA LYS L 267 32.03 -30.97 -27.04
C LYS L 267 30.94 -30.36 -26.16
N ILE L 268 29.98 -31.10 -25.64
CA ILE L 268 28.79 -30.46 -25.00
C ILE L 268 28.65 -30.96 -23.56
N PHE L 269 29.72 -31.49 -22.94
CA PHE L 269 29.51 -32.13 -21.60
C PHE L 269 29.12 -30.98 -20.65
N GLN L 270 29.82 -29.87 -20.85
CA GLN L 270 29.61 -28.58 -20.15
C GLN L 270 28.11 -28.24 -19.98
N TYR L 271 27.21 -28.65 -20.89
CA TYR L 271 25.76 -28.29 -20.80
C TYR L 271 24.97 -29.31 -19.95
N THR L 272 25.63 -30.36 -19.45
CA THR L 272 24.96 -31.25 -18.46
C THR L 272 24.79 -30.44 -17.18
N ASN L 273 23.81 -30.83 -16.38
CA ASN L 273 23.79 -30.60 -14.92
C ASN L 273 25.01 -31.33 -14.32
N PHE L 274 25.68 -30.68 -13.37
CA PHE L 274 26.90 -31.20 -12.68
C PHE L 274 26.50 -31.67 -11.29
N GLU L 275 25.95 -30.77 -10.46
CA GLU L 275 25.64 -31.09 -9.04
C GLU L 275 24.85 -32.40 -8.95
N LYS L 276 23.87 -32.64 -9.83
CA LYS L 276 23.05 -33.87 -9.74
C LYS L 276 23.87 -35.11 -10.17
N ASN L 277 24.74 -35.00 -11.19
CA ASN L 277 25.66 -36.07 -11.69
C ASN L 277 26.61 -36.43 -10.54
N ARG L 278 27.18 -35.43 -9.88
CA ARG L 278 28.07 -35.61 -8.68
C ARG L 278 27.26 -36.20 -7.52
N ASN L 279 26.09 -35.61 -7.19
CA ASN L 279 25.24 -36.01 -6.03
C ASN L 279 24.91 -37.50 -6.11
N TYR L 280 24.47 -37.98 -7.28
CA TYR L 280 24.28 -39.43 -7.53
C TYR L 280 25.63 -40.11 -7.36
N ILE L 281 26.62 -39.84 -8.23
CA ILE L 281 27.90 -40.61 -8.31
C ILE L 281 28.43 -40.90 -6.90
N LEU L 282 28.38 -39.90 -6.01
CA LEU L 282 28.93 -40.05 -4.64
C LEU L 282 27.95 -40.87 -3.80
N SER L 283 26.63 -40.75 -4.00
CA SER L 283 25.61 -41.63 -3.35
C SER L 283 25.92 -43.11 -3.60
N THR L 284 26.64 -43.45 -4.68
CA THR L 284 26.96 -44.84 -5.07
C THR L 284 28.30 -45.29 -4.47
N GLN L 285 28.84 -44.53 -3.52
CA GLN L 285 30.15 -44.81 -2.88
C GLN L 285 29.90 -45.84 -1.79
N ASP L 286 30.91 -46.65 -1.40
CA ASP L 286 30.82 -47.52 -0.20
C ASP L 286 31.53 -46.78 0.94
N ARG L 287 30.75 -46.22 1.87
CA ARG L 287 31.23 -45.40 3.01
C ARG L 287 32.20 -46.28 3.84
N LEU L 288 31.89 -47.56 3.99
CA LEU L 288 32.73 -48.54 4.74
C LEU L 288 33.97 -48.94 3.91
N VAL L 289 33.84 -49.79 2.88
CA VAL L 289 34.96 -50.61 2.28
C VAL L 289 35.72 -49.82 1.21
N GLY L 290 35.13 -48.75 0.66
CA GLY L 290 35.70 -47.99 -0.46
C GLY L 290 34.96 -48.23 -1.76
N GLY L 291 35.45 -47.64 -2.84
CA GLY L 291 34.93 -47.82 -4.21
C GLY L 291 33.49 -47.37 -4.40
N PHE L 292 32.97 -47.64 -5.60
CA PHE L 292 31.60 -47.31 -6.07
C PHE L 292 30.89 -48.58 -6.59
N ALA L 293 29.58 -48.67 -6.40
CA ALA L 293 28.67 -49.64 -7.08
C ALA L 293 27.89 -48.89 -8.16
N LYS L 294 27.09 -49.60 -8.95
CA LYS L 294 26.15 -48.98 -9.92
C LYS L 294 25.14 -48.12 -9.15
N TRP L 295 24.72 -48.61 -7.98
CA TRP L 295 23.58 -48.06 -7.21
C TRP L 295 24.04 -47.73 -5.81
N PRO L 296 23.30 -46.89 -5.06
CA PRO L 296 23.56 -46.65 -3.65
C PRO L 296 23.32 -47.87 -2.74
N ASP L 297 23.80 -47.77 -1.49
CA ASP L 297 23.69 -48.78 -0.39
C ASP L 297 23.73 -50.19 -1.04
N SER L 298 24.72 -50.44 -1.90
CA SER L 298 24.86 -51.63 -2.80
C SER L 298 26.33 -52.05 -3.02
N HIS L 299 26.63 -53.36 -3.15
CA HIS L 299 28.02 -53.90 -3.11
C HIS L 299 28.84 -53.25 -4.22
N PRO L 300 30.00 -52.60 -3.94
CA PRO L 300 30.86 -51.98 -4.97
C PRO L 300 31.71 -52.97 -5.78
N ASP L 301 32.57 -52.48 -6.69
CA ASP L 301 33.46 -53.31 -7.56
C ASP L 301 34.44 -52.44 -8.38
N ALA L 302 35.49 -53.04 -8.93
CA ALA L 302 36.63 -52.33 -9.57
C ALA L 302 36.16 -51.52 -10.77
N LEU L 303 35.26 -52.05 -11.57
CA LEU L 303 34.73 -51.30 -12.74
C LEU L 303 34.02 -50.04 -12.23
N HIS L 304 32.94 -50.22 -11.47
CA HIS L 304 32.03 -49.14 -11.01
C HIS L 304 32.78 -48.15 -10.10
N ALA L 305 33.87 -48.56 -9.47
CA ALA L 305 34.80 -47.62 -8.81
C ALA L 305 35.44 -46.79 -9.91
N TYR L 306 36.42 -47.35 -10.63
CA TYR L 306 37.15 -46.68 -11.74
C TYR L 306 36.24 -45.72 -12.52
N PHE L 307 35.05 -46.17 -12.92
CA PHE L 307 34.17 -45.40 -13.84
C PHE L 307 33.55 -44.21 -13.07
N GLY L 308 32.93 -44.44 -11.92
CA GLY L 308 32.47 -43.32 -11.06
C GLY L 308 33.54 -42.24 -10.84
N ILE L 309 34.82 -42.63 -10.71
CA ILE L 309 35.96 -41.69 -10.51
C ILE L 309 36.16 -40.92 -11.82
N CYS L 310 36.32 -41.64 -12.94
CA CYS L 310 36.38 -41.02 -14.28
C CYS L 310 35.17 -40.10 -14.53
N GLY L 311 34.01 -40.42 -13.94
CA GLY L 311 32.76 -39.65 -14.17
C GLY L 311 32.82 -38.29 -13.51
N LEU L 312 33.55 -38.26 -12.38
CA LEU L 312 34.00 -37.08 -11.60
C LEU L 312 35.13 -36.38 -12.36
N SER L 313 36.17 -37.10 -12.79
CA SER L 313 37.32 -36.55 -13.57
C SER L 313 36.84 -35.69 -14.74
N LEU L 314 35.75 -36.11 -15.39
CA LEU L 314 35.07 -35.40 -16.51
C LEU L 314 34.63 -34.01 -16.04
N MET L 315 34.08 -33.91 -14.83
CA MET L 315 33.54 -32.65 -14.24
C MET L 315 34.68 -31.86 -13.57
N GLU L 316 35.85 -32.49 -13.41
CA GLU L 316 36.94 -32.05 -12.50
C GLU L 316 36.44 -32.10 -11.05
N GLU L 317 37.28 -32.68 -10.18
CA GLU L 317 37.00 -32.87 -8.75
C GLU L 317 38.31 -32.69 -7.98
N SER L 318 38.20 -32.24 -6.72
CA SER L 318 39.37 -32.20 -5.81
C SER L 318 39.89 -33.63 -5.71
N GLY L 319 41.02 -33.88 -6.38
CA GLY L 319 41.93 -34.99 -6.02
C GLY L 319 41.99 -36.07 -7.07
N ILE L 320 41.71 -35.71 -8.32
CA ILE L 320 41.44 -36.68 -9.42
C ILE L 320 41.93 -36.04 -10.71
N CYS L 321 42.93 -36.64 -11.38
CA CYS L 321 43.45 -36.17 -12.71
C CYS L 321 42.30 -36.02 -13.72
N LYS L 322 42.49 -35.23 -14.78
CA LYS L 322 41.59 -35.19 -15.98
C LYS L 322 41.80 -36.52 -16.70
N VAL L 323 40.73 -37.24 -17.05
CA VAL L 323 40.76 -38.47 -17.90
C VAL L 323 40.70 -38.01 -19.36
N HIS L 324 41.46 -38.65 -20.24
CA HIS L 324 41.40 -38.43 -21.70
C HIS L 324 40.27 -39.30 -22.24
N PRO L 325 39.07 -38.71 -22.48
CA PRO L 325 37.83 -39.48 -22.54
C PRO L 325 37.77 -40.52 -23.66
N ALA L 326 38.54 -40.35 -24.73
CA ALA L 326 38.48 -41.31 -25.86
C ALA L 326 39.37 -42.53 -25.60
N LEU L 327 40.43 -42.38 -24.79
CA LEU L 327 41.49 -43.41 -24.63
C LEU L 327 41.29 -44.18 -23.32
N ASN L 328 40.51 -43.62 -22.39
CA ASN L 328 40.13 -44.28 -21.12
C ASN L 328 41.43 -44.55 -20.35
N VAL L 329 42.17 -43.47 -20.04
CA VAL L 329 43.46 -43.43 -19.30
C VAL L 329 43.57 -42.02 -18.70
N SER L 330 44.47 -41.78 -17.75
CA SER L 330 44.65 -40.40 -17.23
C SER L 330 45.36 -39.57 -18.30
N THR L 331 45.16 -38.25 -18.26
CA THR L 331 45.71 -37.27 -19.24
C THR L 331 47.23 -37.29 -19.14
N ARG L 332 47.79 -37.56 -17.95
CA ARG L 332 49.25 -37.87 -17.74
C ARG L 332 49.67 -38.94 -18.76
N THR L 333 48.99 -40.10 -18.69
CA THR L 333 49.31 -41.36 -19.40
C THR L 333 49.15 -41.17 -20.92
N SER L 334 48.33 -40.20 -21.34
CA SER L 334 48.08 -39.90 -22.76
C SER L 334 49.28 -39.14 -23.32
N GLU L 335 49.58 -37.98 -22.70
CA GLU L 335 50.81 -37.13 -22.92
C GLU L 335 51.99 -38.12 -22.99
N ARG L 336 52.08 -39.04 -22.01
CA ARG L 336 53.12 -40.10 -21.85
C ARG L 336 53.16 -41.01 -23.10
N LEU L 337 52.02 -41.47 -23.62
CA LEU L 337 51.98 -42.32 -24.85
C LEU L 337 52.46 -41.49 -26.05
N ARG L 338 52.18 -40.18 -26.05
CA ARG L 338 52.66 -39.20 -27.07
C ARG L 338 54.20 -39.29 -27.11
N ASP L 339 54.88 -38.89 -26.02
CA ASP L 339 56.35 -38.98 -25.85
C ASP L 339 56.86 -40.23 -26.55
N LEU L 340 56.27 -41.36 -26.16
CA LEU L 340 56.66 -42.75 -26.51
C LEU L 340 56.45 -42.96 -28.02
N HIS L 341 55.45 -42.30 -28.60
CA HIS L 341 55.13 -42.37 -30.05
C HIS L 341 56.18 -41.57 -30.84
N GLN L 342 56.54 -40.38 -30.33
CA GLN L 342 57.57 -39.48 -30.95
C GLN L 342 58.87 -40.29 -31.05
N SER L 343 59.24 -40.99 -29.98
CA SER L 343 60.57 -41.60 -29.80
C SER L 343 60.71 -42.95 -30.52
N TRP L 344 59.65 -43.53 -31.11
CA TRP L 344 59.78 -44.67 -32.08
C TRP L 344 60.17 -44.10 -33.46
N LYS L 345 59.56 -42.97 -33.84
CA LYS L 345 59.80 -42.30 -35.14
C LYS L 345 61.06 -41.42 -35.04
N THR L 346 62.10 -41.82 -34.26
CA THR L 346 63.44 -41.18 -34.18
C THR L 346 64.47 -42.10 -34.83
#